data_2LXP
#
_entry.id   2LXP
#
loop_
_entity.id
_entity.type
_entity.pdbx_description
1 polymer 'Ubiquitin-conjugating enzyme E2 G2'
2 polymer 'E3 ubiquitin-protein ligase AMFR'
3 polymer 'E3 ubiquitin-protein ligase AMFR'
4 non-polymer 'ZINC ION'
#
loop_
_entity_poly.entity_id
_entity_poly.type
_entity_poly.pdbx_seq_one_letter_code
_entity_poly.pdbx_strand_id
1 'polypeptide(L)'
;AGTALKRLMAEYKQLTLNPPEGIVAGPMNEENFFEWEALIMGPEDTCFEFGVFPAILSFPLDYPLSPPKMRFTCEMFHPN
IYPDGRVCISILHAPGDDPMGYESSAERWSPVQSVEKILLSVVSMLAEPNDESGANVDASKMWRDDREQFYKIAKQIVQK
SLGL
;
A
2 'polypeptide(L)' SADERQRMLVQRKDELLQQARKRFLNK B
3 'polypeptide(L)' AVATPEELAVNNDDCAICWDSMQAARKLPCGHLFHNSCLRSWLEQDTSCPTCRMSLNI C
#
loop_
_chem_comp.id
_chem_comp.type
_chem_comp.name
_chem_comp.formula
ZN non-polymer 'ZINC ION' 'Zn 2'
#
# COMPACT_ATOMS: atom_id res chain seq x y z
N ALA A 1 -15.58 4.94 -16.10
CA ALA A 1 -14.40 4.14 -15.72
C ALA A 1 -13.12 4.89 -16.10
N GLY A 2 -12.67 5.74 -15.19
CA GLY A 2 -11.48 6.52 -15.45
C GLY A 2 -10.21 5.82 -15.02
N THR A 3 -9.17 6.61 -14.80
CA THR A 3 -7.86 6.11 -14.39
C THR A 3 -7.93 5.29 -13.10
N ALA A 4 -8.62 5.83 -12.10
CA ALA A 4 -8.74 5.16 -10.81
C ALA A 4 -9.39 3.79 -10.95
N LEU A 5 -10.55 3.74 -11.58
CA LEU A 5 -11.27 2.48 -11.76
C LEU A 5 -10.44 1.45 -12.52
N LYS A 6 -9.86 1.84 -13.65
CA LYS A 6 -9.05 0.95 -14.45
C LYS A 6 -7.87 0.40 -13.64
N ARG A 7 -7.14 1.31 -13.01
CA ARG A 7 -5.98 0.95 -12.21
C ARG A 7 -6.37 0.07 -11.02
N LEU A 8 -7.35 0.51 -10.25
CA LEU A 8 -7.79 -0.22 -9.07
C LEU A 8 -8.25 -1.64 -9.41
N MET A 9 -9.00 -1.79 -10.50
CA MET A 9 -9.50 -3.11 -10.90
C MET A 9 -8.34 -4.03 -11.28
N ALA A 10 -7.34 -3.47 -11.94
CA ALA A 10 -6.18 -4.25 -12.37
C ALA A 10 -5.36 -4.72 -11.17
N GLU A 11 -5.27 -3.87 -10.16
CA GLU A 11 -4.52 -4.19 -8.94
C GLU A 11 -5.17 -5.35 -8.20
N TYR A 12 -6.49 -5.31 -8.05
CA TYR A 12 -7.21 -6.38 -7.36
C TYR A 12 -7.05 -7.69 -8.12
N LYS A 13 -7.10 -7.63 -9.45
CA LYS A 13 -6.96 -8.80 -10.29
C LYS A 13 -5.65 -9.52 -9.97
N GLN A 14 -4.58 -8.75 -9.85
CA GLN A 14 -3.26 -9.31 -9.55
C GLN A 14 -3.22 -9.88 -8.13
N LEU A 15 -3.93 -9.22 -7.21
CA LEU A 15 -3.97 -9.68 -5.83
C LEU A 15 -4.65 -11.04 -5.69
N THR A 16 -5.47 -11.39 -6.67
CA THR A 16 -6.15 -12.67 -6.66
C THR A 16 -5.46 -13.65 -7.61
N LEU A 17 -4.47 -13.14 -8.33
CA LEU A 17 -3.71 -13.96 -9.26
C LEU A 17 -2.46 -14.48 -8.57
N ASN A 18 -1.73 -13.57 -7.95
CA ASN A 18 -0.52 -13.92 -7.22
C ASN A 18 -0.59 -13.32 -5.82
N PRO A 19 -1.19 -14.06 -4.88
CA PRO A 19 -1.37 -13.61 -3.50
C PRO A 19 -0.15 -13.85 -2.60
N PRO A 20 0.27 -12.81 -1.86
CA PRO A 20 1.40 -12.92 -0.93
C PRO A 20 0.98 -13.61 0.37
N GLU A 21 1.95 -14.20 1.06
CA GLU A 21 1.69 -14.90 2.31
C GLU A 21 1.29 -13.93 3.42
N GLY A 22 0.09 -14.11 3.94
CA GLY A 22 -0.39 -13.26 5.03
C GLY A 22 -0.92 -11.93 4.55
N ILE A 23 -1.16 -11.80 3.26
CA ILE A 23 -1.66 -10.55 2.72
C ILE A 23 -2.94 -10.77 1.92
N VAL A 24 -4.07 -10.57 2.56
CA VAL A 24 -5.37 -10.72 1.93
C VAL A 24 -6.05 -9.36 1.80
N ALA A 25 -5.99 -8.76 0.62
CA ALA A 25 -6.59 -7.45 0.41
C ALA A 25 -7.49 -7.44 -0.82
N GLY A 26 -8.48 -6.55 -0.79
CA GLY A 26 -9.41 -6.42 -1.90
C GLY A 26 -10.56 -5.51 -1.56
N PRO A 27 -11.36 -5.08 -2.55
CA PRO A 27 -12.51 -4.20 -2.33
C PRO A 27 -13.61 -4.89 -1.52
N MET A 28 -14.35 -4.10 -0.74
CA MET A 28 -15.43 -4.63 0.08
C MET A 28 -16.58 -5.13 -0.78
N ASN A 29 -16.77 -4.47 -1.92
CA ASN A 29 -17.84 -4.84 -2.83
C ASN A 29 -17.41 -4.58 -4.26
N GLU A 30 -17.99 -5.32 -5.19
CA GLU A 30 -17.66 -5.19 -6.60
C GLU A 30 -18.21 -3.88 -7.15
N GLU A 31 -19.23 -3.35 -6.49
CA GLU A 31 -19.84 -2.10 -6.90
C GLU A 31 -19.26 -0.94 -6.09
N ASN A 32 -18.11 -1.18 -5.47
CA ASN A 32 -17.45 -0.17 -4.65
C ASN A 32 -15.96 -0.48 -4.54
N PHE A 33 -15.18 0.01 -5.49
CA PHE A 33 -13.74 -0.20 -5.50
C PHE A 33 -13.02 0.94 -4.82
N PHE A 34 -13.74 1.72 -4.02
CA PHE A 34 -13.15 2.85 -3.31
C PHE A 34 -12.88 2.50 -1.85
N GLU A 35 -13.46 1.39 -1.41
CA GLU A 35 -13.28 0.92 -0.04
C GLU A 35 -12.71 -0.49 -0.05
N TRP A 36 -11.44 -0.62 0.32
CA TRP A 36 -10.78 -1.92 0.34
C TRP A 36 -10.50 -2.38 1.76
N GLU A 37 -10.50 -3.69 1.96
CA GLU A 37 -10.22 -4.29 3.25
C GLU A 37 -8.92 -5.08 3.14
N ALA A 38 -7.97 -4.79 4.02
CA ALA A 38 -6.69 -5.46 3.98
C ALA A 38 -6.42 -6.25 5.26
N LEU A 39 -6.18 -7.53 5.08
CA LEU A 39 -5.86 -8.41 6.19
C LEU A 39 -4.38 -8.78 6.12
N ILE A 40 -3.57 -8.09 6.90
CA ILE A 40 -2.15 -8.32 6.91
C ILE A 40 -1.72 -9.05 8.17
N MET A 41 -1.18 -10.26 8.00
CA MET A 41 -0.72 -11.06 9.11
C MET A 41 0.76 -10.81 9.35
N GLY A 42 1.09 -10.39 10.57
CA GLY A 42 2.47 -10.11 10.92
C GLY A 42 3.40 -11.28 10.62
N PRO A 43 4.53 -11.01 9.95
CA PRO A 43 5.51 -12.05 9.59
C PRO A 43 6.16 -12.68 10.81
N GLU A 44 6.55 -13.94 10.67
CA GLU A 44 7.18 -14.67 11.75
C GLU A 44 8.56 -14.10 12.09
N ASP A 45 8.96 -14.28 13.35
CA ASP A 45 10.27 -13.82 13.87
C ASP A 45 10.23 -12.33 14.21
N THR A 46 9.04 -11.78 14.35
CA THR A 46 8.88 -10.38 14.68
C THR A 46 8.07 -10.25 15.97
N CYS A 47 7.87 -9.02 16.42
CA CYS A 47 7.10 -8.76 17.64
C CYS A 47 5.61 -8.73 17.33
N PHE A 48 5.27 -8.91 16.06
CA PHE A 48 3.87 -8.88 15.64
C PHE A 48 3.55 -10.11 14.79
N GLU A 49 4.30 -11.19 14.98
CA GLU A 49 4.09 -12.41 14.22
C GLU A 49 2.73 -13.03 14.52
N PHE A 50 2.09 -13.55 13.46
CA PHE A 50 0.78 -14.20 13.54
C PHE A 50 -0.33 -13.20 13.83
N GLY A 51 -0.04 -11.92 13.65
CA GLY A 51 -1.03 -10.91 13.90
C GLY A 51 -1.87 -10.59 12.68
N VAL A 52 -3.07 -11.16 12.60
CA VAL A 52 -3.99 -10.90 11.50
C VAL A 52 -4.61 -9.52 11.72
N PHE A 53 -3.94 -8.49 11.22
CA PHE A 53 -4.39 -7.11 11.40
C PHE A 53 -5.33 -6.66 10.29
N PRO A 54 -6.54 -6.20 10.66
CA PRO A 54 -7.52 -5.69 9.73
C PRO A 54 -7.38 -4.18 9.52
N ALA A 55 -7.15 -3.78 8.28
CA ALA A 55 -7.00 -2.38 7.95
C ALA A 55 -7.94 -1.99 6.82
N ILE A 56 -8.43 -0.75 6.88
CA ILE A 56 -9.32 -0.23 5.86
C ILE A 56 -8.58 0.74 4.95
N LEU A 57 -8.78 0.58 3.65
CA LEU A 57 -8.11 1.44 2.68
C LEU A 57 -9.12 2.20 1.83
N SER A 58 -9.23 3.50 2.08
CA SER A 58 -10.13 4.36 1.33
C SER A 58 -9.34 5.06 0.22
N PHE A 59 -9.62 4.72 -1.03
CA PHE A 59 -8.91 5.29 -2.16
C PHE A 59 -9.55 6.58 -2.67
N PRO A 60 -8.73 7.48 -3.26
CA PRO A 60 -9.20 8.73 -3.83
C PRO A 60 -9.73 8.56 -5.26
N LEU A 61 -10.32 9.61 -5.81
CA LEU A 61 -10.87 9.53 -7.15
C LEU A 61 -9.81 9.81 -8.22
N ASP A 62 -8.77 10.54 -7.86
CA ASP A 62 -7.70 10.86 -8.82
C ASP A 62 -6.58 9.84 -8.73
N TYR A 63 -6.89 8.67 -8.19
CA TYR A 63 -5.92 7.58 -8.07
C TYR A 63 -5.36 7.23 -9.45
N PRO A 64 -4.06 6.90 -9.55
CA PRO A 64 -3.13 6.86 -8.43
C PRO A 64 -2.31 8.14 -8.23
N LEU A 65 -2.88 9.29 -8.58
CA LEU A 65 -2.17 10.56 -8.40
C LEU A 65 -2.08 10.89 -6.91
N SER A 66 -3.07 10.42 -6.16
CA SER A 66 -3.12 10.63 -4.71
C SER A 66 -3.11 9.29 -3.99
N PRO A 67 -2.54 9.25 -2.77
CA PRO A 67 -2.44 8.03 -1.98
C PRO A 67 -3.75 7.67 -1.27
N PRO A 68 -3.95 6.37 -0.97
CA PRO A 68 -5.14 5.89 -0.27
C PRO A 68 -5.04 6.11 1.24
N LYS A 69 -6.20 6.29 1.86
CA LYS A 69 -6.27 6.50 3.30
C LYS A 69 -6.33 5.16 4.02
N MET A 70 -5.19 4.71 4.54
CA MET A 70 -5.12 3.44 5.24
C MET A 70 -5.30 3.66 6.74
N ARG A 71 -6.28 3.00 7.32
CA ARG A 71 -6.57 3.11 8.74
C ARG A 71 -6.87 1.73 9.34
N PHE A 72 -6.27 1.43 10.49
CA PHE A 72 -6.49 0.16 11.15
C PHE A 72 -7.85 0.12 11.84
N THR A 73 -8.53 -1.01 11.74
CA THR A 73 -9.84 -1.16 12.36
C THR A 73 -9.73 -1.80 13.74
N CYS A 74 -8.50 -2.08 14.16
CA CYS A 74 -8.26 -2.69 15.46
C CYS A 74 -7.27 -1.85 16.25
N GLU A 75 -7.04 -2.25 17.51
CA GLU A 75 -6.10 -1.55 18.37
C GLU A 75 -4.68 -1.83 17.89
N MET A 76 -3.79 -0.87 18.06
CA MET A 76 -2.41 -1.03 17.62
C MET A 76 -1.44 -0.36 18.58
N PHE A 77 -0.17 -0.69 18.45
CA PHE A 77 0.88 -0.13 19.28
C PHE A 77 2.10 0.15 18.42
N HIS A 78 1.89 0.88 17.34
CA HIS A 78 2.97 1.21 16.43
C HIS A 78 3.21 2.72 16.43
N PRO A 79 4.48 3.14 16.56
CA PRO A 79 4.86 4.56 16.57
C PRO A 79 4.40 5.34 15.33
N ASN A 80 4.36 4.67 14.19
CA ASN A 80 3.96 5.30 12.94
C ASN A 80 2.44 5.25 12.73
N ILE A 81 1.69 4.83 13.74
CA ILE A 81 0.25 4.75 13.63
C ILE A 81 -0.42 5.61 14.69
N TYR A 82 -1.34 6.46 14.25
CA TYR A 82 -2.07 7.35 15.15
C TYR A 82 -3.02 6.53 16.03
N PRO A 83 -3.34 7.03 17.24
CA PRO A 83 -4.25 6.34 18.17
C PRO A 83 -5.63 6.06 17.54
N ASP A 84 -5.96 6.79 16.48
CA ASP A 84 -7.23 6.62 15.78
C ASP A 84 -7.13 5.50 14.74
N GLY A 85 -5.92 5.07 14.46
CA GLY A 85 -5.71 3.99 13.50
C GLY A 85 -5.08 4.44 12.19
N ARG A 86 -4.96 5.75 11.98
CA ARG A 86 -4.38 6.26 10.74
C ARG A 86 -2.89 5.93 10.65
N VAL A 87 -2.51 5.32 9.54
CA VAL A 87 -1.12 4.94 9.30
C VAL A 87 -0.35 6.13 8.72
N CYS A 88 0.85 6.35 9.22
CA CYS A 88 1.67 7.44 8.75
C CYS A 88 3.01 6.93 8.23
N ILE A 89 3.13 6.90 6.92
CA ILE A 89 4.37 6.45 6.28
C ILE A 89 4.71 7.36 5.12
N SER A 90 6.00 7.64 4.96
CA SER A 90 6.49 8.52 3.91
C SER A 90 6.04 8.09 2.51
N ILE A 91 5.86 6.79 2.30
CA ILE A 91 5.43 6.29 0.99
C ILE A 91 4.01 6.77 0.65
N LEU A 92 3.24 7.11 1.68
CA LEU A 92 1.88 7.59 1.47
C LEU A 92 1.81 9.10 1.68
N HIS A 93 2.97 9.74 1.70
CA HIS A 93 3.02 11.19 1.89
C HIS A 93 2.91 11.91 0.56
N ALA A 94 1.73 12.48 0.33
CA ALA A 94 1.46 13.21 -0.90
C ALA A 94 2.11 14.58 -0.88
N PRO A 95 2.83 14.95 -1.94
CA PRO A 95 3.49 16.25 -2.05
C PRO A 95 2.57 17.35 -2.55
N GLY A 96 1.29 17.26 -2.20
CA GLY A 96 0.33 18.25 -2.63
C GLY A 96 -0.45 17.79 -3.84
N SER A 105 13.37 13.61 1.79
CA SER A 105 12.36 13.42 0.75
C SER A 105 12.69 12.20 -0.09
N ALA A 106 13.42 11.27 0.50
CA ALA A 106 13.82 10.04 -0.19
C ALA A 106 12.61 9.18 -0.54
N GLU A 107 11.65 9.11 0.39
CA GLU A 107 10.45 8.32 0.17
C GLU A 107 9.22 9.23 0.13
N ARG A 108 8.49 9.16 -0.96
CA ARG A 108 7.28 9.96 -1.16
C ARG A 108 6.28 9.18 -2.00
N TRP A 109 5.04 9.64 -2.03
CA TRP A 109 4.02 8.98 -2.82
C TRP A 109 4.28 9.17 -4.31
N SER A 110 4.07 8.12 -5.07
CA SER A 110 4.26 8.16 -6.51
C SER A 110 3.24 7.24 -7.17
N PRO A 111 2.73 7.61 -8.36
CA PRO A 111 1.74 6.80 -9.09
C PRO A 111 2.23 5.38 -9.39
N VAL A 112 3.54 5.18 -9.30
CA VAL A 112 4.14 3.88 -9.56
C VAL A 112 4.00 2.96 -8.34
N GLN A 113 3.58 3.51 -7.21
CA GLN A 113 3.41 2.73 -6.00
C GLN A 113 2.05 2.06 -5.99
N SER A 114 2.02 0.79 -6.34
CA SER A 114 0.79 0.02 -6.35
C SER A 114 0.40 -0.37 -4.92
N VAL A 115 -0.83 -0.85 -4.75
CA VAL A 115 -1.30 -1.26 -3.43
C VAL A 115 -0.42 -2.34 -2.85
N GLU A 116 0.08 -3.21 -3.73
CA GLU A 116 0.96 -4.29 -3.32
C GLU A 116 2.21 -3.72 -2.65
N LYS A 117 2.77 -2.67 -3.24
CA LYS A 117 3.95 -2.02 -2.70
C LYS A 117 3.62 -1.27 -1.42
N ILE A 118 2.43 -0.69 -1.37
CA ILE A 118 1.99 0.05 -0.19
C ILE A 118 1.93 -0.90 1.00
N LEU A 119 1.40 -2.08 0.78
CA LEU A 119 1.29 -3.09 1.83
C LEU A 119 2.67 -3.56 2.26
N LEU A 120 3.59 -3.67 1.30
CA LEU A 120 4.96 -4.11 1.59
C LEU A 120 5.63 -3.16 2.57
N SER A 121 5.43 -1.86 2.37
CA SER A 121 6.02 -0.87 3.26
C SER A 121 5.46 -1.00 4.67
N VAL A 122 4.17 -1.31 4.76
CA VAL A 122 3.52 -1.49 6.05
C VAL A 122 4.09 -2.71 6.76
N VAL A 123 4.23 -3.81 6.03
CA VAL A 123 4.78 -5.03 6.59
C VAL A 123 6.22 -4.79 7.06
N SER A 124 6.96 -4.04 6.27
CA SER A 124 8.35 -3.72 6.60
C SER A 124 8.41 -2.87 7.87
N MET A 125 7.49 -1.92 7.99
CA MET A 125 7.45 -1.04 9.16
C MET A 125 7.04 -1.82 10.40
N LEU A 126 6.32 -2.92 10.20
CA LEU A 126 5.88 -3.76 11.31
C LEU A 126 7.04 -4.58 11.84
N ALA A 127 7.94 -4.98 10.94
CA ALA A 127 9.11 -5.75 11.32
C ALA A 127 10.19 -4.83 11.88
N GLU A 128 10.33 -3.67 11.25
CA GLU A 128 11.29 -2.67 11.68
C GLU A 128 10.58 -1.34 11.95
N PRO A 129 10.04 -1.16 13.16
CA PRO A 129 9.33 0.07 13.55
C PRO A 129 10.23 1.30 13.55
N ASN A 130 10.32 1.94 12.40
CA ASN A 130 11.14 3.14 12.26
C ASN A 130 10.26 4.38 12.36
N ASP A 131 10.23 4.97 13.55
CA ASP A 131 9.43 6.16 13.80
C ASP A 131 10.00 7.38 13.07
N GLU A 132 9.34 7.77 11.98
CA GLU A 132 9.78 8.92 11.22
C GLU A 132 8.76 10.04 11.33
N SER A 133 7.50 9.67 11.45
CA SER A 133 6.41 10.62 11.56
C SER A 133 6.16 11.01 13.03
N GLY A 134 6.09 10.01 13.90
CA GLY A 134 5.84 10.27 15.30
C GLY A 134 4.37 10.42 15.60
N ALA A 135 3.60 9.38 15.35
CA ALA A 135 2.17 9.41 15.58
C ALA A 135 1.83 8.94 16.99
N ASN A 136 2.29 7.76 17.35
CA ASN A 136 2.05 7.21 18.66
C ASN A 136 3.26 7.43 19.55
N VAL A 137 3.38 8.64 20.09
CA VAL A 137 4.50 9.02 20.94
C VAL A 137 4.70 8.05 22.12
N ASP A 138 3.61 7.50 22.64
CA ASP A 138 3.68 6.55 23.74
C ASP A 138 4.54 5.35 23.35
N ALA A 139 4.38 4.94 22.10
CA ALA A 139 5.12 3.82 21.56
C ALA A 139 6.51 4.25 21.09
N SER A 140 6.58 5.39 20.41
CA SER A 140 7.84 5.92 19.90
C SER A 140 8.87 6.10 21.01
N LYS A 141 8.43 6.60 22.15
CA LYS A 141 9.34 6.81 23.28
C LYS A 141 9.72 5.48 23.92
N MET A 142 8.73 4.61 24.07
CA MET A 142 8.96 3.30 24.68
C MET A 142 9.89 2.44 23.83
N TRP A 143 9.75 2.54 22.51
CA TRP A 143 10.57 1.77 21.58
C TRP A 143 12.06 1.97 21.85
N ARG A 144 12.44 3.18 22.19
CA ARG A 144 13.83 3.50 22.45
C ARG A 144 14.17 3.38 23.94
N ASP A 145 13.23 3.74 24.79
CA ASP A 145 13.44 3.71 26.23
C ASP A 145 13.45 2.28 26.79
N ASP A 146 12.45 1.49 26.45
CA ASP A 146 12.36 0.12 26.94
C ASP A 146 11.87 -0.82 25.87
N ARG A 147 12.80 -1.55 25.25
CA ARG A 147 12.49 -2.49 24.18
C ARG A 147 11.73 -3.69 24.72
N GLU A 148 11.93 -4.00 26.00
CA GLU A 148 11.29 -5.14 26.62
C GLU A 148 9.78 -4.91 26.77
N GLN A 149 9.42 -3.78 27.36
CA GLN A 149 8.02 -3.43 27.57
C GLN A 149 7.31 -3.29 26.23
N PHE A 150 8.02 -2.77 25.24
CA PHE A 150 7.46 -2.59 23.91
C PHE A 150 7.01 -3.94 23.35
N TYR A 151 7.89 -4.93 23.46
CA TYR A 151 7.61 -6.27 22.96
C TYR A 151 6.41 -6.88 23.68
N LYS A 152 6.27 -6.55 24.96
CA LYS A 152 5.17 -7.06 25.77
C LYS A 152 3.84 -6.54 25.25
N ILE A 153 3.76 -5.24 25.00
CA ILE A 153 2.53 -4.64 24.49
C ILE A 153 2.30 -5.07 23.04
N ALA A 154 3.38 -5.16 22.28
CA ALA A 154 3.31 -5.56 20.88
C ALA A 154 2.69 -6.94 20.73
N LYS A 155 3.19 -7.91 21.48
CA LYS A 155 2.67 -9.26 21.43
C LYS A 155 1.25 -9.32 21.98
N GLN A 156 0.95 -8.42 22.91
CA GLN A 156 -0.39 -8.35 23.50
C GLN A 156 -1.39 -7.95 22.42
N ILE A 157 -0.94 -7.08 21.52
CA ILE A 157 -1.78 -6.63 20.41
C ILE A 157 -2.13 -7.81 19.52
N VAL A 158 -1.19 -8.75 19.40
CA VAL A 158 -1.38 -9.94 18.58
C VAL A 158 -2.52 -10.77 19.16
N GLN A 159 -2.56 -10.87 20.48
CA GLN A 159 -3.62 -11.62 21.16
C GLN A 159 -4.97 -10.98 20.85
N LYS A 160 -5.00 -9.66 20.92
CA LYS A 160 -6.22 -8.90 20.67
C LYS A 160 -6.66 -8.96 19.21
N SER A 161 -5.70 -8.99 18.28
CA SER A 161 -6.03 -9.05 16.86
C SER A 161 -6.55 -10.43 16.47
N LEU A 162 -5.86 -11.46 16.94
CA LEU A 162 -6.27 -12.83 16.66
C LEU A 162 -7.56 -13.17 17.38
N GLY A 163 -7.78 -12.54 18.52
CA GLY A 163 -8.97 -12.79 19.30
C GLY A 163 -8.75 -13.86 20.33
N LEU A 164 -7.58 -13.84 20.97
CA LEU A 164 -7.25 -14.83 21.99
C LEU A 164 -6.98 -14.15 23.31
N SER B 1 -17.70 -14.15 -11.22
CA SER B 1 -18.13 -12.84 -11.66
C SER B 1 -18.30 -11.90 -10.44
N ALA B 2 -19.44 -11.22 -10.39
CA ALA B 2 -19.76 -10.26 -9.34
C ALA B 2 -19.52 -10.75 -7.92
N ASP B 3 -20.04 -11.93 -7.60
CA ASP B 3 -19.91 -12.41 -6.24
C ASP B 3 -19.08 -13.68 -6.15
N GLU B 4 -18.63 -14.20 -7.28
CA GLU B 4 -17.77 -15.37 -7.24
C GLU B 4 -16.46 -15.05 -6.53
N ARG B 5 -15.96 -13.86 -6.86
CA ARG B 5 -14.72 -13.36 -6.30
C ARG B 5 -14.94 -12.89 -4.86
N GLN B 6 -16.10 -12.30 -4.62
CA GLN B 6 -16.44 -11.79 -3.29
C GLN B 6 -16.34 -12.87 -2.22
N ARG B 7 -16.91 -14.04 -2.50
CA ARG B 7 -16.86 -15.14 -1.55
C ARG B 7 -15.44 -15.67 -1.43
N MET B 8 -14.79 -15.86 -2.58
CA MET B 8 -13.40 -16.31 -2.65
C MET B 8 -12.52 -15.49 -1.70
N LEU B 9 -12.64 -14.17 -1.83
CA LEU B 9 -11.87 -13.23 -1.01
C LEU B 9 -12.13 -13.42 0.48
N VAL B 10 -13.41 -13.48 0.86
CA VAL B 10 -13.79 -13.68 2.25
C VAL B 10 -13.12 -14.94 2.81
N GLN B 11 -13.02 -15.97 1.97
CA GLN B 11 -12.40 -17.22 2.37
C GLN B 11 -10.93 -17.01 2.73
N ARG B 12 -10.21 -16.26 1.89
CA ARG B 12 -8.78 -16.01 2.12
C ARG B 12 -8.55 -15.28 3.43
N LYS B 13 -9.41 -14.31 3.72
CA LYS B 13 -9.29 -13.53 4.95
C LYS B 13 -9.58 -14.40 6.17
N ASP B 14 -10.55 -15.30 6.01
CA ASP B 14 -10.95 -16.18 7.09
C ASP B 14 -9.85 -17.20 7.37
N GLU B 15 -9.51 -17.98 6.36
CA GLU B 15 -8.44 -18.95 6.43
C GLU B 15 -7.21 -18.36 7.11
N LEU B 16 -6.58 -17.39 6.42
CA LEU B 16 -5.41 -16.67 6.91
C LEU B 16 -5.48 -16.41 8.42
N LEU B 17 -6.59 -15.82 8.86
CA LEU B 17 -6.78 -15.50 10.28
C LEU B 17 -6.72 -16.79 11.12
N GLN B 18 -7.58 -17.76 10.81
CA GLN B 18 -7.60 -19.03 11.53
C GLN B 18 -6.21 -19.69 11.57
N GLN B 19 -5.44 -19.48 10.49
CA GLN B 19 -4.09 -20.02 10.40
C GLN B 19 -3.20 -19.35 11.43
N ALA B 20 -3.19 -18.02 11.43
CA ALA B 20 -2.41 -17.24 12.39
C ALA B 20 -2.66 -17.71 13.80
N ARG B 21 -3.93 -18.03 14.07
CA ARG B 21 -4.34 -18.47 15.39
C ARG B 21 -3.73 -19.84 15.69
N LYS B 22 -3.89 -20.77 14.75
CA LYS B 22 -3.33 -22.11 14.88
C LYS B 22 -1.83 -22.04 15.13
N ARG B 23 -1.20 -21.08 14.45
CA ARG B 23 0.22 -20.84 14.54
C ARG B 23 0.59 -20.24 15.89
N PHE B 24 0.19 -19.02 16.13
CA PHE B 24 0.45 -18.31 17.39
C PHE B 24 0.39 -19.24 18.61
N LEU B 25 -0.63 -20.09 18.67
CA LEU B 25 -0.81 -21.00 19.79
C LEU B 25 0.17 -22.18 19.72
N ASN B 26 0.21 -22.88 18.57
CA ASN B 26 1.14 -24.02 18.38
C ASN B 26 2.61 -23.61 18.54
N LYS B 27 2.86 -22.30 18.56
CA LYS B 27 4.22 -21.76 18.66
C LYS B 27 4.78 -21.97 20.07
N ALA C 1 4.27 18.51 -27.70
CA ALA C 1 5.48 18.34 -26.87
C ALA C 1 6.01 16.92 -26.96
N VAL C 2 5.60 16.20 -28.00
CA VAL C 2 6.03 14.83 -28.20
C VAL C 2 6.87 14.72 -29.46
N ALA C 3 8.18 14.55 -29.27
CA ALA C 3 9.10 14.43 -30.40
C ALA C 3 9.42 12.97 -30.68
N THR C 4 8.96 12.10 -29.80
CA THR C 4 9.19 10.67 -29.92
C THR C 4 8.17 10.03 -30.85
N PRO C 5 8.61 9.14 -31.76
CA PRO C 5 7.71 8.45 -32.71
C PRO C 5 6.72 7.54 -32.01
N GLU C 6 5.61 7.25 -32.68
CA GLU C 6 4.56 6.41 -32.13
C GLU C 6 5.06 4.97 -31.93
N GLU C 7 6.12 4.61 -32.63
CA GLU C 7 6.69 3.28 -32.53
C GLU C 7 7.14 2.98 -31.11
N LEU C 8 7.54 4.04 -30.40
CA LEU C 8 7.98 3.89 -29.02
C LEU C 8 6.79 3.57 -28.12
N ALA C 9 5.63 4.13 -28.49
CA ALA C 9 4.41 3.90 -27.75
C ALA C 9 3.92 2.47 -27.95
N VAL C 10 4.10 1.96 -29.16
CA VAL C 10 3.70 0.60 -29.48
C VAL C 10 4.65 -0.38 -28.79
N ASN C 11 5.89 0.04 -28.61
CA ASN C 11 6.89 -0.79 -27.95
C ASN C 11 6.59 -0.87 -26.45
N ASN C 12 6.33 0.28 -25.85
CA ASN C 12 6.00 0.34 -24.43
C ASN C 12 4.52 0.66 -24.29
N ASP C 13 3.70 -0.36 -24.44
CA ASP C 13 2.25 -0.25 -24.38
C ASP C 13 1.71 -0.15 -22.95
N ASP C 14 2.41 0.56 -22.09
CA ASP C 14 1.97 0.70 -20.71
C ASP C 14 2.38 2.05 -20.14
N CYS C 15 1.93 2.32 -18.93
CA CYS C 15 2.24 3.56 -18.25
C CYS C 15 2.26 3.31 -16.75
N ALA C 16 3.23 3.86 -16.04
CA ALA C 16 3.33 3.67 -14.60
C ALA C 16 2.47 4.68 -13.86
N ILE C 17 1.96 5.67 -14.60
CA ILE C 17 1.12 6.70 -13.99
C ILE C 17 -0.36 6.43 -14.25
N CYS C 18 -0.78 6.55 -15.49
CA CYS C 18 -2.18 6.36 -15.86
C CYS C 18 -2.46 4.94 -16.33
N TRP C 19 -1.39 4.15 -16.49
CA TRP C 19 -1.52 2.79 -16.99
C TRP C 19 -2.09 2.83 -18.41
N ASP C 20 -2.61 1.69 -18.88
CA ASP C 20 -3.19 1.60 -20.21
C ASP C 20 -2.16 1.92 -21.30
N SER C 21 -2.62 2.11 -22.53
CA SER C 21 -1.74 2.41 -23.64
C SER C 21 -2.17 3.69 -24.35
N MET C 22 -1.18 4.49 -24.77
CA MET C 22 -1.42 5.74 -25.48
C MET C 22 -0.34 5.92 -26.55
N GLN C 23 -0.57 6.82 -27.49
CA GLN C 23 0.40 7.04 -28.57
C GLN C 23 1.37 8.18 -28.23
N ALA C 24 0.93 9.12 -27.42
CA ALA C 24 1.77 10.26 -27.04
C ALA C 24 2.74 9.90 -25.91
N ALA C 25 3.70 9.05 -26.22
CA ALA C 25 4.70 8.62 -25.25
C ALA C 25 5.97 9.46 -25.38
N ARG C 26 6.55 9.83 -24.25
CA ARG C 26 7.76 10.65 -24.23
C ARG C 26 8.81 10.04 -23.29
N LYS C 27 10.07 10.14 -23.70
CA LYS C 27 11.17 9.61 -22.89
C LYS C 27 11.69 10.68 -21.95
N LEU C 28 11.77 10.35 -20.68
CA LEU C 28 12.27 11.27 -19.66
C LEU C 28 13.78 11.14 -19.53
N PRO C 29 14.47 12.20 -19.04
CA PRO C 29 15.93 12.21 -18.88
C PRO C 29 16.45 11.12 -17.94
N CYS C 30 15.55 10.52 -17.17
CA CYS C 30 15.93 9.46 -16.23
C CYS C 30 15.79 8.08 -16.88
N GLY C 31 15.52 8.07 -18.18
CA GLY C 31 15.38 6.81 -18.89
C GLY C 31 14.05 6.14 -18.63
N HIS C 32 12.98 6.92 -18.65
CA HIS C 32 11.65 6.39 -18.42
C HIS C 32 10.70 6.81 -19.53
N LEU C 33 9.71 5.99 -19.82
CA LEU C 33 8.75 6.28 -20.87
C LEU C 33 7.38 6.60 -20.28
N PHE C 34 7.01 7.87 -20.34
CA PHE C 34 5.72 8.31 -19.82
C PHE C 34 4.99 9.14 -20.86
N HIS C 35 3.67 9.02 -20.90
CA HIS C 35 2.87 9.77 -21.85
C HIS C 35 2.85 11.25 -21.46
N ASN C 36 2.91 12.12 -22.47
CA ASN C 36 2.94 13.56 -22.24
C ASN C 36 1.76 14.03 -21.40
N SER C 37 0.57 13.50 -21.69
CA SER C 37 -0.64 13.87 -20.96
C SER C 37 -0.51 13.51 -19.47
N CYS C 38 0.20 12.41 -19.20
CA CYS C 38 0.39 11.95 -17.83
C CYS C 38 1.51 12.75 -17.16
N LEU C 39 2.56 13.03 -17.91
CA LEU C 39 3.69 13.77 -17.41
C LEU C 39 3.28 15.19 -17.04
N ARG C 40 2.44 15.80 -17.87
CA ARG C 40 1.95 17.15 -17.63
C ARG C 40 1.28 17.25 -16.27
N SER C 41 0.37 16.31 -16.00
CA SER C 41 -0.35 16.28 -14.74
C SER C 41 0.60 16.08 -13.55
N TRP C 42 1.55 15.18 -13.70
CA TRP C 42 2.50 14.91 -12.63
C TRP C 42 3.45 16.07 -12.42
N LEU C 43 3.86 16.72 -13.51
CA LEU C 43 4.78 17.86 -13.43
C LEU C 43 4.14 19.01 -12.65
N GLU C 44 2.82 19.00 -12.56
CA GLU C 44 2.11 20.03 -11.82
C GLU C 44 1.87 19.60 -10.38
N GLN C 45 2.03 18.31 -10.11
CA GLN C 45 1.85 17.78 -8.77
C GLN C 45 3.19 17.72 -8.05
N ASP C 46 4.25 17.49 -8.83
CA ASP C 46 5.63 17.42 -8.31
C ASP C 46 6.62 17.50 -9.47
N THR C 47 7.90 17.32 -9.20
CA THR C 47 8.92 17.35 -10.24
C THR C 47 9.87 16.17 -10.12
N SER C 48 9.54 15.23 -9.24
CA SER C 48 10.38 14.05 -9.05
C SER C 48 9.78 12.86 -9.79
N CYS C 49 10.62 12.14 -10.51
CA CYS C 49 10.17 10.98 -11.27
C CYS C 49 9.87 9.83 -10.32
N PRO C 50 8.67 9.25 -10.43
CA PRO C 50 8.19 8.13 -9.57
C PRO C 50 9.26 7.06 -9.28
N THR C 51 9.71 6.37 -10.31
CA THR C 51 10.69 5.30 -10.15
C THR C 51 12.14 5.84 -10.07
N CYS C 52 12.29 7.06 -9.57
CA CYS C 52 13.61 7.66 -9.45
C CYS C 52 13.77 8.34 -8.09
N ARG C 53 12.70 9.00 -7.63
CA ARG C 53 12.70 9.70 -6.35
C ARG C 53 13.67 10.88 -6.38
N MET C 54 13.94 11.37 -7.59
CA MET C 54 14.85 12.49 -7.78
C MET C 54 14.19 13.53 -8.67
N SER C 55 14.40 14.80 -8.35
CA SER C 55 13.83 15.90 -9.12
C SER C 55 14.66 16.12 -10.38
N LEU C 56 13.98 16.22 -11.52
CA LEU C 56 14.67 16.43 -12.78
C LEU C 56 14.97 17.91 -12.98
N ASN C 57 16.17 18.21 -13.46
CA ASN C 57 16.57 19.60 -13.68
C ASN C 57 16.63 19.92 -15.17
N ILE C 58 16.13 19.00 -15.99
CA ILE C 58 16.12 19.18 -17.43
C ILE C 58 14.84 18.62 -18.03
ZN ZN D . -0.10 7.37 -19.77
ZN ZN E . 12.47 8.10 -14.05
N ALA A 1 -14.87 4.31 -17.36
CA ALA A 1 -13.71 3.70 -16.67
C ALA A 1 -12.48 4.57 -16.84
N GLY A 2 -12.12 5.27 -15.77
CA GLY A 2 -10.97 6.14 -15.81
C GLY A 2 -9.71 5.45 -15.33
N THR A 3 -8.68 6.25 -15.08
CA THR A 3 -7.39 5.75 -14.62
C THR A 3 -7.52 5.00 -13.30
N ALA A 4 -8.14 5.65 -12.32
CA ALA A 4 -8.31 5.06 -11.00
C ALA A 4 -8.98 3.70 -11.05
N LEU A 5 -10.16 3.64 -11.67
CA LEU A 5 -10.93 2.40 -11.77
C LEU A 5 -10.16 1.30 -12.49
N LYS A 6 -9.61 1.60 -13.66
CA LYS A 6 -8.87 0.61 -14.43
C LYS A 6 -7.63 0.13 -13.67
N ARG A 7 -6.93 1.07 -13.05
CA ARG A 7 -5.74 0.75 -12.29
C ARG A 7 -6.09 -0.14 -11.09
N LEU A 8 -7.14 0.25 -10.38
CA LEU A 8 -7.59 -0.49 -9.20
C LEU A 8 -7.99 -1.93 -9.56
N MET A 9 -8.63 -2.09 -10.71
CA MET A 9 -9.05 -3.40 -11.17
C MET A 9 -7.86 -4.30 -11.41
N ALA A 10 -6.81 -3.75 -12.00
CA ALA A 10 -5.59 -4.49 -12.28
C ALA A 10 -4.92 -4.94 -10.98
N GLU A 11 -4.93 -4.06 -9.99
CA GLU A 11 -4.33 -4.36 -8.69
C GLU A 11 -5.00 -5.57 -8.04
N TYR A 12 -6.33 -5.51 -7.92
CA TYR A 12 -7.08 -6.59 -7.30
C TYR A 12 -6.90 -7.90 -8.08
N LYS A 13 -6.89 -7.79 -9.40
CA LYS A 13 -6.72 -8.96 -10.27
C LYS A 13 -5.41 -9.67 -9.95
N GLN A 14 -4.34 -8.90 -9.81
CA GLN A 14 -3.03 -9.47 -9.52
C GLN A 14 -2.98 -10.00 -8.08
N LEU A 15 -3.67 -9.31 -7.18
CA LEU A 15 -3.69 -9.69 -5.77
C LEU A 15 -4.49 -10.97 -5.52
N THR A 16 -5.20 -11.46 -6.52
CA THR A 16 -5.96 -12.68 -6.36
C THR A 16 -5.28 -13.83 -7.12
N LEU A 17 -4.66 -13.49 -8.24
CA LEU A 17 -3.96 -14.49 -9.04
C LEU A 17 -2.66 -14.87 -8.36
N ASN A 18 -1.94 -13.87 -7.87
CA ASN A 18 -0.69 -14.08 -7.17
C ASN A 18 -0.69 -13.30 -5.85
N PRO A 19 -1.34 -13.88 -4.82
CA PRO A 19 -1.45 -13.27 -3.50
C PRO A 19 -0.30 -13.65 -2.57
N PRO A 20 0.34 -12.65 -1.93
CA PRO A 20 1.42 -12.89 -1.00
C PRO A 20 0.92 -13.61 0.25
N GLU A 21 1.62 -14.66 0.66
CA GLU A 21 1.24 -15.43 1.84
C GLU A 21 1.15 -14.53 3.08
N GLY A 22 -0.06 -14.33 3.56
CA GLY A 22 -0.25 -13.50 4.74
C GLY A 22 -0.86 -12.15 4.42
N ILE A 23 -1.19 -11.93 3.15
CA ILE A 23 -1.78 -10.66 2.74
C ILE A 23 -3.10 -10.86 2.00
N VAL A 24 -4.20 -10.54 2.68
CA VAL A 24 -5.52 -10.66 2.08
C VAL A 24 -6.11 -9.27 1.87
N ALA A 25 -5.89 -8.70 0.69
CA ALA A 25 -6.40 -7.37 0.39
C ALA A 25 -7.31 -7.39 -0.83
N GLY A 26 -8.38 -6.61 -0.76
CA GLY A 26 -9.33 -6.53 -1.86
C GLY A 26 -10.46 -5.57 -1.55
N PRO A 27 -11.23 -5.15 -2.55
CA PRO A 27 -12.35 -4.23 -2.35
C PRO A 27 -13.46 -4.85 -1.50
N MET A 28 -14.14 -4.01 -0.72
CA MET A 28 -15.22 -4.49 0.15
C MET A 28 -16.38 -5.02 -0.69
N ASN A 29 -16.43 -4.59 -1.95
CA ASN A 29 -17.48 -5.03 -2.87
C ASN A 29 -17.04 -4.77 -4.30
N GLU A 30 -17.51 -5.57 -5.23
CA GLU A 30 -17.14 -5.40 -6.64
C GLU A 30 -17.74 -4.12 -7.20
N GLU A 31 -18.78 -3.62 -6.55
CA GLU A 31 -19.44 -2.40 -6.94
C GLU A 31 -18.84 -1.20 -6.19
N ASN A 32 -17.90 -1.50 -5.30
CA ASN A 32 -17.25 -0.47 -4.51
C ASN A 32 -15.74 -0.67 -4.53
N PHE A 33 -15.08 -0.07 -5.51
CA PHE A 33 -13.64 -0.19 -5.65
C PHE A 33 -12.91 0.93 -4.92
N PHE A 34 -13.62 1.62 -4.04
CA PHE A 34 -13.03 2.72 -3.28
C PHE A 34 -12.59 2.26 -1.89
N GLU A 35 -13.47 1.51 -1.23
CA GLU A 35 -13.18 1.00 0.11
C GLU A 35 -12.58 -0.40 0.02
N TRP A 36 -11.28 -0.51 0.27
CA TRP A 36 -10.60 -1.79 0.22
C TRP A 36 -10.31 -2.32 1.61
N GLU A 37 -10.47 -3.62 1.78
CA GLU A 37 -10.21 -4.27 3.06
C GLU A 37 -8.88 -4.99 2.98
N ALA A 38 -8.04 -4.79 3.98
CA ALA A 38 -6.73 -5.43 4.01
C ALA A 38 -6.48 -6.20 5.28
N LEU A 39 -6.34 -7.51 5.13
CA LEU A 39 -6.05 -8.39 6.24
C LEU A 39 -4.59 -8.81 6.15
N ILE A 40 -3.74 -8.17 6.94
CA ILE A 40 -2.31 -8.48 6.91
C ILE A 40 -1.89 -9.23 8.16
N MET A 41 -1.22 -10.35 7.97
CA MET A 41 -0.74 -11.16 9.07
C MET A 41 0.73 -10.89 9.34
N GLY A 42 1.05 -10.51 10.56
CA GLY A 42 2.42 -10.21 10.93
C GLY A 42 3.35 -11.41 10.73
N PRO A 43 4.52 -11.19 10.09
CA PRO A 43 5.51 -12.25 9.84
C PRO A 43 6.08 -12.83 11.13
N GLU A 44 6.70 -13.99 11.04
CA GLU A 44 7.28 -14.65 12.20
C GLU A 44 8.56 -13.97 12.63
N ASP A 45 8.90 -14.14 13.92
CA ASP A 45 10.12 -13.59 14.50
C ASP A 45 10.08 -12.06 14.53
N THR A 46 8.88 -11.53 14.63
CA THR A 46 8.70 -10.09 14.67
C THR A 46 8.01 -9.71 15.97
N CYS A 47 7.67 -8.43 16.10
CA CYS A 47 7.01 -7.94 17.29
C CYS A 47 5.50 -8.20 17.21
N PHE A 48 5.02 -8.54 16.01
CA PHE A 48 3.59 -8.78 15.81
C PHE A 48 3.36 -10.04 14.98
N GLU A 49 4.06 -11.11 15.30
CA GLU A 49 3.91 -12.36 14.56
C GLU A 49 2.54 -12.97 14.82
N PHE A 50 1.94 -13.52 13.75
CA PHE A 50 0.62 -14.16 13.82
C PHE A 50 -0.48 -13.15 14.04
N GLY A 51 -0.21 -11.89 13.72
CA GLY A 51 -1.22 -10.86 13.92
C GLY A 51 -2.02 -10.55 12.67
N VAL A 52 -3.25 -11.07 12.61
CA VAL A 52 -4.15 -10.79 11.48
C VAL A 52 -4.78 -9.43 11.73
N PHE A 53 -4.14 -8.38 11.21
CA PHE A 53 -4.62 -7.02 11.43
C PHE A 53 -5.53 -6.53 10.31
N PRO A 54 -6.75 -6.12 10.68
CA PRO A 54 -7.73 -5.58 9.73
C PRO A 54 -7.55 -4.08 9.51
N ALA A 55 -7.31 -3.70 8.26
CA ALA A 55 -7.14 -2.31 7.90
C ALA A 55 -7.97 -1.95 6.68
N ILE A 56 -8.38 -0.70 6.58
CA ILE A 56 -9.16 -0.24 5.45
C ILE A 56 -8.36 0.78 4.64
N LEU A 57 -8.37 0.61 3.32
CA LEU A 57 -7.65 1.51 2.44
C LEU A 57 -8.62 2.26 1.54
N SER A 58 -8.82 3.54 1.84
CA SER A 58 -9.70 4.38 1.05
C SER A 58 -8.91 5.03 -0.08
N PHE A 59 -9.18 4.61 -1.30
CA PHE A 59 -8.47 5.14 -2.47
C PHE A 59 -9.08 6.45 -2.96
N PRO A 60 -8.22 7.36 -3.44
CA PRO A 60 -8.64 8.65 -3.96
C PRO A 60 -9.21 8.56 -5.37
N LEU A 61 -9.87 9.61 -5.82
CA LEU A 61 -10.48 9.64 -7.15
C LEU A 61 -9.44 9.87 -8.24
N ASP A 62 -8.28 10.40 -7.86
CA ASP A 62 -7.23 10.69 -8.83
C ASP A 62 -6.11 9.65 -8.73
N TYR A 63 -6.43 8.48 -8.22
CA TYR A 63 -5.46 7.40 -8.08
C TYR A 63 -4.87 7.05 -9.46
N PRO A 64 -3.56 6.76 -9.55
CA PRO A 64 -2.64 6.74 -8.42
C PRO A 64 -1.81 8.03 -8.28
N LEU A 65 -2.40 9.18 -8.56
CA LEU A 65 -1.69 10.44 -8.42
C LEU A 65 -1.57 10.81 -6.95
N SER A 66 -2.52 10.33 -6.16
CA SER A 66 -2.54 10.56 -4.73
C SER A 66 -2.57 9.22 -3.99
N PRO A 67 -1.99 9.16 -2.78
CA PRO A 67 -1.94 7.94 -1.99
C PRO A 67 -3.26 7.62 -1.30
N PRO A 68 -3.56 6.33 -1.09
CA PRO A 68 -4.78 5.89 -0.42
C PRO A 68 -4.72 6.11 1.09
N LYS A 69 -5.87 6.36 1.69
CA LYS A 69 -5.95 6.58 3.13
C LYS A 69 -6.09 5.24 3.85
N MET A 70 -5.00 4.77 4.42
CA MET A 70 -5.00 3.50 5.13
C MET A 70 -5.21 3.73 6.63
N ARG A 71 -6.26 3.11 7.16
CA ARG A 71 -6.57 3.22 8.58
C ARG A 71 -6.89 1.85 9.16
N PHE A 72 -6.27 1.53 10.29
CA PHE A 72 -6.50 0.25 10.95
C PHE A 72 -7.81 0.25 11.72
N THR A 73 -8.59 -0.80 11.51
CA THR A 73 -9.88 -0.95 12.18
C THR A 73 -9.73 -1.84 13.41
N CYS A 74 -8.74 -1.53 14.24
CA CYS A 74 -8.46 -2.31 15.45
C CYS A 74 -7.58 -1.50 16.39
N GLU A 75 -7.00 -2.18 17.38
CA GLU A 75 -6.13 -1.54 18.35
C GLU A 75 -4.68 -1.85 18.00
N MET A 76 -3.82 -0.84 18.04
CA MET A 76 -2.41 -1.02 17.71
C MET A 76 -1.53 -0.16 18.59
N PHE A 77 -0.25 -0.51 18.65
CA PHE A 77 0.71 0.24 19.44
C PHE A 77 1.99 0.39 18.64
N HIS A 78 1.90 1.16 17.56
CA HIS A 78 3.04 1.39 16.69
C HIS A 78 3.33 2.89 16.60
N PRO A 79 4.62 3.28 16.67
CA PRO A 79 5.04 4.69 16.59
C PRO A 79 4.56 5.38 15.32
N ASN A 80 4.36 4.62 14.25
CA ASN A 80 3.93 5.18 12.98
C ASN A 80 2.42 5.15 12.83
N ILE A 81 1.72 4.78 13.88
CA ILE A 81 0.27 4.71 13.84
C ILE A 81 -0.37 5.58 14.93
N TYR A 82 -1.25 6.48 14.51
CA TYR A 82 -1.94 7.34 15.45
C TYR A 82 -2.97 6.54 16.24
N PRO A 83 -3.39 7.03 17.42
CA PRO A 83 -4.37 6.31 18.26
C PRO A 83 -5.71 6.12 17.55
N ASP A 84 -5.92 6.85 16.47
CA ASP A 84 -7.15 6.76 15.70
C ASP A 84 -7.02 5.75 14.56
N GLY A 85 -5.83 5.16 14.42
CA GLY A 85 -5.61 4.15 13.40
C GLY A 85 -4.94 4.69 12.15
N ARG A 86 -4.65 5.99 12.11
CA ARG A 86 -4.01 6.59 10.95
C ARG A 86 -2.55 6.15 10.81
N VAL A 87 -2.22 5.57 9.66
CA VAL A 87 -0.87 5.12 9.39
C VAL A 87 -0.05 6.26 8.80
N CYS A 88 1.15 6.47 9.32
CA CYS A 88 2.01 7.54 8.85
C CYS A 88 3.37 7.01 8.41
N ILE A 89 3.64 7.07 7.12
CA ILE A 89 4.89 6.63 6.54
C ILE A 89 5.20 7.44 5.28
N SER A 90 6.48 7.73 5.07
CA SER A 90 6.94 8.50 3.91
C SER A 90 6.38 8.01 2.57
N ILE A 91 6.15 6.70 2.44
CA ILE A 91 5.64 6.15 1.19
C ILE A 91 4.21 6.64 0.91
N LEU A 92 3.50 7.02 1.96
CA LEU A 92 2.14 7.51 1.83
C LEU A 92 2.10 9.03 1.91
N HIS A 93 3.26 9.66 1.77
CA HIS A 93 3.34 11.12 1.84
C HIS A 93 3.20 11.72 0.45
N ALA A 94 2.24 12.63 0.30
CA ALA A 94 2.00 13.28 -0.97
C ALA A 94 2.57 14.70 -0.96
N PRO A 95 3.27 15.10 -2.03
CA PRO A 95 3.85 16.44 -2.14
C PRO A 95 2.79 17.53 -2.16
N GLY A 96 1.72 17.28 -2.90
CA GLY A 96 0.64 18.24 -2.99
C GLY A 96 -0.61 17.63 -3.58
N SER A 105 14.82 13.66 1.32
CA SER A 105 13.68 12.95 0.75
C SER A 105 14.14 11.68 0.05
N ALA A 106 13.78 10.54 0.62
CA ALA A 106 14.17 9.26 0.04
C ALA A 106 12.97 8.55 -0.58
N GLU A 107 12.01 8.19 0.25
CA GLU A 107 10.83 7.50 -0.21
C GLU A 107 9.60 8.41 -0.12
N ARG A 108 8.77 8.36 -1.14
CA ARG A 108 7.55 9.15 -1.19
C ARG A 108 6.57 8.52 -2.15
N TRP A 109 5.38 9.10 -2.25
CA TRP A 109 4.37 8.55 -3.15
C TRP A 109 4.77 8.72 -4.61
N SER A 110 4.45 7.72 -5.40
CA SER A 110 4.72 7.71 -6.82
C SER A 110 3.70 6.83 -7.53
N PRO A 111 3.23 7.22 -8.73
CA PRO A 111 2.23 6.44 -9.49
C PRO A 111 2.70 5.03 -9.83
N VAL A 112 4.00 4.77 -9.66
CA VAL A 112 4.57 3.46 -9.94
C VAL A 112 4.38 2.52 -8.76
N GLN A 113 3.93 3.07 -7.63
CA GLN A 113 3.71 2.29 -6.43
C GLN A 113 2.34 1.62 -6.46
N SER A 114 2.33 0.29 -6.50
CA SER A 114 1.09 -0.45 -6.51
C SER A 114 0.60 -0.69 -5.08
N VAL A 115 -0.57 -1.29 -4.94
CA VAL A 115 -1.14 -1.56 -3.62
C VAL A 115 -0.26 -2.49 -2.81
N GLU A 116 0.29 -3.52 -3.45
CA GLU A 116 1.14 -4.48 -2.75
C GLU A 116 2.41 -3.80 -2.25
N LYS A 117 2.89 -2.80 -3.00
CA LYS A 117 4.09 -2.08 -2.62
C LYS A 117 3.87 -1.36 -1.29
N ILE A 118 2.66 -0.83 -1.12
CA ILE A 118 2.31 -0.13 0.11
C ILE A 118 2.21 -1.13 1.26
N LEU A 119 1.54 -2.24 0.98
CA LEU A 119 1.35 -3.29 1.98
C LEU A 119 2.69 -3.84 2.46
N LEU A 120 3.60 -4.11 1.51
CA LEU A 120 4.93 -4.63 1.84
C LEU A 120 5.67 -3.67 2.76
N SER A 121 5.46 -2.37 2.53
CA SER A 121 6.09 -1.35 3.35
C SER A 121 5.55 -1.40 4.77
N VAL A 122 4.24 -1.56 4.88
CA VAL A 122 3.60 -1.65 6.20
C VAL A 122 4.08 -2.90 6.93
N VAL A 123 4.14 -4.02 6.21
CA VAL A 123 4.59 -5.28 6.79
C VAL A 123 6.00 -5.14 7.36
N SER A 124 6.87 -4.51 6.59
CA SER A 124 8.25 -4.30 7.01
C SER A 124 8.32 -3.34 8.21
N MET A 125 7.46 -2.33 8.21
CA MET A 125 7.43 -1.35 9.29
C MET A 125 6.90 -1.99 10.58
N LEU A 126 6.03 -2.98 10.45
CA LEU A 126 5.49 -3.67 11.60
C LEU A 126 6.56 -4.56 12.22
N ALA A 127 7.38 -5.14 11.36
CA ALA A 127 8.47 -6.00 11.80
C ALA A 127 9.48 -5.18 12.59
N GLU A 128 9.89 -4.07 12.01
CA GLU A 128 10.85 -3.17 12.64
C GLU A 128 10.30 -1.75 12.68
N PRO A 129 9.64 -1.39 13.80
CA PRO A 129 9.06 -0.05 13.98
C PRO A 129 10.07 1.06 13.72
N ASN A 130 9.87 1.79 12.62
CA ASN A 130 10.75 2.88 12.25
C ASN A 130 10.11 4.21 12.61
N ASP A 131 10.35 4.67 13.84
CA ASP A 131 9.80 5.93 14.32
C ASP A 131 10.22 7.08 13.42
N GLU A 132 9.31 7.52 12.57
CA GLU A 132 9.57 8.59 11.63
C GLU A 132 8.71 9.82 11.94
N SER A 133 7.42 9.70 11.67
CA SER A 133 6.49 10.79 11.89
C SER A 133 6.17 11.00 13.36
N GLY A 134 6.31 9.93 14.15
CA GLY A 134 6.03 10.02 15.57
C GLY A 134 4.56 10.22 15.83
N ALA A 135 3.73 9.32 15.34
CA ALA A 135 2.29 9.40 15.51
C ALA A 135 1.91 9.04 16.94
N ASN A 136 2.40 7.91 17.40
CA ASN A 136 2.13 7.45 18.75
C ASN A 136 3.34 7.73 19.63
N VAL A 137 3.38 8.95 20.17
CA VAL A 137 4.49 9.40 21.01
C VAL A 137 4.76 8.44 22.17
N ASP A 138 3.70 7.85 22.73
CA ASP A 138 3.84 6.93 23.85
C ASP A 138 4.63 5.70 23.41
N ALA A 139 4.28 5.18 22.24
CA ALA A 139 4.94 4.00 21.69
C ALA A 139 6.39 4.32 21.32
N SER A 140 6.60 5.49 20.71
CA SER A 140 7.93 5.93 20.30
C SER A 140 8.88 5.98 21.49
N LYS A 141 8.40 6.55 22.60
CA LYS A 141 9.22 6.67 23.79
C LYS A 141 9.55 5.30 24.36
N MET A 142 8.57 4.42 24.36
CA MET A 142 8.76 3.06 24.88
C MET A 142 9.72 2.27 24.01
N TRP A 143 9.49 2.31 22.70
CA TRP A 143 10.33 1.58 21.75
C TRP A 143 11.80 1.99 21.87
N ARG A 144 12.03 3.27 22.08
CA ARG A 144 13.38 3.80 22.18
C ARG A 144 14.02 3.50 23.54
N ASP A 145 13.24 3.52 24.61
CA ASP A 145 13.78 3.27 25.94
C ASP A 145 13.52 1.84 26.41
N ASP A 146 12.30 1.59 26.89
CA ASP A 146 11.93 0.27 27.39
C ASP A 146 11.53 -0.67 26.27
N ARG A 147 12.54 -1.33 25.69
CA ARG A 147 12.32 -2.27 24.60
C ARG A 147 11.58 -3.51 25.10
N GLU A 148 11.77 -3.81 26.38
CA GLU A 148 11.14 -4.97 26.99
C GLU A 148 9.63 -4.80 27.05
N GLN A 149 9.18 -3.71 27.64
CA GLN A 149 7.76 -3.43 27.79
C GLN A 149 7.05 -3.33 26.45
N PHE A 150 7.76 -2.83 25.45
CA PHE A 150 7.18 -2.69 24.11
C PHE A 150 6.71 -4.04 23.57
N TYR A 151 7.53 -5.07 23.76
CA TYR A 151 7.20 -6.41 23.28
C TYR A 151 6.05 -7.00 24.10
N LYS A 152 5.94 -6.58 25.34
CA LYS A 152 4.87 -7.07 26.21
C LYS A 152 3.54 -6.52 25.72
N ILE A 153 3.55 -5.29 25.24
CA ILE A 153 2.35 -4.65 24.71
C ILE A 153 2.06 -5.20 23.32
N ALA A 154 3.13 -5.37 22.53
CA ALA A 154 3.01 -5.89 21.17
C ALA A 154 2.35 -7.26 21.17
N LYS A 155 2.76 -8.12 22.11
CA LYS A 155 2.20 -9.45 22.23
C LYS A 155 0.71 -9.38 22.53
N GLN A 156 0.34 -8.40 23.35
CA GLN A 156 -1.06 -8.20 23.73
C GLN A 156 -1.86 -7.79 22.50
N ILE A 157 -1.24 -7.03 21.62
CA ILE A 157 -1.90 -6.59 20.39
C ILE A 157 -2.21 -7.80 19.52
N VAL A 158 -1.28 -8.75 19.48
CA VAL A 158 -1.45 -9.97 18.71
C VAL A 158 -2.60 -10.80 19.30
N GLN A 159 -2.60 -10.92 20.62
CA GLN A 159 -3.63 -11.67 21.32
C GLN A 159 -5.00 -11.05 21.07
N LYS A 160 -5.02 -9.72 20.99
CA LYS A 160 -6.25 -8.97 20.77
C LYS A 160 -6.73 -9.06 19.32
N SER A 161 -5.80 -9.04 18.37
CA SER A 161 -6.18 -9.13 16.95
C SER A 161 -6.74 -10.50 16.65
N LEU A 162 -6.12 -11.53 17.21
CA LEU A 162 -6.58 -12.90 17.01
C LEU A 162 -7.79 -13.18 17.92
N GLY A 163 -8.04 -12.28 18.85
CA GLY A 163 -9.16 -12.44 19.76
C GLY A 163 -9.09 -13.72 20.56
N LEU A 164 -7.91 -14.04 21.05
CA LEU A 164 -7.73 -15.26 21.84
C LEU A 164 -7.58 -14.93 23.31
N SER B 1 -17.02 -14.89 -11.33
CA SER B 1 -17.96 -13.81 -11.60
C SER B 1 -17.91 -12.71 -10.54
N ALA B 2 -18.82 -11.75 -10.68
CA ALA B 2 -18.95 -10.60 -9.77
C ALA B 2 -18.86 -10.96 -8.29
N ASP B 3 -19.59 -11.95 -7.81
CA ASP B 3 -19.53 -12.24 -6.38
C ASP B 3 -18.90 -13.60 -6.13
N GLU B 4 -18.57 -14.29 -7.21
CA GLU B 4 -17.87 -15.54 -7.10
C GLU B 4 -16.53 -15.26 -6.44
N ARG B 5 -15.95 -14.14 -6.86
CA ARG B 5 -14.66 -13.68 -6.34
C ARG B 5 -14.83 -13.10 -4.94
N GLN B 6 -15.94 -12.37 -4.74
CA GLN B 6 -16.23 -11.72 -3.47
C GLN B 6 -16.24 -12.71 -2.32
N ARG B 7 -16.90 -13.84 -2.51
CA ARG B 7 -16.97 -14.86 -1.47
C ARG B 7 -15.59 -15.50 -1.30
N MET B 8 -14.95 -15.83 -2.41
CA MET B 8 -13.60 -16.38 -2.40
C MET B 8 -12.69 -15.55 -1.50
N LEU B 9 -12.71 -14.24 -1.72
CA LEU B 9 -11.93 -13.29 -0.94
C LEU B 9 -12.24 -13.41 0.55
N VAL B 10 -13.52 -13.43 0.89
CA VAL B 10 -13.95 -13.56 2.28
C VAL B 10 -13.32 -14.81 2.91
N GLN B 11 -13.25 -15.88 2.14
CA GLN B 11 -12.66 -17.13 2.60
C GLN B 11 -11.19 -16.91 2.95
N ARG B 12 -10.46 -16.20 2.09
CA ARG B 12 -9.04 -15.95 2.34
C ARG B 12 -8.83 -15.18 3.63
N LYS B 13 -9.71 -14.23 3.90
CA LYS B 13 -9.60 -13.42 5.10
C LYS B 13 -9.84 -14.26 6.33
N ASP B 14 -10.78 -15.19 6.23
CA ASP B 14 -11.09 -16.06 7.35
C ASP B 14 -9.96 -17.06 7.55
N GLU B 15 -9.65 -17.79 6.48
CA GLU B 15 -8.53 -18.75 6.47
C GLU B 15 -7.32 -18.14 7.15
N LEU B 16 -6.71 -17.13 6.49
CA LEU B 16 -5.55 -16.40 7.01
C LEU B 16 -5.63 -16.20 8.51
N LEU B 17 -6.75 -15.62 8.95
CA LEU B 17 -6.98 -15.36 10.36
C LEU B 17 -6.93 -16.65 11.17
N GLN B 18 -7.78 -17.61 10.82
CA GLN B 18 -7.81 -18.91 11.50
C GLN B 18 -6.42 -19.55 11.56
N GLN B 19 -5.62 -19.31 10.51
CA GLN B 19 -4.28 -19.85 10.42
C GLN B 19 -3.39 -19.24 11.50
N ALA B 20 -3.34 -17.91 11.52
CA ALA B 20 -2.55 -17.18 12.51
C ALA B 20 -2.87 -17.68 13.91
N ARG B 21 -4.14 -17.95 14.13
CA ARG B 21 -4.61 -18.40 15.42
C ARG B 21 -4.07 -19.79 15.73
N LYS B 22 -4.25 -20.70 14.78
CA LYS B 22 -3.75 -22.07 14.91
C LYS B 22 -2.25 -22.06 15.19
N ARG B 23 -1.58 -21.14 14.53
CA ARG B 23 -0.14 -20.97 14.65
C ARG B 23 0.22 -20.40 16.01
N PHE B 24 -0.14 -19.13 16.23
CA PHE B 24 0.10 -18.42 17.49
C PHE B 24 -0.04 -19.32 18.73
N LEU B 25 -1.06 -20.17 18.73
CA LEU B 25 -1.29 -21.08 19.85
C LEU B 25 -0.32 -22.25 19.80
N ASN B 26 -0.19 -22.88 18.65
CA ASN B 26 0.75 -23.99 18.45
C ASN B 26 2.21 -23.57 18.76
N LYS B 27 2.44 -22.27 18.86
CA LYS B 27 3.77 -21.72 19.14
C LYS B 27 4.19 -22.03 20.57
N ALA C 1 2.54 18.12 -27.79
CA ALA C 1 3.77 18.34 -27.00
C ALA C 1 4.63 17.08 -26.97
N VAL C 2 4.68 16.37 -28.10
CA VAL C 2 5.45 15.15 -28.23
C VAL C 2 6.25 15.17 -29.52
N ALA C 3 7.55 14.95 -29.42
CA ALA C 3 8.43 14.95 -30.58
C ALA C 3 8.79 13.53 -30.99
N THR C 4 8.36 12.57 -30.19
CA THR C 4 8.63 11.17 -30.44
C THR C 4 7.53 10.53 -31.29
N PRO C 5 7.88 9.58 -32.17
CA PRO C 5 6.91 8.89 -33.03
C PRO C 5 5.94 8.03 -32.22
N GLU C 6 4.74 7.84 -32.75
CA GLU C 6 3.73 7.03 -32.05
C GLU C 6 4.11 5.56 -32.04
N GLU C 7 5.07 5.17 -32.88
CA GLU C 7 5.54 3.80 -32.94
C GLU C 7 6.16 3.40 -31.61
N LEU C 8 6.70 4.40 -30.92
CA LEU C 8 7.33 4.19 -29.62
C LEU C 8 6.29 3.74 -28.60
N ALA C 9 5.08 4.28 -28.74
CA ALA C 9 3.98 3.94 -27.84
C ALA C 9 3.46 2.54 -28.15
N VAL C 10 3.56 2.14 -29.42
CA VAL C 10 3.12 0.83 -29.83
C VAL C 10 4.14 -0.23 -29.41
N ASN C 11 5.41 0.14 -29.47
CA ASN C 11 6.50 -0.76 -29.08
C ASN C 11 6.56 -0.88 -27.57
N ASN C 12 6.28 0.21 -26.88
CA ASN C 12 6.32 0.22 -25.42
C ASN C 12 5.02 0.79 -24.86
N ASP C 13 4.02 -0.08 -24.70
CA ASP C 13 2.73 0.33 -24.17
C ASP C 13 2.76 0.33 -22.63
N ASP C 14 3.77 1.01 -22.09
CA ASP C 14 3.94 1.08 -20.65
C ASP C 14 3.66 2.49 -20.15
N CYS C 15 3.10 2.58 -18.95
CA CYS C 15 2.79 3.87 -18.35
C CYS C 15 2.64 3.70 -16.85
N ALA C 16 3.74 3.94 -16.12
CA ALA C 16 3.73 3.82 -14.67
C ALA C 16 3.03 5.00 -14.00
N ILE C 17 1.97 5.49 -14.65
CA ILE C 17 1.19 6.60 -14.11
C ILE C 17 -0.30 6.34 -14.32
N CYS C 18 -0.71 6.24 -15.58
CA CYS C 18 -2.12 6.02 -15.89
C CYS C 18 -2.35 4.60 -16.41
N TRP C 19 -1.27 3.84 -16.59
CA TRP C 19 -1.36 2.48 -17.11
C TRP C 19 -1.97 2.49 -18.51
N ASP C 20 -2.48 1.34 -18.94
CA ASP C 20 -3.12 1.20 -20.25
C ASP C 20 -2.14 1.57 -21.39
N SER C 21 -2.64 2.14 -22.48
CA SER C 21 -1.79 2.51 -23.60
C SER C 21 -2.28 3.81 -24.25
N MET C 22 -1.33 4.70 -24.53
CA MET C 22 -1.62 5.99 -25.17
C MET C 22 -0.56 6.27 -26.21
N GLN C 23 -0.88 7.06 -27.23
CA GLN C 23 0.08 7.35 -28.29
C GLN C 23 1.03 8.50 -27.94
N ALA C 24 0.54 9.47 -27.18
CA ALA C 24 1.35 10.63 -26.80
C ALA C 24 2.34 10.29 -25.67
N ALA C 25 3.55 9.89 -26.04
CA ALA C 25 4.59 9.53 -25.07
C ALA C 25 5.81 10.45 -25.19
N ARG C 26 6.25 11.01 -24.06
CA ARG C 26 7.40 11.89 -24.04
C ARG C 26 8.59 11.17 -23.38
N LYS C 27 9.80 11.45 -23.88
CA LYS C 27 11.00 10.84 -23.35
C LYS C 27 11.63 11.73 -22.27
N LEU C 28 11.73 11.18 -21.07
CA LEU C 28 12.32 11.91 -19.95
C LEU C 28 13.83 11.70 -19.95
N PRO C 29 14.60 12.68 -19.43
CA PRO C 29 16.08 12.61 -19.39
C PRO C 29 16.62 11.61 -18.36
N CYS C 30 15.78 10.68 -17.94
CA CYS C 30 16.19 9.67 -16.96
C CYS C 30 15.86 8.27 -17.48
N GLY C 31 15.72 8.16 -18.79
CA GLY C 31 15.40 6.88 -19.41
C GLY C 31 14.00 6.41 -19.08
N HIS C 32 13.04 7.32 -19.17
CA HIS C 32 11.65 6.99 -18.88
C HIS C 32 10.73 7.54 -19.95
N LEU C 33 9.76 6.72 -20.34
CA LEU C 33 8.79 7.11 -21.35
C LEU C 33 7.43 7.28 -20.69
N PHE C 34 7.02 8.52 -20.51
CA PHE C 34 5.74 8.83 -19.88
C PHE C 34 4.87 9.62 -20.82
N HIS C 35 3.58 9.28 -20.83
CA HIS C 35 2.63 9.97 -21.68
C HIS C 35 2.53 11.44 -21.27
N ASN C 36 2.52 12.31 -22.26
CA ASN C 36 2.46 13.75 -22.02
C ASN C 36 1.27 14.12 -21.14
N SER C 37 0.11 13.55 -21.44
CA SER C 37 -1.11 13.81 -20.69
C SER C 37 -0.96 13.41 -19.23
N CYS C 38 -0.16 12.38 -18.98
CA CYS C 38 0.06 11.89 -17.63
C CYS C 38 1.17 12.68 -16.93
N LEU C 39 2.21 12.98 -17.68
CA LEU C 39 3.35 13.72 -17.16
C LEU C 39 2.93 15.13 -16.75
N ARG C 40 2.06 15.75 -17.53
CA ARG C 40 1.59 17.10 -17.23
C ARG C 40 0.90 17.14 -15.88
N SER C 41 0.15 16.07 -15.57
CA SER C 41 -0.54 15.99 -14.29
C SER C 41 0.46 15.86 -13.15
N TRP C 42 1.47 15.02 -13.37
CA TRP C 42 2.51 14.80 -12.36
C TRP C 42 3.35 16.06 -12.18
N LEU C 43 3.55 16.79 -13.26
CA LEU C 43 4.33 18.03 -13.23
C LEU C 43 3.64 19.07 -12.35
N GLU C 44 2.34 18.90 -12.15
CA GLU C 44 1.57 19.82 -11.33
C GLU C 44 1.36 19.23 -9.94
N GLN C 45 1.97 18.07 -9.69
CA GLN C 45 1.86 17.41 -8.40
C GLN C 45 3.24 17.34 -7.73
N ASP C 46 4.28 17.12 -8.53
CA ASP C 46 5.65 17.03 -8.01
C ASP C 46 6.65 17.54 -9.07
N THR C 47 7.93 17.30 -8.83
CA THR C 47 8.99 17.72 -9.73
C THR C 47 9.99 16.58 -9.99
N SER C 48 9.89 15.52 -9.20
CA SER C 48 10.79 14.39 -9.33
C SER C 48 10.14 13.24 -10.11
N CYS C 49 10.97 12.54 -10.89
CA CYS C 49 10.48 11.41 -11.68
C CYS C 49 10.19 10.24 -10.76
N PRO C 50 8.97 9.65 -10.88
CA PRO C 50 8.51 8.52 -10.05
C PRO C 50 9.57 7.43 -9.83
N THR C 51 9.87 6.68 -10.89
CA THR C 51 10.84 5.59 -10.80
C THR C 51 12.29 6.10 -10.84
N CYS C 52 12.54 7.21 -10.15
CA CYS C 52 13.87 7.80 -10.11
C CYS C 52 14.10 8.48 -8.77
N ARG C 53 13.05 9.15 -8.27
CA ARG C 53 13.11 9.87 -6.99
C ARG C 53 14.11 11.02 -7.08
N MET C 54 14.27 11.54 -8.28
CA MET C 54 15.19 12.64 -8.52
C MET C 54 14.52 13.70 -9.39
N SER C 55 14.81 14.96 -9.07
CA SER C 55 14.24 16.08 -9.80
C SER C 55 14.76 16.16 -11.23
N LEU C 56 13.85 16.36 -12.18
CA LEU C 56 14.22 16.47 -13.59
C LEU C 56 14.49 17.92 -13.95
N ASN C 57 15.57 18.15 -14.69
CA ASN C 57 15.95 19.50 -15.09
C ASN C 57 15.22 19.96 -16.36
N ILE C 58 14.57 19.02 -17.04
CA ILE C 58 13.86 19.34 -18.28
C ILE C 58 12.72 18.35 -18.54
ZN ZN D . -0.47 7.31 -19.88
ZN ZN E . 13.01 8.42 -14.65
N ALA A 1 -15.43 4.46 -17.37
CA ALA A 1 -13.97 4.50 -17.57
C ALA A 1 -13.29 5.19 -16.40
N GLY A 2 -12.08 5.70 -16.61
CA GLY A 2 -11.37 6.37 -15.54
C GLY A 2 -10.05 5.69 -15.21
N THR A 3 -9.09 6.49 -14.80
CA THR A 3 -7.76 5.98 -14.46
C THR A 3 -7.79 5.19 -13.16
N ALA A 4 -8.63 5.63 -12.23
CA ALA A 4 -8.74 4.98 -10.94
C ALA A 4 -9.43 3.63 -11.04
N LEU A 5 -10.67 3.63 -11.50
CA LEU A 5 -11.46 2.40 -11.62
C LEU A 5 -10.75 1.31 -12.42
N LYS A 6 -10.19 1.68 -13.57
CA LYS A 6 -9.51 0.72 -14.43
C LYS A 6 -8.30 0.10 -13.73
N ARG A 7 -7.46 0.94 -13.15
CA ARG A 7 -6.26 0.47 -12.47
C ARG A 7 -6.62 -0.32 -11.19
N LEU A 8 -7.62 0.17 -10.46
CA LEU A 8 -8.06 -0.47 -9.23
C LEU A 8 -8.51 -1.91 -9.46
N MET A 9 -9.27 -2.11 -10.54
CA MET A 9 -9.78 -3.45 -10.86
C MET A 9 -8.62 -4.36 -11.26
N ALA A 10 -7.63 -3.79 -11.92
CA ALA A 10 -6.46 -4.56 -12.35
C ALA A 10 -5.62 -4.99 -11.14
N GLU A 11 -5.47 -4.08 -10.18
CA GLU A 11 -4.71 -4.36 -8.98
C GLU A 11 -5.33 -5.51 -8.19
N TYR A 12 -6.64 -5.46 -8.00
CA TYR A 12 -7.34 -6.51 -7.27
C TYR A 12 -7.18 -7.86 -7.97
N LYS A 13 -7.31 -7.85 -9.29
CA LYS A 13 -7.18 -9.08 -10.07
C LYS A 13 -5.82 -9.73 -9.81
N GLN A 14 -4.77 -8.94 -9.85
CA GLN A 14 -3.42 -9.44 -9.62
C GLN A 14 -3.28 -9.94 -8.18
N LEU A 15 -3.92 -9.26 -7.25
CA LEU A 15 -3.86 -9.63 -5.84
C LEU A 15 -4.56 -10.96 -5.57
N THR A 16 -5.46 -11.35 -6.46
CA THR A 16 -6.16 -12.62 -6.32
C THR A 16 -5.46 -13.71 -7.13
N LEU A 17 -4.67 -13.29 -8.10
CA LEU A 17 -3.92 -14.22 -8.94
C LEU A 17 -2.62 -14.59 -8.24
N ASN A 18 -1.98 -13.58 -7.67
CA ASN A 18 -0.74 -13.77 -6.95
C ASN A 18 -0.90 -13.26 -5.52
N PRO A 19 -1.40 -14.12 -4.62
CA PRO A 19 -1.63 -13.77 -3.22
C PRO A 19 -0.36 -13.85 -2.39
N PRO A 20 0.10 -12.71 -1.86
CA PRO A 20 1.30 -12.67 -1.02
C PRO A 20 1.08 -13.41 0.31
N GLU A 21 2.16 -13.93 0.89
CA GLU A 21 2.07 -14.67 2.13
C GLU A 21 1.56 -13.80 3.27
N GLY A 22 0.39 -14.17 3.79
CA GLY A 22 -0.20 -13.45 4.91
C GLY A 22 -0.79 -12.10 4.54
N ILE A 23 -1.15 -11.92 3.27
CA ILE A 23 -1.72 -10.65 2.85
C ILE A 23 -3.04 -10.85 2.10
N VAL A 24 -4.13 -10.42 2.71
CA VAL A 24 -5.45 -10.51 2.11
C VAL A 24 -5.99 -9.11 1.85
N ALA A 25 -6.14 -8.75 0.58
CA ALA A 25 -6.64 -7.43 0.23
C ALA A 25 -7.70 -7.52 -0.86
N GLY A 26 -8.63 -6.58 -0.83
CA GLY A 26 -9.69 -6.54 -1.82
C GLY A 26 -10.74 -5.52 -1.46
N PRO A 27 -11.63 -5.16 -2.40
CA PRO A 27 -12.68 -4.18 -2.16
C PRO A 27 -13.81 -4.74 -1.30
N MET A 28 -14.54 -3.87 -0.63
CA MET A 28 -15.66 -4.28 0.21
C MET A 28 -16.76 -4.91 -0.65
N ASN A 29 -16.96 -4.32 -1.81
CA ASN A 29 -17.98 -4.80 -2.74
C ASN A 29 -17.46 -4.64 -4.17
N GLU A 30 -17.91 -5.50 -5.07
CA GLU A 30 -17.48 -5.43 -6.47
C GLU A 30 -17.96 -4.15 -7.13
N GLU A 31 -19.03 -3.57 -6.58
CA GLU A 31 -19.58 -2.34 -7.09
C GLU A 31 -18.98 -1.13 -6.35
N ASN A 32 -18.02 -1.40 -5.48
CA ASN A 32 -17.36 -0.35 -4.70
C ASN A 32 -15.87 -0.64 -4.60
N PHE A 33 -15.11 -0.14 -5.55
CA PHE A 33 -13.67 -0.34 -5.58
C PHE A 33 -12.94 0.82 -4.93
N PHE A 34 -13.66 1.61 -4.13
CA PHE A 34 -13.06 2.75 -3.46
C PHE A 34 -12.80 2.43 -1.99
N GLU A 35 -13.60 1.53 -1.44
CA GLU A 35 -13.45 1.10 -0.06
C GLU A 35 -12.90 -0.32 -0.02
N TRP A 36 -11.63 -0.44 0.35
CA TRP A 36 -10.98 -1.74 0.40
C TRP A 36 -10.75 -2.21 1.83
N GLU A 37 -10.73 -3.52 2.01
CA GLU A 37 -10.48 -4.14 3.29
C GLU A 37 -9.26 -5.03 3.17
N ALA A 38 -8.18 -4.70 3.86
CA ALA A 38 -6.97 -5.48 3.79
C ALA A 38 -6.47 -5.87 5.16
N LEU A 39 -6.24 -7.16 5.35
CA LEU A 39 -5.72 -7.65 6.60
C LEU A 39 -4.40 -8.35 6.35
N ILE A 40 -3.36 -7.89 7.03
CA ILE A 40 -2.04 -8.45 6.88
C ILE A 40 -1.63 -9.17 8.15
N MET A 41 -0.99 -10.32 7.98
CA MET A 41 -0.52 -11.10 9.11
C MET A 41 0.95 -10.83 9.37
N GLY A 42 1.26 -10.43 10.60
CA GLY A 42 2.64 -10.14 10.96
C GLY A 42 3.57 -11.30 10.66
N PRO A 43 4.71 -11.03 9.99
CA PRO A 43 5.69 -12.06 9.62
C PRO A 43 6.14 -12.87 10.83
N GLU A 44 6.42 -14.14 10.61
CA GLU A 44 6.86 -15.03 11.67
C GLU A 44 8.18 -14.56 12.28
N ASP A 45 8.29 -14.73 13.60
CA ASP A 45 9.49 -14.36 14.36
C ASP A 45 9.69 -12.86 14.46
N THR A 46 8.61 -12.11 14.59
CA THR A 46 8.68 -10.66 14.73
C THR A 46 7.91 -10.23 15.97
N CYS A 47 7.87 -8.92 16.23
CA CYS A 47 7.17 -8.38 17.39
C CYS A 47 5.65 -8.51 17.22
N PHE A 48 5.20 -8.66 15.99
CA PHE A 48 3.78 -8.76 15.69
C PHE A 48 3.50 -10.01 14.85
N GLU A 49 4.24 -11.07 15.10
CA GLU A 49 4.07 -12.31 14.35
C GLU A 49 2.72 -12.96 14.63
N PHE A 50 2.12 -13.50 13.56
CA PHE A 50 0.83 -14.18 13.63
C PHE A 50 -0.31 -13.22 13.95
N GLY A 51 -0.10 -11.95 13.69
CA GLY A 51 -1.13 -10.96 13.95
C GLY A 51 -1.88 -10.56 12.71
N VAL A 52 -3.14 -11.00 12.60
CA VAL A 52 -3.98 -10.63 11.47
C VAL A 52 -4.57 -9.25 11.72
N PHE A 53 -3.94 -8.23 11.17
CA PHE A 53 -4.38 -6.86 11.37
C PHE A 53 -5.22 -6.36 10.21
N PRO A 54 -6.52 -6.13 10.45
CA PRO A 54 -7.45 -5.64 9.43
C PRO A 54 -7.45 -4.11 9.35
N ALA A 55 -7.30 -3.60 8.13
CA ALA A 55 -7.29 -2.17 7.89
C ALA A 55 -8.16 -1.82 6.70
N ILE A 56 -8.70 -0.61 6.71
CA ILE A 56 -9.55 -0.14 5.63
C ILE A 56 -8.76 0.83 4.75
N LEU A 57 -8.92 0.71 3.45
CA LEU A 57 -8.21 1.57 2.51
C LEU A 57 -9.20 2.34 1.63
N SER A 58 -9.24 3.65 1.81
CA SER A 58 -10.12 4.50 1.03
C SER A 58 -9.32 5.18 -0.09
N PHE A 59 -9.63 4.83 -1.32
CA PHE A 59 -8.92 5.39 -2.47
C PHE A 59 -9.53 6.70 -2.93
N PRO A 60 -8.68 7.61 -3.46
CA PRO A 60 -9.12 8.93 -3.94
C PRO A 60 -9.78 8.86 -5.32
N LEU A 61 -10.34 9.99 -5.75
CA LEU A 61 -11.02 10.06 -7.05
C LEU A 61 -10.04 10.35 -8.18
N ASP A 62 -8.83 10.79 -7.83
CA ASP A 62 -7.82 11.09 -8.84
C ASP A 62 -6.74 10.02 -8.86
N TYR A 63 -7.06 8.87 -8.28
CA TYR A 63 -6.14 7.74 -8.22
C TYR A 63 -5.64 7.39 -9.63
N PRO A 64 -4.35 7.02 -9.77
CA PRO A 64 -3.40 6.92 -8.66
C PRO A 64 -2.51 8.14 -8.48
N LEU A 65 -3.05 9.33 -8.74
CA LEU A 65 -2.27 10.56 -8.58
C LEU A 65 -2.08 10.86 -7.09
N SER A 66 -3.08 10.53 -6.29
CA SER A 66 -3.03 10.74 -4.85
C SER A 66 -3.06 9.40 -4.11
N PRO A 67 -2.48 9.34 -2.89
CA PRO A 67 -2.43 8.10 -2.10
C PRO A 67 -3.75 7.80 -1.38
N PRO A 68 -4.05 6.52 -1.17
CA PRO A 68 -5.26 6.09 -0.46
C PRO A 68 -5.13 6.22 1.05
N LYS A 69 -6.25 6.42 1.72
CA LYS A 69 -6.25 6.56 3.17
C LYS A 69 -6.38 5.20 3.84
N MET A 70 -5.29 4.73 4.43
CA MET A 70 -5.27 3.45 5.10
C MET A 70 -5.42 3.64 6.61
N ARG A 71 -6.44 3.03 7.19
CA ARG A 71 -6.68 3.14 8.62
C ARG A 71 -6.98 1.76 9.22
N PHE A 72 -6.26 1.40 10.27
CA PHE A 72 -6.46 0.12 10.93
C PHE A 72 -7.74 0.13 11.76
N THR A 73 -8.44 -0.99 11.78
CA THR A 73 -9.68 -1.12 12.53
C THR A 73 -9.49 -2.06 13.73
N CYS A 74 -8.52 -1.75 14.57
CA CYS A 74 -8.21 -2.55 15.74
C CYS A 74 -7.21 -1.83 16.63
N GLU A 75 -6.96 -2.38 17.82
CA GLU A 75 -5.99 -1.80 18.74
C GLU A 75 -4.60 -1.84 18.12
N MET A 76 -3.86 -0.74 18.21
CA MET A 76 -2.53 -0.68 17.65
C MET A 76 -1.56 0.00 18.59
N PHE A 77 -0.29 -0.35 18.47
CA PHE A 77 0.76 0.24 19.29
C PHE A 77 2.04 0.35 18.48
N HIS A 78 1.94 1.06 17.37
CA HIS A 78 3.08 1.27 16.49
C HIS A 78 3.37 2.76 16.35
N PRO A 79 4.65 3.16 16.45
CA PRO A 79 5.07 4.57 16.34
C PRO A 79 4.61 5.24 15.04
N ASN A 80 4.43 4.45 13.99
CA ASN A 80 4.03 4.98 12.69
C ASN A 80 2.51 4.95 12.52
N ILE A 81 1.79 4.54 13.55
CA ILE A 81 0.34 4.47 13.48
C ILE A 81 -0.32 5.37 14.52
N TYR A 82 -1.22 6.22 14.04
CA TYR A 82 -1.94 7.13 14.92
C TYR A 82 -2.92 6.32 15.78
N PRO A 83 -3.22 6.80 16.99
CA PRO A 83 -4.15 6.10 17.90
C PRO A 83 -5.51 5.84 17.24
N ASP A 84 -5.86 6.65 16.25
CA ASP A 84 -7.12 6.51 15.54
C ASP A 84 -7.04 5.40 14.47
N GLY A 85 -5.82 4.93 14.21
CA GLY A 85 -5.64 3.87 13.24
C GLY A 85 -4.97 4.31 11.95
N ARG A 86 -4.83 5.61 11.75
CA ARG A 86 -4.21 6.13 10.53
C ARG A 86 -2.74 5.74 10.43
N VAL A 87 -2.39 5.13 9.29
CA VAL A 87 -1.02 4.71 9.03
C VAL A 87 -0.23 5.87 8.45
N CYS A 88 0.91 6.18 9.05
CA CYS A 88 1.73 7.28 8.58
C CYS A 88 3.13 6.81 8.19
N ILE A 89 3.40 6.82 6.89
CA ILE A 89 4.68 6.41 6.35
C ILE A 89 5.00 7.22 5.10
N SER A 90 6.28 7.29 4.75
CA SER A 90 6.74 8.06 3.59
C SER A 90 5.99 7.69 2.29
N ILE A 91 5.67 6.42 2.10
CA ILE A 91 4.99 5.99 0.88
C ILE A 91 3.56 6.54 0.78
N LEU A 92 2.97 6.87 1.92
CA LEU A 92 1.61 7.40 1.94
C LEU A 92 1.62 8.89 2.20
N HIS A 93 2.73 9.53 1.86
CA HIS A 93 2.86 10.96 2.05
C HIS A 93 2.54 11.70 0.75
N ALA A 94 1.63 12.65 0.84
CA ALA A 94 1.23 13.43 -0.32
C ALA A 94 2.30 14.46 -0.67
N PRO A 95 2.42 14.82 -1.96
CA PRO A 95 3.41 15.82 -2.42
C PRO A 95 3.24 17.17 -1.72
N GLY A 96 4.09 17.42 -0.73
CA GLY A 96 4.04 18.66 0.00
C GLY A 96 4.44 18.48 1.46
N SER A 105 15.64 12.76 -0.60
CA SER A 105 15.91 12.63 0.82
C SER A 105 14.79 11.84 1.51
N ALA A 106 13.56 12.12 1.10
CA ALA A 106 12.40 11.45 1.67
C ALA A 106 11.55 10.87 0.57
N GLU A 107 10.76 9.85 0.91
CA GLU A 107 9.89 9.21 -0.05
C GLU A 107 8.52 9.85 -0.04
N ARG A 108 7.88 9.88 -1.19
CA ARG A 108 6.55 10.45 -1.35
C ARG A 108 5.72 9.53 -2.22
N TRP A 109 4.41 9.77 -2.26
CA TRP A 109 3.53 8.95 -3.07
C TRP A 109 3.88 9.10 -4.54
N SER A 110 3.89 7.97 -5.24
CA SER A 110 4.20 7.95 -6.65
C SER A 110 3.20 7.04 -7.36
N PRO A 111 2.73 7.41 -8.56
CA PRO A 111 1.75 6.62 -9.32
C PRO A 111 2.25 5.21 -9.62
N VAL A 112 3.55 5.02 -9.55
CA VAL A 112 4.17 3.71 -9.81
C VAL A 112 3.98 2.77 -8.62
N GLN A 113 3.62 3.34 -7.47
CA GLN A 113 3.42 2.54 -6.27
C GLN A 113 2.03 1.93 -6.26
N SER A 114 1.95 0.62 -6.37
CA SER A 114 0.69 -0.08 -6.36
C SER A 114 0.31 -0.48 -4.93
N VAL A 115 -0.90 -0.97 -4.75
CA VAL A 115 -1.39 -1.39 -3.43
C VAL A 115 -0.49 -2.46 -2.83
N GLU A 116 0.02 -3.35 -3.68
CA GLU A 116 0.89 -4.42 -3.23
C GLU A 116 2.16 -3.84 -2.59
N LYS A 117 2.65 -2.73 -3.13
CA LYS A 117 3.85 -2.08 -2.61
C LYS A 117 3.54 -1.38 -1.30
N ILE A 118 2.32 -0.86 -1.17
CA ILE A 118 1.89 -0.17 0.04
C ILE A 118 1.84 -1.17 1.19
N LEU A 119 1.18 -2.30 0.94
CA LEU A 119 1.05 -3.35 1.95
C LEU A 119 2.42 -3.89 2.35
N LEU A 120 3.29 -4.06 1.37
CA LEU A 120 4.65 -4.55 1.63
C LEU A 120 5.38 -3.59 2.55
N SER A 121 5.17 -2.29 2.32
CA SER A 121 5.79 -1.26 3.13
C SER A 121 5.28 -1.33 4.57
N VAL A 122 3.99 -1.55 4.73
CA VAL A 122 3.38 -1.66 6.06
C VAL A 122 3.95 -2.87 6.79
N VAL A 123 4.06 -3.98 6.09
CA VAL A 123 4.59 -5.21 6.66
C VAL A 123 6.05 -5.00 7.10
N SER A 124 6.81 -4.32 6.25
CA SER A 124 8.22 -4.06 6.55
C SER A 124 8.35 -3.14 7.76
N MET A 125 7.48 -2.14 7.84
CA MET A 125 7.51 -1.20 8.96
C MET A 125 7.10 -1.88 10.27
N LEU A 126 6.33 -2.96 10.16
CA LEU A 126 5.89 -3.72 11.32
C LEU A 126 7.05 -4.54 11.86
N ALA A 127 7.94 -4.96 10.98
CA ALA A 127 9.11 -5.74 11.35
C ALA A 127 10.13 -4.84 12.03
N GLU A 128 10.45 -3.72 11.39
CA GLU A 128 11.41 -2.76 11.93
C GLU A 128 10.79 -1.36 11.96
N PRO A 129 10.16 -0.99 13.08
CA PRO A 129 9.53 0.33 13.23
C PRO A 129 10.49 1.48 13.00
N ASN A 130 10.15 2.31 12.01
CA ASN A 130 10.97 3.47 11.68
C ASN A 130 10.24 4.74 12.06
N ASP A 131 10.61 5.31 13.20
CA ASP A 131 9.97 6.52 13.69
C ASP A 131 10.39 7.74 12.87
N GLU A 132 9.79 7.91 11.70
CA GLU A 132 10.09 9.04 10.84
C GLU A 132 8.94 10.03 10.88
N SER A 133 7.80 9.57 11.35
CA SER A 133 6.61 10.40 11.44
C SER A 133 6.29 10.76 12.89
N GLY A 134 6.33 9.75 13.77
CA GLY A 134 6.03 9.99 15.16
C GLY A 134 4.54 10.18 15.38
N ALA A 135 3.76 9.20 14.95
CA ALA A 135 2.32 9.24 15.09
C ALA A 135 1.89 8.90 16.50
N ASN A 136 2.51 7.86 17.05
CA ASN A 136 2.21 7.44 18.41
C ASN A 136 3.42 7.64 19.30
N VAL A 137 3.53 8.84 19.87
CA VAL A 137 4.65 9.19 20.73
C VAL A 137 4.76 8.25 21.93
N ASP A 138 3.62 7.73 22.37
CA ASP A 138 3.58 6.82 23.50
C ASP A 138 4.34 5.53 23.18
N ALA A 139 4.36 5.19 21.90
CA ALA A 139 5.05 3.99 21.44
C ALA A 139 6.50 4.31 21.06
N SER A 140 6.70 5.45 20.41
CA SER A 140 8.04 5.88 19.98
C SER A 140 8.99 6.00 21.17
N LYS A 141 8.51 6.62 22.24
CA LYS A 141 9.32 6.82 23.43
C LYS A 141 9.63 5.49 24.11
N MET A 142 8.74 4.52 23.95
CA MET A 142 8.96 3.20 24.53
C MET A 142 9.98 2.43 23.69
N TRP A 143 9.82 2.51 22.38
CA TRP A 143 10.73 1.83 21.45
C TRP A 143 12.16 2.31 21.63
N ARG A 144 12.32 3.60 21.88
CA ARG A 144 13.64 4.18 22.05
C ARG A 144 14.19 3.93 23.47
N ASP A 145 13.31 3.62 24.41
CA ASP A 145 13.75 3.39 25.79
C ASP A 145 13.56 1.93 26.21
N ASP A 146 12.35 1.56 26.60
CA ASP A 146 12.08 0.21 27.04
C ASP A 146 11.68 -0.70 25.88
N ARG A 147 12.66 -1.36 25.31
CA ARG A 147 12.44 -2.26 24.20
C ARG A 147 11.76 -3.55 24.68
N GLU A 148 12.07 -3.95 25.91
CA GLU A 148 11.50 -5.15 26.48
C GLU A 148 10.00 -5.00 26.71
N GLN A 149 9.61 -3.88 27.32
CA GLN A 149 8.22 -3.60 27.60
C GLN A 149 7.42 -3.49 26.30
N PHE A 150 8.06 -2.92 25.29
CA PHE A 150 7.43 -2.77 23.98
C PHE A 150 7.02 -4.11 23.42
N TYR A 151 7.92 -5.09 23.52
CA TYR A 151 7.66 -6.43 23.02
C TYR A 151 6.51 -7.08 23.77
N LYS A 152 6.33 -6.71 25.03
CA LYS A 152 5.25 -7.26 25.85
C LYS A 152 3.91 -6.73 25.35
N ILE A 153 3.87 -5.45 25.01
CA ILE A 153 2.66 -4.83 24.52
C ILE A 153 2.39 -5.25 23.07
N ALA A 154 3.48 -5.38 22.32
CA ALA A 154 3.40 -5.77 20.91
C ALA A 154 2.68 -7.12 20.75
N LYS A 155 3.13 -8.11 21.51
CA LYS A 155 2.51 -9.44 21.44
C LYS A 155 1.10 -9.41 22.03
N GLN A 156 0.87 -8.47 22.93
CA GLN A 156 -0.45 -8.31 23.54
C GLN A 156 -1.44 -7.87 22.47
N ILE A 157 -0.96 -7.05 21.54
CA ILE A 157 -1.78 -6.57 20.44
C ILE A 157 -2.13 -7.76 19.53
N VAL A 158 -1.19 -8.68 19.39
CA VAL A 158 -1.39 -9.87 18.58
C VAL A 158 -2.55 -10.70 19.15
N GLN A 159 -2.55 -10.86 20.48
CA GLN A 159 -3.61 -11.60 21.16
C GLN A 159 -4.95 -10.93 20.88
N LYS A 160 -4.94 -9.61 20.82
CA LYS A 160 -6.14 -8.84 20.56
C LYS A 160 -6.63 -9.03 19.13
N SER A 161 -5.70 -8.92 18.18
CA SER A 161 -6.05 -9.08 16.76
C SER A 161 -6.57 -10.48 16.45
N LEU A 162 -5.97 -11.49 17.07
CA LEU A 162 -6.38 -12.87 16.85
C LEU A 162 -7.62 -13.19 17.67
N GLY A 163 -7.80 -12.47 18.77
CA GLY A 163 -8.95 -12.70 19.62
C GLY A 163 -8.75 -13.89 20.54
N LEU A 164 -7.53 -14.04 21.03
CA LEU A 164 -7.19 -15.15 21.93
C LEU A 164 -6.88 -14.63 23.33
N SER B 1 -17.14 -14.30 -10.91
CA SER B 1 -17.55 -13.01 -11.45
C SER B 1 -17.94 -12.06 -10.30
N ALA B 2 -19.15 -11.50 -10.36
CA ALA B 2 -19.65 -10.54 -9.37
C ALA B 2 -19.48 -10.95 -7.90
N ASP B 3 -19.95 -12.14 -7.53
CA ASP B 3 -19.88 -12.57 -6.15
C ASP B 3 -19.05 -13.83 -6.00
N GLU B 4 -18.59 -14.37 -7.11
CA GLU B 4 -17.75 -15.54 -7.05
C GLU B 4 -16.45 -15.18 -6.34
N ARG B 5 -15.93 -14.00 -6.69
CA ARG B 5 -14.70 -13.51 -6.11
C ARG B 5 -14.93 -13.01 -4.70
N GLN B 6 -16.09 -12.39 -4.49
CA GLN B 6 -16.46 -11.83 -3.19
C GLN B 6 -16.42 -12.89 -2.08
N ARG B 7 -16.99 -14.05 -2.36
CA ARG B 7 -17.01 -15.13 -1.36
C ARG B 7 -15.61 -15.67 -1.17
N MET B 8 -14.93 -15.96 -2.27
CA MET B 8 -13.55 -16.44 -2.26
C MET B 8 -12.70 -15.57 -1.33
N LEU B 9 -12.77 -14.26 -1.55
CA LEU B 9 -12.04 -13.28 -0.77
C LEU B 9 -12.34 -13.41 0.73
N VAL B 10 -13.63 -13.47 1.08
CA VAL B 10 -14.03 -13.61 2.48
C VAL B 10 -13.36 -14.85 3.10
N GLN B 11 -13.25 -15.92 2.32
CA GLN B 11 -12.61 -17.14 2.77
C GLN B 11 -11.15 -16.88 3.11
N ARG B 12 -10.47 -16.10 2.26
CA ARG B 12 -9.06 -15.77 2.48
C ARG B 12 -8.89 -15.03 3.79
N LYS B 13 -9.84 -14.16 4.08
CA LYS B 13 -9.80 -13.36 5.29
C LYS B 13 -9.97 -14.21 6.53
N ASP B 14 -10.84 -15.23 6.44
CA ASP B 14 -11.06 -16.13 7.57
C ASP B 14 -9.84 -17.04 7.72
N GLU B 15 -9.56 -17.79 6.64
CA GLU B 15 -8.41 -18.68 6.58
C GLU B 15 -7.18 -18.02 7.17
N LEU B 16 -6.67 -16.97 6.50
CA LEU B 16 -5.51 -16.19 6.97
C LEU B 16 -5.49 -16.09 8.50
N LEU B 17 -6.59 -15.62 9.05
CA LEU B 17 -6.75 -15.47 10.48
C LEU B 17 -6.66 -16.82 11.20
N GLN B 18 -7.51 -17.77 10.82
CA GLN B 18 -7.51 -19.12 11.40
C GLN B 18 -6.10 -19.71 11.39
N GLN B 19 -5.32 -19.38 10.36
CA GLN B 19 -3.95 -19.86 10.25
C GLN B 19 -3.11 -19.24 11.35
N ALA B 20 -3.14 -17.92 11.42
CA ALA B 20 -2.40 -17.18 12.44
C ALA B 20 -2.68 -17.73 13.82
N ARG B 21 -3.95 -18.06 14.06
CA ARG B 21 -4.38 -18.55 15.35
C ARG B 21 -3.77 -19.92 15.63
N LYS B 22 -3.93 -20.84 14.68
CA LYS B 22 -3.36 -22.18 14.79
C LYS B 22 -1.86 -22.10 15.01
N ARG B 23 -1.25 -21.14 14.33
CA ARG B 23 0.18 -20.91 14.40
C ARG B 23 0.59 -20.32 15.74
N PHE B 24 0.21 -19.07 15.98
CA PHE B 24 0.50 -18.32 17.23
C PHE B 24 0.48 -19.20 18.47
N LEU B 25 -0.52 -20.06 18.58
CA LEU B 25 -0.64 -20.93 19.74
C LEU B 25 0.36 -22.09 19.66
N ASN B 26 0.39 -22.79 18.53
CA ASN B 26 1.33 -23.91 18.33
C ASN B 26 2.82 -23.49 18.50
N LYS B 27 3.08 -22.17 18.44
CA LYS B 27 4.45 -21.64 18.56
C LYS B 27 4.99 -21.77 19.98
N ALA C 1 4.50 18.69 -28.22
CA ALA C 1 5.43 18.36 -27.13
C ALA C 1 5.80 16.88 -27.14
N VAL C 2 5.57 16.23 -28.27
CA VAL C 2 5.88 14.81 -28.41
C VAL C 2 7.01 14.63 -29.41
N ALA C 3 8.24 14.59 -28.90
CA ALA C 3 9.41 14.40 -29.74
C ALA C 3 9.80 12.92 -29.81
N THR C 4 8.81 12.07 -29.65
CA THR C 4 9.03 10.63 -29.69
C THR C 4 8.06 9.98 -30.66
N PRO C 5 8.58 9.14 -31.59
CA PRO C 5 7.74 8.45 -32.57
C PRO C 5 6.76 7.50 -31.90
N GLU C 6 5.56 7.40 -32.44
CA GLU C 6 4.52 6.53 -31.90
C GLU C 6 4.94 5.07 -31.96
N GLU C 7 5.91 4.77 -32.83
CA GLU C 7 6.41 3.41 -32.98
C GLU C 7 7.03 2.92 -31.67
N LEU C 8 7.61 3.84 -30.90
CA LEU C 8 8.21 3.50 -29.63
C LEU C 8 7.12 3.25 -28.60
N ALA C 9 5.99 3.92 -28.78
CA ALA C 9 4.86 3.77 -27.87
C ALA C 9 4.22 2.40 -28.08
N VAL C 10 4.28 1.90 -29.31
CA VAL C 10 3.75 0.59 -29.62
C VAL C 10 4.62 -0.48 -28.97
N ASN C 11 5.91 -0.18 -28.89
CA ASN C 11 6.88 -1.10 -28.29
C ASN C 11 6.76 -1.05 -26.77
N ASN C 12 6.59 0.16 -26.25
CA ASN C 12 6.46 0.36 -24.81
C ASN C 12 5.17 1.14 -24.52
N ASP C 13 4.06 0.43 -24.42
CA ASP C 13 2.78 1.05 -24.16
C ASP C 13 2.58 1.23 -22.65
N ASP C 14 3.53 0.70 -21.89
CA ASP C 14 3.51 0.77 -20.43
C ASP C 14 3.49 2.21 -19.93
N CYS C 15 2.83 2.42 -18.82
CA CYS C 15 2.71 3.75 -18.25
C CYS C 15 2.53 3.65 -16.74
N ALA C 16 3.60 3.92 -15.99
CA ALA C 16 3.57 3.86 -14.53
C ALA C 16 2.87 5.07 -13.93
N ILE C 17 1.80 5.53 -14.58
CA ILE C 17 1.04 6.68 -14.12
C ILE C 17 -0.45 6.44 -14.33
N CYS C 18 -0.83 6.11 -15.56
CA CYS C 18 -2.23 5.88 -15.89
C CYS C 18 -2.47 4.49 -16.46
N TRP C 19 -1.39 3.73 -16.66
CA TRP C 19 -1.48 2.40 -17.26
C TRP C 19 -2.04 2.55 -18.67
N ASP C 20 -2.80 1.57 -19.13
CA ASP C 20 -3.43 1.60 -20.46
C ASP C 20 -2.35 1.70 -21.55
N SER C 21 -2.73 2.27 -22.69
CA SER C 21 -1.82 2.43 -23.82
C SER C 21 -2.10 3.74 -24.55
N MET C 22 -1.03 4.43 -24.95
CA MET C 22 -1.16 5.69 -25.68
C MET C 22 -0.05 5.80 -26.73
N GLN C 23 -0.15 6.80 -27.59
CA GLN C 23 0.85 7.00 -28.64
C GLN C 23 1.80 8.16 -28.32
N ALA C 24 1.30 9.15 -27.59
CA ALA C 24 2.10 10.32 -27.23
C ALA C 24 2.92 10.08 -25.97
N ALA C 25 4.23 9.91 -26.13
CA ALA C 25 5.12 9.67 -25.01
C ALA C 25 6.32 10.62 -25.01
N ARG C 26 6.83 10.92 -23.83
CA ARG C 26 7.98 11.80 -23.68
C ARG C 26 9.09 11.09 -22.91
N LYS C 27 10.32 11.34 -23.31
CA LYS C 27 11.47 10.73 -22.66
C LYS C 27 11.94 11.57 -21.48
N LEU C 28 12.06 10.93 -20.32
CA LEU C 28 12.50 11.61 -19.10
C LEU C 28 14.02 11.56 -18.98
N PRO C 29 14.60 12.56 -18.28
CA PRO C 29 16.05 12.66 -18.08
C PRO C 29 16.63 11.56 -17.19
N CYS C 30 15.76 10.77 -16.61
CA CYS C 30 16.18 9.69 -15.73
C CYS C 30 15.98 8.33 -16.40
N GLY C 31 15.80 8.35 -17.72
CA GLY C 31 15.60 7.13 -18.46
C GLY C 31 14.23 6.54 -18.22
N HIS C 32 13.20 7.26 -18.65
CA HIS C 32 11.84 6.81 -18.48
C HIS C 32 10.97 7.28 -19.64
N LEU C 33 9.97 6.49 -19.98
CA LEU C 33 9.07 6.83 -21.06
C LEU C 33 7.64 6.94 -20.54
N PHE C 34 7.17 8.17 -20.37
CA PHE C 34 5.82 8.39 -19.87
C PHE C 34 5.03 9.20 -20.88
N HIS C 35 3.72 8.95 -20.92
CA HIS C 35 2.85 9.67 -21.84
C HIS C 35 2.86 11.16 -21.51
N ASN C 36 2.82 11.98 -22.55
CA ASN C 36 2.87 13.45 -22.38
C ASN C 36 1.83 13.96 -21.38
N SER C 37 0.57 13.60 -21.60
CA SER C 37 -0.51 14.04 -20.73
C SER C 37 -0.31 13.53 -19.30
N CYS C 38 0.14 12.28 -19.18
CA CYS C 38 0.37 11.69 -17.87
C CYS C 38 1.48 12.40 -17.12
N LEU C 39 2.57 12.69 -17.82
CA LEU C 39 3.69 13.39 -17.22
C LEU C 39 3.31 14.83 -16.90
N ARG C 40 2.54 15.43 -17.79
CA ARG C 40 2.09 16.81 -17.61
C ARG C 40 1.30 16.94 -16.30
N SER C 41 0.39 16.00 -16.08
CA SER C 41 -0.42 15.99 -14.88
C SER C 41 0.44 15.73 -13.64
N TRP C 42 1.45 14.89 -13.79
CA TRP C 42 2.34 14.57 -12.69
C TRP C 42 3.18 15.79 -12.33
N LEU C 43 3.66 16.49 -13.35
CA LEU C 43 4.48 17.69 -13.16
C LEU C 43 3.66 18.79 -12.51
N GLU C 44 2.34 18.62 -12.52
CA GLU C 44 1.44 19.57 -11.92
C GLU C 44 1.36 19.34 -10.41
N GLN C 45 1.57 18.10 -10.00
CA GLN C 45 1.51 17.73 -8.58
C GLN C 45 2.91 17.76 -7.95
N ASP C 46 3.91 17.25 -8.65
CA ASP C 46 5.28 17.23 -8.14
C ASP C 46 6.27 17.43 -9.30
N THR C 47 7.56 17.32 -9.00
CA THR C 47 8.59 17.49 -10.02
C THR C 47 9.64 16.37 -9.91
N SER C 48 9.32 15.32 -9.20
CA SER C 48 10.23 14.20 -9.03
C SER C 48 9.71 12.98 -9.78
N CYS C 49 10.60 12.24 -10.43
CA CYS C 49 10.21 11.05 -11.16
C CYS C 49 9.81 9.94 -10.19
N PRO C 50 8.64 9.32 -10.41
CA PRO C 50 8.10 8.25 -9.56
C PRO C 50 9.12 7.20 -9.08
N THR C 51 9.50 6.29 -9.98
CA THR C 51 10.42 5.21 -9.64
C THR C 51 11.84 5.69 -9.35
N CYS C 52 12.25 6.80 -9.95
CA CYS C 52 13.61 7.30 -9.76
C CYS C 52 13.75 8.04 -8.43
N ARG C 53 12.66 8.65 -7.97
CA ARG C 53 12.65 9.40 -6.72
C ARG C 53 13.66 10.55 -6.78
N MET C 54 13.85 11.08 -7.96
CA MET C 54 14.79 12.18 -8.17
C MET C 54 14.13 13.32 -8.92
N SER C 55 14.43 14.54 -8.51
CA SER C 55 13.88 15.73 -9.13
C SER C 55 14.44 15.92 -10.54
N LEU C 56 13.56 16.11 -11.51
CA LEU C 56 13.98 16.30 -12.89
C LEU C 56 14.07 17.79 -13.20
N ASN C 57 15.14 18.19 -13.86
CA ASN C 57 15.34 19.60 -14.20
C ASN C 57 14.80 19.91 -15.60
N ILE C 58 14.67 18.90 -16.43
CA ILE C 58 14.18 19.09 -17.79
C ILE C 58 13.31 17.91 -18.24
ZN ZN D . -0.33 7.23 -19.77
ZN ZN E . 12.71 7.92 -14.12
N ALA A 1 -15.69 4.30 -17.00
CA ALA A 1 -14.30 3.88 -16.71
C ALA A 1 -13.46 5.08 -16.29
N GLY A 2 -12.17 4.86 -16.14
CA GLY A 2 -11.29 5.93 -15.75
C GLY A 2 -9.92 5.43 -15.34
N THR A 3 -9.04 6.35 -15.00
CA THR A 3 -7.68 6.02 -14.60
C THR A 3 -7.67 5.18 -13.33
N ALA A 4 -8.39 5.65 -12.32
CA ALA A 4 -8.45 4.96 -11.04
C ALA A 4 -9.11 3.58 -11.16
N LEU A 5 -10.25 3.53 -11.85
CA LEU A 5 -10.99 2.28 -12.01
C LEU A 5 -10.14 1.20 -12.68
N LYS A 6 -9.59 1.50 -13.85
CA LYS A 6 -8.78 0.54 -14.59
C LYS A 6 -7.56 0.08 -13.78
N ARG A 7 -6.88 1.03 -13.15
CA ARG A 7 -5.71 0.74 -12.35
C ARG A 7 -6.09 -0.11 -11.13
N LEU A 8 -7.15 0.29 -10.44
CA LEU A 8 -7.59 -0.42 -9.24
C LEU A 8 -8.04 -1.84 -9.57
N MET A 9 -8.79 -2.00 -10.66
CA MET A 9 -9.28 -3.31 -11.07
C MET A 9 -8.11 -4.25 -11.36
N ALA A 10 -7.08 -3.71 -12.01
CA ALA A 10 -5.89 -4.49 -12.33
C ALA A 10 -5.13 -4.88 -11.07
N GLU A 11 -5.08 -3.98 -10.10
CA GLU A 11 -4.38 -4.24 -8.84
C GLU A 11 -5.01 -5.41 -8.08
N TYR A 12 -6.35 -5.41 -8.00
CA TYR A 12 -7.04 -6.49 -7.31
C TYR A 12 -6.79 -7.81 -8.03
N LYS A 13 -6.76 -7.75 -9.35
CA LYS A 13 -6.50 -8.94 -10.17
C LYS A 13 -5.10 -9.47 -9.88
N GLN A 14 -4.15 -8.56 -9.71
CA GLN A 14 -2.78 -8.93 -9.41
C GLN A 14 -2.68 -9.56 -8.03
N LEU A 15 -3.45 -9.00 -7.09
CA LEU A 15 -3.45 -9.47 -5.70
C LEU A 15 -4.08 -10.86 -5.58
N THR A 16 -4.78 -11.30 -6.60
CA THR A 16 -5.40 -12.61 -6.60
C THR A 16 -4.64 -13.56 -7.50
N LEU A 17 -4.06 -13.02 -8.58
CA LEU A 17 -3.27 -13.81 -9.50
C LEU A 17 -1.95 -14.21 -8.83
N ASN A 18 -1.44 -13.28 -8.04
CA ASN A 18 -0.21 -13.49 -7.28
C ASN A 18 -0.44 -13.06 -5.84
N PRO A 19 -1.11 -13.90 -5.03
CA PRO A 19 -1.41 -13.59 -3.65
C PRO A 19 -0.20 -13.72 -2.72
N PRO A 20 0.18 -12.64 -2.04
CA PRO A 20 1.31 -12.65 -1.11
C PRO A 20 0.92 -13.38 0.17
N GLU A 21 1.77 -14.29 0.61
CA GLU A 21 1.51 -15.05 1.83
C GLU A 21 1.41 -14.13 3.03
N GLY A 22 0.24 -14.15 3.68
CA GLY A 22 0.02 -13.33 4.84
C GLY A 22 -0.67 -12.03 4.52
N ILE A 23 -0.95 -11.79 3.24
CA ILE A 23 -1.60 -10.56 2.84
C ILE A 23 -2.91 -10.83 2.09
N VAL A 24 -4.02 -10.43 2.69
CA VAL A 24 -5.33 -10.60 2.08
C VAL A 24 -5.99 -9.23 1.88
N ALA A 25 -5.87 -8.69 0.68
CA ALA A 25 -6.44 -7.39 0.39
C ALA A 25 -7.39 -7.45 -0.80
N GLY A 26 -8.44 -6.62 -0.74
CA GLY A 26 -9.42 -6.58 -1.80
C GLY A 26 -10.52 -5.60 -1.50
N PRO A 27 -11.34 -5.20 -2.49
CA PRO A 27 -12.44 -4.26 -2.29
C PRO A 27 -13.56 -4.86 -1.45
N MET A 28 -14.28 -3.99 -0.74
CA MET A 28 -15.40 -4.43 0.08
C MET A 28 -16.49 -5.04 -0.78
N ASN A 29 -16.68 -4.45 -1.95
CA ASN A 29 -17.69 -4.91 -2.89
C ASN A 29 -17.19 -4.71 -4.31
N GLU A 30 -17.59 -5.58 -5.22
CA GLU A 30 -17.18 -5.51 -6.61
C GLU A 30 -17.79 -4.29 -7.30
N GLU A 31 -18.84 -3.73 -6.69
CA GLU A 31 -19.49 -2.55 -7.22
C GLU A 31 -19.00 -1.30 -6.48
N ASN A 32 -17.96 -1.48 -5.69
CA ASN A 32 -17.38 -0.39 -4.91
C ASN A 32 -15.89 -0.63 -4.70
N PHE A 33 -15.08 -0.19 -5.66
CA PHE A 33 -13.64 -0.38 -5.59
C PHE A 33 -12.97 0.82 -4.93
N PHE A 34 -13.72 1.55 -4.12
CA PHE A 34 -13.17 2.72 -3.43
C PHE A 34 -12.80 2.39 -1.99
N GLU A 35 -13.48 1.41 -1.43
CA GLU A 35 -13.23 0.97 -0.06
C GLU A 35 -12.68 -0.45 -0.08
N TRP A 36 -11.43 -0.61 0.34
CA TRP A 36 -10.80 -1.93 0.35
C TRP A 36 -10.52 -2.39 1.77
N GLU A 37 -10.47 -3.70 1.94
CA GLU A 37 -10.18 -4.30 3.23
C GLU A 37 -8.85 -5.03 3.15
N ALA A 38 -8.02 -4.89 4.16
CA ALA A 38 -6.73 -5.55 4.17
C ALA A 38 -6.51 -6.35 5.44
N LEU A 39 -6.35 -7.64 5.28
CA LEU A 39 -6.06 -8.54 6.38
C LEU A 39 -4.61 -8.99 6.26
N ILE A 40 -3.75 -8.43 7.09
CA ILE A 40 -2.35 -8.79 7.04
C ILE A 40 -1.91 -9.51 8.30
N MET A 41 -1.14 -10.58 8.13
CA MET A 41 -0.64 -11.35 9.26
C MET A 41 0.82 -10.99 9.51
N GLY A 42 1.10 -10.53 10.73
CA GLY A 42 2.46 -10.16 11.09
C GLY A 42 3.44 -11.32 10.89
N PRO A 43 4.55 -11.06 10.18
CA PRO A 43 5.56 -12.09 9.90
C PRO A 43 6.21 -12.63 11.18
N GLU A 44 6.60 -13.90 11.15
CA GLU A 44 7.22 -14.54 12.29
C GLU A 44 8.61 -13.95 12.56
N ASP A 45 9.03 -14.04 13.82
CA ASP A 45 10.34 -13.54 14.28
C ASP A 45 10.29 -12.04 14.50
N THR A 46 9.11 -11.55 14.84
CA THR A 46 8.91 -10.13 15.09
C THR A 46 8.18 -9.95 16.41
N CYS A 47 7.64 -8.76 16.64
CA CYS A 47 6.90 -8.47 17.85
C CYS A 47 5.41 -8.46 17.57
N PHE A 48 5.06 -8.72 16.32
CA PHE A 48 3.66 -8.72 15.89
C PHE A 48 3.36 -9.95 15.03
N GLU A 49 4.08 -11.03 15.29
CA GLU A 49 3.89 -12.25 14.53
C GLU A 49 2.54 -12.91 14.82
N PHE A 50 1.96 -13.53 13.79
CA PHE A 50 0.67 -14.23 13.90
C PHE A 50 -0.46 -13.24 14.15
N GLY A 51 -0.24 -11.98 13.83
CA GLY A 51 -1.26 -10.99 14.04
C GLY A 51 -2.04 -10.64 12.78
N VAL A 52 -3.26 -11.15 12.69
CA VAL A 52 -4.15 -10.86 11.56
C VAL A 52 -4.78 -9.50 11.80
N PHE A 53 -4.09 -8.45 11.34
CA PHE A 53 -4.54 -7.08 11.54
C PHE A 53 -5.49 -6.61 10.45
N PRO A 54 -6.70 -6.20 10.84
CA PRO A 54 -7.69 -5.68 9.91
C PRO A 54 -7.55 -4.17 9.69
N ALA A 55 -7.34 -3.78 8.43
CA ALA A 55 -7.20 -2.39 8.08
C ALA A 55 -8.06 -2.03 6.88
N ILE A 56 -8.54 -0.80 6.83
CA ILE A 56 -9.38 -0.34 5.74
C ILE A 56 -8.61 0.66 4.89
N LEU A 57 -8.73 0.54 3.57
CA LEU A 57 -8.03 1.44 2.67
C LEU A 57 -9.01 2.23 1.81
N SER A 58 -9.00 3.54 1.98
CA SER A 58 -9.87 4.43 1.22
C SER A 58 -9.11 5.00 0.03
N PHE A 59 -9.58 4.70 -1.18
CA PHE A 59 -8.92 5.17 -2.40
C PHE A 59 -9.58 6.42 -2.97
N PRO A 60 -8.75 7.38 -3.43
CA PRO A 60 -9.24 8.63 -4.03
C PRO A 60 -9.70 8.42 -5.47
N LEU A 61 -10.45 9.38 -5.99
CA LEU A 61 -10.97 9.29 -7.35
C LEU A 61 -9.91 9.66 -8.38
N ASP A 62 -8.85 10.32 -7.92
CA ASP A 62 -7.77 10.72 -8.81
C ASP A 62 -6.60 9.75 -8.74
N TYR A 63 -6.87 8.55 -8.23
CA TYR A 63 -5.85 7.50 -8.13
C TYR A 63 -5.33 7.15 -9.53
N PRO A 64 -4.04 6.80 -9.69
CA PRO A 64 -3.07 6.72 -8.60
C PRO A 64 -2.22 7.98 -8.43
N LEU A 65 -2.79 9.15 -8.72
CA LEU A 65 -2.06 10.40 -8.55
C LEU A 65 -1.96 10.74 -7.07
N SER A 66 -2.96 10.33 -6.31
CA SER A 66 -2.99 10.56 -4.88
C SER A 66 -2.96 9.24 -4.13
N PRO A 67 -2.29 9.20 -2.97
CA PRO A 67 -2.19 7.98 -2.16
C PRO A 67 -3.49 7.65 -1.42
N PRO A 68 -3.73 6.36 -1.16
CA PRO A 68 -4.93 5.91 -0.45
C PRO A 68 -4.79 6.10 1.07
N LYS A 69 -5.93 6.33 1.72
CA LYS A 69 -5.95 6.53 3.16
C LYS A 69 -6.13 5.19 3.87
N MET A 70 -5.06 4.70 4.45
CA MET A 70 -5.08 3.43 5.16
C MET A 70 -5.28 3.65 6.66
N ARG A 71 -6.31 3.04 7.22
CA ARG A 71 -6.59 3.17 8.64
C ARG A 71 -6.96 1.83 9.26
N PHE A 72 -6.31 1.49 10.35
CA PHE A 72 -6.56 0.24 11.06
C PHE A 72 -7.82 0.37 11.92
N THR A 73 -8.62 -0.68 11.95
CA THR A 73 -9.84 -0.69 12.74
C THR A 73 -9.65 -1.54 14.00
N CYS A 74 -8.46 -1.46 14.57
CA CYS A 74 -8.13 -2.23 15.76
C CYS A 74 -7.13 -1.47 16.63
N GLU A 75 -6.83 -2.03 17.80
CA GLU A 75 -5.87 -1.40 18.70
C GLU A 75 -4.46 -1.64 18.19
N MET A 76 -3.64 -0.61 18.24
CA MET A 76 -2.26 -0.71 17.77
C MET A 76 -1.34 0.20 18.57
N PHE A 77 -0.22 -0.35 18.99
CA PHE A 77 0.77 0.41 19.76
C PHE A 77 2.02 0.60 18.90
N HIS A 78 1.82 1.17 17.73
CA HIS A 78 2.92 1.40 16.80
C HIS A 78 3.16 2.89 16.62
N PRO A 79 4.42 3.34 16.70
CA PRO A 79 4.79 4.75 16.56
C PRO A 79 4.33 5.37 15.24
N ASN A 80 4.18 4.56 14.21
CA ASN A 80 3.77 5.05 12.89
C ASN A 80 2.25 5.03 12.74
N ILE A 81 1.55 4.56 13.76
CA ILE A 81 0.09 4.49 13.68
C ILE A 81 -0.56 5.42 14.69
N TYR A 82 -1.43 6.30 14.19
CA TYR A 82 -2.15 7.24 15.03
C TYR A 82 -3.15 6.47 15.91
N PRO A 83 -3.59 7.04 17.04
CA PRO A 83 -4.55 6.39 17.93
C PRO A 83 -5.88 6.10 17.24
N ASP A 84 -6.11 6.76 16.11
CA ASP A 84 -7.33 6.56 15.35
C ASP A 84 -7.16 5.43 14.32
N GLY A 85 -5.93 4.98 14.14
CA GLY A 85 -5.68 3.88 13.22
C GLY A 85 -4.95 4.30 11.95
N ARG A 86 -4.87 5.60 11.69
CA ARG A 86 -4.20 6.12 10.50
C ARG A 86 -2.71 5.74 10.47
N VAL A 87 -2.28 5.22 9.34
CA VAL A 87 -0.89 4.83 9.16
C VAL A 87 -0.08 6.00 8.59
N CYS A 88 0.96 6.40 9.30
CA CYS A 88 1.80 7.51 8.87
C CYS A 88 3.18 7.02 8.44
N ILE A 89 3.40 6.99 7.13
CA ILE A 89 4.67 6.56 6.57
C ILE A 89 4.99 7.39 5.33
N SER A 90 6.27 7.66 5.13
CA SER A 90 6.75 8.47 4.00
C SER A 90 6.21 8.00 2.64
N ILE A 91 6.04 6.69 2.47
CA ILE A 91 5.54 6.16 1.19
C ILE A 91 4.10 6.60 0.91
N LEU A 92 3.37 6.95 1.97
CA LEU A 92 1.99 7.39 1.83
C LEU A 92 1.90 8.91 1.87
N HIS A 93 3.06 9.57 1.79
CA HIS A 93 3.10 11.02 1.81
C HIS A 93 3.16 11.59 0.41
N ALA A 94 2.15 12.38 0.07
CA ALA A 94 2.08 13.00 -1.24
C ALA A 94 2.81 14.34 -1.22
N PRO A 95 3.71 14.56 -2.18
CA PRO A 95 4.47 15.81 -2.28
C PRO A 95 3.63 16.97 -2.81
N GLY A 96 2.59 17.32 -2.08
CA GLY A 96 1.71 18.39 -2.48
C GLY A 96 0.32 17.90 -2.80
N SER A 105 14.44 14.11 2.49
CA SER A 105 13.24 13.30 2.30
C SER A 105 13.59 11.98 1.63
N ALA A 106 12.85 10.94 1.98
CA ALA A 106 13.05 9.62 1.41
C ALA A 106 12.04 9.38 0.29
N GLU A 107 11.88 8.13 -0.12
CA GLU A 107 10.94 7.81 -1.17
C GLU A 107 9.51 8.02 -0.68
N ARG A 108 8.78 8.88 -1.39
CA ARG A 108 7.41 9.19 -1.03
C ARG A 108 6.45 8.63 -2.08
N TRP A 109 5.23 9.17 -2.11
CA TRP A 109 4.23 8.70 -3.05
C TRP A 109 4.64 8.93 -4.50
N SER A 110 4.33 7.94 -5.32
CA SER A 110 4.60 7.97 -6.74
C SER A 110 3.60 7.06 -7.43
N PRO A 111 3.06 7.45 -8.59
CA PRO A 111 2.06 6.66 -9.33
C PRO A 111 2.53 5.24 -9.64
N VAL A 112 3.83 5.04 -9.66
CA VAL A 112 4.40 3.72 -9.97
C VAL A 112 4.25 2.76 -8.77
N GLN A 113 4.04 3.31 -7.59
CA GLN A 113 3.89 2.47 -6.40
C GLN A 113 2.47 1.95 -6.31
N SER A 114 2.34 0.63 -6.27
CA SER A 114 1.04 -0.02 -6.19
C SER A 114 0.62 -0.30 -4.75
N VAL A 115 -0.60 -0.80 -4.57
CA VAL A 115 -1.13 -1.12 -3.26
C VAL A 115 -0.30 -2.24 -2.62
N GLU A 116 0.09 -3.21 -3.43
CA GLU A 116 0.88 -4.33 -2.95
C GLU A 116 2.22 -3.85 -2.40
N LYS A 117 2.72 -2.75 -2.97
CA LYS A 117 3.98 -2.18 -2.53
C LYS A 117 3.80 -1.47 -1.20
N ILE A 118 2.68 -0.76 -1.06
CA ILE A 118 2.37 -0.04 0.18
C ILE A 118 2.20 -1.04 1.32
N LEU A 119 1.46 -2.12 1.03
CA LEU A 119 1.21 -3.17 2.02
C LEU A 119 2.52 -3.75 2.52
N LEU A 120 3.48 -3.93 1.60
CA LEU A 120 4.78 -4.48 1.94
C LEU A 120 5.51 -3.54 2.89
N SER A 121 5.44 -2.24 2.61
CA SER A 121 6.09 -1.23 3.45
C SER A 121 5.51 -1.27 4.86
N VAL A 122 4.21 -1.54 4.96
CA VAL A 122 3.55 -1.63 6.26
C VAL A 122 4.12 -2.82 7.01
N VAL A 123 4.35 -3.91 6.29
CA VAL A 123 4.91 -5.12 6.87
C VAL A 123 6.31 -4.84 7.41
N SER A 124 7.09 -4.10 6.64
CA SER A 124 8.45 -3.74 7.05
C SER A 124 8.42 -2.91 8.33
N MET A 125 7.49 -1.98 8.40
CA MET A 125 7.36 -1.11 9.58
C MET A 125 6.87 -1.93 10.78
N LEU A 126 6.08 -2.96 10.51
CA LEU A 126 5.55 -3.81 11.58
C LEU A 126 6.66 -4.68 12.14
N ALA A 127 7.58 -5.09 11.26
CA ALA A 127 8.71 -5.91 11.66
C ALA A 127 9.76 -5.06 12.37
N GLU A 128 9.85 -3.80 11.96
CA GLU A 128 10.80 -2.86 12.55
C GLU A 128 10.20 -1.47 12.58
N PRO A 129 9.64 -1.07 13.74
CA PRO A 129 9.02 0.25 13.93
C PRO A 129 9.97 1.38 13.53
N ASN A 130 9.59 2.11 12.50
CA ASN A 130 10.40 3.20 11.99
C ASN A 130 9.81 4.54 12.42
N ASP A 131 10.16 4.97 13.63
CA ASP A 131 9.68 6.23 14.19
C ASP A 131 10.23 7.43 13.40
N GLU A 132 9.59 7.76 12.30
CA GLU A 132 10.00 8.87 11.46
C GLU A 132 8.97 10.00 11.53
N SER A 133 7.74 9.64 11.84
CA SER A 133 6.65 10.60 11.93
C SER A 133 6.34 10.92 13.39
N GLY A 134 6.15 9.87 14.19
CA GLY A 134 5.83 10.05 15.58
C GLY A 134 4.35 10.24 15.80
N ALA A 135 3.56 9.34 15.24
CA ALA A 135 2.11 9.40 15.36
C ALA A 135 1.68 9.00 16.76
N ASN A 136 2.21 7.89 17.24
CA ASN A 136 1.91 7.41 18.56
C ASN A 136 3.10 7.69 19.48
N VAL A 137 3.11 8.90 20.03
CA VAL A 137 4.19 9.35 20.90
C VAL A 137 4.46 8.36 22.04
N ASP A 138 3.39 7.79 22.58
CA ASP A 138 3.50 6.83 23.68
C ASP A 138 4.32 5.62 23.25
N ALA A 139 4.09 5.18 22.02
CA ALA A 139 4.80 4.04 21.47
C ALA A 139 6.24 4.42 21.14
N SER A 140 6.42 5.59 20.56
CA SER A 140 7.75 6.08 20.19
C SER A 140 8.65 6.17 21.42
N LYS A 141 8.08 6.63 22.54
CA LYS A 141 8.83 6.76 23.78
C LYS A 141 9.29 5.40 24.29
N MET A 142 8.35 4.46 24.32
CA MET A 142 8.65 3.11 24.82
C MET A 142 9.63 2.38 23.90
N TRP A 143 9.43 2.49 22.59
CA TRP A 143 10.30 1.82 21.62
C TRP A 143 11.74 2.31 21.74
N ARG A 144 11.91 3.59 22.01
CA ARG A 144 13.25 4.18 22.11
C ARG A 144 13.80 4.13 23.53
N ASP A 145 13.09 3.46 24.44
CA ASP A 145 13.57 3.37 25.82
C ASP A 145 13.36 1.98 26.39
N ASP A 146 12.13 1.66 26.75
CA ASP A 146 11.80 0.36 27.32
C ASP A 146 11.46 -0.63 26.22
N ARG A 147 12.49 -1.22 25.64
CA ARG A 147 12.31 -2.20 24.56
C ARG A 147 11.62 -3.46 25.07
N GLU A 148 11.82 -3.77 26.34
CA GLU A 148 11.24 -4.96 26.94
C GLU A 148 9.72 -4.83 27.06
N GLN A 149 9.27 -3.74 27.66
CA GLN A 149 7.84 -3.50 27.85
C GLN A 149 7.14 -3.37 26.50
N PHE A 150 7.82 -2.78 25.52
CA PHE A 150 7.26 -2.59 24.19
C PHE A 150 6.85 -3.93 23.58
N TYR A 151 7.70 -4.93 23.75
CA TYR A 151 7.42 -6.27 23.21
C TYR A 151 6.22 -6.89 23.91
N LYS A 152 6.07 -6.59 25.19
CA LYS A 152 4.95 -7.11 25.97
C LYS A 152 3.64 -6.54 25.46
N ILE A 153 3.63 -5.23 25.22
CA ILE A 153 2.44 -4.56 24.71
C ILE A 153 2.16 -5.01 23.28
N ALA A 154 3.23 -5.18 22.51
CA ALA A 154 3.14 -5.61 21.12
C ALA A 154 2.47 -6.97 21.00
N LYS A 155 2.90 -7.93 21.81
CA LYS A 155 2.31 -9.27 21.76
C LYS A 155 0.87 -9.24 22.24
N GLN A 156 0.58 -8.35 23.17
CA GLN A 156 -0.77 -8.20 23.70
C GLN A 156 -1.71 -7.75 22.58
N ILE A 157 -1.17 -6.98 21.65
CA ILE A 157 -1.93 -6.51 20.50
C ILE A 157 -2.29 -7.70 19.61
N VAL A 158 -1.32 -8.60 19.45
CA VAL A 158 -1.52 -9.81 18.65
C VAL A 158 -2.63 -10.65 19.25
N GLN A 159 -2.61 -10.76 20.58
CA GLN A 159 -3.64 -11.51 21.31
C GLN A 159 -5.02 -10.94 20.99
N LYS A 160 -5.11 -9.62 20.98
CA LYS A 160 -6.36 -8.93 20.68
C LYS A 160 -6.75 -9.09 19.22
N SER A 161 -5.76 -9.09 18.34
CA SER A 161 -6.00 -9.24 16.91
C SER A 161 -6.63 -10.58 16.59
N LEU A 162 -6.05 -11.64 17.14
CA LEU A 162 -6.59 -12.98 16.92
C LEU A 162 -7.82 -13.21 17.78
N GLY A 163 -7.95 -12.43 18.84
CA GLY A 163 -9.08 -12.56 19.73
C GLY A 163 -8.95 -13.77 20.64
N LEU A 164 -7.76 -13.98 21.16
CA LEU A 164 -7.49 -15.13 22.03
C LEU A 164 -7.23 -14.68 23.46
N SER B 1 -16.45 -14.39 -11.40
CA SER B 1 -16.93 -13.14 -11.98
C SER B 1 -17.36 -12.17 -10.88
N ALA B 2 -18.58 -11.64 -11.00
CA ALA B 2 -19.13 -10.65 -10.04
C ALA B 2 -19.02 -11.03 -8.56
N ASP B 3 -19.46 -12.21 -8.21
CA ASP B 3 -19.46 -12.61 -6.82
C ASP B 3 -18.59 -13.82 -6.57
N GLU B 4 -18.02 -14.40 -7.62
CA GLU B 4 -17.13 -15.54 -7.45
C GLU B 4 -15.89 -15.14 -6.67
N ARG B 5 -15.39 -13.96 -7.00
CA ARG B 5 -14.20 -13.41 -6.39
C ARG B 5 -14.51 -12.97 -4.96
N GLN B 6 -15.70 -12.42 -4.78
CA GLN B 6 -16.14 -11.95 -3.47
C GLN B 6 -16.07 -13.05 -2.42
N ARG B 7 -16.57 -14.23 -2.77
CA ARG B 7 -16.55 -15.35 -1.83
C ARG B 7 -15.13 -15.85 -1.63
N MET B 8 -14.42 -16.08 -2.73
CA MET B 8 -13.03 -16.53 -2.70
C MET B 8 -12.19 -15.68 -1.74
N LEU B 9 -12.27 -14.36 -1.92
CA LEU B 9 -11.54 -13.41 -1.09
C LEU B 9 -11.86 -13.58 0.40
N VAL B 10 -13.15 -13.63 0.72
CA VAL B 10 -13.57 -13.80 2.11
C VAL B 10 -12.93 -15.04 2.71
N GLN B 11 -12.82 -16.09 1.91
CA GLN B 11 -12.20 -17.32 2.36
C GLN B 11 -10.74 -17.07 2.75
N ARG B 12 -10.04 -16.29 1.94
CA ARG B 12 -8.63 -15.98 2.21
C ARG B 12 -8.49 -15.24 3.53
N LYS B 13 -9.43 -14.33 3.79
CA LYS B 13 -9.40 -13.55 5.02
C LYS B 13 -9.68 -14.43 6.22
N ASP B 14 -10.60 -15.37 6.06
CA ASP B 14 -10.97 -16.28 7.13
C ASP B 14 -9.81 -17.22 7.41
N GLU B 15 -9.43 -17.98 6.37
CA GLU B 15 -8.31 -18.89 6.43
C GLU B 15 -7.10 -18.24 7.10
N LEU B 16 -6.51 -17.23 6.44
CA LEU B 16 -5.37 -16.47 6.99
C LEU B 16 -5.47 -16.27 8.49
N LEU B 17 -6.61 -15.71 8.91
CA LEU B 17 -6.86 -15.46 10.32
C LEU B 17 -6.77 -16.77 11.11
N GLN B 18 -7.56 -17.76 10.73
CA GLN B 18 -7.55 -19.08 11.40
C GLN B 18 -6.12 -19.64 11.49
N GLN B 19 -5.30 -19.35 10.48
CA GLN B 19 -3.92 -19.82 10.44
C GLN B 19 -3.11 -19.17 11.55
N ALA B 20 -3.16 -17.84 11.58
CA ALA B 20 -2.45 -17.07 12.61
C ALA B 20 -2.78 -17.60 13.98
N ARG B 21 -4.04 -17.95 14.15
CA ARG B 21 -4.54 -18.43 15.41
C ARG B 21 -3.94 -19.80 15.73
N LYS B 22 -4.02 -20.72 14.78
CA LYS B 22 -3.44 -22.06 14.93
C LYS B 22 -1.96 -21.97 15.25
N ARG B 23 -1.30 -21.00 14.62
CA ARG B 23 0.12 -20.80 14.79
C ARG B 23 0.41 -20.24 16.18
N PHE B 24 0.01 -19.00 16.42
CA PHE B 24 0.16 -18.34 17.71
C PHE B 24 0.00 -19.28 18.90
N LEU B 25 -1.02 -20.14 18.84
CA LEU B 25 -1.30 -21.08 19.93
C LEU B 25 -0.31 -22.25 19.91
N ASN B 26 -0.13 -22.87 18.74
CA ASN B 26 0.82 -23.99 18.59
C ASN B 26 2.26 -23.57 18.97
N LYS B 27 2.48 -22.27 19.05
CA LYS B 27 3.79 -21.71 19.39
C LYS B 27 4.11 -21.94 20.86
N ALA C 1 3.45 18.44 -27.27
CA ALA C 1 4.76 18.34 -26.59
C ALA C 1 5.36 16.93 -26.72
N VAL C 2 5.15 16.31 -27.88
CA VAL C 2 5.67 14.97 -28.11
C VAL C 2 6.51 14.95 -29.39
N ALA C 3 7.83 14.92 -29.22
CA ALA C 3 8.75 14.90 -30.36
C ALA C 3 9.01 13.48 -30.82
N THR C 4 8.57 12.52 -30.03
CA THR C 4 8.74 11.12 -30.34
C THR C 4 7.62 10.61 -31.23
N PRO C 5 7.91 9.62 -32.11
CA PRO C 5 6.91 9.07 -33.02
C PRO C 5 5.84 8.24 -32.32
N GLU C 6 4.69 8.10 -32.97
CA GLU C 6 3.57 7.33 -32.42
C GLU C 6 3.95 5.86 -32.26
N GLU C 7 4.95 5.44 -33.02
CA GLU C 7 5.41 4.05 -32.98
C GLU C 7 5.91 3.70 -31.58
N LEU C 8 6.50 4.68 -30.92
CA LEU C 8 7.01 4.48 -29.57
C LEU C 8 5.88 4.16 -28.61
N ALA C 9 4.75 4.83 -28.80
CA ALA C 9 3.57 4.63 -27.97
C ALA C 9 2.97 3.25 -28.21
N VAL C 10 2.98 2.83 -29.47
CA VAL C 10 2.44 1.52 -29.82
C VAL C 10 3.33 0.42 -29.24
N ASN C 11 4.64 0.65 -29.27
CA ASN C 11 5.60 -0.30 -28.75
C ASN C 11 5.51 -0.37 -27.22
N ASN C 12 5.30 0.78 -26.59
CA ASN C 12 5.18 0.83 -25.12
C ASN C 12 3.75 1.13 -24.73
N ASP C 13 2.91 0.11 -24.78
CA ASP C 13 1.49 0.24 -24.45
C ASP C 13 1.23 0.15 -22.94
N ASP C 14 2.09 0.80 -22.17
CA ASP C 14 1.95 0.82 -20.72
C ASP C 14 2.28 2.21 -20.18
N CYS C 15 1.89 2.45 -18.94
CA CYS C 15 2.12 3.74 -18.30
C CYS C 15 2.11 3.60 -16.78
N ALA C 16 3.25 3.84 -16.16
CA ALA C 16 3.36 3.74 -14.71
C ALA C 16 2.73 4.92 -13.98
N ILE C 17 1.80 5.60 -14.64
CA ILE C 17 1.11 6.73 -14.05
C ILE C 17 -0.40 6.64 -14.27
N CYS C 18 -0.81 6.50 -15.52
CA CYS C 18 -2.23 6.42 -15.84
C CYS C 18 -2.61 5.02 -16.31
N TRP C 19 -1.61 4.18 -16.52
CA TRP C 19 -1.80 2.82 -17.01
C TRP C 19 -2.35 2.85 -18.43
N ASP C 20 -2.79 1.69 -18.91
CA ASP C 20 -3.35 1.55 -20.25
C ASP C 20 -2.35 2.02 -21.31
N SER C 21 -2.85 2.58 -22.42
CA SER C 21 -1.98 3.04 -23.50
C SER C 21 -2.49 4.35 -24.10
N MET C 22 -1.55 5.19 -24.53
CA MET C 22 -1.86 6.48 -25.14
C MET C 22 -0.86 6.74 -26.26
N GLN C 23 -1.30 7.39 -27.34
CA GLN C 23 -0.43 7.68 -28.48
C GLN C 23 0.38 8.97 -28.29
N ALA C 24 0.74 9.27 -27.07
CA ALA C 24 1.51 10.48 -26.78
C ALA C 24 2.46 10.26 -25.61
N ALA C 25 3.63 9.72 -25.89
CA ALA C 25 4.62 9.44 -24.85
C ALA C 25 5.94 10.13 -25.13
N ARG C 26 6.51 10.72 -24.08
CA ARG C 26 7.79 11.41 -24.17
C ARG C 26 8.82 10.67 -23.33
N LYS C 27 10.05 10.60 -23.82
CA LYS C 27 11.11 9.93 -23.10
C LYS C 27 11.83 10.91 -22.18
N LEU C 28 11.80 10.61 -20.89
CA LEU C 28 12.45 11.45 -19.89
C LEU C 28 13.95 11.16 -19.84
N PRO C 29 14.76 12.14 -19.39
CA PRO C 29 16.23 12.00 -19.30
C PRO C 29 16.68 10.81 -18.45
N CYS C 30 15.80 10.30 -17.61
CA CYS C 30 16.14 9.16 -16.76
C CYS C 30 15.91 7.84 -17.49
N GLY C 31 15.50 7.94 -18.76
CA GLY C 31 15.23 6.75 -19.54
C GLY C 31 13.89 6.13 -19.20
N HIS C 32 12.86 6.94 -19.25
CA HIS C 32 11.51 6.48 -18.93
C HIS C 32 10.51 7.08 -19.90
N LEU C 33 9.57 6.26 -20.37
CA LEU C 33 8.56 6.70 -21.30
C LEU C 33 7.27 7.03 -20.58
N PHE C 34 6.91 8.30 -20.56
CA PHE C 34 5.70 8.74 -19.89
C PHE C 34 4.84 9.57 -20.84
N HIS C 35 3.53 9.38 -20.76
CA HIS C 35 2.60 10.12 -21.60
C HIS C 35 2.63 11.60 -21.24
N ASN C 36 2.47 12.45 -22.25
CA ASN C 36 2.51 13.90 -22.06
C ASN C 36 1.51 14.35 -20.99
N SER C 37 0.27 13.90 -21.10
CA SER C 37 -0.77 14.25 -20.13
C SER C 37 -0.37 13.82 -18.72
N CYS C 38 0.13 12.60 -18.61
CA CYS C 38 0.55 12.06 -17.32
C CYS C 38 1.75 12.83 -16.78
N LEU C 39 2.68 13.15 -17.69
CA LEU C 39 3.88 13.88 -17.33
C LEU C 39 3.52 15.28 -16.80
N ARG C 40 2.64 15.96 -17.53
CA ARG C 40 2.20 17.29 -17.14
C ARG C 40 1.47 17.26 -15.80
N SER C 41 0.80 16.16 -15.53
CA SER C 41 0.07 16.00 -14.28
C SER C 41 1.02 15.78 -13.11
N TRP C 42 1.98 14.88 -13.28
CA TRP C 42 2.92 14.58 -12.21
C TRP C 42 3.92 15.72 -11.99
N LEU C 43 4.38 16.33 -13.08
CA LEU C 43 5.33 17.44 -12.97
C LEU C 43 4.64 18.70 -12.46
N GLU C 44 3.34 18.61 -12.26
CA GLU C 44 2.57 19.74 -11.74
C GLU C 44 2.50 19.62 -10.22
N GLN C 45 2.80 18.43 -9.72
CA GLN C 45 2.79 18.16 -8.30
C GLN C 45 4.22 18.18 -7.75
N ASP C 46 5.12 17.50 -8.46
CA ASP C 46 6.53 17.44 -8.06
C ASP C 46 7.41 17.54 -9.31
N THR C 47 8.68 17.17 -9.19
CA THR C 47 9.61 17.22 -10.31
C THR C 47 10.51 15.98 -10.30
N SER C 48 10.04 14.92 -9.66
CA SER C 48 10.79 13.69 -9.57
C SER C 48 10.14 12.59 -10.38
N CYS C 49 10.95 11.79 -11.06
CA CYS C 49 10.44 10.69 -11.87
C CYS C 49 10.00 9.54 -10.97
N PRO C 50 8.77 9.02 -11.18
CA PRO C 50 8.20 7.93 -10.39
C PRO C 50 9.18 6.77 -10.12
N THR C 51 9.50 6.01 -11.16
CA THR C 51 10.42 4.87 -11.03
C THR C 51 11.88 5.31 -10.94
N CYS C 52 12.14 6.37 -10.19
CA CYS C 52 13.49 6.88 -10.01
C CYS C 52 13.63 7.58 -8.67
N ARG C 53 12.59 8.35 -8.30
CA ARG C 53 12.58 9.10 -7.04
C ARG C 53 13.69 10.14 -7.05
N MET C 54 13.95 10.68 -8.23
CA MET C 54 14.97 11.71 -8.41
C MET C 54 14.43 12.81 -9.31
N SER C 55 14.81 14.04 -9.02
CA SER C 55 14.36 15.19 -9.79
C SER C 55 15.07 15.27 -11.15
N LEU C 56 14.35 15.70 -12.16
CA LEU C 56 14.90 15.84 -13.50
C LEU C 56 15.16 17.31 -13.81
N ASN C 57 16.23 17.59 -14.53
CA ASN C 57 16.59 18.97 -14.88
C ASN C 57 15.77 19.49 -16.06
N ILE C 58 15.64 18.67 -17.10
CA ILE C 58 14.90 19.06 -18.28
C ILE C 58 14.44 17.83 -19.07
ZN ZN D . -0.36 7.64 -19.55
ZN ZN E . 12.78 7.52 -14.52
N ALA A 1 -15.14 4.04 -17.95
CA ALA A 1 -14.05 3.52 -17.09
C ALA A 1 -12.99 4.58 -16.87
N GLY A 2 -12.85 5.01 -15.63
CA GLY A 2 -11.87 6.02 -15.29
C GLY A 2 -10.52 5.42 -14.98
N THR A 3 -9.51 6.27 -14.91
CA THR A 3 -8.14 5.84 -14.62
C THR A 3 -8.06 5.07 -13.30
N ALA A 4 -8.69 5.61 -12.28
CA ALA A 4 -8.68 5.00 -10.95
C ALA A 4 -9.28 3.60 -10.98
N LEU A 5 -10.51 3.50 -11.48
CA LEU A 5 -11.23 2.23 -11.52
C LEU A 5 -10.49 1.19 -12.36
N LYS A 6 -10.01 1.59 -13.53
CA LYS A 6 -9.30 0.69 -14.44
C LYS A 6 -8.04 0.14 -13.78
N ARG A 7 -7.26 1.03 -13.18
CA ARG A 7 -6.02 0.65 -12.52
C ARG A 7 -6.32 -0.17 -11.25
N LEU A 8 -7.32 0.24 -10.49
CA LEU A 8 -7.69 -0.45 -9.25
C LEU A 8 -8.14 -1.90 -9.52
N MET A 9 -8.92 -2.09 -10.57
CA MET A 9 -9.40 -3.43 -10.92
C MET A 9 -8.25 -4.34 -11.27
N ALA A 10 -7.25 -3.80 -11.94
CA ALA A 10 -6.07 -4.56 -12.34
C ALA A 10 -5.27 -5.00 -11.12
N GLU A 11 -5.19 -4.12 -10.14
CA GLU A 11 -4.46 -4.41 -8.90
C GLU A 11 -5.09 -5.56 -8.13
N TYR A 12 -6.40 -5.47 -7.91
CA TYR A 12 -7.12 -6.51 -7.19
C TYR A 12 -7.00 -7.84 -7.91
N LYS A 13 -7.10 -7.77 -9.24
CA LYS A 13 -6.99 -8.95 -10.08
C LYS A 13 -5.65 -9.66 -9.86
N GLN A 14 -4.59 -8.87 -9.79
CA GLN A 14 -3.25 -9.41 -9.57
C GLN A 14 -3.11 -9.96 -8.15
N LEU A 15 -3.78 -9.30 -7.21
CA LEU A 15 -3.73 -9.68 -5.79
C LEU A 15 -4.48 -11.00 -5.54
N THR A 16 -5.34 -11.40 -6.47
CA THR A 16 -6.07 -12.65 -6.31
C THR A 16 -5.42 -13.75 -7.14
N LEU A 17 -4.75 -13.36 -8.22
CA LEU A 17 -4.06 -14.32 -9.07
C LEU A 17 -2.75 -14.73 -8.43
N ASN A 18 -2.05 -13.74 -7.88
CA ASN A 18 -0.78 -13.96 -7.21
C ASN A 18 -0.82 -13.29 -5.84
N PRO A 19 -1.52 -13.91 -4.88
CA PRO A 19 -1.69 -13.38 -3.53
C PRO A 19 -0.43 -13.56 -2.67
N PRO A 20 0.13 -12.44 -2.15
CA PRO A 20 1.30 -12.49 -1.29
C PRO A 20 1.01 -13.28 -0.02
N GLU A 21 2.01 -14.00 0.47
CA GLU A 21 1.85 -14.83 1.66
C GLU A 21 1.52 -14.00 2.90
N GLY A 22 0.34 -14.24 3.45
CA GLY A 22 -0.08 -13.53 4.65
C GLY A 22 -0.69 -12.18 4.37
N ILE A 23 -1.05 -11.91 3.11
CA ILE A 23 -1.64 -10.64 2.74
C ILE A 23 -2.96 -10.84 1.99
N VAL A 24 -4.06 -10.51 2.65
CA VAL A 24 -5.38 -10.62 2.07
C VAL A 24 -5.95 -9.23 1.82
N ALA A 25 -5.96 -8.79 0.57
CA ALA A 25 -6.47 -7.46 0.25
C ALA A 25 -7.46 -7.49 -0.90
N GLY A 26 -8.49 -6.66 -0.80
CA GLY A 26 -9.50 -6.59 -1.83
C GLY A 26 -10.60 -5.61 -1.47
N PRO A 27 -11.50 -5.28 -2.41
CA PRO A 27 -12.60 -4.34 -2.16
C PRO A 27 -13.68 -4.96 -1.27
N MET A 28 -14.40 -4.11 -0.54
CA MET A 28 -15.48 -4.57 0.33
C MET A 28 -16.60 -5.18 -0.48
N ASN A 29 -16.77 -4.66 -1.69
CA ASN A 29 -17.82 -5.14 -2.58
C ASN A 29 -17.41 -4.88 -4.02
N GLU A 30 -18.01 -5.60 -4.97
CA GLU A 30 -17.70 -5.41 -6.37
C GLU A 30 -18.20 -4.05 -6.85
N GLU A 31 -19.23 -3.55 -6.20
CA GLU A 31 -19.80 -2.26 -6.55
C GLU A 31 -18.97 -1.13 -5.96
N ASN A 32 -18.21 -1.44 -4.92
CA ASN A 32 -17.38 -0.44 -4.26
C ASN A 32 -15.91 -0.84 -4.33
N PHE A 33 -15.24 -0.37 -5.36
CA PHE A 33 -13.83 -0.67 -5.57
C PHE A 33 -12.95 0.43 -4.98
N PHE A 34 -13.55 1.28 -4.14
CA PHE A 34 -12.82 2.37 -3.51
C PHE A 34 -12.52 2.06 -2.05
N GLU A 35 -13.41 1.29 -1.43
CA GLU A 35 -13.24 0.89 -0.04
C GLU A 35 -12.70 -0.54 0.00
N TRP A 36 -11.44 -0.68 0.36
CA TRP A 36 -10.80 -1.99 0.41
C TRP A 36 -10.54 -2.43 1.85
N GLU A 37 -10.58 -3.74 2.06
CA GLU A 37 -10.30 -4.32 3.37
C GLU A 37 -9.05 -5.17 3.26
N ALA A 38 -8.10 -4.93 4.12
CA ALA A 38 -6.86 -5.67 4.08
C ALA A 38 -6.57 -6.39 5.39
N LEU A 39 -6.29 -7.67 5.27
CA LEU A 39 -5.94 -8.50 6.41
C LEU A 39 -4.49 -8.93 6.26
N ILE A 40 -3.61 -8.34 7.04
CA ILE A 40 -2.19 -8.68 6.96
C ILE A 40 -1.73 -9.39 8.23
N MET A 41 -1.10 -10.54 8.03
CA MET A 41 -0.60 -11.32 9.15
C MET A 41 0.85 -10.95 9.44
N GLY A 42 1.12 -10.54 10.66
CA GLY A 42 2.46 -10.17 11.07
C GLY A 42 3.47 -11.28 10.82
N PRO A 43 4.64 -10.94 10.26
CA PRO A 43 5.70 -11.91 9.96
C PRO A 43 6.19 -12.65 11.20
N GLU A 44 6.64 -13.87 11.02
CA GLU A 44 7.12 -14.68 12.12
C GLU A 44 8.48 -14.17 12.62
N ASP A 45 8.75 -14.39 13.91
CA ASP A 45 10.00 -14.00 14.55
C ASP A 45 10.06 -12.50 14.82
N THR A 46 8.94 -11.82 14.63
CA THR A 46 8.89 -10.39 14.86
C THR A 46 8.15 -10.09 16.18
N CYS A 47 7.80 -8.84 16.38
CA CYS A 47 7.09 -8.44 17.59
C CYS A 47 5.58 -8.57 17.39
N PHE A 48 5.17 -8.77 16.15
CA PHE A 48 3.75 -8.90 15.82
C PHE A 48 3.50 -10.15 15.00
N GLU A 49 4.20 -11.23 15.32
CA GLU A 49 4.03 -12.48 14.59
C GLU A 49 2.65 -13.08 14.81
N PHE A 50 2.07 -13.60 13.73
CA PHE A 50 0.75 -14.24 13.74
C PHE A 50 -0.37 -13.24 14.02
N GLY A 51 -0.12 -11.98 13.74
CA GLY A 51 -1.13 -10.97 13.98
C GLY A 51 -1.94 -10.63 12.73
N VAL A 52 -3.16 -11.14 12.65
CA VAL A 52 -4.05 -10.85 11.53
C VAL A 52 -4.69 -9.47 11.76
N PHE A 53 -4.02 -8.44 11.26
CA PHE A 53 -4.47 -7.06 11.46
C PHE A 53 -5.40 -6.60 10.35
N PRO A 54 -6.61 -6.13 10.72
CA PRO A 54 -7.59 -5.63 9.77
C PRO A 54 -7.44 -4.13 9.51
N ALA A 55 -7.19 -3.78 8.26
CA ALA A 55 -7.03 -2.38 7.88
C ALA A 55 -7.96 -2.01 6.74
N ILE A 56 -8.38 -0.75 6.73
CA ILE A 56 -9.27 -0.24 5.69
C ILE A 56 -8.48 0.69 4.77
N LEU A 57 -8.69 0.57 3.47
CA LEU A 57 -8.00 1.41 2.51
C LEU A 57 -8.99 2.11 1.59
N SER A 58 -9.12 3.42 1.77
CA SER A 58 -10.01 4.22 0.93
C SER A 58 -9.23 4.88 -0.20
N PHE A 59 -9.57 4.54 -1.43
CA PHE A 59 -8.88 5.10 -2.59
C PHE A 59 -9.62 6.30 -3.16
N PRO A 60 -8.86 7.30 -3.67
CA PRO A 60 -9.43 8.50 -4.26
C PRO A 60 -9.85 8.28 -5.72
N LEU A 61 -10.53 9.28 -6.29
CA LEU A 61 -11.01 9.17 -7.67
C LEU A 61 -9.92 9.61 -8.66
N ASP A 62 -8.90 10.28 -8.15
CA ASP A 62 -7.79 10.75 -8.99
C ASP A 62 -6.64 9.76 -8.92
N TYR A 63 -6.93 8.58 -8.36
CA TYR A 63 -5.95 7.51 -8.23
C TYR A 63 -5.36 7.16 -9.61
N PRO A 64 -4.06 6.84 -9.68
CA PRO A 64 -3.14 6.77 -8.55
C PRO A 64 -2.32 8.05 -8.32
N LEU A 65 -2.88 9.21 -8.64
CA LEU A 65 -2.16 10.47 -8.43
C LEU A 65 -2.05 10.75 -6.93
N SER A 66 -3.09 10.39 -6.20
CA SER A 66 -3.10 10.56 -4.75
C SER A 66 -3.05 9.21 -4.06
N PRO A 67 -2.48 9.14 -2.84
CA PRO A 67 -2.36 7.89 -2.09
C PRO A 67 -3.67 7.53 -1.39
N PRO A 68 -3.86 6.24 -1.06
CA PRO A 68 -5.07 5.77 -0.38
C PRO A 68 -5.05 6.11 1.11
N LYS A 69 -6.23 6.09 1.72
CA LYS A 69 -6.36 6.36 3.14
C LYS A 69 -6.41 5.04 3.90
N MET A 70 -5.29 4.69 4.53
CA MET A 70 -5.20 3.44 5.27
C MET A 70 -5.41 3.66 6.76
N ARG A 71 -6.42 3.01 7.31
CA ARG A 71 -6.74 3.11 8.72
C ARG A 71 -6.99 1.72 9.30
N PHE A 72 -6.32 1.40 10.40
CA PHE A 72 -6.48 0.10 11.04
C PHE A 72 -7.77 0.05 11.85
N THR A 73 -8.49 -1.05 11.73
CA THR A 73 -9.75 -1.23 12.44
C THR A 73 -9.56 -2.13 13.66
N CYS A 74 -8.60 -1.77 14.50
CA CYS A 74 -8.29 -2.51 15.71
C CYS A 74 -7.33 -1.70 16.57
N GLU A 75 -6.87 -2.28 17.66
CA GLU A 75 -5.91 -1.61 18.52
C GLU A 75 -4.52 -1.80 17.95
N MET A 76 -3.69 -0.76 18.06
CA MET A 76 -2.34 -0.83 17.54
C MET A 76 -1.37 -0.07 18.42
N PHE A 77 -0.14 -0.56 18.50
CA PHE A 77 0.89 0.07 19.30
C PHE A 77 2.12 0.30 18.45
N HIS A 78 1.94 1.03 17.35
CA HIS A 78 3.02 1.31 16.44
C HIS A 78 3.26 2.82 16.37
N PRO A 79 4.54 3.25 16.47
CA PRO A 79 4.91 4.67 16.43
C PRO A 79 4.44 5.42 15.18
N ASN A 80 4.35 4.70 14.06
CA ASN A 80 3.95 5.31 12.80
C ASN A 80 2.43 5.28 12.61
N ILE A 81 1.71 4.83 13.64
CA ILE A 81 0.26 4.75 13.57
C ILE A 81 -0.37 5.64 14.63
N TYR A 82 -1.32 6.48 14.21
CA TYR A 82 -2.02 7.37 15.13
C TYR A 82 -2.97 6.58 16.01
N PRO A 83 -3.40 7.14 17.17
CA PRO A 83 -4.33 6.46 18.09
C PRO A 83 -5.70 6.21 17.46
N ASP A 84 -5.92 6.81 16.30
CA ASP A 84 -7.17 6.66 15.57
C ASP A 84 -7.07 5.54 14.54
N GLY A 85 -5.85 5.04 14.34
CA GLY A 85 -5.64 3.97 13.40
C GLY A 85 -5.05 4.39 12.08
N ARG A 86 -4.89 5.70 11.86
CA ARG A 86 -4.33 6.19 10.61
C ARG A 86 -2.84 5.86 10.50
N VAL A 87 -2.47 5.26 9.39
CA VAL A 87 -1.09 4.90 9.14
C VAL A 87 -0.35 6.05 8.47
N CYS A 88 0.76 6.48 9.05
CA CYS A 88 1.53 7.57 8.49
C CYS A 88 2.96 7.12 8.16
N ILE A 89 3.22 6.97 6.87
CA ILE A 89 4.52 6.56 6.38
C ILE A 89 4.88 7.33 5.12
N SER A 90 6.18 7.53 4.90
CA SER A 90 6.69 8.27 3.75
C SER A 90 6.14 7.77 2.41
N ILE A 91 5.83 6.49 2.29
CA ILE A 91 5.32 5.95 1.03
C ILE A 91 3.90 6.47 0.74
N LEU A 92 3.23 6.96 1.78
CA LEU A 92 1.88 7.49 1.64
C LEU A 92 1.92 9.01 1.69
N HIS A 93 3.11 9.57 1.52
CA HIS A 93 3.30 11.01 1.55
C HIS A 93 3.17 11.60 0.16
N ALA A 94 2.21 12.50 0.00
CA ALA A 94 2.00 13.17 -1.27
C ALA A 94 2.38 14.65 -1.13
N PRO A 95 3.47 15.06 -1.79
CA PRO A 95 3.95 16.45 -1.74
C PRO A 95 3.06 17.42 -2.52
N GLY A 96 1.82 17.55 -2.08
CA GLY A 96 0.89 18.44 -2.75
C GLY A 96 0.05 17.71 -3.78
N SER A 105 13.90 14.12 2.54
CA SER A 105 13.08 13.44 1.55
C SER A 105 13.80 12.20 1.01
N ALA A 106 13.09 11.09 0.94
CA ALA A 106 13.64 9.85 0.42
C ALA A 106 12.56 9.03 -0.27
N GLU A 107 11.60 8.56 0.51
CA GLU A 107 10.49 7.79 -0.02
C GLU A 107 9.26 8.68 -0.16
N ARG A 108 8.67 8.70 -1.34
CA ARG A 108 7.50 9.53 -1.61
C ARG A 108 6.50 8.76 -2.44
N TRP A 109 5.26 9.23 -2.48
CA TRP A 109 4.23 8.59 -3.26
C TRP A 109 4.48 8.81 -4.74
N SER A 110 4.23 7.77 -5.53
CA SER A 110 4.42 7.83 -6.96
C SER A 110 3.40 6.93 -7.64
N PRO A 111 2.96 7.29 -8.85
CA PRO A 111 1.97 6.50 -9.60
C PRO A 111 2.43 5.07 -9.89
N VAL A 112 3.75 4.88 -9.88
CA VAL A 112 4.35 3.57 -10.12
C VAL A 112 4.18 2.65 -8.91
N GLN A 113 3.77 3.24 -7.79
CA GLN A 113 3.58 2.50 -6.56
C GLN A 113 2.18 1.91 -6.50
N SER A 114 2.09 0.59 -6.59
CA SER A 114 0.81 -0.08 -6.53
C SER A 114 0.50 -0.48 -5.09
N VAL A 115 -0.71 -0.96 -4.86
CA VAL A 115 -1.15 -1.36 -3.52
C VAL A 115 -0.25 -2.43 -2.91
N GLU A 116 0.30 -3.31 -3.75
CA GLU A 116 1.16 -4.38 -3.28
C GLU A 116 2.39 -3.81 -2.56
N LYS A 117 2.99 -2.76 -3.13
CA LYS A 117 4.16 -2.13 -2.55
C LYS A 117 3.77 -1.39 -1.27
N ILE A 118 2.55 -0.87 -1.24
CA ILE A 118 2.05 -0.18 -0.07
C ILE A 118 1.94 -1.15 1.10
N LEU A 119 1.30 -2.28 0.85
CA LEU A 119 1.11 -3.31 1.87
C LEU A 119 2.45 -3.84 2.36
N LEU A 120 3.35 -4.14 1.43
CA LEU A 120 4.67 -4.66 1.77
C LEU A 120 5.43 -3.68 2.67
N SER A 121 5.32 -2.40 2.37
CA SER A 121 5.99 -1.38 3.17
C SER A 121 5.45 -1.37 4.60
N VAL A 122 4.13 -1.55 4.73
CA VAL A 122 3.50 -1.58 6.04
C VAL A 122 3.99 -2.80 6.82
N VAL A 123 4.09 -3.93 6.12
CA VAL A 123 4.58 -5.16 6.73
C VAL A 123 6.00 -4.97 7.23
N SER A 124 6.81 -4.28 6.42
CA SER A 124 8.20 -4.02 6.75
C SER A 124 8.29 -3.06 7.95
N MET A 125 7.37 -2.11 8.01
CA MET A 125 7.35 -1.13 9.09
C MET A 125 6.95 -1.78 10.41
N LEU A 126 6.14 -2.83 10.35
CA LEU A 126 5.69 -3.53 11.55
C LEU A 126 6.81 -4.41 12.09
N ALA A 127 7.52 -5.07 11.19
CA ALA A 127 8.63 -5.93 11.56
C ALA A 127 9.83 -5.09 11.99
N GLU A 128 9.95 -3.92 11.37
CA GLU A 128 11.03 -3.00 11.66
C GLU A 128 10.48 -1.60 11.95
N PRO A 129 10.01 -1.37 13.19
CA PRO A 129 9.46 -0.07 13.60
C PRO A 129 10.47 1.05 13.42
N ASN A 130 10.17 1.98 12.52
CA ASN A 130 11.04 3.11 12.24
C ASN A 130 10.26 4.41 12.40
N ASP A 131 10.41 5.05 13.55
CA ASP A 131 9.70 6.29 13.83
C ASP A 131 10.21 7.43 12.95
N GLU A 132 9.42 7.80 11.97
CA GLU A 132 9.77 8.90 11.07
C GLU A 132 8.72 10.00 11.19
N SER A 133 7.49 9.59 11.41
CA SER A 133 6.38 10.53 11.55
C SER A 133 6.19 10.93 13.01
N GLY A 134 6.19 9.94 13.89
CA GLY A 134 6.01 10.22 15.31
C GLY A 134 4.55 10.43 15.64
N ALA A 135 3.72 9.46 15.28
CA ALA A 135 2.29 9.54 15.53
C ALA A 135 1.98 9.12 16.97
N ASN A 136 2.32 7.89 17.29
CA ASN A 136 2.10 7.38 18.63
C ASN A 136 3.33 7.63 19.48
N VAL A 137 3.43 8.85 19.99
CA VAL A 137 4.56 9.28 20.82
C VAL A 137 4.83 8.33 21.98
N ASP A 138 3.78 7.77 22.56
CA ASP A 138 3.93 6.85 23.68
C ASP A 138 4.66 5.59 23.24
N ALA A 139 4.37 5.15 22.02
CA ALA A 139 5.01 3.97 21.46
C ALA A 139 6.42 4.29 21.01
N SER A 140 6.59 5.45 20.35
CA SER A 140 7.89 5.88 19.88
C SER A 140 8.89 5.97 21.03
N LYS A 141 8.46 6.59 22.12
CA LYS A 141 9.30 6.74 23.29
C LYS A 141 9.62 5.39 23.91
N MET A 142 8.59 4.55 24.06
CA MET A 142 8.76 3.24 24.66
C MET A 142 9.69 2.37 23.82
N TRP A 143 9.53 2.42 22.50
CA TRP A 143 10.35 1.63 21.59
C TRP A 143 11.85 1.86 21.83
N ARG A 144 12.21 3.11 22.07
CA ARG A 144 13.60 3.46 22.29
C ARG A 144 13.98 3.38 23.77
N ASP A 145 13.09 3.82 24.64
CA ASP A 145 13.36 3.84 26.07
C ASP A 145 13.32 2.45 26.71
N ASP A 146 12.40 1.61 26.26
CA ASP A 146 12.26 0.26 26.81
C ASP A 146 11.81 -0.71 25.74
N ARG A 147 12.79 -1.36 25.11
CA ARG A 147 12.51 -2.32 24.05
C ARG A 147 11.75 -3.53 24.58
N GLU A 148 11.97 -3.84 25.85
CA GLU A 148 11.30 -4.98 26.48
C GLU A 148 9.83 -4.69 26.72
N GLN A 149 9.53 -3.54 27.31
CA GLN A 149 8.16 -3.14 27.59
C GLN A 149 7.36 -3.01 26.30
N PHE A 150 8.01 -2.50 25.26
CA PHE A 150 7.38 -2.34 23.96
C PHE A 150 6.91 -3.69 23.42
N TYR A 151 7.78 -4.69 23.55
CA TYR A 151 7.48 -6.04 23.09
C TYR A 151 6.32 -6.64 23.88
N LYS A 152 6.21 -6.25 25.14
CA LYS A 152 5.15 -6.74 26.02
C LYS A 152 3.80 -6.31 25.48
N ILE A 153 3.68 -5.04 25.13
CA ILE A 153 2.44 -4.51 24.60
C ILE A 153 2.21 -4.99 23.17
N ALA A 154 3.31 -5.18 22.44
CA ALA A 154 3.25 -5.64 21.07
C ALA A 154 2.55 -7.00 20.98
N LYS A 155 2.91 -7.91 21.86
CA LYS A 155 2.32 -9.23 21.88
C LYS A 155 0.83 -9.14 22.25
N GLN A 156 0.50 -8.19 23.12
CA GLN A 156 -0.88 -7.98 23.54
C GLN A 156 -1.76 -7.64 22.34
N ILE A 157 -1.18 -6.88 21.40
CA ILE A 157 -1.88 -6.50 20.19
C ILE A 157 -2.20 -7.74 19.35
N VAL A 158 -1.30 -8.71 19.39
CA VAL A 158 -1.47 -9.96 18.65
C VAL A 158 -2.65 -10.74 19.22
N GLN A 159 -2.72 -10.82 20.55
CA GLN A 159 -3.80 -11.50 21.22
C GLN A 159 -5.13 -10.83 20.89
N LYS A 160 -5.10 -9.51 20.81
CA LYS A 160 -6.28 -8.71 20.53
C LYS A 160 -6.74 -8.88 19.08
N SER A 161 -5.80 -8.88 18.15
CA SER A 161 -6.13 -9.01 16.73
C SER A 161 -6.70 -10.40 16.43
N LEU A 162 -5.99 -11.44 16.90
CA LEU A 162 -6.44 -12.81 16.70
C LEU A 162 -7.73 -13.09 17.47
N GLY A 163 -7.86 -12.44 18.63
CA GLY A 163 -9.04 -12.63 19.44
C GLY A 163 -8.87 -13.78 20.40
N LEU A 164 -7.74 -13.82 21.07
CA LEU A 164 -7.45 -14.88 22.03
C LEU A 164 -7.10 -14.29 23.39
N SER B 1 -16.72 -14.68 -10.85
CA SER B 1 -16.97 -13.38 -11.45
C SER B 1 -17.56 -12.40 -10.42
N ALA B 2 -18.78 -11.94 -10.67
CA ALA B 2 -19.46 -10.97 -9.81
C ALA B 2 -19.40 -11.27 -8.31
N ASP B 3 -19.79 -12.46 -7.91
CA ASP B 3 -19.77 -12.77 -6.49
C ASP B 3 -18.84 -13.94 -6.19
N GLU B 4 -18.30 -14.54 -7.22
CA GLU B 4 -17.37 -15.64 -7.05
C GLU B 4 -16.10 -15.15 -6.34
N ARG B 5 -15.66 -13.96 -6.74
CA ARG B 5 -14.48 -13.36 -6.16
C ARG B 5 -14.76 -12.87 -4.75
N GLN B 6 -15.96 -12.30 -4.56
CA GLN B 6 -16.37 -11.76 -3.28
C GLN B 6 -16.32 -12.82 -2.17
N ARG B 7 -16.83 -14.02 -2.45
CA ARG B 7 -16.81 -15.09 -1.45
C ARG B 7 -15.39 -15.59 -1.23
N MET B 8 -14.69 -15.85 -2.33
CA MET B 8 -13.30 -16.30 -2.29
C MET B 8 -12.46 -15.43 -1.35
N LEU B 9 -12.55 -14.12 -1.55
CA LEU B 9 -11.82 -13.16 -0.73
C LEU B 9 -12.13 -13.31 0.75
N VAL B 10 -13.42 -13.36 1.10
CA VAL B 10 -13.82 -13.54 2.50
C VAL B 10 -13.18 -14.82 3.06
N GLN B 11 -13.14 -15.84 2.22
CA GLN B 11 -12.54 -17.12 2.59
C GLN B 11 -11.06 -16.94 2.92
N ARG B 12 -10.36 -16.15 2.10
CA ARG B 12 -8.93 -15.91 2.31
C ARG B 12 -8.70 -15.22 3.65
N LYS B 13 -9.60 -14.30 3.97
CA LYS B 13 -9.51 -13.55 5.21
C LYS B 13 -9.73 -14.45 6.41
N ASP B 14 -10.65 -15.39 6.27
CA ASP B 14 -10.95 -16.33 7.34
C ASP B 14 -9.77 -17.26 7.50
N GLU B 15 -9.43 -17.97 6.42
CA GLU B 15 -8.28 -18.87 6.39
C GLU B 15 -7.07 -18.23 7.08
N LEU B 16 -6.51 -17.20 6.42
CA LEU B 16 -5.37 -16.43 6.96
C LEU B 16 -5.47 -16.25 8.46
N LEU B 17 -6.58 -15.69 8.91
CA LEU B 17 -6.81 -15.43 10.32
C LEU B 17 -6.71 -16.73 11.13
N GLN B 18 -7.54 -17.70 10.78
CA GLN B 18 -7.55 -19.01 11.47
C GLN B 18 -6.15 -19.61 11.52
N GLN B 19 -5.35 -19.37 10.49
CA GLN B 19 -3.99 -19.88 10.42
C GLN B 19 -3.14 -19.24 11.51
N ALA B 20 -3.14 -17.90 11.52
CA ALA B 20 -2.40 -17.14 12.53
C ALA B 20 -2.72 -17.62 13.93
N ARG B 21 -3.99 -17.94 14.13
CA ARG B 21 -4.46 -18.38 15.42
C ARG B 21 -3.89 -19.75 15.75
N LYS B 22 -4.02 -20.68 14.81
CA LYS B 22 -3.48 -22.04 14.95
C LYS B 22 -1.99 -21.99 15.26
N ARG B 23 -1.32 -21.04 14.61
CA ARG B 23 0.11 -20.84 14.76
C ARG B 23 0.43 -20.28 16.14
N PHE B 24 0.05 -19.03 16.36
CA PHE B 24 0.26 -18.32 17.63
C PHE B 24 0.13 -19.21 18.87
N LEU B 25 -0.90 -20.04 18.92
CA LEU B 25 -1.13 -20.89 20.08
C LEU B 25 -0.16 -22.08 20.11
N ASN B 26 -0.07 -22.81 19.00
CA ASN B 26 0.84 -23.97 18.89
C ASN B 26 2.31 -23.57 19.10
N LYS B 27 2.57 -22.26 19.04
CA LYS B 27 3.93 -21.74 19.19
C LYS B 27 4.40 -21.78 20.65
N ALA C 1 3.93 18.59 -26.36
CA ALA C 1 5.29 18.36 -26.90
C ALA C 1 5.52 16.87 -27.09
N VAL C 2 5.71 16.44 -28.33
CA VAL C 2 5.94 15.05 -28.64
C VAL C 2 7.17 14.89 -29.52
N ALA C 3 8.29 14.55 -28.91
CA ALA C 3 9.54 14.37 -29.63
C ALA C 3 9.61 12.98 -30.25
N THR C 4 9.15 11.99 -29.52
CA THR C 4 9.16 10.61 -29.99
C THR C 4 7.89 10.29 -30.77
N PRO C 5 8.01 9.54 -31.88
CA PRO C 5 6.86 9.16 -32.71
C PRO C 5 5.91 8.21 -31.99
N GLU C 6 4.73 8.01 -32.56
CA GLU C 6 3.72 7.12 -31.98
C GLU C 6 4.22 5.68 -31.96
N GLU C 7 5.25 5.41 -32.76
CA GLU C 7 5.84 4.08 -32.85
C GLU C 7 6.40 3.66 -31.48
N LEU C 8 6.82 4.65 -30.70
CA LEU C 8 7.35 4.40 -29.37
C LEU C 8 6.23 3.93 -28.45
N ALA C 9 5.03 4.47 -28.67
CA ALA C 9 3.87 4.13 -27.86
C ALA C 9 3.38 2.73 -28.22
N VAL C 10 3.75 2.26 -29.41
CA VAL C 10 3.37 0.92 -29.85
C VAL C 10 4.19 -0.11 -29.09
N ASN C 11 5.48 0.16 -28.98
CA ASN C 11 6.40 -0.71 -28.27
C ASN C 11 6.16 -0.63 -26.77
N ASN C 12 6.06 0.59 -26.27
CA ASN C 12 5.81 0.82 -24.86
C ASN C 12 4.33 1.09 -24.63
N ASP C 13 3.55 0.04 -24.68
CA ASP C 13 2.10 0.11 -24.51
C ASP C 13 1.68 0.22 -23.05
N ASP C 14 2.51 0.82 -22.22
CA ASP C 14 2.19 0.97 -20.81
C ASP C 14 2.49 2.38 -20.33
N CYS C 15 2.11 2.65 -19.09
CA CYS C 15 2.31 3.97 -18.49
C CYS C 15 2.27 3.83 -16.97
N ALA C 16 3.40 4.06 -16.32
CA ALA C 16 3.49 3.97 -14.87
C ALA C 16 2.89 5.19 -14.18
N ILE C 17 1.80 5.72 -14.77
CA ILE C 17 1.12 6.88 -14.22
C ILE C 17 -0.39 6.74 -14.41
N CYS C 18 -0.82 6.65 -15.65
CA CYS C 18 -2.24 6.54 -15.97
C CYS C 18 -2.61 5.12 -16.37
N TRP C 19 -1.61 4.25 -16.46
CA TRP C 19 -1.80 2.87 -16.88
C TRP C 19 -2.27 2.85 -18.35
N ASP C 20 -2.41 1.65 -18.91
CA ASP C 20 -2.85 1.48 -20.30
C ASP C 20 -1.92 2.19 -21.28
N SER C 21 -2.34 2.29 -22.53
CA SER C 21 -1.55 2.95 -23.56
C SER C 21 -2.26 4.21 -24.08
N MET C 22 -1.50 5.10 -24.70
CA MET C 22 -2.05 6.32 -25.27
C MET C 22 -1.49 6.53 -26.68
N GLN C 23 -0.77 7.64 -26.90
CA GLN C 23 -0.21 7.93 -28.22
C GLN C 23 1.05 8.79 -28.10
N ALA C 24 0.92 9.91 -27.42
CA ALA C 24 2.04 10.82 -27.24
C ALA C 24 2.86 10.42 -26.02
N ALA C 25 4.16 10.20 -26.23
CA ALA C 25 5.05 9.81 -25.15
C ALA C 25 6.35 10.58 -25.21
N ARG C 26 6.86 10.98 -24.05
CA ARG C 26 8.11 11.72 -23.97
C ARG C 26 9.14 10.94 -23.15
N LYS C 27 10.38 10.96 -23.62
CA LYS C 27 11.47 10.28 -22.93
C LYS C 27 12.09 11.20 -21.89
N LEU C 28 12.14 10.74 -20.65
CA LEU C 28 12.72 11.52 -19.58
C LEU C 28 14.23 11.25 -19.47
N PRO C 29 14.99 12.24 -18.95
CA PRO C 29 16.46 12.13 -18.82
C PRO C 29 16.91 11.07 -17.81
N CYS C 30 15.95 10.34 -17.25
CA CYS C 30 16.25 9.30 -16.29
C CYS C 30 15.96 7.93 -16.88
N GLY C 31 15.63 7.91 -18.17
CA GLY C 31 15.32 6.66 -18.84
C GLY C 31 13.92 6.19 -18.57
N HIS C 32 12.95 7.06 -18.83
CA HIS C 32 11.55 6.74 -18.62
C HIS C 32 10.71 7.27 -19.77
N LEU C 33 9.66 6.54 -20.13
CA LEU C 33 8.78 6.93 -21.21
C LEU C 33 7.38 7.20 -20.66
N PHE C 34 7.02 8.47 -20.54
CA PHE C 34 5.72 8.84 -20.01
C PHE C 34 4.95 9.70 -21.00
N HIS C 35 3.64 9.55 -21.01
CA HIS C 35 2.77 10.32 -21.89
C HIS C 35 2.78 11.79 -21.48
N ASN C 36 2.62 12.68 -22.45
CA ASN C 36 2.63 14.13 -22.18
C ASN C 36 1.59 14.53 -21.14
N SER C 37 0.35 14.10 -21.36
CA SER C 37 -0.75 14.43 -20.45
C SER C 37 -0.46 13.91 -19.03
N CYS C 38 0.19 12.76 -18.95
CA CYS C 38 0.51 12.16 -17.66
C CYS C 38 1.71 12.86 -17.03
N LEU C 39 2.68 13.21 -17.87
CA LEU C 39 3.89 13.89 -17.42
C LEU C 39 3.55 15.23 -16.81
N ARG C 40 2.78 16.03 -17.53
CA ARG C 40 2.39 17.36 -17.06
C ARG C 40 1.60 17.25 -15.75
N SER C 41 0.70 16.28 -15.69
CA SER C 41 -0.12 16.07 -14.51
C SER C 41 0.76 15.83 -13.28
N TRP C 42 1.82 15.05 -13.46
CA TRP C 42 2.73 14.75 -12.37
C TRP C 42 3.64 15.95 -12.09
N LEU C 43 4.05 16.64 -13.15
CA LEU C 43 4.92 17.82 -13.01
C LEU C 43 4.20 18.94 -12.24
N GLU C 44 2.87 18.85 -12.21
CA GLU C 44 2.08 19.82 -11.50
C GLU C 44 1.87 19.38 -10.06
N GLN C 45 2.44 18.22 -9.73
CA GLN C 45 2.35 17.67 -8.40
C GLN C 45 3.72 17.73 -7.73
N ASP C 46 4.73 17.19 -8.40
CA ASP C 46 6.10 17.21 -7.89
C ASP C 46 7.09 17.12 -9.04
N THR C 47 8.34 17.47 -8.79
CA THR C 47 9.37 17.45 -9.82
C THR C 47 10.22 16.18 -9.75
N SER C 48 9.76 15.20 -8.98
CA SER C 48 10.49 13.95 -8.84
C SER C 48 9.95 12.90 -9.80
N CYS C 49 10.82 12.01 -10.27
CA CYS C 49 10.40 10.97 -11.19
C CYS C 49 10.05 9.71 -10.39
N PRO C 50 8.89 9.10 -10.68
CA PRO C 50 8.37 7.90 -10.00
C PRO C 50 9.43 6.89 -9.57
N THR C 51 9.92 6.08 -10.50
CA THR C 51 10.92 5.06 -10.17
C THR C 51 12.34 5.62 -10.21
N CYS C 52 12.52 6.80 -9.63
CA CYS C 52 13.84 7.43 -9.57
C CYS C 52 13.99 8.21 -8.27
N ARG C 53 12.90 8.88 -7.87
CA ARG C 53 12.84 9.69 -6.64
C ARG C 53 13.57 11.02 -6.80
N MET C 54 14.60 11.02 -7.65
CA MET C 54 15.36 12.23 -7.91
C MET C 54 14.57 13.18 -8.81
N SER C 55 14.75 14.47 -8.61
CA SER C 55 14.07 15.48 -9.39
C SER C 55 14.72 15.64 -10.76
N LEU C 56 13.91 15.85 -11.78
CA LEU C 56 14.42 16.02 -13.14
C LEU C 56 14.78 17.48 -13.38
N ASN C 57 15.90 17.71 -14.06
CA ASN C 57 16.36 19.05 -14.35
C ASN C 57 16.05 19.46 -15.79
N ILE C 58 15.35 18.58 -16.52
CA ILE C 58 14.99 18.87 -17.89
C ILE C 58 13.84 17.97 -18.36
ZN ZN D . -0.21 7.82 -19.76
ZN ZN E . 12.58 8.02 -14.26
N ALA A 1 -15.51 4.65 -17.13
CA ALA A 1 -14.28 4.03 -16.62
C ALA A 1 -13.11 5.01 -16.69
N GLY A 2 -12.60 5.40 -15.53
CA GLY A 2 -11.49 6.33 -15.47
C GLY A 2 -10.20 5.63 -15.11
N THR A 3 -9.17 6.42 -14.82
CA THR A 3 -7.87 5.88 -14.47
C THR A 3 -7.94 5.01 -13.21
N ALA A 4 -8.74 5.46 -12.25
CA ALA A 4 -8.90 4.77 -10.99
C ALA A 4 -9.49 3.37 -11.17
N LEU A 5 -10.67 3.30 -11.77
CA LEU A 5 -11.37 2.03 -11.96
C LEU A 5 -10.52 1.01 -12.72
N LYS A 6 -9.93 1.42 -13.84
CA LYS A 6 -9.11 0.51 -14.64
C LYS A 6 -7.88 0.01 -13.88
N ARG A 7 -7.15 0.93 -13.29
CA ARG A 7 -5.94 0.60 -12.54
C ARG A 7 -6.27 -0.21 -11.28
N LEU A 8 -7.31 0.19 -10.57
CA LEU A 8 -7.71 -0.48 -9.33
C LEU A 8 -8.15 -1.92 -9.59
N MET A 9 -8.93 -2.11 -10.64
CA MET A 9 -9.41 -3.44 -10.99
C MET A 9 -8.24 -4.37 -11.31
N ALA A 10 -7.24 -3.82 -11.99
CA ALA A 10 -6.06 -4.59 -12.35
C ALA A 10 -5.26 -4.98 -11.11
N GLU A 11 -5.22 -4.08 -10.13
CA GLU A 11 -4.50 -4.34 -8.89
C GLU A 11 -5.12 -5.50 -8.13
N TYR A 12 -6.45 -5.49 -8.00
CA TYR A 12 -7.15 -6.57 -7.30
C TYR A 12 -6.96 -7.89 -8.05
N LYS A 13 -6.99 -7.82 -9.38
CA LYS A 13 -6.81 -8.99 -10.22
C LYS A 13 -5.46 -9.66 -9.91
N GLN A 14 -4.43 -8.84 -9.80
CA GLN A 14 -3.09 -9.33 -9.50
C GLN A 14 -3.04 -9.88 -8.07
N LEU A 15 -3.74 -9.21 -7.16
CA LEU A 15 -3.77 -9.62 -5.76
C LEU A 15 -4.50 -10.94 -5.56
N THR A 16 -5.23 -11.40 -6.56
CA THR A 16 -5.94 -12.67 -6.47
C THR A 16 -5.28 -13.72 -7.35
N LEU A 17 -4.61 -13.27 -8.41
CA LEU A 17 -3.91 -14.18 -9.31
C LEU A 17 -2.59 -14.59 -8.68
N ASN A 18 -1.93 -13.62 -8.08
CA ASN A 18 -0.66 -13.85 -7.41
C ASN A 18 -0.73 -13.26 -6.00
N PRO A 19 -1.42 -13.95 -5.09
CA PRO A 19 -1.60 -13.50 -3.72
C PRO A 19 -0.37 -13.72 -2.85
N PRO A 20 0.12 -12.67 -2.18
CA PRO A 20 1.27 -12.77 -1.29
C PRO A 20 0.88 -13.48 0.00
N GLU A 21 1.71 -14.40 0.45
CA GLU A 21 1.43 -15.14 1.67
C GLU A 21 1.36 -14.21 2.88
N GLY A 22 0.24 -14.22 3.57
CA GLY A 22 0.06 -13.38 4.73
C GLY A 22 -0.65 -12.08 4.42
N ILE A 23 -0.94 -11.85 3.13
CA ILE A 23 -1.62 -10.62 2.72
C ILE A 23 -2.95 -10.92 2.02
N VAL A 24 -4.03 -10.47 2.63
CA VAL A 24 -5.37 -10.66 2.06
C VAL A 24 -6.04 -9.29 1.86
N ALA A 25 -5.84 -8.70 0.69
CA ALA A 25 -6.42 -7.40 0.40
C ALA A 25 -7.43 -7.49 -0.74
N GLY A 26 -8.49 -6.70 -0.63
CA GLY A 26 -9.51 -6.68 -1.66
C GLY A 26 -10.61 -5.69 -1.34
N PRO A 27 -11.47 -5.37 -2.32
CA PRO A 27 -12.57 -4.42 -2.12
C PRO A 27 -13.66 -4.98 -1.21
N MET A 28 -14.36 -4.08 -0.52
CA MET A 28 -15.44 -4.49 0.39
C MET A 28 -16.56 -5.14 -0.40
N ASN A 29 -16.72 -4.71 -1.64
CA ASN A 29 -17.75 -5.23 -2.52
C ASN A 29 -17.33 -4.97 -3.96
N GLU A 30 -17.76 -5.83 -4.87
CA GLU A 30 -17.41 -5.68 -6.28
C GLU A 30 -17.98 -4.39 -6.85
N GLU A 31 -19.11 -3.96 -6.29
CA GLU A 31 -19.76 -2.73 -6.73
C GLU A 31 -19.19 -1.52 -5.99
N ASN A 32 -18.18 -1.77 -5.15
CA ASN A 32 -17.54 -0.72 -4.38
C ASN A 32 -16.04 -0.93 -4.36
N PHE A 33 -15.36 -0.44 -5.38
CA PHE A 33 -13.91 -0.58 -5.49
C PHE A 33 -13.21 0.62 -4.86
N PHE A 34 -13.95 1.39 -4.07
CA PHE A 34 -13.39 2.55 -3.41
C PHE A 34 -12.91 2.20 -2.01
N GLU A 35 -13.72 1.44 -1.28
CA GLU A 35 -13.36 1.01 0.06
C GLU A 35 -12.84 -0.41 0.04
N TRP A 36 -11.57 -0.56 0.42
CA TRP A 36 -10.94 -1.87 0.43
C TRP A 36 -10.66 -2.34 1.84
N GLU A 37 -10.64 -3.66 2.01
CA GLU A 37 -10.36 -4.28 3.28
C GLU A 37 -9.06 -5.07 3.16
N ALA A 38 -8.13 -4.83 4.06
CA ALA A 38 -6.85 -5.52 4.01
C ALA A 38 -6.56 -6.27 5.30
N LEU A 39 -6.42 -7.58 5.17
CA LEU A 39 -6.08 -8.44 6.30
C LEU A 39 -4.62 -8.81 6.17
N ILE A 40 -3.77 -8.19 6.97
CA ILE A 40 -2.35 -8.47 6.92
C ILE A 40 -1.88 -9.19 8.17
N MET A 41 -1.17 -10.29 7.97
CA MET A 41 -0.65 -11.06 9.07
C MET A 41 0.82 -10.74 9.29
N GLY A 42 1.16 -10.30 10.48
CA GLY A 42 2.54 -9.96 10.79
C GLY A 42 3.47 -11.15 10.63
N PRO A 43 4.65 -10.94 10.02
CA PRO A 43 5.64 -12.01 9.80
C PRO A 43 6.03 -12.70 11.11
N GLU A 44 6.41 -13.97 11.02
CA GLU A 44 6.77 -14.72 12.21
C GLU A 44 8.13 -14.30 12.75
N ASP A 45 8.32 -14.51 14.06
CA ASP A 45 9.57 -14.17 14.74
C ASP A 45 9.75 -12.65 14.85
N THR A 46 8.63 -11.91 14.79
CA THR A 46 8.68 -10.46 14.89
C THR A 46 7.92 -9.97 16.13
N CYS A 47 7.71 -8.67 16.22
CA CYS A 47 7.00 -8.08 17.34
C CYS A 47 5.50 -8.27 17.19
N PHE A 48 5.06 -8.54 15.96
CA PHE A 48 3.65 -8.73 15.68
C PHE A 48 3.43 -10.00 14.86
N GLU A 49 4.13 -11.06 15.24
CA GLU A 49 4.02 -12.31 14.52
C GLU A 49 2.65 -12.94 14.70
N PHE A 50 2.08 -13.40 13.58
CA PHE A 50 0.78 -14.05 13.56
C PHE A 50 -0.35 -13.07 13.86
N GLY A 51 -0.07 -11.80 13.69
CA GLY A 51 -1.08 -10.79 13.94
C GLY A 51 -1.91 -10.47 12.72
N VAL A 52 -3.10 -11.05 12.64
CA VAL A 52 -4.02 -10.80 11.53
C VAL A 52 -4.71 -9.45 11.79
N PHE A 53 -4.11 -8.38 11.28
CA PHE A 53 -4.63 -7.04 11.50
C PHE A 53 -5.52 -6.57 10.37
N PRO A 54 -6.72 -6.05 10.71
CA PRO A 54 -7.67 -5.53 9.74
C PRO A 54 -7.49 -4.04 9.49
N ALA A 55 -7.27 -3.67 8.23
CA ALA A 55 -7.09 -2.28 7.87
C ALA A 55 -8.01 -1.89 6.73
N ILE A 56 -8.54 -0.68 6.78
CA ILE A 56 -9.43 -0.18 5.75
C ILE A 56 -8.69 0.79 4.84
N LEU A 57 -8.76 0.56 3.55
CA LEU A 57 -8.09 1.42 2.58
C LEU A 57 -9.11 2.13 1.69
N SER A 58 -9.27 3.43 1.94
CA SER A 58 -10.21 4.23 1.16
C SER A 58 -9.48 4.93 0.02
N PHE A 59 -9.84 4.59 -1.22
CA PHE A 59 -9.20 5.16 -2.39
C PHE A 59 -9.92 6.40 -2.88
N PRO A 60 -9.16 7.39 -3.40
CA PRO A 60 -9.70 8.63 -3.93
C PRO A 60 -10.13 8.49 -5.39
N LEU A 61 -10.92 9.46 -5.85
CA LEU A 61 -11.42 9.45 -7.22
C LEU A 61 -10.32 9.70 -8.24
N ASP A 62 -9.32 10.50 -7.86
CA ASP A 62 -8.23 10.82 -8.77
C ASP A 62 -7.06 9.85 -8.62
N TYR A 63 -7.38 8.59 -8.41
CA TYR A 63 -6.38 7.54 -8.28
C TYR A 63 -5.78 7.24 -9.66
N PRO A 64 -4.48 6.91 -9.76
CA PRO A 64 -3.57 6.79 -8.63
C PRO A 64 -2.71 8.03 -8.40
N LEU A 65 -3.25 9.21 -8.71
CA LEU A 65 -2.50 10.45 -8.50
C LEU A 65 -2.37 10.75 -7.01
N SER A 66 -3.40 10.39 -6.26
CA SER A 66 -3.41 10.59 -4.82
C SER A 66 -3.43 9.24 -4.11
N PRO A 67 -2.76 9.15 -2.95
CA PRO A 67 -2.69 7.92 -2.16
C PRO A 67 -3.96 7.65 -1.36
N PRO A 68 -4.29 6.36 -1.15
CA PRO A 68 -5.47 5.95 -0.39
C PRO A 68 -5.29 6.16 1.11
N LYS A 69 -6.39 6.30 1.82
CA LYS A 69 -6.36 6.49 3.25
C LYS A 69 -6.44 5.15 3.97
N MET A 70 -5.32 4.73 4.54
CA MET A 70 -5.25 3.46 5.25
C MET A 70 -5.44 3.67 6.74
N ARG A 71 -6.43 3.01 7.30
CA ARG A 71 -6.71 3.10 8.73
C ARG A 71 -7.02 1.74 9.31
N PHE A 72 -6.33 1.38 10.39
CA PHE A 72 -6.55 0.10 11.04
C PHE A 72 -7.89 0.09 11.76
N THR A 73 -8.54 -1.07 11.78
CA THR A 73 -9.83 -1.22 12.41
C THR A 73 -9.70 -1.94 13.75
N CYS A 74 -8.53 -1.80 14.37
CA CYS A 74 -8.27 -2.43 15.65
C CYS A 74 -7.25 -1.61 16.42
N GLU A 75 -6.92 -2.05 17.63
CA GLU A 75 -5.94 -1.35 18.44
C GLU A 75 -4.53 -1.68 17.95
N MET A 76 -3.65 -0.69 18.03
CA MET A 76 -2.27 -0.87 17.59
C MET A 76 -1.34 -0.01 18.41
N PHE A 77 -0.14 -0.52 18.67
CA PHE A 77 0.85 0.20 19.44
C PHE A 77 2.11 0.38 18.62
N HIS A 78 2.01 1.16 17.55
CA HIS A 78 3.13 1.41 16.67
C HIS A 78 3.34 2.92 16.53
N PRO A 79 4.60 3.38 16.59
CA PRO A 79 4.94 4.81 16.47
C PRO A 79 4.41 5.45 15.18
N ASN A 80 4.27 4.66 14.12
CA ASN A 80 3.80 5.17 12.84
C ASN A 80 2.29 5.06 12.72
N ILE A 81 1.63 4.55 13.74
CA ILE A 81 0.19 4.39 13.71
C ILE A 81 -0.49 5.20 14.81
N TYR A 82 -1.47 5.99 14.42
CA TYR A 82 -2.22 6.82 15.35
C TYR A 82 -3.11 5.96 16.24
N PRO A 83 -3.49 6.47 17.42
CA PRO A 83 -4.36 5.74 18.36
C PRO A 83 -5.78 5.54 17.81
N ASP A 84 -6.03 6.15 16.66
CA ASP A 84 -7.31 6.06 15.99
C ASP A 84 -7.26 5.08 14.82
N GLY A 85 -6.05 4.65 14.48
CA GLY A 85 -5.88 3.69 13.40
C GLY A 85 -5.19 4.26 12.17
N ARG A 86 -5.10 5.58 12.07
CA ARG A 86 -4.46 6.21 10.91
C ARG A 86 -2.99 5.83 10.81
N VAL A 87 -2.55 5.53 9.60
CA VAL A 87 -1.17 5.15 9.35
C VAL A 87 -0.41 6.33 8.74
N CYS A 88 0.79 6.57 9.24
CA CYS A 88 1.62 7.65 8.73
C CYS A 88 2.98 7.13 8.27
N ILE A 89 3.22 7.24 6.97
CA ILE A 89 4.47 6.78 6.37
C ILE A 89 4.77 7.62 5.12
N SER A 90 6.05 7.89 4.89
CA SER A 90 6.50 8.69 3.75
C SER A 90 5.98 8.15 2.40
N ILE A 91 5.78 6.84 2.30
CA ILE A 91 5.29 6.25 1.05
C ILE A 91 3.88 6.74 0.71
N LEU A 92 3.13 7.14 1.73
CA LEU A 92 1.77 7.62 1.52
C LEU A 92 1.73 9.15 1.58
N HIS A 93 2.88 9.77 1.41
CA HIS A 93 2.98 11.23 1.43
C HIS A 93 2.93 11.80 0.02
N ALA A 94 1.88 12.53 -0.28
CA ALA A 94 1.72 13.14 -1.59
C ALA A 94 1.89 14.65 -1.53
N PRO A 95 3.05 15.16 -1.97
CA PRO A 95 3.33 16.59 -1.95
C PRO A 95 2.44 17.35 -2.93
N GLY A 96 1.78 18.39 -2.43
CA GLY A 96 0.91 19.19 -3.27
C GLY A 96 -0.38 18.47 -3.60
N SER A 105 12.91 13.89 1.84
CA SER A 105 12.21 12.60 1.82
C SER A 105 12.69 11.75 0.64
N ALA A 106 13.17 10.55 0.94
CA ALA A 106 13.65 9.64 -0.09
C ALA A 106 12.48 8.84 -0.66
N GLU A 107 11.49 8.61 0.19
CA GLU A 107 10.29 7.88 -0.22
C GLU A 107 9.10 8.82 -0.19
N ARG A 108 8.33 8.79 -1.27
CA ARG A 108 7.14 9.62 -1.40
C ARG A 108 6.11 8.89 -2.23
N TRP A 109 4.92 9.45 -2.33
CA TRP A 109 3.87 8.84 -3.14
C TRP A 109 4.15 9.11 -4.60
N SER A 110 3.91 8.11 -5.42
CA SER A 110 4.11 8.21 -6.86
C SER A 110 3.13 7.28 -7.55
N PRO A 111 2.68 7.62 -8.77
CA PRO A 111 1.73 6.79 -9.52
C PRO A 111 2.22 5.36 -9.73
N VAL A 112 3.54 5.19 -9.75
CA VAL A 112 4.13 3.86 -9.94
C VAL A 112 3.92 3.01 -8.69
N GLN A 113 3.79 3.66 -7.54
CA GLN A 113 3.56 2.96 -6.29
C GLN A 113 2.15 2.41 -6.28
N SER A 114 2.01 1.10 -6.16
CA SER A 114 0.70 0.47 -6.15
C SER A 114 0.37 -0.05 -4.76
N VAL A 115 -0.82 -0.63 -4.61
CA VAL A 115 -1.28 -1.15 -3.32
C VAL A 115 -0.35 -2.25 -2.80
N GLU A 116 0.20 -3.06 -3.71
CA GLU A 116 1.09 -4.14 -3.31
C GLU A 116 2.34 -3.59 -2.61
N LYS A 117 2.87 -2.49 -3.14
CA LYS A 117 4.05 -1.86 -2.58
C LYS A 117 3.73 -1.22 -1.23
N ILE A 118 2.51 -0.70 -1.11
CA ILE A 118 2.08 -0.09 0.13
C ILE A 118 2.05 -1.14 1.24
N LEU A 119 1.43 -2.27 0.93
CA LEU A 119 1.33 -3.38 1.88
C LEU A 119 2.70 -3.89 2.29
N LEU A 120 3.58 -4.06 1.30
CA LEU A 120 4.93 -4.55 1.57
C LEU A 120 5.68 -3.61 2.51
N SER A 121 5.49 -2.31 2.33
CA SER A 121 6.13 -1.31 3.16
C SER A 121 5.58 -1.39 4.59
N VAL A 122 4.27 -1.57 4.71
CA VAL A 122 3.63 -1.68 6.01
C VAL A 122 4.17 -2.89 6.77
N VAL A 123 4.28 -4.02 6.06
CA VAL A 123 4.80 -5.24 6.66
C VAL A 123 6.21 -5.02 7.21
N SER A 124 7.03 -4.33 6.43
CA SER A 124 8.40 -4.04 6.82
C SER A 124 8.43 -3.09 8.03
N MET A 125 7.54 -2.12 8.03
CA MET A 125 7.46 -1.15 9.12
C MET A 125 6.95 -1.80 10.40
N LEU A 126 6.14 -2.84 10.27
CA LEU A 126 5.60 -3.55 11.43
C LEU A 126 6.67 -4.43 12.05
N ALA A 127 7.52 -4.99 11.20
CA ALA A 127 8.60 -5.84 11.66
C ALA A 127 9.70 -4.98 12.27
N GLU A 128 9.97 -3.85 11.63
CA GLU A 128 10.97 -2.90 12.09
C GLU A 128 10.34 -1.52 12.23
N PRO A 129 9.92 -1.14 13.44
CA PRO A 129 9.31 0.17 13.70
C PRO A 129 10.19 1.33 13.27
N ASN A 130 9.94 1.83 12.06
CA ASN A 130 10.69 2.94 11.51
C ASN A 130 10.02 4.25 11.86
N ASP A 131 10.06 4.59 13.15
CA ASP A 131 9.45 5.82 13.66
C ASP A 131 10.00 7.05 12.96
N GLU A 132 9.27 7.55 11.97
CA GLU A 132 9.69 8.71 11.20
C GLU A 132 8.67 9.85 11.35
N SER A 133 7.40 9.51 11.46
CA SER A 133 6.35 10.51 11.58
C SER A 133 6.03 10.82 13.03
N GLY A 134 6.11 9.80 13.89
CA GLY A 134 5.80 10.00 15.30
C GLY A 134 4.33 10.26 15.52
N ALA A 135 3.50 9.33 15.09
CA ALA A 135 2.06 9.45 15.25
C ALA A 135 1.66 9.07 16.67
N ASN A 136 2.25 8.00 17.15
CA ASN A 136 1.99 7.52 18.50
C ASN A 136 3.19 7.81 19.38
N VAL A 137 3.17 9.00 19.99
CA VAL A 137 4.27 9.45 20.85
C VAL A 137 4.54 8.47 21.99
N ASP A 138 3.49 7.84 22.51
CA ASP A 138 3.65 6.89 23.61
C ASP A 138 4.49 5.71 23.16
N ALA A 139 4.22 5.22 21.96
CA ALA A 139 4.95 4.10 21.39
C ALA A 139 6.38 4.51 21.04
N SER A 140 6.54 5.71 20.50
CA SER A 140 7.85 6.23 20.13
C SER A 140 8.79 6.25 21.33
N LYS A 141 8.31 6.81 22.43
CA LYS A 141 9.11 6.92 23.65
C LYS A 141 9.39 5.54 24.24
N MET A 142 8.39 4.67 24.22
CA MET A 142 8.54 3.32 24.76
C MET A 142 9.56 2.51 23.96
N TRP A 143 9.42 2.50 22.65
CA TRP A 143 10.32 1.76 21.77
C TRP A 143 11.79 2.13 21.99
N ARG A 144 12.03 3.42 22.17
CA ARG A 144 13.40 3.91 22.36
C ARG A 144 13.92 3.70 23.79
N ASP A 145 13.08 3.94 24.78
CA ASP A 145 13.52 3.83 26.18
C ASP A 145 13.38 2.42 26.74
N ASP A 146 12.23 1.79 26.51
CA ASP A 146 12.01 0.44 27.04
C ASP A 146 11.59 -0.53 25.95
N ARG A 147 12.60 -1.16 25.34
CA ARG A 147 12.37 -2.13 24.27
C ARG A 147 11.60 -3.34 24.80
N GLU A 148 11.85 -3.68 26.05
CA GLU A 148 11.20 -4.83 26.67
C GLU A 148 9.70 -4.60 26.78
N GLN A 149 9.31 -3.49 27.39
CA GLN A 149 7.90 -3.15 27.57
C GLN A 149 7.18 -3.10 26.23
N PHE A 150 7.86 -2.55 25.23
CA PHE A 150 7.28 -2.44 23.89
C PHE A 150 6.91 -3.81 23.35
N TYR A 151 7.82 -4.78 23.49
CA TYR A 151 7.58 -6.13 23.00
C TYR A 151 6.44 -6.79 23.76
N LYS A 152 6.29 -6.46 25.03
CA LYS A 152 5.22 -7.03 25.85
C LYS A 152 3.87 -6.51 25.36
N ILE A 153 3.81 -5.22 25.08
CA ILE A 153 2.59 -4.60 24.60
C ILE A 153 2.30 -5.03 23.16
N ALA A 154 3.35 -5.07 22.35
CA ALA A 154 3.23 -5.48 20.96
C ALA A 154 2.65 -6.88 20.83
N LYS A 155 3.16 -7.80 21.66
CA LYS A 155 2.69 -9.17 21.65
C LYS A 155 1.23 -9.24 22.10
N GLN A 156 0.89 -8.42 23.08
CA GLN A 156 -0.47 -8.37 23.60
C GLN A 156 -1.44 -7.93 22.50
N ILE A 157 -0.95 -7.11 21.58
CA ILE A 157 -1.76 -6.64 20.46
C ILE A 157 -2.16 -7.82 19.58
N VAL A 158 -1.25 -8.79 19.48
CA VAL A 158 -1.49 -10.00 18.69
C VAL A 158 -2.61 -10.82 19.32
N GLN A 159 -2.57 -10.95 20.65
CA GLN A 159 -3.59 -11.68 21.39
C GLN A 159 -4.96 -11.06 21.15
N LYS A 160 -4.97 -9.72 21.12
CA LYS A 160 -6.20 -8.98 20.90
C LYS A 160 -6.72 -9.15 19.48
N SER A 161 -5.84 -9.03 18.50
CA SER A 161 -6.23 -9.17 17.10
C SER A 161 -6.67 -10.59 16.78
N LEU A 162 -5.92 -11.58 17.27
CA LEU A 162 -6.26 -12.98 17.04
C LEU A 162 -7.44 -13.40 17.90
N GLY A 163 -7.83 -12.54 18.84
CA GLY A 163 -8.96 -12.84 19.71
C GLY A 163 -8.68 -14.03 20.60
N LEU A 164 -7.51 -14.05 21.21
CA LEU A 164 -7.11 -15.14 22.08
C LEU A 164 -6.89 -14.63 23.50
N SER B 1 -16.53 -14.63 -10.75
CA SER B 1 -17.11 -13.46 -11.39
C SER B 1 -17.55 -12.46 -10.32
N ALA B 2 -18.76 -11.94 -10.46
CA ALA B 2 -19.33 -10.94 -9.55
C ALA B 2 -19.22 -11.29 -8.06
N ASP B 3 -19.68 -12.48 -7.67
CA ASP B 3 -19.65 -12.83 -6.25
C ASP B 3 -18.76 -14.01 -6.01
N GLU B 4 -18.26 -14.60 -7.08
CA GLU B 4 -17.34 -15.71 -6.96
C GLU B 4 -16.06 -15.23 -6.30
N ARG B 5 -15.64 -14.03 -6.72
CA ARG B 5 -14.43 -13.42 -6.20
C ARG B 5 -14.67 -12.92 -4.78
N GLN B 6 -15.85 -12.36 -4.55
CA GLN B 6 -16.23 -11.85 -3.24
C GLN B 6 -16.13 -12.95 -2.19
N ARG B 7 -16.62 -14.13 -2.54
CA ARG B 7 -16.59 -15.27 -1.62
C ARG B 7 -15.16 -15.76 -1.45
N MET B 8 -14.47 -15.93 -2.58
CA MET B 8 -13.08 -16.36 -2.59
C MET B 8 -12.25 -15.54 -1.60
N LEU B 9 -12.36 -14.23 -1.72
CA LEU B 9 -11.65 -13.30 -0.85
C LEU B 9 -11.98 -13.52 0.61
N VAL B 10 -13.27 -13.62 0.93
CA VAL B 10 -13.71 -13.85 2.30
C VAL B 10 -13.05 -15.11 2.88
N GLN B 11 -12.93 -16.14 2.05
CA GLN B 11 -12.31 -17.38 2.46
C GLN B 11 -10.86 -17.16 2.86
N ARG B 12 -10.15 -16.35 2.06
CA ARG B 12 -8.74 -16.05 2.33
C ARG B 12 -8.58 -15.32 3.65
N LYS B 13 -9.49 -14.41 3.93
CA LYS B 13 -9.44 -13.63 5.15
C LYS B 13 -9.70 -14.49 6.38
N ASP B 14 -10.62 -15.44 6.26
CA ASP B 14 -10.95 -16.32 7.37
C ASP B 14 -9.77 -17.26 7.63
N GLU B 15 -9.44 -18.04 6.61
CA GLU B 15 -8.30 -18.95 6.66
C GLU B 15 -7.07 -18.29 7.28
N LEU B 16 -6.49 -17.29 6.57
CA LEU B 16 -5.32 -16.55 7.05
C LEU B 16 -5.38 -16.31 8.56
N LEU B 17 -6.50 -15.73 8.99
CA LEU B 17 -6.70 -15.42 10.39
C LEU B 17 -6.61 -16.69 11.25
N GLN B 18 -7.46 -17.66 10.95
CA GLN B 18 -7.47 -18.95 11.66
C GLN B 18 -6.09 -19.62 11.67
N GLN B 19 -5.33 -19.43 10.59
CA GLN B 19 -4.00 -20.00 10.46
C GLN B 19 -3.07 -19.36 11.48
N ALA B 20 -3.02 -18.02 11.48
CA ALA B 20 -2.20 -17.27 12.44
C ALA B 20 -2.43 -17.78 13.84
N ARG B 21 -3.68 -18.10 14.12
CA ARG B 21 -4.08 -18.58 15.43
C ARG B 21 -3.48 -19.94 15.73
N LYS B 22 -3.67 -20.88 14.80
CA LYS B 22 -3.12 -22.23 14.94
C LYS B 22 -1.61 -22.20 15.16
N ARG B 23 -0.97 -21.25 14.49
CA ARG B 23 0.47 -21.06 14.58
C ARG B 23 0.85 -20.50 15.95
N PHE B 24 0.45 -19.25 16.17
CA PHE B 24 0.70 -18.53 17.44
C PHE B 24 0.61 -19.39 18.72
N LEU B 25 -0.40 -20.23 18.78
CA LEU B 25 -0.68 -21.08 19.95
C LEU B 25 0.29 -22.24 20.04
N ASN B 26 0.53 -22.89 18.91
CA ASN B 26 1.47 -24.02 18.85
C ASN B 26 2.89 -23.66 19.37
N LYS B 27 3.14 -22.38 19.57
CA LYS B 27 4.45 -21.90 20.04
C LYS B 27 4.54 -21.97 21.56
N ALA C 1 4.66 18.68 -27.05
CA ALA C 1 6.04 18.42 -26.58
C ALA C 1 6.45 16.97 -26.85
N VAL C 2 5.94 16.40 -27.94
CA VAL C 2 6.26 15.02 -28.28
C VAL C 2 7.27 14.99 -29.43
N ALA C 3 8.54 14.76 -29.09
CA ALA C 3 9.60 14.69 -30.08
C ALA C 3 9.91 13.23 -30.43
N THR C 4 9.08 12.34 -29.91
CA THR C 4 9.22 10.92 -30.14
C THR C 4 8.13 10.41 -31.10
N PRO C 5 8.43 9.37 -31.87
CA PRO C 5 7.45 8.80 -32.81
C PRO C 5 6.35 8.03 -32.11
N GLU C 6 5.16 8.03 -32.69
CA GLU C 6 4.02 7.34 -32.12
C GLU C 6 4.24 5.82 -32.13
N GLU C 7 5.17 5.38 -32.98
CA GLU C 7 5.50 3.97 -33.09
C GLU C 7 6.12 3.46 -31.79
N LEU C 8 6.75 4.38 -31.06
CA LEU C 8 7.38 4.03 -29.80
C LEU C 8 6.31 3.81 -28.73
N ALA C 9 5.19 4.52 -28.89
CA ALA C 9 4.07 4.39 -27.96
C ALA C 9 3.41 3.04 -28.14
N VAL C 10 3.45 2.55 -29.38
CA VAL C 10 2.89 1.24 -29.70
C VAL C 10 3.73 0.15 -29.05
N ASN C 11 5.03 0.43 -28.94
CA ASN C 11 5.97 -0.50 -28.32
C ASN C 11 5.74 -0.54 -26.82
N ASN C 12 5.65 0.63 -26.21
CA ASN C 12 5.41 0.72 -24.77
C ASN C 12 3.97 1.10 -24.51
N ASP C 13 3.08 0.11 -24.66
CA ASP C 13 1.65 0.32 -24.47
C ASP C 13 1.27 0.35 -22.99
N ASP C 14 2.13 0.93 -22.17
CA ASP C 14 1.89 1.01 -20.74
C ASP C 14 2.13 2.44 -20.24
N CYS C 15 1.87 2.66 -18.97
CA CYS C 15 2.06 3.97 -18.36
C CYS C 15 1.94 3.86 -16.84
N ALA C 16 3.06 4.01 -16.15
CA ALA C 16 3.07 3.92 -14.68
C ALA C 16 2.51 5.19 -14.04
N ILE C 17 1.48 5.76 -14.65
CA ILE C 17 0.83 6.97 -14.14
C ILE C 17 -0.67 6.92 -14.40
N CYS C 18 -1.05 6.83 -15.66
CA CYS C 18 -2.46 6.80 -16.03
C CYS C 18 -2.88 5.42 -16.51
N TRP C 19 -1.90 4.53 -16.66
CA TRP C 19 -2.15 3.18 -17.16
C TRP C 19 -2.62 3.23 -18.61
N ASP C 20 -3.14 2.12 -19.12
CA ASP C 20 -3.64 2.03 -20.50
C ASP C 20 -2.55 2.45 -21.51
N SER C 21 -2.98 2.97 -22.65
CA SER C 21 -2.04 3.38 -23.69
C SER C 21 -2.48 4.70 -24.32
N MET C 22 -1.49 5.55 -24.63
CA MET C 22 -1.75 6.85 -25.24
C MET C 22 -0.77 7.09 -26.38
N GLN C 23 -1.15 7.96 -27.31
CA GLN C 23 -0.30 8.27 -28.47
C GLN C 23 0.86 9.20 -28.10
N ALA C 24 0.57 10.20 -27.28
CA ALA C 24 1.58 11.18 -26.89
C ALA C 24 2.55 10.61 -25.85
N ALA C 25 3.63 10.01 -26.32
CA ALA C 25 4.63 9.43 -25.43
C ALA C 25 5.87 10.32 -25.36
N ARG C 26 6.36 10.55 -24.14
CA ARG C 26 7.53 11.38 -23.92
C ARG C 26 8.60 10.59 -23.17
N LYS C 27 9.84 10.69 -23.63
CA LYS C 27 10.94 9.99 -22.98
C LYS C 27 11.70 10.91 -22.03
N LEU C 28 12.01 10.39 -20.86
CA LEU C 28 12.73 11.14 -19.83
C LEU C 28 14.21 10.78 -19.86
N PRO C 29 15.10 11.73 -19.52
CA PRO C 29 16.56 11.52 -19.50
C PRO C 29 16.99 10.44 -18.50
N CYS C 30 16.11 10.12 -17.56
CA CYS C 30 16.42 9.12 -16.55
C CYS C 30 16.06 7.72 -17.05
N GLY C 31 15.73 7.61 -18.34
CA GLY C 31 15.39 6.33 -18.92
C GLY C 31 14.00 5.89 -18.57
N HIS C 32 13.01 6.68 -18.96
CA HIS C 32 11.62 6.37 -18.69
C HIS C 32 10.71 6.92 -19.77
N LEU C 33 9.60 6.25 -20.00
CA LEU C 33 8.64 6.68 -21.01
C LEU C 33 7.30 7.00 -20.37
N PHE C 34 6.96 8.28 -20.34
CA PHE C 34 5.71 8.72 -19.76
C PHE C 34 4.94 9.55 -20.77
N HIS C 35 3.64 9.35 -20.83
CA HIS C 35 2.80 10.10 -21.75
C HIS C 35 2.87 11.58 -21.42
N ASN C 36 2.81 12.41 -22.46
CA ASN C 36 2.89 13.85 -22.31
C ASN C 36 1.92 14.39 -21.26
N SER C 37 0.66 14.00 -21.38
CA SER C 37 -0.37 14.45 -20.44
C SER C 37 -0.04 14.01 -19.01
N CYS C 38 0.42 12.78 -18.87
CA CYS C 38 0.76 12.23 -17.56
C CYS C 38 1.99 12.91 -16.96
N LEU C 39 3.05 13.01 -17.76
CA LEU C 39 4.29 13.64 -17.32
C LEU C 39 4.08 15.11 -16.98
N ARG C 40 3.35 15.81 -17.84
CA ARG C 40 3.08 17.23 -17.62
C ARG C 40 2.33 17.44 -16.32
N SER C 41 1.40 16.54 -16.02
CA SER C 41 0.61 16.63 -14.80
C SER C 41 1.47 16.32 -13.57
N TRP C 42 2.37 15.36 -13.69
CA TRP C 42 3.24 15.01 -12.57
C TRP C 42 4.24 16.12 -12.30
N LEU C 43 4.79 16.69 -13.37
CA LEU C 43 5.76 17.78 -13.26
C LEU C 43 5.11 19.03 -12.69
N GLU C 44 3.78 19.05 -12.74
CA GLU C 44 3.02 20.18 -12.22
C GLU C 44 2.83 20.03 -10.72
N GLN C 45 3.15 18.84 -10.20
CA GLN C 45 3.02 18.56 -8.79
C GLN C 45 4.40 18.52 -8.13
N ASP C 46 5.29 17.72 -8.70
CA ASP C 46 6.65 17.59 -8.18
C ASP C 46 7.63 17.52 -9.34
N THR C 47 8.91 17.31 -9.04
CA THR C 47 9.92 17.24 -10.09
C THR C 47 10.75 15.95 -9.96
N SER C 48 10.27 15.03 -9.13
CA SER C 48 10.97 13.77 -8.93
C SER C 48 10.36 12.66 -9.78
N CYS C 49 11.22 11.89 -10.43
CA CYS C 49 10.77 10.77 -11.26
C CYS C 49 10.35 9.62 -10.35
N PRO C 50 9.09 9.18 -10.47
CA PRO C 50 8.52 8.10 -9.64
C PRO C 50 9.47 6.95 -9.29
N THR C 51 9.84 6.16 -10.29
CA THR C 51 10.70 5.00 -10.08
C THR C 51 12.15 5.38 -9.72
N CYS C 52 12.66 6.46 -10.29
CA CYS C 52 14.05 6.86 -10.04
C CYS C 52 14.21 7.49 -8.66
N ARG C 53 13.12 8.03 -8.12
CA ARG C 53 13.14 8.68 -6.80
C ARG C 53 14.14 9.83 -6.79
N MET C 54 14.31 10.47 -7.94
CA MET C 54 15.25 11.58 -8.07
C MET C 54 14.63 12.69 -8.92
N SER C 55 15.00 13.92 -8.60
CA SER C 55 14.50 15.09 -9.31
C SER C 55 15.23 15.28 -10.65
N LEU C 56 14.48 15.68 -11.67
CA LEU C 56 15.06 15.90 -12.99
C LEU C 56 15.30 17.39 -13.21
N ASN C 57 16.54 17.74 -13.49
CA ASN C 57 16.93 19.13 -13.73
C ASN C 57 16.65 19.51 -15.18
N ILE C 58 16.57 18.49 -16.03
CA ILE C 58 16.31 18.67 -17.43
C ILE C 58 15.63 17.42 -17.97
ZN ZN D . -0.35 7.88 -19.82
ZN ZN E . 13.05 7.67 -14.42
N ALA A 1 -15.00 4.07 -17.09
CA ALA A 1 -13.82 3.66 -16.30
C ALA A 1 -12.68 4.65 -16.50
N GLY A 2 -12.29 5.32 -15.43
CA GLY A 2 -11.21 6.28 -15.50
C GLY A 2 -9.88 5.65 -15.14
N THR A 3 -8.90 6.48 -14.81
CA THR A 3 -7.56 6.01 -14.44
C THR A 3 -7.60 5.18 -13.16
N ALA A 4 -8.39 5.63 -12.20
CA ALA A 4 -8.50 4.95 -10.92
C ALA A 4 -9.07 3.55 -11.07
N LEU A 5 -10.28 3.47 -11.62
CA LEU A 5 -10.97 2.19 -11.79
C LEU A 5 -10.15 1.21 -12.64
N LYS A 6 -9.62 1.67 -13.77
CA LYS A 6 -8.84 0.83 -14.66
C LYS A 6 -7.63 0.23 -13.95
N ARG A 7 -6.87 1.07 -13.25
CA ARG A 7 -5.69 0.62 -12.55
C ARG A 7 -6.06 -0.23 -11.32
N LEU A 8 -7.10 0.18 -10.60
CA LEU A 8 -7.54 -0.54 -9.41
C LEU A 8 -8.02 -1.95 -9.75
N MET A 9 -8.75 -2.08 -10.85
CA MET A 9 -9.26 -3.38 -11.28
C MET A 9 -8.11 -4.34 -11.60
N ALA A 10 -7.01 -3.78 -12.05
CA ALA A 10 -5.82 -4.57 -12.39
C ALA A 10 -5.09 -5.01 -11.13
N GLU A 11 -4.99 -4.10 -10.16
CA GLU A 11 -4.29 -4.38 -8.91
C GLU A 11 -4.97 -5.50 -8.13
N TYR A 12 -6.30 -5.47 -8.04
CA TYR A 12 -7.04 -6.51 -7.33
C TYR A 12 -6.84 -7.86 -8.01
N LYS A 13 -6.83 -7.84 -9.34
CA LYS A 13 -6.63 -9.06 -10.11
C LYS A 13 -5.23 -9.61 -9.86
N GLN A 14 -4.27 -8.72 -9.71
CA GLN A 14 -2.89 -9.14 -9.47
C GLN A 14 -2.74 -9.70 -8.06
N LEU A 15 -3.52 -9.16 -7.13
CA LEU A 15 -3.48 -9.62 -5.74
C LEU A 15 -4.17 -10.98 -5.59
N THR A 16 -4.85 -11.41 -6.64
CA THR A 16 -5.53 -12.70 -6.63
C THR A 16 -4.82 -13.68 -7.55
N LEU A 17 -4.08 -13.14 -8.52
CA LEU A 17 -3.32 -13.97 -9.45
C LEU A 17 -1.96 -14.29 -8.84
N ASN A 18 -1.44 -13.33 -8.07
CA ASN A 18 -0.16 -13.49 -7.39
C ASN A 18 -0.27 -12.92 -5.98
N PRO A 19 -0.95 -13.63 -5.08
CA PRO A 19 -1.17 -13.19 -3.70
C PRO A 19 0.09 -13.32 -2.85
N PRO A 20 0.44 -12.26 -2.09
CA PRO A 20 1.61 -12.28 -1.21
C PRO A 20 1.36 -13.17 0.01
N GLU A 21 2.44 -13.61 0.64
CA GLU A 21 2.35 -14.48 1.81
C GLU A 21 1.78 -13.73 3.02
N GLY A 22 0.63 -14.18 3.49
CA GLY A 22 0.00 -13.58 4.65
C GLY A 22 -0.65 -12.25 4.37
N ILE A 23 -1.03 -12.00 3.12
CA ILE A 23 -1.65 -10.73 2.76
C ILE A 23 -2.95 -10.96 1.98
N VAL A 24 -4.06 -10.59 2.61
CA VAL A 24 -5.38 -10.71 2.00
C VAL A 24 -5.99 -9.33 1.81
N ALA A 25 -5.87 -8.77 0.62
CA ALA A 25 -6.42 -7.44 0.35
C ALA A 25 -7.38 -7.46 -0.85
N GLY A 26 -8.41 -6.63 -0.76
CA GLY A 26 -9.38 -6.54 -1.83
C GLY A 26 -10.52 -5.59 -1.48
N PRO A 27 -11.34 -5.19 -2.47
CA PRO A 27 -12.46 -4.28 -2.24
C PRO A 27 -13.59 -4.94 -1.45
N MET A 28 -14.35 -4.14 -0.72
CA MET A 28 -15.47 -4.65 0.07
C MET A 28 -16.54 -5.25 -0.84
N ASN A 29 -16.69 -4.66 -2.01
CA ASN A 29 -17.66 -5.11 -2.98
C ASN A 29 -17.15 -4.81 -4.38
N GLU A 30 -17.67 -5.52 -5.37
CA GLU A 30 -17.24 -5.34 -6.75
C GLU A 30 -17.76 -4.00 -7.29
N GLU A 31 -18.81 -3.49 -6.68
CA GLU A 31 -19.37 -2.21 -7.10
C GLU A 31 -18.73 -1.07 -6.32
N ASN A 32 -17.73 -1.39 -5.53
CA ASN A 32 -17.03 -0.39 -4.73
C ASN A 32 -15.54 -0.72 -4.68
N PHE A 33 -14.80 -0.21 -5.64
CA PHE A 33 -13.36 -0.44 -5.72
C PHE A 33 -12.59 0.68 -5.04
N PHE A 34 -13.25 1.41 -4.15
CA PHE A 34 -12.62 2.51 -3.44
C PHE A 34 -12.38 2.16 -1.97
N GLU A 35 -13.30 1.40 -1.40
CA GLU A 35 -13.18 0.97 0.00
C GLU A 35 -12.65 -0.45 0.03
N TRP A 36 -11.37 -0.59 0.31
CA TRP A 36 -10.73 -1.91 0.36
C TRP A 36 -10.49 -2.38 1.78
N GLU A 37 -10.48 -3.69 1.95
CA GLU A 37 -10.22 -4.32 3.23
C GLU A 37 -8.89 -5.05 3.16
N ALA A 38 -8.01 -4.77 4.10
CA ALA A 38 -6.70 -5.40 4.10
C ALA A 38 -6.48 -6.25 5.34
N LEU A 39 -6.27 -7.54 5.11
CA LEU A 39 -5.99 -8.49 6.18
C LEU A 39 -4.54 -8.92 6.07
N ILE A 40 -3.68 -8.35 6.89
CA ILE A 40 -2.27 -8.70 6.85
C ILE A 40 -1.84 -9.40 8.12
N MET A 41 -1.14 -10.52 7.97
CA MET A 41 -0.66 -11.28 9.11
C MET A 41 0.78 -10.92 9.40
N GLY A 42 1.04 -10.45 10.62
CA GLY A 42 2.38 -10.08 11.01
C GLY A 42 3.38 -11.21 10.82
N PRO A 43 4.55 -10.91 10.21
CA PRO A 43 5.60 -11.91 9.95
C PRO A 43 6.08 -12.61 11.22
N GLU A 44 6.39 -13.89 11.08
CA GLU A 44 6.88 -14.69 12.19
C GLU A 44 8.28 -14.25 12.61
N ASP A 45 8.59 -14.43 13.90
CA ASP A 45 9.88 -14.07 14.47
C ASP A 45 9.99 -12.56 14.68
N THR A 46 8.86 -11.92 14.94
CA THR A 46 8.82 -10.49 15.18
C THR A 46 8.03 -10.20 16.45
N CYS A 47 7.66 -8.94 16.64
CA CYS A 47 6.90 -8.54 17.81
C CYS A 47 5.40 -8.57 17.52
N PHE A 48 5.04 -8.77 16.26
CA PHE A 48 3.65 -8.81 15.84
C PHE A 48 3.38 -10.04 14.99
N GLU A 49 4.07 -11.13 15.30
CA GLU A 49 3.92 -12.36 14.54
C GLU A 49 2.52 -12.97 14.71
N PHE A 50 1.99 -13.50 13.60
CA PHE A 50 0.67 -14.14 13.58
C PHE A 50 -0.45 -13.14 13.88
N GLY A 51 -0.18 -11.88 13.63
CA GLY A 51 -1.17 -10.87 13.88
C GLY A 51 -1.96 -10.51 12.64
N VAL A 52 -3.15 -11.09 12.51
CA VAL A 52 -4.04 -10.80 11.39
C VAL A 52 -4.67 -9.43 11.64
N PHE A 53 -4.00 -8.38 11.19
CA PHE A 53 -4.45 -7.02 11.39
C PHE A 53 -5.36 -6.53 10.28
N PRO A 54 -6.61 -6.19 10.62
CA PRO A 54 -7.58 -5.67 9.66
C PRO A 54 -7.47 -4.16 9.49
N ALA A 55 -7.39 -3.72 8.24
CA ALA A 55 -7.29 -2.30 7.93
C ALA A 55 -8.17 -1.94 6.75
N ILE A 56 -8.65 -0.70 6.75
CA ILE A 56 -9.49 -0.21 5.68
C ILE A 56 -8.71 0.79 4.82
N LEU A 57 -8.77 0.61 3.52
CA LEU A 57 -8.06 1.49 2.60
C LEU A 57 -9.05 2.23 1.69
N SER A 58 -9.12 3.53 1.86
CA SER A 58 -10.00 4.36 1.05
C SER A 58 -9.22 5.00 -0.09
N PHE A 59 -9.56 4.65 -1.31
CA PHE A 59 -8.88 5.18 -2.49
C PHE A 59 -9.57 6.41 -3.04
N PRO A 60 -8.80 7.37 -3.56
CA PRO A 60 -9.33 8.61 -4.14
C PRO A 60 -9.77 8.43 -5.59
N LEU A 61 -10.58 9.35 -6.08
CA LEU A 61 -11.07 9.30 -7.46
C LEU A 61 -9.96 9.66 -8.44
N ASP A 62 -8.98 10.41 -7.98
CA ASP A 62 -7.85 10.82 -8.81
C ASP A 62 -6.68 9.87 -8.64
N TYR A 63 -6.98 8.62 -8.34
CA TYR A 63 -5.96 7.59 -8.18
C TYR A 63 -5.35 7.25 -9.55
N PRO A 64 -4.05 6.93 -9.62
CA PRO A 64 -3.14 6.87 -8.49
C PRO A 64 -2.28 8.13 -8.32
N LEU A 65 -2.81 9.28 -8.68
CA LEU A 65 -2.05 10.53 -8.55
C LEU A 65 -1.93 10.92 -7.08
N SER A 66 -2.92 10.52 -6.30
CA SER A 66 -2.94 10.80 -4.87
C SER A 66 -2.91 9.49 -4.08
N PRO A 67 -2.30 9.50 -2.90
CA PRO A 67 -2.19 8.31 -2.05
C PRO A 67 -3.51 7.96 -1.34
N PRO A 68 -3.78 6.66 -1.16
CA PRO A 68 -4.99 6.20 -0.48
C PRO A 68 -4.87 6.36 1.04
N LYS A 69 -5.99 6.31 1.72
CA LYS A 69 -6.01 6.46 3.17
C LYS A 69 -6.17 5.09 3.83
N MET A 70 -5.12 4.67 4.54
CA MET A 70 -5.14 3.38 5.22
C MET A 70 -5.33 3.57 6.72
N ARG A 71 -6.37 2.94 7.26
CA ARG A 71 -6.66 3.03 8.68
C ARG A 71 -6.99 1.65 9.25
N PHE A 72 -6.32 1.28 10.34
CA PHE A 72 -6.54 -0.01 10.97
C PHE A 72 -7.81 0.02 11.82
N THR A 73 -8.56 -1.08 11.80
CA THR A 73 -9.78 -1.19 12.57
C THR A 73 -9.59 -2.08 13.78
N CYS A 74 -8.55 -1.81 14.56
CA CYS A 74 -8.24 -2.60 15.74
C CYS A 74 -7.30 -1.83 16.66
N GLU A 75 -6.99 -2.41 17.82
CA GLU A 75 -6.08 -1.78 18.77
C GLU A 75 -4.67 -1.80 18.21
N MET A 76 -4.04 -0.64 18.15
CA MET A 76 -2.70 -0.55 17.61
C MET A 76 -1.78 0.23 18.54
N PHE A 77 -0.54 -0.24 18.65
CA PHE A 77 0.46 0.40 19.49
C PHE A 77 1.76 0.55 18.71
N HIS A 78 1.67 1.21 17.56
CA HIS A 78 2.83 1.42 16.72
C HIS A 78 3.14 2.92 16.62
N PRO A 79 4.43 3.28 16.70
CA PRO A 79 4.87 4.69 16.61
C PRO A 79 4.39 5.41 15.34
N ASN A 80 4.19 4.65 14.26
CA ASN A 80 3.76 5.22 12.99
C ASN A 80 2.25 5.17 12.83
N ILE A 81 1.54 4.83 13.90
CA ILE A 81 0.08 4.74 13.83
C ILE A 81 -0.56 5.62 14.90
N TYR A 82 -1.49 6.47 14.47
CA TYR A 82 -2.19 7.37 15.37
C TYR A 82 -3.24 6.57 16.17
N PRO A 83 -3.65 7.08 17.34
CA PRO A 83 -4.64 6.40 18.20
C PRO A 83 -6.00 6.19 17.51
N ASP A 84 -6.16 6.80 16.34
CA ASP A 84 -7.40 6.66 15.57
C ASP A 84 -7.26 5.54 14.52
N GLY A 85 -6.07 4.98 14.42
CA GLY A 85 -5.83 3.89 13.49
C GLY A 85 -5.16 4.31 12.20
N ARG A 86 -4.94 5.61 12.02
CA ARG A 86 -4.31 6.11 10.79
C ARG A 86 -2.82 5.75 10.74
N VAL A 87 -2.38 5.30 9.57
CA VAL A 87 -0.99 4.94 9.35
C VAL A 87 -0.24 6.15 8.82
N CYS A 88 0.94 6.42 9.37
CA CYS A 88 1.74 7.56 8.93
C CYS A 88 3.10 7.11 8.44
N ILE A 89 3.29 7.17 7.12
CA ILE A 89 4.56 6.79 6.49
C ILE A 89 4.75 7.62 5.22
N SER A 90 5.99 8.06 5.00
CA SER A 90 6.35 8.88 3.84
C SER A 90 5.87 8.28 2.51
N ILE A 91 5.85 6.95 2.39
CA ILE A 91 5.42 6.30 1.15
C ILE A 91 3.95 6.62 0.84
N LEU A 92 3.19 6.96 1.87
CA LEU A 92 1.78 7.30 1.70
C LEU A 92 1.59 8.80 1.83
N HIS A 93 2.67 9.54 1.61
CA HIS A 93 2.65 10.99 1.70
C HIS A 93 3.00 11.62 0.36
N ALA A 94 2.14 12.51 -0.11
CA ALA A 94 2.37 13.21 -1.37
C ALA A 94 2.73 14.66 -1.11
N PRO A 95 3.75 15.18 -1.83
CA PRO A 95 4.19 16.57 -1.66
C PRO A 95 3.09 17.58 -2.01
N GLY A 96 2.52 17.43 -3.19
CA GLY A 96 1.47 18.33 -3.63
C GLY A 96 0.11 17.94 -3.08
N SER A 105 14.05 14.44 0.50
CA SER A 105 13.35 13.66 1.51
C SER A 105 13.40 12.18 1.16
N ALA A 106 12.69 11.35 1.93
CA ALA A 106 12.67 9.92 1.72
C ALA A 106 11.66 9.53 0.63
N GLU A 107 11.50 8.23 0.44
CA GLU A 107 10.57 7.69 -0.55
C GLU A 107 9.14 8.10 -0.22
N ARG A 108 8.53 8.85 -1.13
CA ARG A 108 7.17 9.32 -0.93
C ARG A 108 6.24 8.69 -1.95
N TRP A 109 5.02 9.21 -2.05
CA TRP A 109 4.04 8.68 -2.99
C TRP A 109 4.43 8.95 -4.44
N SER A 110 4.22 7.96 -5.27
CA SER A 110 4.49 8.04 -6.69
C SER A 110 3.52 7.15 -7.44
N PRO A 111 3.13 7.51 -8.67
CA PRO A 111 2.16 6.72 -9.46
C PRO A 111 2.61 5.28 -9.69
N VAL A 112 3.91 5.04 -9.67
CA VAL A 112 4.46 3.70 -9.88
C VAL A 112 4.26 2.81 -8.65
N GLN A 113 4.02 3.44 -7.50
CA GLN A 113 3.83 2.70 -6.26
C GLN A 113 2.44 2.07 -6.23
N SER A 114 2.38 0.75 -6.32
CA SER A 114 1.13 0.03 -6.31
C SER A 114 0.72 -0.32 -4.88
N VAL A 115 -0.48 -0.87 -4.73
CA VAL A 115 -1.00 -1.25 -3.42
C VAL A 115 -0.08 -2.26 -2.74
N GLU A 116 0.56 -3.12 -3.54
CA GLU A 116 1.46 -4.12 -3.01
C GLU A 116 2.65 -3.47 -2.29
N LYS A 117 3.11 -2.33 -2.81
CA LYS A 117 4.22 -1.60 -2.21
C LYS A 117 3.82 -1.07 -0.85
N ILE A 118 2.59 -0.56 -0.77
CA ILE A 118 2.06 -0.02 0.48
C ILE A 118 2.00 -1.10 1.54
N LEU A 119 1.36 -2.22 1.19
CA LEU A 119 1.21 -3.34 2.10
C LEU A 119 2.57 -3.83 2.62
N LEU A 120 3.51 -4.00 1.70
CA LEU A 120 4.84 -4.47 2.05
C LEU A 120 5.54 -3.50 3.01
N SER A 121 5.37 -2.21 2.76
CA SER A 121 5.98 -1.18 3.60
C SER A 121 5.41 -1.25 5.03
N VAL A 122 4.09 -1.41 5.12
CA VAL A 122 3.44 -1.50 6.42
C VAL A 122 3.93 -2.74 7.17
N VAL A 123 4.00 -3.85 6.45
CA VAL A 123 4.46 -5.11 7.03
C VAL A 123 5.88 -4.96 7.56
N SER A 124 6.74 -4.32 6.77
CA SER A 124 8.13 -4.11 7.15
C SER A 124 8.23 -3.21 8.37
N MET A 125 7.40 -2.16 8.42
CA MET A 125 7.40 -1.23 9.54
C MET A 125 6.89 -1.90 10.81
N LEU A 126 6.06 -2.93 10.65
CA LEU A 126 5.51 -3.66 11.80
C LEU A 126 6.61 -4.52 12.42
N ALA A 127 7.48 -5.04 11.56
CA ALA A 127 8.57 -5.89 12.02
C ALA A 127 9.61 -5.06 12.77
N GLU A 128 9.91 -3.89 12.23
CA GLU A 128 10.88 -2.99 12.85
C GLU A 128 10.34 -1.56 12.87
N PRO A 129 9.58 -1.20 13.92
CA PRO A 129 9.01 0.14 14.08
C PRO A 129 10.03 1.25 13.90
N ASN A 130 9.90 2.01 12.83
CA ASN A 130 10.80 3.11 12.54
C ASN A 130 10.10 4.43 12.79
N ASP A 131 10.32 4.98 13.98
CA ASP A 131 9.70 6.24 14.37
C ASP A 131 10.06 7.36 13.39
N GLU A 132 9.11 7.68 12.53
CA GLU A 132 9.30 8.71 11.51
C GLU A 132 8.40 9.91 11.80
N SER A 133 7.11 9.66 11.91
CA SER A 133 6.15 10.71 12.16
C SER A 133 5.93 10.92 13.66
N GLY A 134 6.05 9.85 14.43
CA GLY A 134 5.85 9.94 15.86
C GLY A 134 4.39 10.15 16.19
N ALA A 135 3.54 9.38 15.52
CA ALA A 135 2.09 9.46 15.73
C ALA A 135 1.73 9.05 17.15
N ASN A 136 2.16 7.88 17.53
CA ASN A 136 1.91 7.38 18.87
C ASN A 136 3.11 7.67 19.75
N VAL A 137 3.12 8.88 20.31
CA VAL A 137 4.20 9.35 21.16
C VAL A 137 4.55 8.39 22.30
N ASP A 138 3.54 7.72 22.84
CA ASP A 138 3.75 6.77 23.92
C ASP A 138 4.53 5.56 23.43
N ALA A 139 4.20 5.12 22.22
CA ALA A 139 4.87 3.98 21.60
C ALA A 139 6.28 4.34 21.18
N SER A 140 6.45 5.50 20.56
CA SER A 140 7.75 5.96 20.11
C SER A 140 8.74 6.04 21.28
N LYS A 141 8.30 6.60 22.39
CA LYS A 141 9.14 6.73 23.57
C LYS A 141 9.39 5.38 24.23
N MET A 142 8.37 4.52 24.22
CA MET A 142 8.51 3.20 24.81
C MET A 142 9.51 2.35 24.02
N TRP A 143 9.37 2.38 22.70
CA TRP A 143 10.24 1.63 21.80
C TRP A 143 11.71 2.05 21.95
N ARG A 144 11.93 3.34 22.11
CA ARG A 144 13.28 3.87 22.23
C ARG A 144 13.82 3.74 23.66
N ASP A 145 12.93 3.73 24.64
CA ASP A 145 13.36 3.62 26.04
C ASP A 145 13.40 2.17 26.50
N ASP A 146 12.23 1.58 26.75
CA ASP A 146 12.16 0.21 27.23
C ASP A 146 11.61 -0.72 26.15
N ARG A 147 12.50 -1.42 25.48
CA ARG A 147 12.12 -2.34 24.41
C ARG A 147 11.40 -3.56 24.99
N GLU A 148 11.67 -3.85 26.25
CA GLU A 148 11.07 -4.98 26.94
C GLU A 148 9.57 -4.79 27.08
N GLN A 149 9.15 -3.67 27.66
CA GLN A 149 7.74 -3.38 27.87
C GLN A 149 7.01 -3.27 26.54
N PHE A 150 7.67 -2.72 25.52
CA PHE A 150 7.06 -2.58 24.21
C PHE A 150 6.69 -3.95 23.65
N TYR A 151 7.58 -4.93 23.86
CA TYR A 151 7.36 -6.28 23.40
C TYR A 151 6.13 -6.87 24.08
N LYS A 152 5.94 -6.51 25.34
CA LYS A 152 4.80 -6.99 26.12
C LYS A 152 3.49 -6.49 25.51
N ILE A 153 3.48 -5.21 25.16
CA ILE A 153 2.29 -4.60 24.58
C ILE A 153 2.06 -5.13 23.16
N ALA A 154 3.14 -5.27 22.41
CA ALA A 154 3.07 -5.78 21.05
C ALA A 154 2.44 -7.17 21.03
N LYS A 155 2.89 -8.01 21.95
CA LYS A 155 2.37 -9.36 22.08
C LYS A 155 0.90 -9.32 22.50
N GLN A 156 0.59 -8.38 23.37
CA GLN A 156 -0.78 -8.21 23.87
C GLN A 156 -1.71 -7.84 22.72
N ILE A 157 -1.19 -7.04 21.78
CA ILE A 157 -1.96 -6.64 20.61
C ILE A 157 -2.36 -7.85 19.80
N VAL A 158 -1.37 -8.72 19.52
CA VAL A 158 -1.61 -9.93 18.75
C VAL A 158 -2.71 -10.78 19.39
N GLN A 159 -2.67 -10.87 20.72
CA GLN A 159 -3.67 -11.63 21.46
C GLN A 159 -5.07 -11.10 21.17
N LYS A 160 -5.20 -9.78 21.14
CA LYS A 160 -6.47 -9.12 20.86
C LYS A 160 -6.85 -9.24 19.38
N SER A 161 -5.86 -9.09 18.51
CA SER A 161 -6.08 -9.18 17.07
C SER A 161 -6.68 -10.54 16.69
N LEU A 162 -6.17 -11.60 17.31
CA LEU A 162 -6.66 -12.94 17.04
C LEU A 162 -7.87 -13.25 17.92
N GLY A 163 -8.06 -12.46 18.96
CA GLY A 163 -9.19 -12.67 19.86
C GLY A 163 -8.96 -13.84 20.80
N LEU A 164 -7.72 -14.02 21.22
CA LEU A 164 -7.37 -15.12 22.12
C LEU A 164 -6.90 -14.58 23.46
N SER B 1 -16.79 -14.69 -11.31
CA SER B 1 -16.71 -13.33 -11.80
C SER B 1 -17.13 -12.31 -10.72
N ALA B 2 -18.31 -11.73 -10.90
CA ALA B 2 -18.87 -10.73 -9.99
C ALA B 2 -18.84 -11.10 -8.50
N ASP B 3 -19.35 -12.26 -8.16
CA ASP B 3 -19.42 -12.65 -6.78
C ASP B 3 -18.57 -13.87 -6.50
N GLU B 4 -17.99 -14.42 -7.55
CA GLU B 4 -17.09 -15.55 -7.37
C GLU B 4 -15.88 -15.10 -6.58
N ARG B 5 -15.43 -13.90 -6.90
CA ARG B 5 -14.27 -13.31 -6.26
C ARG B 5 -14.61 -12.86 -4.84
N GLN B 6 -15.80 -12.30 -4.67
CA GLN B 6 -16.24 -11.79 -3.36
C GLN B 6 -16.16 -12.87 -2.28
N ARG B 7 -16.67 -14.06 -2.59
CA ARG B 7 -16.64 -15.16 -1.62
C ARG B 7 -15.22 -15.68 -1.45
N MET B 8 -14.55 -15.91 -2.58
CA MET B 8 -13.16 -16.38 -2.59
C MET B 8 -12.29 -15.55 -1.64
N LEU B 9 -12.36 -14.24 -1.80
CA LEU B 9 -11.59 -13.31 -0.97
C LEU B 9 -11.89 -13.53 0.51
N VAL B 10 -13.16 -13.59 0.86
CA VAL B 10 -13.56 -13.81 2.26
C VAL B 10 -12.93 -15.10 2.78
N GLN B 11 -12.85 -16.11 1.92
CA GLN B 11 -12.25 -17.38 2.28
C GLN B 11 -10.79 -17.18 2.68
N ARG B 12 -10.05 -16.38 1.91
CA ARG B 12 -8.64 -16.12 2.21
C ARG B 12 -8.50 -15.38 3.53
N LYS B 13 -9.41 -14.45 3.80
CA LYS B 13 -9.36 -13.67 5.02
C LYS B 13 -9.62 -14.54 6.26
N ASP B 14 -10.54 -15.50 6.12
CA ASP B 14 -10.86 -16.40 7.22
C ASP B 14 -9.69 -17.32 7.45
N GLU B 15 -9.31 -18.05 6.39
CA GLU B 15 -8.15 -18.93 6.43
C GLU B 15 -6.98 -18.28 7.14
N LEU B 16 -6.42 -17.24 6.49
CA LEU B 16 -5.30 -16.46 7.03
C LEU B 16 -5.40 -16.28 8.54
N LEU B 17 -6.53 -15.74 8.98
CA LEU B 17 -6.78 -15.50 10.38
C LEU B 17 -6.76 -16.81 11.18
N GLN B 18 -7.60 -17.77 10.81
CA GLN B 18 -7.66 -19.08 11.47
C GLN B 18 -6.27 -19.73 11.54
N GLN B 19 -5.46 -19.47 10.51
CA GLN B 19 -4.10 -20.00 10.44
C GLN B 19 -3.25 -19.36 11.52
N ALA B 20 -3.27 -18.02 11.56
CA ALA B 20 -2.52 -17.26 12.55
C ALA B 20 -2.77 -17.78 13.95
N ARG B 21 -4.02 -18.17 14.22
CA ARG B 21 -4.38 -18.68 15.53
C ARG B 21 -3.68 -20.00 15.82
N LYS B 22 -3.79 -20.94 14.88
CA LYS B 22 -3.16 -22.26 15.02
C LYS B 22 -1.66 -22.10 15.26
N ARG B 23 -1.08 -21.13 14.58
CA ARG B 23 0.35 -20.83 14.68
C ARG B 23 0.65 -20.22 16.04
N PHE B 24 0.18 -19.00 16.25
CA PHE B 24 0.32 -18.26 17.52
C PHE B 24 0.21 -19.17 18.75
N LEU B 25 -0.78 -20.06 18.70
CA LEU B 25 -1.05 -21.00 19.79
C LEU B 25 -0.03 -22.14 19.83
N ASN B 26 0.28 -22.71 18.67
CA ASN B 26 1.25 -23.82 18.56
C ASN B 26 2.61 -23.49 19.25
N LYS B 27 2.85 -22.21 19.52
CA LYS B 27 4.08 -21.79 20.17
C LYS B 27 4.02 -22.06 21.67
N ALA C 1 3.76 18.82 -26.94
CA ALA C 1 5.16 18.46 -27.20
C ALA C 1 5.31 16.95 -27.34
N VAL C 2 5.40 16.47 -28.57
CA VAL C 2 5.55 15.05 -28.84
C VAL C 2 6.65 14.83 -29.86
N ALA C 3 7.84 14.46 -29.40
CA ALA C 3 8.96 14.23 -30.29
C ALA C 3 9.04 12.76 -30.70
N THR C 4 8.41 11.90 -29.92
CA THR C 4 8.40 10.48 -30.19
C THR C 4 7.20 10.10 -31.06
N PRO C 5 7.43 9.36 -32.16
CA PRO C 5 6.37 8.95 -33.08
C PRO C 5 5.39 7.96 -32.45
N GLU C 6 4.22 7.84 -33.05
CA GLU C 6 3.18 6.94 -32.57
C GLU C 6 3.61 5.48 -32.70
N GLU C 7 4.53 5.23 -33.61
CA GLU C 7 5.04 3.89 -33.85
C GLU C 7 5.66 3.31 -32.57
N LEU C 8 6.30 4.16 -31.78
CA LEU C 8 6.91 3.73 -30.54
C LEU C 8 5.85 3.68 -29.44
N ALA C 9 4.83 4.50 -29.59
CA ALA C 9 3.74 4.56 -28.62
C ALA C 9 2.91 3.28 -28.69
N VAL C 10 2.78 2.73 -29.88
CA VAL C 10 2.02 1.50 -30.07
C VAL C 10 2.76 0.35 -29.37
N ASN C 11 4.08 0.32 -29.56
CA ASN C 11 4.93 -0.70 -28.96
C ASN C 11 4.96 -0.55 -27.44
N ASN C 12 5.15 0.67 -26.97
CA ASN C 12 5.18 0.93 -25.52
C ASN C 12 3.80 1.35 -25.04
N ASP C 13 2.96 0.36 -24.78
CA ASP C 13 1.60 0.59 -24.31
C ASP C 13 1.54 0.68 -22.78
N ASP C 14 2.71 0.78 -22.18
CA ASP C 14 2.81 0.85 -20.73
C ASP C 14 2.78 2.29 -20.23
N CYS C 15 2.30 2.48 -19.01
CA CYS C 15 2.23 3.79 -18.39
C CYS C 15 2.12 3.65 -16.88
N ALA C 16 3.24 3.85 -16.19
CA ALA C 16 3.29 3.74 -14.73
C ALA C 16 2.71 4.98 -14.04
N ILE C 17 1.76 5.62 -14.68
CA ILE C 17 1.13 6.81 -14.11
C ILE C 17 -0.39 6.73 -14.25
N CYS C 18 -0.88 6.70 -15.48
CA CYS C 18 -2.32 6.64 -15.72
C CYS C 18 -2.72 5.23 -16.10
N TRP C 19 -1.72 4.40 -16.40
CA TRP C 19 -1.92 3.01 -16.81
C TRP C 19 -2.52 2.98 -18.22
N ASP C 20 -2.59 1.77 -18.78
CA ASP C 20 -3.14 1.55 -20.12
C ASP C 20 -2.32 2.26 -21.21
N SER C 21 -2.85 2.26 -22.42
CA SER C 21 -2.18 2.88 -23.55
C SER C 21 -2.92 4.14 -23.99
N MET C 22 -2.17 5.22 -24.19
CA MET C 22 -2.75 6.48 -24.63
C MET C 22 -2.32 6.79 -26.05
N GLN C 23 -1.30 7.64 -26.20
CA GLN C 23 -0.78 8.01 -27.52
C GLN C 23 0.49 8.83 -27.38
N ALA C 24 0.32 10.14 -27.19
CA ALA C 24 1.46 11.07 -27.07
C ALA C 24 2.34 10.72 -25.88
N ALA C 25 3.61 10.45 -26.17
CA ALA C 25 4.57 10.09 -25.13
C ALA C 25 5.89 10.82 -25.33
N ARG C 26 6.61 11.05 -24.25
CA ARG C 26 7.89 11.73 -24.29
C ARG C 26 8.91 10.94 -23.46
N LYS C 27 10.15 10.93 -23.91
CA LYS C 27 11.20 10.23 -23.20
C LYS C 27 11.85 11.16 -22.19
N LEU C 28 11.87 10.74 -20.95
CA LEU C 28 12.48 11.51 -19.87
C LEU C 28 13.99 11.31 -19.88
N PRO C 29 14.75 12.24 -19.28
CA PRO C 29 16.22 12.19 -19.22
C PRO C 29 16.76 10.92 -18.56
N CYS C 30 15.89 10.16 -17.89
CA CYS C 30 16.31 8.93 -17.23
C CYS C 30 16.02 7.72 -18.12
N GLY C 31 15.52 7.96 -19.32
CA GLY C 31 15.22 6.89 -20.23
C GLY C 31 13.88 6.25 -19.97
N HIS C 32 12.93 7.03 -19.48
CA HIS C 32 11.59 6.54 -19.19
C HIS C 32 10.58 7.19 -20.12
N LEU C 33 9.65 6.40 -20.62
CA LEU C 33 8.63 6.91 -21.55
C LEU C 33 7.30 7.14 -20.83
N PHE C 34 6.91 8.40 -20.74
CA PHE C 34 5.66 8.77 -20.11
C PHE C 34 4.82 9.60 -21.07
N HIS C 35 3.51 9.45 -20.97
CA HIS C 35 2.59 10.18 -21.83
C HIS C 35 2.64 11.68 -21.51
N ASN C 36 2.43 12.50 -22.54
CA ASN C 36 2.46 13.96 -22.39
C ASN C 36 1.54 14.44 -21.27
N SER C 37 0.29 14.01 -21.31
CA SER C 37 -0.68 14.38 -20.30
C SER C 37 -0.28 13.89 -18.92
N CYS C 38 0.25 12.66 -18.87
CA CYS C 38 0.68 12.06 -17.62
C CYS C 38 1.83 12.85 -17.01
N LEU C 39 2.77 13.25 -17.85
CA LEU C 39 3.92 14.02 -17.41
C LEU C 39 3.45 15.38 -16.90
N ARG C 40 2.50 15.97 -17.60
CA ARG C 40 1.94 17.27 -17.22
C ARG C 40 1.31 17.21 -15.83
N SER C 41 0.56 16.15 -15.57
CA SER C 41 -0.11 16.00 -14.28
C SER C 41 0.89 15.71 -13.15
N TRP C 42 2.01 15.08 -13.49
CA TRP C 42 3.01 14.75 -12.49
C TRP C 42 3.91 15.94 -12.20
N LEU C 43 4.28 16.68 -13.24
CA LEU C 43 5.14 17.84 -13.09
C LEU C 43 4.40 18.96 -12.35
N GLU C 44 3.12 18.74 -12.10
CA GLU C 44 2.30 19.70 -11.38
C GLU C 44 2.27 19.32 -9.90
N GLN C 45 2.92 18.20 -9.57
CA GLN C 45 2.97 17.72 -8.20
C GLN C 45 4.40 17.75 -7.68
N ASP C 46 5.33 17.20 -8.45
CA ASP C 46 6.73 17.17 -8.06
C ASP C 46 7.63 17.37 -9.28
N THR C 47 8.92 17.15 -9.12
CA THR C 47 9.88 17.32 -10.20
C THR C 47 10.85 16.14 -10.24
N SER C 48 10.43 15.01 -9.71
CA SER C 48 11.25 13.82 -9.69
C SER C 48 10.60 12.70 -10.49
N CYS C 49 11.41 11.81 -11.04
CA CYS C 49 10.90 10.69 -11.82
C CYS C 49 10.44 9.59 -10.87
N PRO C 50 9.16 9.17 -10.96
CA PRO C 50 8.59 8.14 -10.10
C PRO C 50 9.41 6.84 -10.06
N THR C 51 9.87 6.41 -11.22
CA THR C 51 10.64 5.17 -11.33
C THR C 51 12.12 5.37 -11.04
N CYS C 52 12.52 6.55 -10.60
CA CYS C 52 13.93 6.81 -10.31
C CYS C 52 14.14 7.47 -8.95
N ARG C 53 13.12 8.20 -8.49
CA ARG C 53 13.19 8.91 -7.21
C ARG C 53 14.31 9.95 -7.25
N MET C 54 14.50 10.54 -8.42
CA MET C 54 15.52 11.55 -8.64
C MET C 54 14.94 12.71 -9.42
N SER C 55 15.34 13.92 -9.06
CA SER C 55 14.86 15.12 -9.71
C SER C 55 15.39 15.21 -11.15
N LEU C 56 14.53 15.62 -12.07
CA LEU C 56 14.92 15.75 -13.46
C LEU C 56 15.54 17.12 -13.73
N ASN C 57 16.74 17.12 -14.27
CA ASN C 57 17.45 18.36 -14.57
C ASN C 57 17.17 18.81 -16.01
N ILE C 58 16.26 18.10 -16.67
CA ILE C 58 15.88 18.40 -18.05
C ILE C 58 14.72 17.49 -18.45
ZN ZN D . -0.58 7.68 -19.73
ZN ZN E . 13.03 7.39 -14.74
N ALA A 1 -14.94 4.16 -17.74
CA ALA A 1 -13.88 3.64 -16.84
C ALA A 1 -12.72 4.62 -16.75
N GLY A 2 -12.56 5.22 -15.57
CA GLY A 2 -11.48 6.17 -15.37
C GLY A 2 -10.16 5.48 -15.10
N THR A 3 -9.13 6.28 -14.88
CA THR A 3 -7.80 5.76 -14.61
C THR A 3 -7.77 4.97 -13.31
N ALA A 4 -8.50 5.46 -12.32
CA ALA A 4 -8.57 4.80 -11.03
C ALA A 4 -9.24 3.45 -11.13
N LEU A 5 -10.38 3.41 -11.81
CA LEU A 5 -11.14 2.17 -11.96
C LEU A 5 -10.31 1.08 -12.67
N LYS A 6 -9.70 1.43 -13.80
CA LYS A 6 -8.89 0.47 -14.55
C LYS A 6 -7.67 0.03 -13.75
N ARG A 7 -6.96 0.99 -13.17
CA ARG A 7 -5.78 0.69 -12.38
C ARG A 7 -6.13 -0.17 -11.17
N LEU A 8 -7.16 0.23 -10.44
CA LEU A 8 -7.59 -0.50 -9.25
C LEU A 8 -8.05 -1.92 -9.58
N MET A 9 -8.75 -2.06 -10.69
CA MET A 9 -9.24 -3.37 -11.13
C MET A 9 -8.07 -4.30 -11.42
N ALA A 10 -7.04 -3.75 -12.05
CA ALA A 10 -5.85 -4.53 -12.40
C ALA A 10 -5.08 -4.93 -11.14
N GLU A 11 -4.97 -4.01 -10.20
CA GLU A 11 -4.26 -4.26 -8.95
C GLU A 11 -4.90 -5.40 -8.17
N TYR A 12 -6.23 -5.37 -8.04
CA TYR A 12 -6.94 -6.43 -7.31
C TYR A 12 -6.73 -7.78 -8.00
N LYS A 13 -6.82 -7.76 -9.33
CA LYS A 13 -6.63 -8.98 -10.12
C LYS A 13 -5.29 -9.61 -9.80
N GLN A 14 -4.24 -8.80 -9.80
CA GLN A 14 -2.89 -9.26 -9.52
C GLN A 14 -2.80 -9.82 -8.10
N LEU A 15 -3.52 -9.20 -7.17
CA LEU A 15 -3.51 -9.61 -5.77
C LEU A 15 -4.16 -10.99 -5.58
N THR A 16 -4.97 -11.40 -6.55
CA THR A 16 -5.61 -12.70 -6.47
C THR A 16 -4.88 -13.70 -7.36
N LEU A 17 -4.16 -13.18 -8.35
CA LEU A 17 -3.38 -14.02 -9.26
C LEU A 17 -2.10 -14.43 -8.54
N ASN A 18 -1.49 -13.48 -7.87
CA ASN A 18 -0.27 -13.71 -7.10
C ASN A 18 -0.50 -13.19 -5.68
N PRO A 19 -1.12 -14.02 -4.83
CA PRO A 19 -1.42 -13.66 -3.45
C PRO A 19 -0.21 -13.74 -2.53
N PRO A 20 0.23 -12.60 -1.97
CA PRO A 20 1.37 -12.56 -1.05
C PRO A 20 1.04 -13.30 0.24
N GLU A 21 2.02 -14.00 0.78
CA GLU A 21 1.84 -14.78 1.99
C GLU A 21 1.59 -13.88 3.20
N GLY A 22 0.39 -13.99 3.77
CA GLY A 22 0.05 -13.20 4.94
C GLY A 22 -0.61 -11.88 4.59
N ILE A 23 -0.98 -11.71 3.32
CA ILE A 23 -1.63 -10.47 2.89
C ILE A 23 -2.91 -10.75 2.12
N VAL A 24 -4.03 -10.40 2.73
CA VAL A 24 -5.34 -10.57 2.11
C VAL A 24 -6.00 -9.22 1.91
N ALA A 25 -5.84 -8.66 0.71
CA ALA A 25 -6.42 -7.35 0.42
C ALA A 25 -7.38 -7.43 -0.76
N GLY A 26 -8.45 -6.65 -0.69
CA GLY A 26 -9.44 -6.63 -1.75
C GLY A 26 -10.57 -5.66 -1.45
N PRO A 27 -11.37 -5.28 -2.46
CA PRO A 27 -12.49 -4.36 -2.27
C PRO A 27 -13.67 -5.00 -1.54
N MET A 28 -14.43 -4.19 -0.80
CA MET A 28 -15.58 -4.68 -0.07
C MET A 28 -16.64 -5.22 -1.03
N ASN A 29 -16.70 -4.60 -2.20
CA ASN A 29 -17.66 -4.99 -3.21
C ASN A 29 -17.07 -4.72 -4.58
N GLU A 30 -17.39 -5.56 -5.55
CA GLU A 30 -16.88 -5.44 -6.91
C GLU A 30 -17.43 -4.18 -7.58
N GLU A 31 -18.53 -3.66 -7.05
CA GLU A 31 -19.14 -2.46 -7.58
C GLU A 31 -18.59 -1.21 -6.89
N ASN A 32 -17.68 -1.43 -5.95
CA ASN A 32 -17.07 -0.34 -5.20
C ASN A 32 -15.59 -0.62 -4.96
N PHE A 33 -14.76 -0.15 -5.88
CA PHE A 33 -13.32 -0.36 -5.78
C PHE A 33 -12.65 0.77 -5.00
N PHE A 34 -13.44 1.52 -4.23
CA PHE A 34 -12.89 2.62 -3.45
C PHE A 34 -12.74 2.22 -1.98
N GLU A 35 -13.54 1.25 -1.55
CA GLU A 35 -13.48 0.76 -0.18
C GLU A 35 -12.82 -0.61 -0.15
N TRP A 36 -11.57 -0.66 0.29
CA TRP A 36 -10.83 -1.91 0.35
C TRP A 36 -10.58 -2.37 1.78
N GLU A 37 -10.45 -3.68 1.95
CA GLU A 37 -10.16 -4.28 3.24
C GLU A 37 -8.86 -5.07 3.12
N ALA A 38 -7.96 -4.89 4.06
CA ALA A 38 -6.68 -5.59 4.03
C ALA A 38 -6.40 -6.30 5.34
N LEU A 39 -6.27 -7.62 5.25
CA LEU A 39 -5.93 -8.44 6.40
C LEU A 39 -4.47 -8.82 6.30
N ILE A 40 -3.64 -8.21 7.12
CA ILE A 40 -2.22 -8.49 7.10
C ILE A 40 -1.79 -9.24 8.36
N MET A 41 -1.15 -10.38 8.15
CA MET A 41 -0.67 -11.19 9.26
C MET A 41 0.80 -10.91 9.51
N GLY A 42 1.13 -10.49 10.72
CA GLY A 42 2.50 -10.20 11.07
C GLY A 42 3.43 -11.39 10.89
N PRO A 43 4.57 -11.20 10.20
CA PRO A 43 5.54 -12.28 9.97
C PRO A 43 6.12 -12.82 11.27
N GLU A 44 6.49 -14.09 11.26
CA GLU A 44 7.04 -14.74 12.44
C GLU A 44 8.43 -14.20 12.74
N ASP A 45 8.81 -14.27 14.02
CA ASP A 45 10.11 -13.81 14.51
C ASP A 45 10.13 -12.29 14.64
N THR A 46 8.97 -11.72 14.95
CA THR A 46 8.85 -10.27 15.11
C THR A 46 8.15 -9.94 16.41
N CYS A 47 7.60 -8.74 16.50
CA CYS A 47 6.89 -8.30 17.69
C CYS A 47 5.39 -8.36 17.46
N PHE A 48 4.99 -8.65 16.23
CA PHE A 48 3.57 -8.72 15.88
C PHE A 48 3.28 -9.95 15.02
N GLU A 49 3.99 -11.02 15.27
CA GLU A 49 3.81 -12.25 14.50
C GLU A 49 2.45 -12.88 14.77
N PHE A 50 1.86 -13.44 13.71
CA PHE A 50 0.55 -14.10 13.77
C PHE A 50 -0.58 -13.11 14.00
N GLY A 51 -0.28 -11.82 13.86
CA GLY A 51 -1.29 -10.81 14.06
C GLY A 51 -2.07 -10.51 12.80
N VAL A 52 -3.27 -11.09 12.69
CA VAL A 52 -4.14 -10.83 11.55
C VAL A 52 -4.81 -9.47 11.78
N PHE A 53 -4.14 -8.42 11.32
CA PHE A 53 -4.63 -7.06 11.53
C PHE A 53 -5.53 -6.58 10.39
N PRO A 54 -6.74 -6.09 10.75
CA PRO A 54 -7.70 -5.56 9.78
C PRO A 54 -7.49 -4.07 9.50
N ALA A 55 -7.12 -3.77 8.26
CA ALA A 55 -6.90 -2.40 7.85
C ALA A 55 -7.84 -2.01 6.72
N ILE A 56 -8.38 -0.81 6.80
CA ILE A 56 -9.29 -0.31 5.78
C ILE A 56 -8.55 0.66 4.87
N LEU A 57 -8.69 0.47 3.57
CA LEU A 57 -8.02 1.32 2.61
C LEU A 57 -9.04 2.10 1.77
N SER A 58 -9.07 3.41 1.95
CA SER A 58 -9.98 4.27 1.20
C SER A 58 -9.23 4.89 0.03
N PHE A 59 -9.61 4.51 -1.17
CA PHE A 59 -8.96 5.01 -2.38
C PHE A 59 -9.65 6.25 -2.94
N PRO A 60 -8.88 7.15 -3.57
CA PRO A 60 -9.41 8.37 -4.18
C PRO A 60 -9.92 8.13 -5.60
N LEU A 61 -10.51 9.15 -6.20
CA LEU A 61 -11.04 9.06 -7.55
C LEU A 61 -9.99 9.40 -8.59
N ASP A 62 -8.97 10.15 -8.17
CA ASP A 62 -7.89 10.55 -9.06
C ASP A 62 -6.72 9.58 -8.99
N TYR A 63 -6.99 8.38 -8.46
CA TYR A 63 -5.98 7.35 -8.33
C TYR A 63 -5.38 7.02 -9.71
N PRO A 64 -4.07 6.73 -9.80
CA PRO A 64 -3.16 6.68 -8.66
C PRO A 64 -2.33 7.96 -8.47
N LEU A 65 -2.92 9.12 -8.72
CA LEU A 65 -2.21 10.37 -8.54
C LEU A 65 -2.09 10.68 -7.05
N SER A 66 -3.12 10.32 -6.30
CA SER A 66 -3.14 10.54 -4.87
C SER A 66 -3.13 9.19 -4.14
N PRO A 67 -2.46 9.14 -2.97
CA PRO A 67 -2.37 7.92 -2.18
C PRO A 67 -3.67 7.60 -1.43
N PRO A 68 -3.94 6.32 -1.16
CA PRO A 68 -5.13 5.90 -0.44
C PRO A 68 -4.99 6.10 1.07
N LYS A 69 -6.12 6.22 1.74
CA LYS A 69 -6.13 6.42 3.19
C LYS A 69 -6.20 5.07 3.89
N MET A 70 -5.08 4.63 4.45
CA MET A 70 -5.01 3.36 5.15
C MET A 70 -5.18 3.58 6.66
N ARG A 71 -6.21 2.98 7.23
CA ARG A 71 -6.48 3.12 8.65
C ARG A 71 -6.92 1.77 9.24
N PHE A 72 -6.31 1.41 10.37
CA PHE A 72 -6.64 0.17 11.05
C PHE A 72 -7.98 0.32 11.77
N THR A 73 -8.79 -0.73 11.75
CA THR A 73 -10.08 -0.71 12.42
C THR A 73 -10.00 -1.33 13.80
N CYS A 74 -8.78 -1.49 14.30
CA CYS A 74 -8.56 -2.08 15.61
C CYS A 74 -7.56 -1.25 16.40
N GLU A 75 -7.37 -1.61 17.67
CA GLU A 75 -6.43 -0.92 18.53
C GLU A 75 -5.01 -1.35 18.17
N MET A 76 -4.07 -0.41 18.20
CA MET A 76 -2.69 -0.72 17.86
C MET A 76 -1.71 0.03 18.77
N PHE A 77 -0.46 -0.39 18.74
CA PHE A 77 0.58 0.23 19.55
C PHE A 77 1.85 0.39 18.73
N HIS A 78 1.71 0.93 17.54
CA HIS A 78 2.86 1.15 16.68
C HIS A 78 3.14 2.64 16.55
N PRO A 79 4.41 3.05 16.69
CA PRO A 79 4.83 4.46 16.60
C PRO A 79 4.37 5.16 15.32
N ASN A 80 4.30 4.43 14.22
CA ASN A 80 3.89 5.00 12.93
C ASN A 80 2.38 4.98 12.76
N ILE A 81 1.66 4.54 13.78
CA ILE A 81 0.21 4.48 13.70
C ILE A 81 -0.44 5.41 14.70
N TYR A 82 -1.29 6.30 14.21
CA TYR A 82 -2.01 7.24 15.06
C TYR A 82 -3.03 6.50 15.91
N PRO A 83 -3.37 7.02 17.10
CA PRO A 83 -4.36 6.39 18.00
C PRO A 83 -5.70 6.10 17.30
N ASP A 84 -5.99 6.83 16.23
CA ASP A 84 -7.22 6.64 15.48
C ASP A 84 -7.09 5.51 14.45
N GLY A 85 -5.87 4.99 14.29
CA GLY A 85 -5.66 3.89 13.38
C GLY A 85 -4.97 4.30 12.09
N ARG A 86 -4.84 5.60 11.84
CA ARG A 86 -4.19 6.07 10.62
C ARG A 86 -2.71 5.69 10.57
N VAL A 87 -2.31 5.08 9.46
CA VAL A 87 -0.93 4.68 9.27
C VAL A 87 -0.14 5.83 8.66
N CYS A 88 0.87 6.30 9.38
CA CYS A 88 1.68 7.42 8.92
C CYS A 88 3.07 6.96 8.52
N ILE A 89 3.34 6.98 7.21
CA ILE A 89 4.64 6.60 6.67
C ILE A 89 4.90 7.37 5.38
N SER A 90 6.16 7.67 5.13
CA SER A 90 6.57 8.42 3.94
C SER A 90 6.07 7.82 2.63
N ILE A 91 5.79 6.51 2.61
CA ILE A 91 5.31 5.85 1.39
C ILE A 91 3.92 6.38 0.99
N LEU A 92 3.19 6.90 1.97
CA LEU A 92 1.86 7.44 1.71
C LEU A 92 1.88 8.96 1.81
N HIS A 93 3.08 9.51 1.69
CA HIS A 93 3.27 10.95 1.76
C HIS A 93 3.41 11.53 0.36
N ALA A 94 2.45 12.35 -0.03
CA ALA A 94 2.47 12.97 -1.35
C ALA A 94 2.85 14.44 -1.23
N PRO A 95 3.95 14.85 -1.89
CA PRO A 95 4.39 16.23 -1.85
C PRO A 95 3.59 17.11 -2.80
N GLY A 96 2.60 17.82 -2.25
CA GLY A 96 1.77 18.68 -3.05
C GLY A 96 0.72 17.92 -3.84
N SER A 105 13.71 14.06 2.15
CA SER A 105 12.67 13.37 1.39
C SER A 105 13.11 11.94 1.05
N ALA A 106 12.35 10.97 1.54
CA ALA A 106 12.64 9.57 1.29
C ALA A 106 11.72 9.05 0.20
N GLU A 107 11.53 7.73 0.15
CA GLU A 107 10.64 7.12 -0.84
C GLU A 107 9.20 7.49 -0.53
N ARG A 108 8.72 8.55 -1.18
CA ARG A 108 7.37 9.04 -0.99
C ARG A 108 6.42 8.47 -2.03
N TRP A 109 5.22 9.04 -2.09
CA TRP A 109 4.21 8.60 -3.02
C TRP A 109 4.57 8.95 -4.46
N SER A 110 4.26 8.05 -5.36
CA SER A 110 4.50 8.21 -6.78
C SER A 110 3.53 7.32 -7.54
N PRO A 111 3.18 7.67 -8.79
CA PRO A 111 2.25 6.88 -9.61
C PRO A 111 2.72 5.42 -9.81
N VAL A 112 3.99 5.18 -9.59
CA VAL A 112 4.57 3.85 -9.73
C VAL A 112 4.31 3.00 -8.48
N GLN A 113 3.90 3.65 -7.40
CA GLN A 113 3.63 2.95 -6.16
C GLN A 113 2.22 2.37 -6.22
N SER A 114 2.12 1.08 -6.03
CA SER A 114 0.83 0.41 -6.07
C SER A 114 0.47 -0.13 -4.69
N VAL A 115 -0.71 -0.74 -4.57
CA VAL A 115 -1.19 -1.29 -3.31
C VAL A 115 -0.23 -2.35 -2.75
N GLU A 116 0.29 -3.20 -3.64
CA GLU A 116 1.20 -4.27 -3.21
C GLU A 116 2.45 -3.68 -2.55
N LYS A 117 2.95 -2.58 -3.10
CA LYS A 117 4.13 -1.92 -2.58
C LYS A 117 3.82 -1.29 -1.23
N ILE A 118 2.65 -0.67 -1.12
CA ILE A 118 2.22 -0.03 0.12
C ILE A 118 2.14 -1.06 1.23
N LEU A 119 1.48 -2.18 0.94
CA LEU A 119 1.32 -3.26 1.90
C LEU A 119 2.67 -3.78 2.39
N LEU A 120 3.62 -3.91 1.46
CA LEU A 120 4.95 -4.38 1.80
C LEU A 120 5.62 -3.42 2.78
N SER A 121 5.51 -2.13 2.51
CA SER A 121 6.09 -1.10 3.37
C SER A 121 5.52 -1.22 4.79
N VAL A 122 4.23 -1.46 4.90
CA VAL A 122 3.57 -1.59 6.19
C VAL A 122 4.11 -2.82 6.93
N VAL A 123 4.19 -3.94 6.22
CA VAL A 123 4.70 -5.18 6.81
C VAL A 123 6.13 -4.98 7.30
N SER A 124 6.92 -4.26 6.51
CA SER A 124 8.31 -3.99 6.84
C SER A 124 8.41 -3.15 8.13
N MET A 125 7.55 -2.14 8.24
CA MET A 125 7.55 -1.26 9.41
C MET A 125 7.07 -1.99 10.67
N LEU A 126 6.31 -3.07 10.47
CA LEU A 126 5.80 -3.85 11.58
C LEU A 126 6.91 -4.72 12.15
N ALA A 127 7.74 -5.26 11.27
CA ALA A 127 8.86 -6.10 11.67
C ALA A 127 10.02 -5.24 12.17
N GLU A 128 10.21 -4.11 11.50
CA GLU A 128 11.27 -3.18 11.85
C GLU A 128 10.66 -1.78 12.03
N PRO A 129 10.16 -1.48 13.24
CA PRO A 129 9.54 -0.18 13.53
C PRO A 129 10.50 0.98 13.33
N ASN A 130 10.16 1.86 12.39
CA ASN A 130 10.97 3.03 12.08
C ASN A 130 10.11 4.29 12.17
N ASP A 131 9.98 4.82 13.37
CA ASP A 131 9.17 6.02 13.58
C ASP A 131 9.83 7.24 12.97
N GLU A 132 9.21 7.80 11.94
CA GLU A 132 9.72 8.97 11.29
C GLU A 132 8.69 10.09 11.34
N SER A 133 7.47 9.73 11.72
CA SER A 133 6.37 10.68 11.79
C SER A 133 6.03 11.08 13.23
N GLY A 134 6.06 10.11 14.13
CA GLY A 134 5.72 10.38 15.52
C GLY A 134 4.22 10.35 15.74
N ALA A 135 3.56 9.38 15.11
CA ALA A 135 2.12 9.23 15.21
C ALA A 135 1.71 8.83 16.63
N ASN A 136 2.33 7.78 17.14
CA ASN A 136 2.04 7.31 18.49
C ASN A 136 3.21 7.64 19.42
N VAL A 137 3.25 8.89 19.84
CA VAL A 137 4.31 9.40 20.72
C VAL A 137 4.54 8.52 21.95
N ASP A 138 3.48 7.94 22.48
CA ASP A 138 3.58 7.09 23.66
C ASP A 138 4.39 5.83 23.33
N ALA A 139 4.13 5.26 22.16
CA ALA A 139 4.81 4.05 21.71
C ALA A 139 6.24 4.38 21.28
N SER A 140 6.42 5.50 20.59
CA SER A 140 7.73 5.92 20.12
C SER A 140 8.70 6.08 21.29
N LYS A 141 8.25 6.74 22.35
CA LYS A 141 9.07 6.96 23.53
C LYS A 141 9.40 5.64 24.21
N MET A 142 8.43 4.72 24.25
CA MET A 142 8.64 3.42 24.87
C MET A 142 9.63 2.61 24.06
N TRP A 143 9.46 2.63 22.74
CA TRP A 143 10.32 1.89 21.83
C TRP A 143 11.79 2.30 22.01
N ARG A 144 12.02 3.59 22.21
CA ARG A 144 13.38 4.10 22.39
C ARG A 144 13.89 3.85 23.81
N ASP A 145 12.99 3.90 24.79
CA ASP A 145 13.37 3.71 26.18
C ASP A 145 13.26 2.25 26.62
N ASP A 146 12.06 1.84 27.01
CA ASP A 146 11.82 0.47 27.47
C ASP A 146 11.45 -0.43 26.30
N ARG A 147 12.48 -1.02 25.69
CA ARG A 147 12.29 -1.92 24.56
C ARG A 147 11.58 -3.20 25.00
N GLU A 148 11.83 -3.61 26.24
CA GLU A 148 11.26 -4.82 26.79
C GLU A 148 9.75 -4.68 26.95
N GLN A 149 9.32 -3.60 27.60
CA GLN A 149 7.89 -3.35 27.82
C GLN A 149 7.15 -3.25 26.49
N PHE A 150 7.82 -2.69 25.48
CA PHE A 150 7.22 -2.54 24.17
C PHE A 150 6.81 -3.88 23.60
N TYR A 151 7.70 -4.86 23.70
CA TYR A 151 7.42 -6.21 23.20
C TYR A 151 6.27 -6.86 23.95
N LYS A 152 6.13 -6.50 25.22
CA LYS A 152 5.05 -7.04 26.04
C LYS A 152 3.70 -6.53 25.54
N ILE A 153 3.64 -5.24 25.23
CA ILE A 153 2.43 -4.62 24.74
C ILE A 153 2.15 -5.07 23.31
N ALA A 154 3.21 -5.18 22.52
CA ALA A 154 3.10 -5.62 21.13
C ALA A 154 2.48 -7.01 21.06
N LYS A 155 2.90 -7.88 21.97
CA LYS A 155 2.39 -9.23 22.05
C LYS A 155 0.90 -9.21 22.40
N GLN A 156 0.54 -8.29 23.31
CA GLN A 156 -0.83 -8.14 23.73
C GLN A 156 -1.71 -7.75 22.55
N ILE A 157 -1.16 -6.94 21.65
CA ILE A 157 -1.88 -6.51 20.46
C ILE A 157 -2.22 -7.72 19.59
N VAL A 158 -1.28 -8.67 19.52
CA VAL A 158 -1.47 -9.90 18.76
C VAL A 158 -2.60 -10.72 19.37
N GLN A 159 -2.61 -10.78 20.71
CA GLN A 159 -3.64 -11.51 21.43
C GLN A 159 -5.00 -10.88 21.13
N LYS A 160 -5.05 -9.55 21.15
CA LYS A 160 -6.27 -8.79 20.90
C LYS A 160 -6.74 -8.91 19.46
N SER A 161 -5.81 -8.90 18.51
CA SER A 161 -6.18 -8.99 17.09
C SER A 161 -6.71 -10.37 16.75
N LEU A 162 -6.01 -11.41 17.20
CA LEU A 162 -6.45 -12.77 16.94
C LEU A 162 -7.69 -13.12 17.74
N GLY A 163 -7.87 -12.43 18.87
CA GLY A 163 -9.04 -12.68 19.70
C GLY A 163 -8.80 -13.79 20.69
N LEU A 164 -7.61 -13.84 21.26
CA LEU A 164 -7.26 -14.86 22.24
C LEU A 164 -6.68 -14.21 23.49
N SER B 1 -17.12 -15.22 -10.93
CA SER B 1 -16.85 -13.89 -11.45
C SER B 1 -17.31 -12.80 -10.47
N ALA B 2 -18.47 -12.18 -10.74
CA ALA B 2 -19.02 -11.11 -9.92
C ALA B 2 -18.95 -11.41 -8.43
N ASP B 3 -19.42 -12.59 -8.02
CA ASP B 3 -19.39 -12.90 -6.60
C ASP B 3 -18.56 -14.14 -6.31
N GLU B 4 -18.05 -14.81 -7.35
CA GLU B 4 -17.18 -15.96 -7.12
C GLU B 4 -15.91 -15.51 -6.43
N ARG B 5 -15.40 -14.36 -6.88
CA ARG B 5 -14.18 -13.79 -6.33
C ARG B 5 -14.45 -13.20 -4.96
N GLN B 6 -15.62 -12.57 -4.81
CA GLN B 6 -16.00 -11.94 -3.55
C GLN B 6 -15.98 -12.95 -2.40
N ARG B 7 -16.55 -14.12 -2.63
CA ARG B 7 -16.59 -15.16 -1.62
C ARG B 7 -15.19 -15.74 -1.41
N MET B 8 -14.52 -16.06 -2.51
CA MET B 8 -13.15 -16.58 -2.48
C MET B 8 -12.29 -15.71 -1.56
N LEU B 9 -12.34 -14.40 -1.81
CA LEU B 9 -11.59 -13.42 -1.03
C LEU B 9 -11.91 -13.53 0.45
N VAL B 10 -13.21 -13.55 0.78
CA VAL B 10 -13.65 -13.66 2.16
C VAL B 10 -13.02 -14.90 2.80
N GLN B 11 -12.95 -15.98 2.02
CA GLN B 11 -12.36 -17.21 2.49
C GLN B 11 -10.88 -16.99 2.83
N ARG B 12 -10.17 -16.23 2.00
CA ARG B 12 -8.76 -15.95 2.26
C ARG B 12 -8.58 -15.21 3.58
N LYS B 13 -9.49 -14.27 3.84
CA LYS B 13 -9.43 -13.50 5.07
C LYS B 13 -9.73 -14.36 6.28
N ASP B 14 -10.66 -15.30 6.11
CA ASP B 14 -11.05 -16.20 7.16
C ASP B 14 -9.90 -17.17 7.42
N GLU B 15 -9.53 -17.92 6.38
CA GLU B 15 -8.41 -18.85 6.44
C GLU B 15 -7.20 -18.24 7.14
N LEU B 16 -6.58 -17.24 6.48
CA LEU B 16 -5.41 -16.52 7.02
C LEU B 16 -5.52 -16.31 8.51
N LEU B 17 -6.63 -15.72 8.93
CA LEU B 17 -6.89 -15.44 10.31
C LEU B 17 -6.85 -16.73 11.15
N GLN B 18 -7.69 -17.69 10.80
CA GLN B 18 -7.74 -18.98 11.50
C GLN B 18 -6.36 -19.64 11.60
N GLN B 19 -5.54 -19.44 10.56
CA GLN B 19 -4.19 -20.01 10.52
C GLN B 19 -3.31 -19.36 11.57
N ALA B 20 -3.27 -18.03 11.56
CA ALA B 20 -2.48 -17.28 12.53
C ALA B 20 -2.75 -17.75 13.94
N ARG B 21 -4.01 -18.05 14.19
CA ARG B 21 -4.46 -18.49 15.48
C ARG B 21 -3.87 -19.87 15.80
N LYS B 22 -4.03 -20.79 14.86
CA LYS B 22 -3.51 -22.15 15.00
C LYS B 22 -2.01 -22.11 15.30
N ARG B 23 -1.34 -21.18 14.64
CA ARG B 23 0.09 -20.98 14.79
C ARG B 23 0.42 -20.37 16.16
N PHE B 24 0.06 -19.10 16.32
CA PHE B 24 0.26 -18.34 17.57
C PHE B 24 0.09 -19.20 18.83
N LEU B 25 -0.94 -20.04 18.81
CA LEU B 25 -1.25 -20.91 19.94
C LEU B 25 -0.27 -22.09 20.04
N ASN B 26 0.02 -22.75 18.93
CA ASN B 26 0.94 -23.89 18.91
C ASN B 26 2.33 -23.52 19.47
N LYS B 27 2.57 -22.21 19.59
CA LYS B 27 3.83 -21.72 20.12
C LYS B 27 3.95 -22.02 21.61
N ALA C 1 3.81 18.98 -27.54
CA ALA C 1 5.04 18.79 -26.73
C ALA C 1 5.51 17.34 -26.79
N VAL C 2 5.30 16.71 -27.94
CA VAL C 2 5.70 15.32 -28.13
C VAL C 2 6.62 15.20 -29.34
N ALA C 3 7.90 14.99 -29.08
CA ALA C 3 8.89 14.84 -30.14
C ALA C 3 9.05 13.38 -30.52
N THR C 4 8.66 12.49 -29.62
CA THR C 4 8.74 11.07 -29.85
C THR C 4 7.63 10.61 -30.79
N PRO C 5 7.98 9.84 -31.84
CA PRO C 5 7.01 9.35 -32.82
C PRO C 5 5.93 8.49 -32.19
N GLU C 6 4.70 8.64 -32.69
CA GLU C 6 3.56 7.88 -32.18
C GLU C 6 3.75 6.37 -32.40
N GLU C 7 4.70 6.02 -33.25
CA GLU C 7 4.99 4.62 -33.53
C GLU C 7 5.56 3.95 -32.29
N LEU C 8 6.19 4.74 -31.44
CA LEU C 8 6.79 4.25 -30.21
C LEU C 8 5.70 3.94 -29.17
N ALA C 9 4.55 4.59 -29.34
CA ALA C 9 3.42 4.39 -28.44
C ALA C 9 2.79 3.03 -28.69
N VAL C 10 3.13 2.42 -29.82
CA VAL C 10 2.62 1.11 -30.17
C VAL C 10 3.42 0.04 -29.42
N ASN C 11 4.70 0.35 -29.17
CA ASN C 11 5.57 -0.55 -28.44
C ASN C 11 5.34 -0.38 -26.95
N ASN C 12 5.24 0.89 -26.53
CA ASN C 12 4.99 1.22 -25.12
C ASN C 12 3.49 1.25 -24.88
N ASP C 13 2.91 0.06 -24.79
CA ASP C 13 1.46 -0.09 -24.61
C ASP C 13 1.00 0.08 -23.16
N ASP C 14 1.83 0.69 -22.31
CA ASP C 14 1.44 0.88 -20.93
C ASP C 14 1.87 2.26 -20.41
N CYS C 15 1.63 2.49 -19.13
CA CYS C 15 1.97 3.76 -18.51
C CYS C 15 2.00 3.58 -16.98
N ALA C 16 3.17 3.76 -16.38
CA ALA C 16 3.32 3.60 -14.94
C ALA C 16 2.79 4.84 -14.19
N ILE C 17 1.76 5.45 -14.75
CA ILE C 17 1.14 6.63 -14.14
C ILE C 17 -0.38 6.55 -14.26
N CYS C 18 -0.87 6.56 -15.49
CA CYS C 18 -2.31 6.51 -15.74
C CYS C 18 -2.75 5.14 -16.23
N TRP C 19 -1.77 4.25 -16.45
CA TRP C 19 -2.05 2.91 -16.96
C TRP C 19 -2.60 3.04 -18.38
N ASP C 20 -3.18 1.95 -18.90
CA ASP C 20 -3.75 1.94 -20.25
C ASP C 20 -2.68 2.27 -21.29
N SER C 21 -3.09 2.71 -22.47
CA SER C 21 -2.16 3.06 -23.52
C SER C 21 -2.59 4.36 -24.20
N MET C 22 -1.62 5.26 -24.40
CA MET C 22 -1.89 6.55 -25.04
C MET C 22 -0.87 6.78 -26.15
N GLN C 23 -1.16 7.71 -27.04
CA GLN C 23 -0.26 7.99 -28.16
C GLN C 23 0.74 9.11 -27.86
N ALA C 24 0.35 10.07 -27.04
CA ALA C 24 1.23 11.18 -26.70
C ALA C 24 2.28 10.77 -25.65
N ALA C 25 3.27 10.01 -26.09
CA ALA C 25 4.33 9.54 -25.20
C ALA C 25 5.59 10.37 -25.37
N ARG C 26 6.22 10.72 -24.26
CA ARG C 26 7.44 11.51 -24.29
C ARG C 26 8.54 10.82 -23.47
N LYS C 27 9.74 10.81 -24.03
CA LYS C 27 10.88 10.19 -23.35
C LYS C 27 11.53 11.15 -22.37
N LEU C 28 11.72 10.69 -21.14
CA LEU C 28 12.34 11.49 -20.09
C LEU C 28 13.85 11.24 -20.09
N PRO C 29 14.64 12.20 -19.57
CA PRO C 29 16.11 12.09 -19.52
C PRO C 29 16.60 10.93 -18.66
N CYS C 30 15.71 10.37 -17.87
CA CYS C 30 16.06 9.25 -16.99
C CYS C 30 15.83 7.91 -17.68
N GLY C 31 15.45 7.95 -18.95
CA GLY C 31 15.21 6.72 -19.69
C GLY C 31 13.84 6.13 -19.44
N HIS C 32 12.83 6.98 -19.34
CA HIS C 32 11.47 6.52 -19.10
C HIS C 32 10.51 7.14 -20.09
N LEU C 33 9.49 6.38 -20.47
CA LEU C 33 8.50 6.85 -21.43
C LEU C 33 7.18 7.17 -20.74
N PHE C 34 6.90 8.45 -20.58
CA PHE C 34 5.68 8.88 -19.93
C PHE C 34 4.90 9.79 -20.86
N HIS C 35 3.58 9.66 -20.82
CA HIS C 35 2.71 10.46 -21.67
C HIS C 35 2.75 11.92 -21.23
N ASN C 36 2.68 12.83 -22.20
CA ASN C 36 2.72 14.26 -21.94
C ASN C 36 1.67 14.68 -20.92
N SER C 37 0.44 14.20 -21.12
CA SER C 37 -0.67 14.51 -20.23
C SER C 37 -0.37 14.02 -18.81
N CYS C 38 0.24 12.83 -18.72
CA CYS C 38 0.57 12.25 -17.43
C CYS C 38 1.74 12.98 -16.78
N LEU C 39 2.75 13.29 -17.59
CA LEU C 39 3.92 13.99 -17.11
C LEU C 39 3.56 15.37 -16.56
N ARG C 40 2.76 16.12 -17.31
CA ARG C 40 2.36 17.45 -16.86
C ARG C 40 1.56 17.40 -15.57
N SER C 41 0.82 16.31 -15.37
CA SER C 41 0.01 16.13 -14.18
C SER C 41 0.90 15.86 -12.97
N TRP C 42 1.94 15.05 -13.15
CA TRP C 42 2.85 14.73 -12.07
C TRP C 42 3.85 15.84 -11.84
N LEU C 43 4.31 16.46 -12.93
CA LEU C 43 5.28 17.56 -12.86
C LEU C 43 4.71 18.73 -12.08
N GLU C 44 3.39 18.82 -12.06
CA GLU C 44 2.70 19.88 -11.34
C GLU C 44 2.76 19.60 -9.85
N GLN C 45 2.87 18.32 -9.51
CA GLN C 45 2.95 17.87 -8.13
C GLN C 45 4.39 17.95 -7.65
N ASP C 46 5.28 17.23 -8.32
CA ASP C 46 6.69 17.21 -7.98
C ASP C 46 7.52 17.03 -9.24
N THR C 47 8.81 17.27 -9.14
CA THR C 47 9.70 17.14 -10.28
C THR C 47 10.61 15.92 -10.15
N SER C 48 10.13 14.91 -9.46
CA SER C 48 10.90 13.68 -9.28
C SER C 48 10.31 12.54 -10.09
N CYS C 49 11.17 11.78 -10.75
CA CYS C 49 10.72 10.65 -11.56
C CYS C 49 10.37 9.45 -10.65
N PRO C 50 9.16 8.89 -10.82
CA PRO C 50 8.68 7.75 -10.03
C PRO C 50 9.69 6.59 -9.94
N THR C 51 9.92 5.92 -11.07
CA THR C 51 10.83 4.78 -11.11
C THR C 51 12.30 5.22 -11.14
N CYS C 52 12.63 6.27 -10.41
CA CYS C 52 14.00 6.77 -10.34
C CYS C 52 14.31 7.36 -8.98
N ARG C 53 13.31 8.02 -8.38
CA ARG C 53 13.45 8.64 -7.07
C ARG C 53 14.47 9.78 -7.14
N MET C 54 14.49 10.47 -8.27
CA MET C 54 15.42 11.57 -8.47
C MET C 54 14.73 12.72 -9.21
N SER C 55 15.13 13.94 -8.87
CA SER C 55 14.56 15.13 -9.49
C SER C 55 15.06 15.30 -10.92
N LEU C 56 14.24 15.92 -11.76
CA LEU C 56 14.59 16.15 -13.16
C LEU C 56 15.26 17.51 -13.32
N ASN C 57 16.47 17.52 -13.85
CA ASN C 57 17.20 18.76 -14.06
C ASN C 57 17.08 19.21 -15.52
N ILE C 58 16.31 18.46 -16.29
CA ILE C 58 16.08 18.74 -17.70
C ILE C 58 14.88 17.94 -18.17
ZN ZN D . -0.29 7.80 -19.75
ZN ZN E . 12.95 7.68 -14.76
N ALA A 1 -14.43 3.94 -18.03
CA ALA A 1 -13.58 3.73 -16.84
C ALA A 1 -12.44 4.71 -16.81
N GLY A 2 -12.28 5.39 -15.67
CA GLY A 2 -11.22 6.36 -15.52
C GLY A 2 -9.92 5.71 -15.08
N THR A 3 -8.91 6.54 -14.84
CA THR A 3 -7.60 6.08 -14.44
C THR A 3 -7.66 5.29 -13.13
N ALA A 4 -8.38 5.83 -12.16
CA ALA A 4 -8.50 5.20 -10.85
C ALA A 4 -9.13 3.81 -10.95
N LEU A 5 -10.29 3.73 -11.59
CA LEU A 5 -11.01 2.45 -11.73
C LEU A 5 -10.16 1.40 -12.43
N LYS A 6 -9.58 1.75 -13.57
CA LYS A 6 -8.75 0.81 -14.32
C LYS A 6 -7.55 0.34 -13.51
N ARG A 7 -6.91 1.28 -12.83
CA ARG A 7 -5.75 0.97 -12.00
C ARG A 7 -6.14 0.08 -10.82
N LEU A 8 -7.20 0.48 -10.13
CA LEU A 8 -7.66 -0.25 -8.95
C LEU A 8 -8.09 -1.68 -9.31
N MET A 9 -8.83 -1.82 -10.40
CA MET A 9 -9.29 -3.14 -10.84
C MET A 9 -8.12 -4.04 -11.18
N ALA A 10 -7.10 -3.47 -11.83
CA ALA A 10 -5.91 -4.21 -12.23
C ALA A 10 -5.14 -4.70 -11.01
N GLU A 11 -4.99 -3.83 -10.02
CA GLU A 11 -4.24 -4.18 -8.81
C GLU A 11 -4.93 -5.31 -8.06
N TYR A 12 -6.25 -5.25 -7.94
CA TYR A 12 -7.00 -6.31 -7.25
C TYR A 12 -6.84 -7.63 -7.99
N LYS A 13 -6.87 -7.56 -9.32
CA LYS A 13 -6.73 -8.75 -10.17
C LYS A 13 -5.37 -9.39 -9.91
N GLN A 14 -4.33 -8.57 -9.81
CA GLN A 14 -2.98 -9.06 -9.56
C GLN A 14 -2.88 -9.66 -8.16
N LEU A 15 -3.56 -9.03 -7.20
CA LEU A 15 -3.53 -9.49 -5.81
C LEU A 15 -4.31 -10.79 -5.63
N THR A 16 -5.10 -11.15 -6.63
CA THR A 16 -5.85 -12.40 -6.57
C THR A 16 -5.17 -13.45 -7.43
N LEU A 17 -4.47 -12.99 -8.47
CA LEU A 17 -3.74 -13.89 -9.36
C LEU A 17 -2.51 -14.42 -8.63
N ASN A 18 -1.81 -13.51 -7.95
CA ASN A 18 -0.64 -13.86 -7.17
C ASN A 18 -0.81 -13.31 -5.75
N PRO A 19 -1.48 -14.09 -4.90
CA PRO A 19 -1.74 -13.68 -3.51
C PRO A 19 -0.52 -13.78 -2.61
N PRO A 20 -0.13 -12.67 -1.96
CA PRO A 20 1.01 -12.66 -1.05
C PRO A 20 0.70 -13.47 0.20
N GLU A 21 1.68 -14.25 0.65
CA GLU A 21 1.51 -15.11 1.82
C GLU A 21 1.31 -14.29 3.08
N GLY A 22 0.10 -14.33 3.61
CA GLY A 22 -0.21 -13.61 4.83
C GLY A 22 -0.79 -12.23 4.59
N ILE A 23 -1.25 -11.99 3.36
CA ILE A 23 -1.84 -10.69 3.03
C ILE A 23 -3.13 -10.84 2.26
N VAL A 24 -4.24 -10.43 2.88
CA VAL A 24 -5.54 -10.48 2.21
C VAL A 24 -6.04 -9.08 1.97
N ALA A 25 -6.13 -8.70 0.69
CA ALA A 25 -6.59 -7.36 0.35
C ALA A 25 -7.57 -7.41 -0.82
N GLY A 26 -8.57 -6.55 -0.77
CA GLY A 26 -9.56 -6.48 -1.82
C GLY A 26 -10.67 -5.52 -1.47
N PRO A 27 -11.52 -5.14 -2.43
CA PRO A 27 -12.63 -4.21 -2.20
C PRO A 27 -13.70 -4.82 -1.32
N MET A 28 -14.49 -3.96 -0.67
CA MET A 28 -15.58 -4.43 0.18
C MET A 28 -16.66 -5.09 -0.65
N ASN A 29 -16.85 -4.55 -1.85
CA ASN A 29 -17.85 -5.07 -2.78
C ASN A 29 -17.45 -4.70 -4.20
N GLU A 30 -17.99 -5.40 -5.19
CA GLU A 30 -17.69 -5.13 -6.59
C GLU A 30 -18.23 -3.76 -6.99
N GLU A 31 -19.27 -3.33 -6.31
CA GLU A 31 -19.90 -2.04 -6.59
C GLU A 31 -19.08 -0.89 -5.99
N ASN A 32 -18.20 -1.21 -5.06
CA ASN A 32 -17.39 -0.20 -4.40
C ASN A 32 -15.93 -0.60 -4.40
N PHE A 33 -15.22 -0.14 -5.42
CA PHE A 33 -13.80 -0.44 -5.57
C PHE A 33 -12.94 0.66 -4.94
N PHE A 34 -13.58 1.53 -4.16
CA PHE A 34 -12.86 2.62 -3.51
C PHE A 34 -12.54 2.30 -2.06
N GLU A 35 -13.38 1.49 -1.43
CA GLU A 35 -13.16 1.09 -0.05
C GLU A 35 -12.69 -0.35 -0.01
N TRP A 36 -11.43 -0.54 0.36
CA TRP A 36 -10.84 -1.87 0.41
C TRP A 36 -10.62 -2.35 1.84
N GLU A 37 -10.61 -3.66 2.01
CA GLU A 37 -10.38 -4.29 3.29
C GLU A 37 -9.10 -5.11 3.18
N ALA A 38 -8.08 -4.73 3.94
CA ALA A 38 -6.82 -5.44 3.88
C ALA A 38 -6.35 -5.89 5.26
N LEU A 39 -6.19 -7.19 5.42
CA LEU A 39 -5.71 -7.74 6.68
C LEU A 39 -4.34 -8.32 6.46
N ILE A 40 -3.34 -7.71 7.08
CA ILE A 40 -1.96 -8.16 6.95
C ILE A 40 -1.54 -8.90 8.20
N MET A 41 -0.97 -10.07 8.00
CA MET A 41 -0.51 -10.89 9.12
C MET A 41 0.98 -10.67 9.34
N GLY A 42 1.33 -10.27 10.56
CA GLY A 42 2.73 -10.04 10.89
C GLY A 42 3.60 -11.25 10.67
N PRO A 43 4.75 -11.09 9.99
CA PRO A 43 5.68 -12.18 9.71
C PRO A 43 6.18 -12.87 10.97
N GLU A 44 6.57 -14.13 10.84
CA GLU A 44 7.05 -14.91 11.97
C GLU A 44 8.38 -14.38 12.48
N ASP A 45 8.63 -14.59 13.78
CA ASP A 45 9.87 -14.18 14.45
C ASP A 45 10.01 -12.66 14.50
N THR A 46 8.90 -11.97 14.71
CA THR A 46 8.91 -10.52 14.82
C THR A 46 8.21 -10.09 16.11
N CYS A 47 7.83 -8.82 16.20
CA CYS A 47 7.15 -8.30 17.36
C CYS A 47 5.64 -8.48 17.25
N PHE A 48 5.18 -8.82 16.04
CA PHE A 48 3.75 -9.00 15.79
C PHE A 48 3.50 -10.22 14.91
N GLU A 49 4.20 -11.31 15.20
CA GLU A 49 4.03 -12.53 14.40
C GLU A 49 2.64 -13.13 14.59
N PHE A 50 2.04 -13.52 13.46
CA PHE A 50 0.70 -14.13 13.44
C PHE A 50 -0.38 -13.14 13.81
N GLY A 51 -0.09 -11.86 13.63
CA GLY A 51 -1.06 -10.84 13.94
C GLY A 51 -1.84 -10.41 12.71
N VAL A 52 -3.05 -10.94 12.57
CA VAL A 52 -3.92 -10.58 11.44
C VAL A 52 -4.52 -9.20 11.70
N PHE A 53 -3.91 -8.17 11.13
CA PHE A 53 -4.37 -6.81 11.34
C PHE A 53 -5.23 -6.30 10.18
N PRO A 54 -6.55 -6.19 10.40
CA PRO A 54 -7.50 -5.71 9.40
C PRO A 54 -7.52 -4.18 9.34
N ALA A 55 -7.19 -3.63 8.19
CA ALA A 55 -7.20 -2.19 8.01
C ALA A 55 -8.07 -1.78 6.84
N ILE A 56 -8.63 -0.58 6.91
CA ILE A 56 -9.49 -0.05 5.87
C ILE A 56 -8.68 0.85 4.95
N LEU A 57 -8.74 0.58 3.65
CA LEU A 57 -8.01 1.37 2.68
C LEU A 57 -8.97 2.10 1.75
N SER A 58 -9.09 3.41 1.94
CA SER A 58 -9.96 4.22 1.11
C SER A 58 -9.17 4.87 0.00
N PHE A 59 -9.54 4.59 -1.25
CA PHE A 59 -8.86 5.14 -2.39
C PHE A 59 -9.61 6.36 -2.94
N PRO A 60 -8.87 7.35 -3.44
CA PRO A 60 -9.44 8.57 -4.01
C PRO A 60 -9.77 8.42 -5.49
N LEU A 61 -10.56 9.35 -6.02
CA LEU A 61 -10.93 9.34 -7.43
C LEU A 61 -9.74 9.72 -8.30
N ASP A 62 -8.85 10.53 -7.74
CA ASP A 62 -7.65 10.96 -8.45
C ASP A 62 -6.49 10.02 -8.13
N TYR A 63 -6.67 8.76 -8.47
CA TYR A 63 -5.65 7.75 -8.23
C TYR A 63 -4.95 7.42 -9.55
N PRO A 64 -3.63 7.19 -9.53
CA PRO A 64 -2.79 7.23 -8.33
C PRO A 64 -2.07 8.57 -8.13
N LEU A 65 -2.75 9.67 -8.41
CA LEU A 65 -2.17 10.99 -8.24
C LEU A 65 -2.01 11.31 -6.76
N SER A 66 -2.99 10.88 -5.97
CA SER A 66 -2.97 11.08 -4.54
C SER A 66 -2.96 9.73 -3.83
N PRO A 67 -2.39 9.67 -2.62
CA PRO A 67 -2.30 8.43 -1.85
C PRO A 67 -3.63 8.05 -1.18
N PRO A 68 -3.82 6.77 -0.89
CA PRO A 68 -5.04 6.28 -0.23
C PRO A 68 -5.02 6.51 1.27
N LYS A 69 -6.18 6.40 1.89
CA LYS A 69 -6.31 6.58 3.33
C LYS A 69 -6.36 5.24 4.02
N MET A 70 -5.26 4.87 4.66
CA MET A 70 -5.17 3.59 5.36
C MET A 70 -5.38 3.79 6.86
N ARG A 71 -6.44 3.18 7.37
CA ARG A 71 -6.77 3.30 8.79
C ARG A 71 -7.01 1.92 9.39
N PHE A 72 -6.35 1.64 10.51
CA PHE A 72 -6.51 0.36 11.20
C PHE A 72 -7.89 0.24 11.84
N THR A 73 -8.49 -0.93 11.70
CA THR A 73 -9.82 -1.16 12.26
C THR A 73 -9.71 -1.88 13.61
N CYS A 74 -8.60 -1.63 14.30
CA CYS A 74 -8.33 -2.22 15.60
C CYS A 74 -7.28 -1.40 16.33
N GLU A 75 -7.11 -1.68 17.61
CA GLU A 75 -6.13 -0.96 18.41
C GLU A 75 -4.72 -1.46 18.09
N MET A 76 -3.74 -0.57 18.23
CA MET A 76 -2.36 -0.91 17.94
C MET A 76 -1.43 -0.13 18.85
N PHE A 77 -0.17 -0.57 18.91
CA PHE A 77 0.83 0.08 19.72
C PHE A 77 2.10 0.30 18.91
N HIS A 78 1.92 0.78 17.69
CA HIS A 78 3.04 1.05 16.81
C HIS A 78 3.30 2.54 16.72
N PRO A 79 4.58 2.96 16.86
CA PRO A 79 4.98 4.37 16.80
C PRO A 79 4.50 5.10 15.54
N ASN A 80 4.43 4.38 14.43
CA ASN A 80 4.01 4.97 13.16
C ASN A 80 2.50 4.92 12.98
N ILE A 81 1.79 4.41 13.96
CA ILE A 81 0.33 4.31 13.88
C ILE A 81 -0.32 5.18 14.94
N TYR A 82 -1.16 6.10 14.49
CA TYR A 82 -1.88 6.99 15.39
C TYR A 82 -2.89 6.18 16.20
N PRO A 83 -3.10 6.54 17.48
CA PRO A 83 -4.04 5.85 18.37
C PRO A 83 -5.45 5.69 17.76
N ASP A 84 -5.78 6.55 16.82
CA ASP A 84 -7.10 6.52 16.17
C ASP A 84 -7.12 5.48 15.04
N GLY A 85 -5.95 5.06 14.59
CA GLY A 85 -5.88 4.06 13.53
C GLY A 85 -5.18 4.55 12.28
N ARG A 86 -5.02 5.85 12.15
CA ARG A 86 -4.35 6.43 10.98
C ARG A 86 -2.88 6.02 10.89
N VAL A 87 -2.51 5.35 9.81
CA VAL A 87 -1.14 4.93 9.61
C VAL A 87 -0.34 6.12 9.04
N CYS A 88 0.79 6.42 9.65
CA CYS A 88 1.60 7.54 9.20
C CYS A 88 2.98 7.10 8.73
N ILE A 89 3.22 7.25 7.43
CA ILE A 89 4.50 6.90 6.83
C ILE A 89 4.75 7.81 5.62
N SER A 90 6.01 8.19 5.44
CA SER A 90 6.40 9.09 4.33
C SER A 90 6.02 8.54 2.96
N ILE A 91 5.92 7.21 2.82
CA ILE A 91 5.57 6.61 1.54
C ILE A 91 4.14 7.01 1.10
N LEU A 92 3.33 7.40 2.07
CA LEU A 92 1.96 7.81 1.79
C LEU A 92 1.85 9.33 1.86
N HIS A 93 2.99 10.00 1.80
CA HIS A 93 3.02 11.44 1.86
C HIS A 93 3.30 12.03 0.47
N ALA A 94 2.26 12.58 -0.14
CA ALA A 94 2.38 13.18 -1.44
C ALA A 94 2.52 14.70 -1.32
N PRO A 95 3.53 15.28 -1.99
CA PRO A 95 3.78 16.72 -1.95
C PRO A 95 2.76 17.52 -2.76
N GLY A 96 1.52 17.55 -2.26
CA GLY A 96 0.46 18.27 -2.95
C GLY A 96 -0.09 17.51 -4.13
N SER A 105 13.18 13.50 1.55
CA SER A 105 12.21 13.21 0.51
C SER A 105 12.59 11.93 -0.25
N ALA A 106 13.12 10.97 0.51
CA ALA A 106 13.54 9.69 -0.06
C ALA A 106 12.34 8.86 -0.53
N GLU A 107 11.62 8.29 0.42
CA GLU A 107 10.47 7.47 0.10
C GLU A 107 9.19 8.28 0.29
N ARG A 108 8.51 8.56 -0.81
CA ARG A 108 7.27 9.32 -0.78
C ARG A 108 6.28 8.72 -1.78
N TRP A 109 5.13 9.36 -1.93
CA TRP A 109 4.11 8.87 -2.84
C TRP A 109 4.48 9.16 -4.30
N SER A 110 4.13 8.22 -5.17
CA SER A 110 4.38 8.33 -6.59
C SER A 110 3.37 7.45 -7.34
N PRO A 111 3.01 7.81 -8.58
CA PRO A 111 2.05 7.04 -9.39
C PRO A 111 2.46 5.57 -9.58
N VAL A 112 3.73 5.28 -9.36
CA VAL A 112 4.25 3.93 -9.52
C VAL A 112 4.03 3.10 -8.25
N GLN A 113 3.57 3.74 -7.20
CA GLN A 113 3.32 3.06 -5.93
C GLN A 113 2.04 2.24 -6.01
N SER A 114 2.19 0.93 -6.12
CA SER A 114 1.05 0.03 -6.18
C SER A 114 0.57 -0.30 -4.78
N VAL A 115 -0.62 -0.87 -4.68
CA VAL A 115 -1.18 -1.26 -3.40
C VAL A 115 -0.28 -2.29 -2.73
N GLU A 116 0.30 -3.16 -3.56
CA GLU A 116 1.20 -4.20 -3.09
C GLU A 116 2.40 -3.58 -2.37
N LYS A 117 2.93 -2.49 -2.94
CA LYS A 117 4.08 -1.82 -2.37
C LYS A 117 3.74 -1.20 -1.02
N ILE A 118 2.56 -0.59 -0.94
CA ILE A 118 2.11 0.05 0.29
C ILE A 118 1.99 -0.98 1.42
N LEU A 119 1.29 -2.07 1.14
CA LEU A 119 1.09 -3.14 2.11
C LEU A 119 2.42 -3.70 2.59
N LEU A 120 3.33 -3.90 1.64
CA LEU A 120 4.65 -4.44 1.95
C LEU A 120 5.41 -3.50 2.89
N SER A 121 5.35 -2.21 2.61
CA SER A 121 6.04 -1.21 3.43
C SER A 121 5.49 -1.22 4.85
N VAL A 122 4.18 -1.30 4.99
CA VAL A 122 3.55 -1.33 6.31
C VAL A 122 4.00 -2.57 7.07
N VAL A 123 4.03 -3.70 6.39
CA VAL A 123 4.48 -4.94 6.99
C VAL A 123 5.94 -4.83 7.42
N SER A 124 6.74 -4.19 6.60
CA SER A 124 8.15 -3.99 6.88
C SER A 124 8.34 -3.10 8.12
N MET A 125 7.48 -2.09 8.25
CA MET A 125 7.55 -1.17 9.37
C MET A 125 7.08 -1.85 10.65
N LEU A 126 6.24 -2.87 10.52
CA LEU A 126 5.74 -3.59 11.68
C LEU A 126 6.84 -4.46 12.26
N ALA A 127 7.66 -5.00 11.37
CA ALA A 127 8.78 -5.85 11.77
C ALA A 127 9.93 -4.98 12.26
N GLU A 128 10.12 -3.84 11.60
CA GLU A 128 11.16 -2.90 11.96
C GLU A 128 10.57 -1.52 12.21
N PRO A 129 10.13 -1.26 13.44
CA PRO A 129 9.53 0.03 13.82
C PRO A 129 10.49 1.19 13.61
N ASN A 130 10.20 2.02 12.62
CA ASN A 130 11.03 3.18 12.31
C ASN A 130 10.16 4.44 12.34
N ASP A 131 9.99 4.99 13.53
CA ASP A 131 9.17 6.19 13.69
C ASP A 131 9.83 7.41 13.08
N GLU A 132 9.12 8.06 12.17
CA GLU A 132 9.62 9.24 11.51
C GLU A 132 8.56 10.35 11.52
N SER A 133 7.37 10.02 12.02
CA SER A 133 6.28 10.97 12.05
C SER A 133 5.84 11.31 13.48
N GLY A 134 6.10 10.39 14.41
CA GLY A 134 5.71 10.62 15.79
C GLY A 134 4.22 10.50 15.98
N ALA A 135 3.64 9.49 15.37
CA ALA A 135 2.19 9.26 15.45
C ALA A 135 1.79 8.82 16.85
N ASN A 136 2.47 7.81 17.37
CA ASN A 136 2.19 7.29 18.70
C ASN A 136 3.39 7.50 19.60
N VAL A 137 3.47 8.69 20.20
CA VAL A 137 4.57 9.05 21.08
C VAL A 137 4.75 8.06 22.22
N ASP A 138 3.64 7.50 22.70
CA ASP A 138 3.67 6.53 23.79
C ASP A 138 4.47 5.30 23.38
N ALA A 139 4.27 4.87 22.15
CA ALA A 139 4.95 3.70 21.62
C ALA A 139 6.39 4.05 21.25
N SER A 140 6.58 5.19 20.59
CA SER A 140 7.91 5.64 20.17
C SER A 140 8.88 5.71 21.36
N LYS A 141 8.45 6.34 22.43
CA LYS A 141 9.27 6.49 23.62
C LYS A 141 9.56 5.15 24.27
N MET A 142 8.55 4.28 24.35
CA MET A 142 8.73 2.96 24.97
C MET A 142 9.66 2.09 24.13
N TRP A 143 9.54 2.19 22.81
CA TRP A 143 10.36 1.41 21.89
C TRP A 143 11.85 1.62 22.13
N ARG A 144 12.23 2.86 22.40
CA ARG A 144 13.62 3.21 22.62
C ARG A 144 14.00 3.07 24.10
N ASP A 145 13.08 3.40 25.00
CA ASP A 145 13.35 3.34 26.43
C ASP A 145 13.24 1.91 26.97
N ASP A 146 12.01 1.43 27.12
CA ASP A 146 11.77 0.09 27.66
C ASP A 146 11.38 -0.88 26.55
N ARG A 147 12.39 -1.46 25.92
CA ARG A 147 12.18 -2.43 24.84
C ARG A 147 11.47 -3.67 25.37
N GLU A 148 11.69 -3.97 26.64
CA GLU A 148 11.08 -5.14 27.27
C GLU A 148 9.58 -4.95 27.40
N GLN A 149 9.17 -3.79 27.91
CA GLN A 149 7.75 -3.48 28.08
C GLN A 149 7.06 -3.42 26.72
N PHE A 150 7.75 -2.88 25.73
CA PHE A 150 7.20 -2.76 24.38
C PHE A 150 6.81 -4.13 23.83
N TYR A 151 7.69 -5.12 24.04
CA TYR A 151 7.45 -6.47 23.57
C TYR A 151 6.25 -7.09 24.27
N LYS A 152 6.03 -6.69 25.53
CA LYS A 152 4.91 -7.21 26.30
C LYS A 152 3.60 -6.70 25.71
N ILE A 153 3.57 -5.41 25.40
CA ILE A 153 2.37 -4.80 24.82
C ILE A 153 2.17 -5.32 23.39
N ALA A 154 3.27 -5.43 22.65
CA ALA A 154 3.22 -5.93 21.29
C ALA A 154 2.60 -7.32 21.23
N LYS A 155 3.05 -8.18 22.13
CA LYS A 155 2.53 -9.54 22.21
C LYS A 155 1.04 -9.52 22.53
N GLN A 156 0.66 -8.60 23.42
CA GLN A 156 -0.73 -8.45 23.81
C GLN A 156 -1.59 -8.07 22.61
N ILE A 157 -1.04 -7.22 21.75
CA ILE A 157 -1.75 -6.79 20.55
C ILE A 157 -2.03 -7.98 19.64
N VAL A 158 -1.07 -8.90 19.57
CA VAL A 158 -1.24 -10.10 18.76
C VAL A 158 -2.38 -10.95 19.30
N GLN A 159 -2.42 -11.09 20.62
CA GLN A 159 -3.49 -11.86 21.27
C GLN A 159 -4.84 -11.19 21.01
N LYS A 160 -4.84 -9.86 20.99
CA LYS A 160 -6.05 -9.08 20.77
C LYS A 160 -6.55 -9.20 19.33
N SER A 161 -5.64 -9.14 18.37
CA SER A 161 -6.01 -9.24 16.95
C SER A 161 -6.54 -10.62 16.63
N LEU A 162 -5.91 -11.63 17.20
CA LEU A 162 -6.33 -13.01 16.97
C LEU A 162 -7.54 -13.37 17.82
N GLY A 163 -7.85 -12.53 18.81
CA GLY A 163 -8.98 -12.78 19.67
C GLY A 163 -8.74 -13.94 20.61
N LEU A 164 -7.51 -14.05 21.11
CA LEU A 164 -7.14 -15.12 22.02
C LEU A 164 -6.77 -14.56 23.38
N SER B 1 -16.20 -13.99 -10.89
CA SER B 1 -16.37 -12.66 -11.46
C SER B 1 -17.12 -11.75 -10.47
N ALA B 2 -18.38 -11.44 -10.78
CA ALA B 2 -19.20 -10.56 -9.93
C ALA B 2 -19.21 -10.91 -8.44
N ASP B 3 -19.61 -12.13 -8.13
CA ASP B 3 -19.67 -12.52 -6.74
C ASP B 3 -18.80 -13.73 -6.50
N GLU B 4 -18.25 -14.27 -7.55
CA GLU B 4 -17.37 -15.40 -7.43
C GLU B 4 -16.11 -15.03 -6.67
N ARG B 5 -15.59 -13.85 -7.00
CA ARG B 5 -14.40 -13.32 -6.38
C ARG B 5 -14.71 -12.85 -4.96
N GLN B 6 -15.91 -12.29 -4.78
CA GLN B 6 -16.35 -11.77 -3.48
C GLN B 6 -16.26 -12.83 -2.38
N ARG B 7 -16.78 -14.01 -2.66
CA ARG B 7 -16.75 -15.10 -1.69
C ARG B 7 -15.33 -15.64 -1.54
N MET B 8 -14.66 -15.86 -2.67
CA MET B 8 -13.28 -16.32 -2.68
C MET B 8 -12.43 -15.51 -1.71
N LEU B 9 -12.52 -14.18 -1.83
CA LEU B 9 -11.80 -13.26 -0.97
C LEU B 9 -12.12 -13.51 0.50
N VAL B 10 -13.39 -13.61 0.84
CA VAL B 10 -13.83 -13.87 2.21
C VAL B 10 -13.15 -15.13 2.75
N GLN B 11 -12.98 -16.12 1.89
CA GLN B 11 -12.32 -17.36 2.26
C GLN B 11 -10.87 -17.08 2.67
N ARG B 12 -10.19 -16.26 1.87
CA ARG B 12 -8.80 -15.90 2.13
C ARG B 12 -8.68 -15.15 3.45
N LYS B 13 -9.66 -14.29 3.72
CA LYS B 13 -9.68 -13.48 4.93
C LYS B 13 -9.86 -14.36 6.15
N ASP B 14 -10.69 -15.39 6.02
CA ASP B 14 -10.94 -16.30 7.12
C ASP B 14 -9.73 -17.18 7.34
N GLU B 15 -9.32 -17.87 6.27
CA GLU B 15 -8.14 -18.74 6.28
C GLU B 15 -6.98 -18.09 7.02
N LEU B 16 -6.43 -17.03 6.41
CA LEU B 16 -5.31 -16.27 6.97
C LEU B 16 -5.38 -16.15 8.49
N LEU B 17 -6.50 -15.60 8.97
CA LEU B 17 -6.72 -15.41 10.40
C LEU B 17 -6.70 -16.74 11.15
N GLN B 18 -7.57 -17.67 10.74
CA GLN B 18 -7.63 -19.00 11.36
C GLN B 18 -6.26 -19.66 11.40
N GLN B 19 -5.45 -19.39 10.37
CA GLN B 19 -4.11 -19.92 10.27
C GLN B 19 -3.23 -19.30 11.34
N ALA B 20 -3.23 -17.97 11.40
CA ALA B 20 -2.46 -17.23 12.39
C ALA B 20 -2.72 -17.78 13.77
N ARG B 21 -3.98 -18.12 14.02
CA ARG B 21 -4.39 -18.64 15.31
C ARG B 21 -3.79 -20.03 15.53
N LYS B 22 -3.98 -20.90 14.54
CA LYS B 22 -3.46 -22.26 14.59
C LYS B 22 -1.96 -22.26 14.82
N ARG B 23 -1.29 -21.31 14.17
CA ARG B 23 0.15 -21.17 14.27
C ARG B 23 0.56 -20.59 15.62
N PHE B 24 0.23 -19.31 15.83
CA PHE B 24 0.50 -18.57 17.09
C PHE B 24 0.43 -19.46 18.33
N LEU B 25 -0.61 -20.29 18.40
CA LEU B 25 -0.82 -21.19 19.53
C LEU B 25 0.13 -22.40 19.49
N ASN B 26 0.22 -23.06 18.35
CA ASN B 26 1.11 -24.23 18.17
C ASN B 26 2.59 -23.92 18.51
N LYS B 27 2.92 -22.64 18.64
CA LYS B 27 4.28 -22.20 18.94
C LYS B 27 4.81 -22.79 20.25
N ALA C 1 4.32 18.45 -28.50
CA ALA C 1 5.00 18.06 -27.23
C ALA C 1 5.55 16.63 -27.31
N VAL C 2 5.25 15.93 -28.39
CA VAL C 2 5.73 14.57 -28.56
C VAL C 2 6.68 14.48 -29.74
N ALA C 3 7.97 14.48 -29.44
CA ALA C 3 8.99 14.40 -30.48
C ALA C 3 9.34 12.96 -30.81
N THR C 4 8.66 12.04 -30.14
CA THR C 4 8.87 10.62 -30.34
C THR C 4 7.78 10.04 -31.24
N PRO C 5 8.14 9.20 -32.22
CA PRO C 5 7.17 8.60 -33.14
C PRO C 5 6.25 7.60 -32.45
N GLU C 6 5.04 7.46 -32.99
CA GLU C 6 4.04 6.54 -32.43
C GLU C 6 4.52 5.09 -32.48
N GLU C 7 5.56 4.84 -33.27
CA GLU C 7 6.12 3.49 -33.38
C GLU C 7 6.60 3.00 -32.03
N LEU C 8 7.15 3.93 -31.24
CA LEU C 8 7.64 3.59 -29.91
C LEU C 8 6.47 3.37 -28.96
N ALA C 9 5.37 4.07 -29.21
CA ALA C 9 4.17 3.96 -28.39
C ALA C 9 3.54 2.58 -28.57
N VAL C 10 3.78 1.97 -29.72
CA VAL C 10 3.27 0.65 -30.00
C VAL C 10 4.05 -0.39 -29.22
N ASN C 11 5.35 -0.16 -29.11
CA ASN C 11 6.22 -1.08 -28.36
C ASN C 11 6.03 -0.89 -26.86
N ASN C 12 6.04 0.37 -26.45
CA ASN C 12 5.86 0.73 -25.05
C ASN C 12 4.40 1.10 -24.79
N ASP C 13 3.54 0.10 -24.82
CA ASP C 13 2.10 0.29 -24.64
C ASP C 13 1.70 0.27 -23.16
N ASP C 14 2.61 0.66 -22.29
CA ASP C 14 2.33 0.66 -20.85
C ASP C 14 2.59 2.04 -20.26
N CYS C 15 2.02 2.30 -19.10
CA CYS C 15 2.17 3.57 -18.43
C CYS C 15 2.12 3.38 -16.92
N ALA C 16 3.23 3.64 -16.24
CA ALA C 16 3.31 3.50 -14.79
C ALA C 16 2.62 4.67 -14.06
N ILE C 17 1.83 5.43 -14.79
CA ILE C 17 1.12 6.57 -14.20
C ILE C 17 -0.39 6.41 -14.38
N CYS C 18 -0.85 6.54 -15.61
CA CYS C 18 -2.28 6.44 -15.90
C CYS C 18 -2.66 5.04 -16.34
N TRP C 19 -1.66 4.17 -16.46
CA TRP C 19 -1.86 2.80 -16.91
C TRP C 19 -2.35 2.82 -18.36
N ASP C 20 -2.83 1.68 -18.84
CA ASP C 20 -3.34 1.55 -20.22
C ASP C 20 -2.26 1.92 -21.24
N SER C 21 -2.68 2.32 -22.42
CA SER C 21 -1.74 2.67 -23.49
C SER C 21 -2.16 3.97 -24.18
N MET C 22 -1.22 4.59 -24.88
CA MET C 22 -1.47 5.84 -25.61
C MET C 22 -0.44 6.00 -26.72
N GLN C 23 -0.70 6.92 -27.64
CA GLN C 23 0.20 7.16 -28.76
C GLN C 23 1.09 8.38 -28.51
N ALA C 24 0.97 8.98 -27.34
CA ALA C 24 1.77 10.14 -27.01
C ALA C 24 2.76 9.82 -25.89
N ALA C 25 4.00 9.53 -26.28
CA ALA C 25 5.03 9.18 -25.31
C ALA C 25 6.17 10.20 -25.29
N ARG C 26 6.62 10.54 -24.10
CA ARG C 26 7.72 11.47 -23.90
C ARG C 26 8.87 10.75 -23.20
N LYS C 27 10.08 10.97 -23.68
CA LYS C 27 11.26 10.36 -23.10
C LYS C 27 11.83 11.26 -22.01
N LEU C 28 11.86 10.74 -20.79
CA LEU C 28 12.37 11.48 -19.65
C LEU C 28 13.89 11.40 -19.61
N PRO C 29 14.55 12.42 -19.01
CA PRO C 29 16.02 12.49 -18.92
C PRO C 29 16.63 11.35 -18.10
N CYS C 30 15.79 10.64 -17.36
CA CYS C 30 16.25 9.54 -16.53
C CYS C 30 16.19 8.23 -17.32
N GLY C 31 15.80 8.32 -18.58
CA GLY C 31 15.69 7.13 -19.40
C GLY C 31 14.40 6.37 -19.10
N HIS C 32 13.28 7.10 -19.18
CA HIS C 32 11.98 6.51 -18.91
C HIS C 32 10.97 7.04 -19.92
N LEU C 33 10.03 6.20 -20.30
CA LEU C 33 9.00 6.58 -21.25
C LEU C 33 7.66 6.74 -20.54
N PHE C 34 7.09 7.93 -20.65
CA PHE C 34 5.80 8.23 -20.04
C PHE C 34 4.94 9.00 -21.01
N HIS C 35 3.63 8.84 -20.92
CA HIS C 35 2.71 9.55 -21.79
C HIS C 35 2.72 11.03 -21.47
N ASN C 36 2.73 11.86 -22.50
CA ASN C 36 2.75 13.31 -22.31
C ASN C 36 1.53 13.77 -21.53
N SER C 37 0.39 13.17 -21.83
CA SER C 37 -0.87 13.49 -21.17
C SER C 37 -0.81 13.21 -19.67
N CYS C 38 0.08 12.31 -19.27
CA CYS C 38 0.25 11.97 -17.87
C CYS C 38 1.32 12.83 -17.23
N LEU C 39 2.37 13.11 -18.00
CA LEU C 39 3.47 13.93 -17.52
C LEU C 39 3.02 15.36 -17.30
N ARG C 40 2.13 15.85 -18.16
CA ARG C 40 1.61 17.21 -18.06
C ARG C 40 0.98 17.45 -16.69
N SER C 41 0.21 16.47 -16.23
CA SER C 41 -0.47 16.57 -14.95
C SER C 41 0.51 16.40 -13.79
N TRP C 42 1.46 15.49 -13.93
CA TRP C 42 2.44 15.22 -12.89
C TRP C 42 3.37 16.42 -12.70
N LEU C 43 3.71 17.09 -13.81
CA LEU C 43 4.59 18.26 -13.76
C LEU C 43 3.94 19.44 -13.05
N GLU C 44 2.64 19.31 -12.76
CA GLU C 44 1.91 20.34 -12.06
C GLU C 44 1.72 19.95 -10.59
N GLN C 45 2.31 18.81 -10.24
CA GLN C 45 2.25 18.30 -8.88
C GLN C 45 3.66 18.31 -8.29
N ASP C 46 4.62 17.90 -9.11
CA ASP C 46 6.02 17.86 -8.72
C ASP C 46 6.87 17.80 -9.98
N THR C 47 8.15 17.47 -9.85
CA THR C 47 9.04 17.37 -11.00
C THR C 47 10.05 16.25 -10.79
N SER C 48 9.61 15.20 -10.09
CA SER C 48 10.46 14.07 -9.81
C SER C 48 9.95 12.82 -10.51
N CYS C 49 10.85 11.96 -10.94
CA CYS C 49 10.47 10.72 -11.61
C CYS C 49 9.96 9.73 -10.57
N PRO C 50 8.75 9.17 -10.77
CA PRO C 50 8.14 8.22 -9.84
C PRO C 50 9.06 7.07 -9.44
N THR C 51 9.71 6.47 -10.42
CA THR C 51 10.61 5.34 -10.18
C THR C 51 11.94 5.77 -9.56
N CYS C 52 12.57 6.77 -10.16
CA CYS C 52 13.87 7.25 -9.70
C CYS C 52 13.81 8.03 -8.40
N ARG C 53 12.66 8.64 -8.12
CA ARG C 53 12.45 9.44 -6.91
C ARG C 53 13.41 10.62 -6.88
N MET C 54 13.79 11.09 -8.06
CA MET C 54 14.72 12.21 -8.19
C MET C 54 14.13 13.29 -9.09
N SER C 55 14.41 14.54 -8.76
CA SER C 55 13.93 15.67 -9.53
C SER C 55 14.68 15.75 -10.87
N LEU C 56 13.92 15.90 -11.95
CA LEU C 56 14.53 15.96 -13.28
C LEU C 56 14.88 17.40 -13.64
N ASN C 57 15.89 17.55 -14.50
CA ASN C 57 16.33 18.86 -14.95
C ASN C 57 15.54 19.31 -16.16
N ILE C 58 15.48 18.46 -17.18
CA ILE C 58 14.76 18.78 -18.40
C ILE C 58 14.11 17.53 -19.00
ZN ZN D . -0.37 7.32 -19.73
ZN ZN E . 12.91 7.60 -14.24
N ALA A 1 -14.60 4.61 -17.60
CA ALA A 1 -13.49 3.96 -16.88
C ALA A 1 -12.25 4.83 -16.95
N GLY A 2 -11.92 5.47 -15.84
CA GLY A 2 -10.75 6.33 -15.79
C GLY A 2 -9.51 5.61 -15.32
N THR A 3 -8.43 6.36 -15.14
CA THR A 3 -7.16 5.82 -14.70
C THR A 3 -7.29 5.08 -13.37
N ALA A 4 -7.85 5.76 -12.37
CA ALA A 4 -8.01 5.20 -11.04
C ALA A 4 -8.76 3.86 -11.07
N LEU A 5 -9.89 3.84 -11.76
CA LEU A 5 -10.72 2.63 -11.85
C LEU A 5 -9.97 1.46 -12.47
N LYS A 6 -9.35 1.68 -13.62
CA LYS A 6 -8.62 0.62 -14.32
C LYS A 6 -7.40 0.18 -13.52
N ARG A 7 -6.71 1.14 -12.93
CA ARG A 7 -5.52 0.85 -12.13
C ARG A 7 -5.88 0.01 -10.92
N LEU A 8 -6.93 0.43 -10.20
CA LEU A 8 -7.38 -0.28 -9.01
C LEU A 8 -7.85 -1.69 -9.35
N MET A 9 -8.50 -1.84 -10.50
CA MET A 9 -8.99 -3.15 -10.94
C MET A 9 -7.82 -4.10 -11.19
N ALA A 10 -6.72 -3.55 -11.70
CA ALA A 10 -5.53 -4.33 -11.98
C ALA A 10 -4.85 -4.79 -10.70
N GLU A 11 -4.79 -3.90 -9.72
CA GLU A 11 -4.17 -4.20 -8.43
C GLU A 11 -4.82 -5.42 -7.79
N TYR A 12 -6.16 -5.44 -7.77
CA TYR A 12 -6.90 -6.55 -7.18
C TYR A 12 -6.67 -7.84 -7.96
N LYS A 13 -6.66 -7.74 -9.29
CA LYS A 13 -6.45 -8.92 -10.13
C LYS A 13 -5.10 -9.56 -9.84
N GLN A 14 -4.08 -8.71 -9.68
CA GLN A 14 -2.74 -9.19 -9.38
C GLN A 14 -2.68 -9.81 -7.99
N LEU A 15 -3.36 -9.16 -7.03
CA LEU A 15 -3.37 -9.62 -5.64
C LEU A 15 -4.12 -10.94 -5.48
N THR A 16 -4.91 -11.33 -6.47
CA THR A 16 -5.64 -12.58 -6.39
C THR A 16 -4.93 -13.66 -7.20
N LEU A 17 -4.24 -13.25 -8.26
CA LEU A 17 -3.48 -14.18 -9.09
C LEU A 17 -2.24 -14.61 -8.33
N ASN A 18 -1.58 -13.64 -7.70
CA ASN A 18 -0.40 -13.89 -6.90
C ASN A 18 -0.62 -13.36 -5.48
N PRO A 19 -1.24 -14.17 -4.62
CA PRO A 19 -1.53 -13.78 -3.24
C PRO A 19 -0.29 -13.86 -2.36
N PRO A 20 0.15 -12.71 -1.82
CA PRO A 20 1.33 -12.65 -0.96
C PRO A 20 1.13 -13.45 0.33
N GLU A 21 2.22 -13.93 0.89
CA GLU A 21 2.17 -14.74 2.11
C GLU A 21 1.64 -13.96 3.30
N GLY A 22 0.42 -14.29 3.70
CA GLY A 22 -0.19 -13.64 4.85
C GLY A 22 -0.81 -12.29 4.53
N ILE A 23 -1.13 -12.05 3.27
CA ILE A 23 -1.72 -10.77 2.89
C ILE A 23 -3.01 -10.97 2.11
N VAL A 24 -4.13 -10.59 2.70
CA VAL A 24 -5.43 -10.68 2.08
C VAL A 24 -5.98 -9.29 1.79
N ALA A 25 -5.87 -8.83 0.55
CA ALA A 25 -6.35 -7.51 0.20
C ALA A 25 -7.36 -7.56 -0.94
N GLY A 26 -8.34 -6.67 -0.89
CA GLY A 26 -9.36 -6.61 -1.90
C GLY A 26 -10.43 -5.58 -1.56
N PRO A 27 -11.31 -5.25 -2.50
CA PRO A 27 -12.38 -4.27 -2.27
C PRO A 27 -13.49 -4.80 -1.37
N MET A 28 -14.21 -3.90 -0.73
CA MET A 28 -15.31 -4.26 0.16
C MET A 28 -16.43 -4.94 -0.61
N ASN A 29 -16.56 -4.56 -1.87
CA ASN A 29 -17.58 -5.10 -2.74
C ASN A 29 -17.23 -4.76 -4.18
N GLU A 30 -17.87 -5.42 -5.12
CA GLU A 30 -17.61 -5.18 -6.54
C GLU A 30 -18.19 -3.85 -6.98
N GLU A 31 -19.18 -3.36 -6.23
CA GLU A 31 -19.82 -2.09 -6.52
C GLU A 31 -19.00 -0.93 -5.95
N ASN A 32 -17.96 -1.26 -5.20
CA ASN A 32 -17.11 -0.25 -4.59
C ASN A 32 -15.64 -0.68 -4.62
N PHE A 33 -14.93 -0.18 -5.61
CA PHE A 33 -13.51 -0.50 -5.77
C PHE A 33 -12.64 0.59 -5.16
N PHE A 34 -13.26 1.49 -4.41
CA PHE A 34 -12.53 2.58 -3.78
C PHE A 34 -12.23 2.26 -2.32
N GLU A 35 -13.10 1.45 -1.72
CA GLU A 35 -12.94 1.05 -0.34
C GLU A 35 -12.45 -0.40 -0.27
N TRP A 36 -11.25 -0.58 0.22
CA TRP A 36 -10.66 -1.91 0.32
C TRP A 36 -10.45 -2.33 1.77
N GLU A 37 -10.47 -3.64 1.99
CA GLU A 37 -10.24 -4.21 3.31
C GLU A 37 -9.04 -5.14 3.24
N ALA A 38 -8.01 -4.83 3.99
CA ALA A 38 -6.81 -5.64 3.96
C ALA A 38 -6.55 -6.34 5.29
N LEU A 39 -6.37 -7.65 5.21
CA LEU A 39 -6.06 -8.46 6.37
C LEU A 39 -4.60 -8.89 6.27
N ILE A 40 -3.75 -8.31 7.08
CA ILE A 40 -2.33 -8.64 7.05
C ILE A 40 -1.93 -9.39 8.31
N MET A 41 -1.26 -10.51 8.14
CA MET A 41 -0.80 -11.31 9.28
C MET A 41 0.66 -11.04 9.55
N GLY A 42 0.95 -10.58 10.77
CA GLY A 42 2.32 -10.29 11.16
C GLY A 42 3.24 -11.49 10.99
N PRO A 43 4.35 -11.32 10.26
CA PRO A 43 5.32 -12.40 10.03
C PRO A 43 5.88 -12.99 11.32
N GLU A 44 6.17 -14.28 11.28
CA GLU A 44 6.71 -15.00 12.42
C GLU A 44 8.09 -14.45 12.81
N ASP A 45 8.38 -14.49 14.11
CA ASP A 45 9.66 -14.04 14.67
C ASP A 45 9.71 -12.51 14.79
N THR A 46 8.54 -11.90 14.95
CA THR A 46 8.47 -10.45 15.08
C THR A 46 7.72 -10.08 16.36
N CYS A 47 7.52 -8.79 16.58
CA CYS A 47 6.80 -8.32 17.75
C CYS A 47 5.29 -8.43 17.54
N PHE A 48 4.88 -8.66 16.29
CA PHE A 48 3.47 -8.78 15.95
C PHE A 48 3.23 -10.04 15.13
N GLU A 49 3.95 -11.10 15.46
CA GLU A 49 3.81 -12.37 14.74
C GLU A 49 2.44 -13.00 14.95
N PHE A 50 1.87 -13.52 13.86
CA PHE A 50 0.56 -14.19 13.88
C PHE A 50 -0.57 -13.21 14.14
N GLY A 51 -0.35 -11.93 13.85
CA GLY A 51 -1.38 -10.94 14.08
C GLY A 51 -2.15 -10.59 12.82
N VAL A 52 -3.39 -11.05 12.72
CA VAL A 52 -4.25 -10.76 11.59
C VAL A 52 -4.86 -9.37 11.80
N PHE A 53 -4.18 -8.35 11.31
CA PHE A 53 -4.61 -6.96 11.48
C PHE A 53 -5.46 -6.47 10.32
N PRO A 54 -6.67 -5.95 10.63
CA PRO A 54 -7.58 -5.41 9.62
C PRO A 54 -7.34 -3.92 9.36
N ALA A 55 -7.09 -3.59 8.11
CA ALA A 55 -6.86 -2.21 7.72
C ALA A 55 -7.80 -1.80 6.60
N ILE A 56 -8.40 -0.63 6.75
CA ILE A 56 -9.32 -0.11 5.74
C ILE A 56 -8.59 0.86 4.83
N LEU A 57 -8.61 0.58 3.53
CA LEU A 57 -7.92 1.42 2.56
C LEU A 57 -8.93 2.18 1.70
N SER A 58 -8.82 3.49 1.70
CA SER A 58 -9.68 4.35 0.91
C SER A 58 -8.84 5.03 -0.17
N PHE A 59 -9.16 4.75 -1.43
CA PHE A 59 -8.42 5.31 -2.54
C PHE A 59 -9.04 6.61 -3.05
N PRO A 60 -8.21 7.53 -3.56
CA PRO A 60 -8.66 8.81 -4.10
C PRO A 60 -9.21 8.67 -5.51
N LEU A 61 -9.73 9.77 -6.05
CA LEU A 61 -10.30 9.79 -7.39
C LEU A 61 -9.24 10.07 -8.45
N ASP A 62 -8.08 10.55 -8.02
CA ASP A 62 -7.00 10.86 -8.95
C ASP A 62 -5.86 9.85 -8.82
N TYR A 63 -6.20 8.67 -8.32
CA TYR A 63 -5.21 7.60 -8.15
C TYR A 63 -4.61 7.23 -9.52
N PRO A 64 -3.30 6.91 -9.57
CA PRO A 64 -2.40 6.90 -8.41
C PRO A 64 -1.55 8.16 -8.29
N LEU A 65 -2.10 9.31 -8.65
CA LEU A 65 -1.36 10.56 -8.55
C LEU A 65 -1.27 11.00 -7.09
N SER A 66 -2.19 10.48 -6.28
CA SER A 66 -2.24 10.78 -4.86
C SER A 66 -2.28 9.47 -4.06
N PRO A 67 -1.68 9.46 -2.86
CA PRO A 67 -1.65 8.27 -2.00
C PRO A 67 -3.01 7.98 -1.36
N PRO A 68 -3.29 6.69 -1.09
CA PRO A 68 -4.55 6.28 -0.47
C PRO A 68 -4.52 6.42 1.05
N LYS A 69 -5.69 6.36 1.66
CA LYS A 69 -5.81 6.47 3.11
C LYS A 69 -5.88 5.09 3.74
N MET A 70 -5.03 4.84 4.73
CA MET A 70 -5.01 3.55 5.40
C MET A 70 -5.20 3.73 6.90
N ARG A 71 -6.21 3.06 7.44
CA ARG A 71 -6.50 3.15 8.87
C ARG A 71 -6.82 1.76 9.42
N PHE A 72 -6.22 1.41 10.54
CA PHE A 72 -6.46 0.12 11.17
C PHE A 72 -7.74 0.15 11.98
N THR A 73 -8.48 -0.95 11.96
CA THR A 73 -9.74 -1.05 12.67
C THR A 73 -9.53 -1.48 14.13
N CYS A 74 -8.57 -2.37 14.35
CA CYS A 74 -8.29 -2.85 15.69
C CYS A 74 -7.29 -1.95 16.40
N GLU A 75 -7.09 -2.20 17.68
CA GLU A 75 -6.15 -1.42 18.48
C GLU A 75 -4.72 -1.70 18.01
N MET A 76 -3.84 -0.72 18.20
CA MET A 76 -2.45 -0.87 17.78
C MET A 76 -1.53 -0.10 18.73
N PHE A 77 -0.27 -0.46 18.73
CA PHE A 77 0.71 0.19 19.58
C PHE A 77 2.00 0.43 18.80
N HIS A 78 1.85 0.85 17.55
CA HIS A 78 2.98 1.12 16.70
C HIS A 78 3.24 2.62 16.65
N PRO A 79 4.51 3.03 16.82
CA PRO A 79 4.91 4.45 16.77
C PRO A 79 4.45 5.19 15.52
N ASN A 80 4.42 4.48 14.40
CA ASN A 80 4.03 5.07 13.12
C ASN A 80 2.52 5.04 12.92
N ILE A 81 1.78 4.68 13.97
CA ILE A 81 0.33 4.63 13.87
C ILE A 81 -0.33 5.50 14.93
N TYR A 82 -1.24 6.37 14.50
CA TYR A 82 -1.96 7.24 15.41
C TYR A 82 -2.92 6.42 16.27
N PRO A 83 -3.26 6.89 17.48
CA PRO A 83 -4.18 6.18 18.38
C PRO A 83 -5.56 5.98 17.74
N ASP A 84 -5.86 6.81 16.73
CA ASP A 84 -7.11 6.74 16.01
C ASP A 84 -7.07 5.65 14.93
N GLY A 85 -5.87 5.18 14.61
CA GLY A 85 -5.74 4.14 13.62
C GLY A 85 -5.03 4.57 12.35
N ARG A 86 -4.87 5.88 12.13
CA ARG A 86 -4.21 6.38 10.93
C ARG A 86 -2.74 5.99 10.91
N VAL A 87 -2.29 5.49 9.77
CA VAL A 87 -0.90 5.07 9.62
C VAL A 87 -0.06 6.15 8.95
N CYS A 88 1.10 6.44 9.53
CA CYS A 88 1.99 7.45 9.00
C CYS A 88 3.30 6.84 8.52
N ILE A 89 3.43 6.73 7.20
CA ILE A 89 4.65 6.18 6.60
C ILE A 89 5.10 7.10 5.48
N SER A 90 6.41 7.16 5.24
CA SER A 90 6.99 8.00 4.20
C SER A 90 6.42 7.69 2.82
N ILE A 91 6.07 6.42 2.58
CA ILE A 91 5.52 6.02 1.29
C ILE A 91 4.14 6.65 1.06
N LEU A 92 3.46 6.97 2.15
CA LEU A 92 2.13 7.57 2.07
C LEU A 92 2.23 9.08 2.21
N HIS A 93 3.44 9.60 2.14
CA HIS A 93 3.67 11.03 2.25
C HIS A 93 3.48 11.69 0.89
N ALA A 94 2.49 12.56 0.80
CA ALA A 94 2.21 13.26 -0.44
C ALA A 94 3.15 14.45 -0.58
N PRO A 95 3.79 14.59 -1.76
CA PRO A 95 4.71 15.70 -2.02
C PRO A 95 4.00 17.05 -1.94
N GLY A 96 4.41 17.87 -0.99
CA GLY A 96 3.81 19.18 -0.81
C GLY A 96 4.19 19.78 0.53
N SER A 105 16.16 12.59 -0.44
CA SER A 105 15.51 13.50 0.50
C SER A 105 14.21 12.91 1.01
N ALA A 106 14.28 11.63 1.43
CA ALA A 106 13.12 10.90 1.95
C ALA A 106 12.11 10.62 0.85
N GLU A 107 12.05 9.37 0.42
CA GLU A 107 11.14 8.96 -0.64
C GLU A 107 9.68 9.14 -0.23
N ARG A 108 8.91 9.75 -1.12
CA ARG A 108 7.49 10.00 -0.88
C ARG A 108 6.66 9.14 -1.84
N TRP A 109 5.39 9.49 -1.96
CA TRP A 109 4.48 8.77 -2.84
C TRP A 109 4.91 8.88 -4.31
N SER A 110 4.64 7.83 -5.07
CA SER A 110 4.98 7.80 -6.48
C SER A 110 3.94 6.95 -7.22
N PRO A 111 3.54 7.36 -8.45
CA PRO A 111 2.52 6.64 -9.24
C PRO A 111 2.91 5.21 -9.57
N VAL A 112 4.20 4.92 -9.48
CA VAL A 112 4.72 3.59 -9.76
C VAL A 112 4.51 2.65 -8.57
N GLN A 113 4.18 3.22 -7.42
CA GLN A 113 3.97 2.42 -6.22
C GLN A 113 2.61 1.74 -6.25
N SER A 114 2.63 0.41 -6.27
CA SER A 114 1.42 -0.39 -6.28
C SER A 114 0.91 -0.61 -4.86
N VAL A 115 -0.32 -1.12 -4.74
CA VAL A 115 -0.91 -1.40 -3.44
C VAL A 115 -0.05 -2.42 -2.70
N GLU A 116 0.51 -3.34 -3.48
CA GLU A 116 1.38 -4.40 -2.96
C GLU A 116 2.58 -3.79 -2.21
N LYS A 117 3.18 -2.77 -2.80
CA LYS A 117 4.33 -2.12 -2.20
C LYS A 117 3.97 -1.40 -0.91
N ILE A 118 2.75 -0.86 -0.87
CA ILE A 118 2.27 -0.18 0.33
C ILE A 118 2.17 -1.17 1.47
N LEU A 119 1.54 -2.30 1.20
CA LEU A 119 1.38 -3.35 2.20
C LEU A 119 2.73 -3.87 2.67
N LEU A 120 3.64 -4.07 1.72
CA LEU A 120 4.98 -4.57 2.04
C LEU A 120 5.72 -3.58 2.93
N SER A 121 5.52 -2.30 2.70
CA SER A 121 6.15 -1.26 3.50
C SER A 121 5.63 -1.34 4.93
N VAL A 122 4.33 -1.57 5.07
CA VAL A 122 3.71 -1.69 6.39
C VAL A 122 4.28 -2.90 7.12
N VAL A 123 4.40 -4.01 6.39
CA VAL A 123 4.95 -5.24 6.95
C VAL A 123 6.37 -5.01 7.45
N SER A 124 7.17 -4.33 6.63
CA SER A 124 8.54 -4.03 6.97
C SER A 124 8.63 -3.18 8.23
N MET A 125 7.69 -2.24 8.38
CA MET A 125 7.67 -1.36 9.55
C MET A 125 7.12 -2.11 10.77
N LEU A 126 6.31 -3.12 10.55
CA LEU A 126 5.74 -3.89 11.65
C LEU A 126 6.82 -4.79 12.26
N ALA A 127 7.70 -5.28 11.41
CA ALA A 127 8.80 -6.13 11.85
C ALA A 127 9.88 -5.27 12.48
N GLU A 128 10.17 -4.14 11.83
CA GLU A 128 11.17 -3.20 12.31
C GLU A 128 10.56 -1.80 12.42
N PRO A 129 9.98 -1.48 13.58
CA PRO A 129 9.35 -0.17 13.81
C PRO A 129 10.34 1.00 13.72
N ASN A 130 10.57 1.47 12.50
CA ASN A 130 11.46 2.59 12.26
C ASN A 130 10.66 3.88 12.24
N ASP A 131 10.30 4.36 13.42
CA ASP A 131 9.51 5.58 13.57
C ASP A 131 10.20 6.78 12.97
N GLU A 132 9.45 7.58 12.23
CA GLU A 132 9.97 8.79 11.61
C GLU A 132 8.99 9.95 11.77
N SER A 133 7.74 9.64 12.10
CA SER A 133 6.73 10.66 12.26
C SER A 133 6.33 10.87 13.71
N GLY A 134 6.50 9.84 14.53
CA GLY A 134 6.14 9.94 15.94
C GLY A 134 4.65 10.15 16.13
N ALA A 135 3.85 9.34 15.46
CA ALA A 135 2.40 9.42 15.55
C ALA A 135 1.93 9.00 16.94
N ASN A 136 2.42 7.85 17.38
CA ASN A 136 2.06 7.33 18.69
C ASN A 136 3.20 7.59 19.66
N VAL A 137 3.19 8.77 20.26
CA VAL A 137 4.23 9.17 21.20
C VAL A 137 4.36 8.21 22.39
N ASP A 138 3.25 7.59 22.77
CA ASP A 138 3.26 6.64 23.89
C ASP A 138 4.05 5.40 23.53
N ALA A 139 4.08 5.09 22.24
CA ALA A 139 4.80 3.91 21.75
C ALA A 139 6.23 4.28 21.34
N SER A 140 6.38 5.41 20.64
CA SER A 140 7.70 5.86 20.19
C SER A 140 8.68 5.98 21.35
N LYS A 141 8.22 6.56 22.45
CA LYS A 141 9.05 6.76 23.62
C LYS A 141 9.41 5.42 24.28
N MET A 142 8.48 4.47 24.26
CA MET A 142 8.71 3.16 24.86
C MET A 142 9.64 2.31 24.00
N TRP A 143 9.45 2.41 22.69
CA TRP A 143 10.24 1.64 21.72
C TRP A 143 11.73 1.79 21.96
N ARG A 144 12.18 3.02 22.19
CA ARG A 144 13.61 3.27 22.41
C ARG A 144 13.90 3.58 23.88
N ASP A 145 13.22 2.88 24.78
CA ASP A 145 13.43 3.08 26.21
C ASP A 145 13.21 1.77 26.95
N ASP A 146 12.09 1.13 26.68
CA ASP A 146 11.74 -0.13 27.33
C ASP A 146 11.30 -1.14 26.29
N ARG A 147 12.26 -1.78 25.65
CA ARG A 147 11.98 -2.79 24.62
C ARG A 147 11.24 -3.97 25.21
N GLU A 148 11.53 -4.29 26.46
CA GLU A 148 10.89 -5.40 27.15
C GLU A 148 9.39 -5.18 27.26
N GLN A 149 9.02 -4.01 27.80
CA GLN A 149 7.62 -3.67 27.97
C GLN A 149 6.93 -3.52 26.62
N PHE A 150 7.66 -3.00 25.65
CA PHE A 150 7.11 -2.80 24.31
C PHE A 150 6.65 -4.14 23.73
N TYR A 151 7.47 -5.17 23.87
CA TYR A 151 7.14 -6.49 23.36
C TYR A 151 5.92 -7.05 24.12
N LYS A 152 5.84 -6.72 25.41
CA LYS A 152 4.73 -7.18 26.24
C LYS A 152 3.41 -6.62 25.73
N ILE A 153 3.42 -5.35 25.33
CA ILE A 153 2.22 -4.70 24.81
C ILE A 153 1.96 -5.18 23.39
N ALA A 154 3.03 -5.35 22.63
CA ALA A 154 2.95 -5.81 21.24
C ALA A 154 2.29 -7.18 21.15
N LYS A 155 2.68 -8.10 22.02
CA LYS A 155 2.13 -9.44 22.03
C LYS A 155 0.64 -9.39 22.38
N GLN A 156 0.26 -8.43 23.20
CA GLN A 156 -1.13 -8.26 23.60
C GLN A 156 -1.98 -7.93 22.39
N ILE A 157 -1.42 -7.10 21.51
CA ILE A 157 -2.11 -6.70 20.28
C ILE A 157 -2.37 -7.93 19.41
N VAL A 158 -1.46 -8.90 19.48
CA VAL A 158 -1.58 -10.14 18.73
C VAL A 158 -2.80 -10.92 19.23
N GLN A 159 -2.92 -11.04 20.55
CA GLN A 159 -4.05 -11.73 21.15
C GLN A 159 -5.34 -10.98 20.86
N LYS A 160 -5.22 -9.65 20.82
CA LYS A 160 -6.35 -8.78 20.57
C LYS A 160 -6.90 -8.96 19.16
N SER A 161 -6.00 -8.94 18.17
CA SER A 161 -6.38 -9.09 16.77
C SER A 161 -6.97 -10.47 16.51
N LEU A 162 -6.28 -11.50 16.96
CA LEU A 162 -6.74 -12.87 16.79
C LEU A 162 -8.03 -13.10 17.58
N GLY A 163 -8.18 -12.35 18.67
CA GLY A 163 -9.37 -12.46 19.49
C GLY A 163 -9.31 -13.66 20.41
N LEU A 164 -8.16 -13.88 21.01
CA LEU A 164 -7.99 -15.03 21.91
C LEU A 164 -7.90 -14.58 23.37
N SER B 1 -16.17 -14.78 -11.55
CA SER B 1 -16.94 -13.69 -12.12
C SER B 1 -17.22 -12.61 -11.06
N ALA B 2 -18.25 -11.82 -11.31
CA ALA B 2 -18.66 -10.70 -10.46
C ALA B 2 -18.69 -11.02 -8.96
N ASP B 3 -19.32 -12.08 -8.54
CA ASP B 3 -19.38 -12.36 -7.11
C ASP B 3 -18.62 -13.62 -6.76
N GLU B 4 -18.07 -14.28 -7.77
CA GLU B 4 -17.27 -15.45 -7.50
C GLU B 4 -16.10 -14.99 -6.66
N ARG B 5 -15.59 -13.81 -7.01
CA ARG B 5 -14.45 -13.20 -6.34
C ARG B 5 -14.84 -12.69 -4.95
N GLN B 6 -16.03 -12.11 -4.84
CA GLN B 6 -16.52 -11.56 -3.58
C GLN B 6 -16.49 -12.62 -2.48
N ARG B 7 -16.95 -13.82 -2.79
CA ARG B 7 -16.95 -14.90 -1.83
C ARG B 7 -15.52 -15.41 -1.58
N MET B 8 -14.80 -15.65 -2.67
CA MET B 8 -13.41 -16.13 -2.62
C MET B 8 -12.58 -15.31 -1.62
N LEU B 9 -12.64 -14.00 -1.77
CA LEU B 9 -11.89 -13.08 -0.90
C LEU B 9 -12.23 -13.31 0.57
N VAL B 10 -13.52 -13.37 0.89
CA VAL B 10 -13.96 -13.59 2.26
C VAL B 10 -13.33 -14.88 2.80
N GLN B 11 -13.23 -15.88 1.94
CA GLN B 11 -12.62 -17.16 2.30
C GLN B 11 -11.17 -16.95 2.71
N ARG B 12 -10.45 -16.14 1.93
CA ARG B 12 -9.04 -15.86 2.20
C ARG B 12 -8.85 -15.16 3.55
N LYS B 13 -9.76 -14.23 3.84
CA LYS B 13 -9.67 -13.49 5.09
C LYS B 13 -9.93 -14.39 6.29
N ASP B 14 -10.85 -15.33 6.11
CA ASP B 14 -11.17 -16.26 7.19
C ASP B 14 -9.98 -17.18 7.41
N GLU B 15 -9.58 -17.87 6.34
CA GLU B 15 -8.43 -18.78 6.35
C GLU B 15 -7.28 -18.13 7.11
N LEU B 16 -6.69 -17.10 6.47
CA LEU B 16 -5.58 -16.33 7.05
C LEU B 16 -5.72 -16.13 8.55
N LEU B 17 -6.86 -15.56 8.96
CA LEU B 17 -7.09 -15.29 10.36
C LEU B 17 -7.04 -16.58 11.20
N GLN B 18 -7.92 -17.54 10.89
CA GLN B 18 -7.95 -18.83 11.61
C GLN B 18 -6.55 -19.47 11.62
N GLN B 19 -5.78 -19.23 10.57
CA GLN B 19 -4.43 -19.75 10.44
C GLN B 19 -3.52 -19.13 11.49
N ALA B 20 -3.49 -17.80 11.53
CA ALA B 20 -2.70 -17.08 12.53
C ALA B 20 -2.97 -17.62 13.91
N ARG B 21 -4.23 -17.93 14.14
CA ARG B 21 -4.69 -18.46 15.40
C ARG B 21 -4.09 -19.85 15.64
N LYS B 22 -4.22 -20.71 14.63
CA LYS B 22 -3.68 -22.07 14.68
C LYS B 22 -2.20 -22.02 15.02
N ARG B 23 -1.52 -21.02 14.45
CA ARG B 23 -0.09 -20.81 14.67
C ARG B 23 0.20 -20.30 16.08
N PHE B 24 -0.18 -19.06 16.33
CA PHE B 24 0.00 -18.38 17.63
C PHE B 24 -0.15 -19.32 18.85
N LEU B 25 -1.17 -20.15 18.84
CA LEU B 25 -1.44 -21.06 19.96
C LEU B 25 -0.50 -22.25 19.99
N ASN B 26 -0.39 -23.00 18.90
CA ASN B 26 0.52 -24.15 18.86
C ASN B 26 1.95 -23.72 19.17
N LYS B 27 2.21 -22.41 19.13
CA LYS B 27 3.55 -21.88 19.40
C LYS B 27 3.96 -22.11 20.85
N ALA C 1 2.50 18.44 -27.00
CA ALA C 1 3.82 18.35 -27.66
C ALA C 1 4.34 16.91 -27.58
N VAL C 2 4.33 16.22 -28.72
CA VAL C 2 4.80 14.85 -28.78
C VAL C 2 5.70 14.67 -30.00
N ALA C 3 6.99 14.95 -29.83
CA ALA C 3 7.97 14.81 -30.91
C ALA C 3 8.26 13.35 -31.18
N THR C 4 8.10 12.52 -30.16
CA THR C 4 8.33 11.09 -30.27
C THR C 4 7.27 10.44 -31.16
N PRO C 5 7.70 9.56 -32.08
CA PRO C 5 6.79 8.87 -32.99
C PRO C 5 5.81 7.95 -32.27
N GLU C 6 4.57 7.93 -32.71
CA GLU C 6 3.54 7.09 -32.11
C GLU C 6 3.87 5.61 -32.28
N GLU C 7 4.78 5.32 -33.21
CA GLU C 7 5.24 3.96 -33.47
C GLU C 7 5.90 3.37 -32.23
N LEU C 8 6.55 4.24 -31.46
CA LEU C 8 7.24 3.82 -30.24
C LEU C 8 6.23 3.51 -29.15
N ALA C 9 5.07 4.15 -29.22
CA ALA C 9 4.01 3.94 -28.24
C ALA C 9 3.43 2.55 -28.37
N VAL C 10 3.44 2.02 -29.59
CA VAL C 10 2.94 0.68 -29.86
C VAL C 10 3.94 -0.35 -29.34
N ASN C 11 5.20 0.02 -29.35
CA ASN C 11 6.27 -0.85 -28.88
C ASN C 11 6.30 -0.87 -27.35
N ASN C 12 6.16 0.31 -26.75
CA ASN C 12 6.15 0.43 -25.30
C ASN C 12 4.72 0.53 -24.79
N ASP C 13 4.12 -0.62 -24.52
CA ASP C 13 2.75 -0.70 -24.05
C ASP C 13 2.68 -0.57 -22.52
N ASP C 14 3.50 0.29 -21.97
CA ASP C 14 3.55 0.49 -20.52
C ASP C 14 3.45 1.97 -20.16
N CYS C 15 3.10 2.24 -18.92
CA CYS C 15 2.98 3.60 -18.40
C CYS C 15 2.90 3.56 -16.88
N ALA C 16 4.04 3.74 -16.22
CA ALA C 16 4.12 3.71 -14.76
C ALA C 16 3.48 4.94 -14.11
N ILE C 17 2.35 5.37 -14.64
CA ILE C 17 1.61 6.51 -14.14
C ILE C 17 0.12 6.28 -14.28
N CYS C 18 -0.33 6.10 -15.52
CA CYS C 18 -1.75 5.89 -15.79
C CYS C 18 -2.03 4.47 -16.26
N TRP C 19 -0.98 3.72 -16.56
CA TRP C 19 -1.12 2.36 -17.07
C TRP C 19 -1.87 2.41 -18.41
N ASP C 20 -2.63 1.36 -18.72
CA ASP C 20 -3.40 1.30 -19.96
C ASP C 20 -2.49 1.44 -21.19
N SER C 21 -3.02 1.95 -22.29
CA SER C 21 -2.25 2.13 -23.51
C SER C 21 -2.62 3.43 -24.22
N MET C 22 -1.62 4.26 -24.49
CA MET C 22 -1.85 5.54 -25.16
C MET C 22 -0.83 5.71 -26.28
N GLN C 23 -1.04 6.69 -27.16
CA GLN C 23 -0.13 6.92 -28.28
C GLN C 23 0.78 8.12 -28.05
N ALA C 24 0.30 9.11 -27.30
CA ALA C 24 1.09 10.31 -27.03
C ALA C 24 2.17 10.05 -25.97
N ALA C 25 3.30 9.50 -26.41
CA ALA C 25 4.40 9.21 -25.49
C ALA C 25 5.55 10.20 -25.66
N ARG C 26 6.14 10.60 -24.56
CA ARG C 26 7.26 11.54 -24.57
C ARG C 26 8.40 10.99 -23.72
N LYS C 27 9.63 11.18 -24.17
CA LYS C 27 10.78 10.68 -23.43
C LYS C 27 11.27 11.72 -22.43
N LEU C 28 11.48 11.28 -21.21
CA LEU C 28 11.98 12.12 -20.14
C LEU C 28 13.51 12.11 -20.14
N PRO C 29 14.15 13.13 -19.54
CA PRO C 29 15.62 13.21 -19.50
C PRO C 29 16.27 12.14 -18.62
N CYS C 30 15.45 11.41 -17.88
CA CYS C 30 15.95 10.36 -17.01
C CYS C 30 15.49 8.99 -17.46
N GLY C 31 15.73 8.70 -18.75
CA GLY C 31 15.37 7.41 -19.34
C GLY C 31 13.98 6.94 -18.97
N HIS C 32 12.96 7.58 -19.51
CA HIS C 32 11.59 7.20 -19.21
C HIS C 32 10.65 7.58 -20.35
N LEU C 33 9.80 6.65 -20.74
CA LEU C 33 8.84 6.88 -21.80
C LEU C 33 7.45 7.03 -21.18
N PHE C 34 7.03 8.25 -20.92
CA PHE C 34 5.73 8.50 -20.33
C PHE C 34 4.84 9.27 -21.28
N HIS C 35 3.54 9.03 -21.18
CA HIS C 35 2.58 9.71 -22.03
C HIS C 35 2.46 11.17 -21.62
N ASN C 36 2.38 12.06 -22.61
CA ASN C 36 2.29 13.50 -22.38
C ASN C 36 1.14 13.86 -21.43
N SER C 37 -0.04 13.33 -21.71
CA SER C 37 -1.21 13.60 -20.89
C SER C 37 -1.00 13.15 -19.44
N CYS C 38 -0.19 12.12 -19.26
CA CYS C 38 0.11 11.62 -17.92
C CYS C 38 1.20 12.47 -17.28
N LEU C 39 2.20 12.82 -18.08
CA LEU C 39 3.31 13.62 -17.62
C LEU C 39 2.84 14.99 -17.14
N ARG C 40 2.00 15.64 -17.95
CA ARG C 40 1.47 16.96 -17.60
C ARG C 40 0.76 16.90 -16.25
N SER C 41 -0.05 15.86 -16.08
CA SER C 41 -0.81 15.67 -14.85
C SER C 41 0.11 15.51 -13.65
N TRP C 42 1.18 14.75 -13.83
CA TRP C 42 2.12 14.53 -12.74
C TRP C 42 2.95 15.79 -12.48
N LEU C 43 3.37 16.47 -13.55
CA LEU C 43 4.15 17.69 -13.41
C LEU C 43 3.35 18.76 -12.68
N GLU C 44 2.03 18.66 -12.79
CA GLU C 44 1.13 19.60 -12.13
C GLU C 44 1.06 19.26 -10.64
N GLN C 45 1.37 18.02 -10.30
CA GLN C 45 1.36 17.55 -8.93
C GLN C 45 2.72 17.74 -8.27
N ASP C 46 3.78 17.38 -9.00
CA ASP C 46 5.14 17.53 -8.51
C ASP C 46 6.13 17.55 -9.67
N THR C 47 7.38 17.88 -9.39
CA THR C 47 8.41 17.95 -10.41
C THR C 47 9.45 16.85 -10.21
N SER C 48 9.00 15.67 -9.83
CA SER C 48 9.89 14.54 -9.60
C SER C 48 9.55 13.39 -10.53
N CYS C 49 10.55 12.58 -10.87
CA CYS C 49 10.32 11.44 -11.73
C CYS C 49 9.76 10.28 -10.91
N PRO C 50 8.66 9.67 -11.38
CA PRO C 50 7.99 8.56 -10.67
C PRO C 50 8.94 7.46 -10.14
N THR C 51 9.70 6.84 -11.02
CA THR C 51 10.59 5.76 -10.63
C THR C 51 11.99 6.25 -10.20
N CYS C 52 12.53 7.24 -10.90
CA CYS C 52 13.85 7.76 -10.58
C CYS C 52 13.83 8.55 -9.27
N ARG C 53 12.66 9.09 -8.93
CA ARG C 53 12.46 9.86 -7.71
C ARG C 53 13.47 10.99 -7.58
N MET C 54 13.71 11.67 -8.69
CA MET C 54 14.64 12.78 -8.73
C MET C 54 14.04 13.92 -9.53
N SER C 55 14.40 15.15 -9.19
CA SER C 55 13.90 16.32 -9.88
C SER C 55 14.34 16.33 -11.34
N LEU C 56 13.65 17.11 -12.16
CA LEU C 56 13.98 17.20 -13.58
C LEU C 56 14.13 18.65 -14.01
N ASN C 57 15.09 18.90 -14.88
CA ASN C 57 15.36 20.25 -15.38
C ASN C 57 14.96 20.35 -16.85
N ILE C 58 14.24 19.35 -17.34
CA ILE C 58 13.79 19.29 -18.71
C ILE C 58 12.98 18.02 -18.93
ZN ZN D . -0.24 6.97 -20.01
ZN ZN E . 13.09 8.61 -15.10
N ALA A 1 -15.53 4.80 -16.74
CA ALA A 1 -14.20 4.18 -16.84
C ALA A 1 -13.12 5.25 -16.79
N GLY A 2 -12.64 5.54 -15.58
CA GLY A 2 -11.61 6.53 -15.41
C GLY A 2 -10.30 5.95 -14.95
N THR A 3 -9.34 6.82 -14.70
CA THR A 3 -8.01 6.44 -14.25
C THR A 3 -8.05 5.59 -12.98
N ALA A 4 -8.77 6.09 -11.97
CA ALA A 4 -8.87 5.40 -10.69
C ALA A 4 -9.51 4.02 -10.83
N LEU A 5 -10.67 3.97 -11.47
CA LEU A 5 -11.40 2.72 -11.64
C LEU A 5 -10.57 1.66 -12.35
N LYS A 6 -10.00 2.01 -13.50
CA LYS A 6 -9.20 1.07 -14.27
C LYS A 6 -7.95 0.63 -13.51
N ARG A 7 -7.30 1.56 -12.84
CA ARG A 7 -6.11 1.25 -12.07
C ARG A 7 -6.44 0.37 -10.88
N LEU A 8 -7.46 0.75 -10.13
CA LEU A 8 -7.88 0.01 -8.95
C LEU A 8 -8.28 -1.42 -9.30
N MET A 9 -8.98 -1.58 -10.43
CA MET A 9 -9.41 -2.91 -10.87
C MET A 9 -8.22 -3.80 -11.18
N ALA A 10 -7.21 -3.22 -11.84
CA ALA A 10 -6.01 -3.95 -12.19
C ALA A 10 -5.25 -4.38 -10.94
N GLU A 11 -5.23 -3.52 -9.94
CA GLU A 11 -4.53 -3.81 -8.68
C GLU A 11 -5.14 -5.03 -7.99
N TYR A 12 -6.47 -5.06 -7.90
CA TYR A 12 -7.16 -6.18 -7.26
C TYR A 12 -6.91 -7.48 -8.03
N LYS A 13 -6.90 -7.38 -9.36
CA LYS A 13 -6.66 -8.54 -10.21
C LYS A 13 -5.29 -9.12 -9.92
N GLN A 14 -4.32 -8.24 -9.73
CA GLN A 14 -2.95 -8.66 -9.42
C GLN A 14 -2.89 -9.28 -8.03
N LEU A 15 -3.63 -8.69 -7.09
CA LEU A 15 -3.66 -9.17 -5.71
C LEU A 15 -4.35 -10.52 -5.58
N THR A 16 -5.05 -10.95 -6.63
CA THR A 16 -5.73 -12.23 -6.60
C THR A 16 -4.99 -13.24 -7.47
N LEU A 17 -4.41 -12.77 -8.56
CA LEU A 17 -3.64 -13.63 -9.45
C LEU A 17 -2.30 -13.96 -8.81
N ASN A 18 -1.76 -12.98 -8.10
CA ASN A 18 -0.51 -13.12 -7.38
C ASN A 18 -0.72 -12.65 -5.94
N PRO A 19 -1.17 -13.55 -5.06
CA PRO A 19 -1.45 -13.23 -3.67
C PRO A 19 -0.24 -13.42 -2.76
N PRO A 20 0.25 -12.32 -2.15
CA PRO A 20 1.40 -12.39 -1.24
C PRO A 20 1.04 -13.17 0.03
N GLU A 21 1.91 -14.09 0.42
CA GLU A 21 1.68 -14.90 1.60
C GLU A 21 1.53 -14.06 2.85
N GLY A 22 0.33 -14.04 3.41
CA GLY A 22 0.07 -13.27 4.61
C GLY A 22 -0.64 -11.97 4.34
N ILE A 23 -0.94 -11.69 3.08
CA ILE A 23 -1.61 -10.44 2.72
C ILE A 23 -2.91 -10.70 1.97
N VAL A 24 -4.03 -10.42 2.61
CA VAL A 24 -5.34 -10.58 1.99
C VAL A 24 -6.01 -9.22 1.85
N ALA A 25 -5.82 -8.57 0.70
CA ALA A 25 -6.41 -7.27 0.45
C ALA A 25 -7.38 -7.30 -0.73
N GLY A 26 -8.44 -6.52 -0.62
CA GLY A 26 -9.44 -6.45 -1.66
C GLY A 26 -10.55 -5.47 -1.30
N PRO A 27 -11.44 -5.14 -2.25
CA PRO A 27 -12.55 -4.21 -1.99
C PRO A 27 -13.65 -4.84 -1.15
N MET A 28 -14.37 -4.01 -0.42
CA MET A 28 -15.47 -4.50 0.43
C MET A 28 -16.55 -5.13 -0.45
N ASN A 29 -16.78 -4.52 -1.59
CA ASN A 29 -17.76 -4.99 -2.55
C ASN A 29 -17.29 -4.66 -3.95
N GLU A 30 -17.71 -5.42 -4.94
CA GLU A 30 -17.30 -5.20 -6.31
C GLU A 30 -17.95 -3.95 -6.89
N GLU A 31 -19.07 -3.55 -6.33
CA GLU A 31 -19.76 -2.35 -6.79
C GLU A 31 -19.06 -1.09 -6.27
N ASN A 32 -18.34 -1.25 -5.17
CA ASN A 32 -17.62 -0.14 -4.56
C ASN A 32 -16.12 -0.46 -4.47
N PHE A 33 -15.38 -0.01 -5.47
CA PHE A 33 -13.95 -0.26 -5.52
C PHE A 33 -13.17 0.87 -4.86
N PHE A 34 -13.84 1.62 -4.00
CA PHE A 34 -13.19 2.73 -3.30
C PHE A 34 -12.88 2.34 -1.86
N GLU A 35 -13.74 1.50 -1.28
CA GLU A 35 -13.55 1.03 0.08
C GLU A 35 -12.91 -0.35 0.07
N TRP A 36 -11.66 -0.43 0.49
CA TRP A 36 -10.94 -1.70 0.50
C TRP A 36 -10.67 -2.19 1.92
N GLU A 37 -10.46 -3.49 2.04
CA GLU A 37 -10.16 -4.12 3.30
C GLU A 37 -8.84 -4.89 3.16
N ALA A 38 -7.92 -4.66 4.07
CA ALA A 38 -6.64 -5.32 4.01
C ALA A 38 -6.37 -6.15 5.26
N LEU A 39 -6.27 -7.45 5.07
CA LEU A 39 -5.97 -8.37 6.15
C LEU A 39 -4.50 -8.76 6.04
N ILE A 40 -3.65 -8.10 6.82
CA ILE A 40 -2.22 -8.39 6.78
C ILE A 40 -1.78 -9.13 8.04
N MET A 41 -1.12 -10.25 7.86
CA MET A 41 -0.64 -11.05 8.98
C MET A 41 0.83 -10.73 9.25
N GLY A 42 1.11 -10.39 10.50
CA GLY A 42 2.47 -10.07 10.90
C GLY A 42 3.44 -11.21 10.62
N PRO A 43 4.57 -10.92 9.97
CA PRO A 43 5.58 -11.93 9.64
C PRO A 43 6.13 -12.63 10.88
N GLU A 44 6.62 -13.84 10.70
CA GLU A 44 7.17 -14.62 11.80
C GLU A 44 8.50 -14.03 12.27
N ASP A 45 8.88 -14.37 13.51
CA ASP A 45 10.13 -13.92 14.11
C ASP A 45 10.08 -12.43 14.43
N THR A 46 8.89 -11.87 14.48
CA THR A 46 8.72 -10.47 14.80
C THR A 46 7.90 -10.31 16.07
N CYS A 47 7.73 -9.09 16.52
CA CYS A 47 6.97 -8.82 17.73
C CYS A 47 5.47 -8.83 17.43
N PHE A 48 5.13 -8.97 16.16
CA PHE A 48 3.74 -9.00 15.73
C PHE A 48 3.45 -10.22 14.86
N GLU A 49 4.20 -11.29 15.07
CA GLU A 49 4.02 -12.52 14.29
C GLU A 49 2.64 -13.12 14.52
N PHE A 50 2.02 -13.54 13.42
CA PHE A 50 0.69 -14.18 13.43
C PHE A 50 -0.41 -13.16 13.74
N GLY A 51 -0.13 -11.89 13.50
CA GLY A 51 -1.12 -10.88 13.74
C GLY A 51 -1.95 -10.54 12.51
N VAL A 52 -3.15 -11.10 12.43
CA VAL A 52 -4.06 -10.80 11.31
C VAL A 52 -4.69 -9.44 11.57
N PHE A 53 -4.03 -8.39 11.11
CA PHE A 53 -4.48 -7.03 11.32
C PHE A 53 -5.46 -6.56 10.25
N PRO A 54 -6.69 -6.19 10.66
CA PRO A 54 -7.72 -5.69 9.76
C PRO A 54 -7.59 -4.19 9.54
N ALA A 55 -7.31 -3.80 8.31
CA ALA A 55 -7.16 -2.39 7.97
C ALA A 55 -8.10 -1.99 6.84
N ILE A 56 -8.60 -0.77 6.90
CA ILE A 56 -9.49 -0.25 5.88
C ILE A 56 -8.74 0.75 5.02
N LEU A 57 -8.89 0.63 3.71
CA LEU A 57 -8.21 1.53 2.78
C LEU A 57 -9.18 2.22 1.84
N SER A 58 -9.27 3.54 1.96
CA SER A 58 -10.14 4.33 1.10
C SER A 58 -9.30 4.99 0.02
N PHE A 59 -9.63 4.70 -1.24
CA PHE A 59 -8.87 5.24 -2.36
C PHE A 59 -9.55 6.49 -2.94
N PRO A 60 -8.74 7.49 -3.33
CA PRO A 60 -9.23 8.74 -3.90
C PRO A 60 -9.79 8.56 -5.32
N LEU A 61 -10.52 9.57 -5.79
CA LEU A 61 -11.13 9.53 -7.11
C LEU A 61 -10.10 9.81 -8.20
N ASP A 62 -9.02 10.48 -7.83
CA ASP A 62 -7.97 10.81 -8.78
C ASP A 62 -6.77 9.88 -8.64
N TYR A 63 -7.04 8.67 -8.17
CA TYR A 63 -5.99 7.66 -8.01
C TYR A 63 -5.39 7.32 -9.38
N PRO A 64 -4.07 7.07 -9.46
CA PRO A 64 -3.15 7.07 -8.33
C PRO A 64 -2.34 8.37 -8.19
N LEU A 65 -2.94 9.50 -8.52
CA LEU A 65 -2.24 10.79 -8.40
C LEU A 65 -2.12 11.16 -6.93
N SER A 66 -3.11 10.74 -6.15
CA SER A 66 -3.13 11.00 -4.71
C SER A 66 -3.10 9.68 -3.95
N PRO A 67 -2.51 9.67 -2.75
CA PRO A 67 -2.40 8.47 -1.92
C PRO A 67 -3.71 8.11 -1.22
N PRO A 68 -3.91 6.82 -0.91
CA PRO A 68 -5.12 6.34 -0.24
C PRO A 68 -5.06 6.51 1.28
N LYS A 69 -6.20 6.35 1.92
CA LYS A 69 -6.29 6.47 3.37
C LYS A 69 -6.30 5.10 4.01
N MET A 70 -5.30 4.81 4.83
CA MET A 70 -5.21 3.51 5.49
C MET A 70 -5.40 3.66 6.99
N ARG A 71 -6.40 2.98 7.52
CA ARG A 71 -6.69 3.03 8.95
C ARG A 71 -7.05 1.65 9.47
N PHE A 72 -6.41 1.24 10.55
CA PHE A 72 -6.68 -0.06 11.16
C PHE A 72 -7.95 0.00 11.98
N THR A 73 -8.80 -1.04 11.87
CA THR A 73 -10.04 -1.09 12.62
C THR A 73 -9.87 -1.91 13.89
N CYS A 74 -8.63 -2.02 14.35
CA CYS A 74 -8.33 -2.79 15.55
C CYS A 74 -7.42 -1.98 16.46
N GLU A 75 -7.06 -2.57 17.59
CA GLU A 75 -6.18 -1.93 18.54
C GLU A 75 -4.74 -2.09 18.09
N MET A 76 -3.98 -1.02 18.10
CA MET A 76 -2.59 -1.07 17.68
C MET A 76 -1.72 -0.15 18.53
N PHE A 77 -0.49 -0.56 18.74
CA PHE A 77 0.46 0.21 19.53
C PHE A 77 1.75 0.38 18.74
N HIS A 78 1.65 1.05 17.60
CA HIS A 78 2.80 1.28 16.75
C HIS A 78 3.10 2.77 16.65
N PRO A 79 4.39 3.16 16.77
CA PRO A 79 4.83 4.55 16.70
C PRO A 79 4.34 5.30 15.45
N ASN A 80 4.30 4.60 14.32
CA ASN A 80 3.89 5.21 13.05
C ASN A 80 2.38 5.17 12.87
N ILE A 81 1.66 4.75 13.91
CA ILE A 81 0.21 4.66 13.85
C ILE A 81 -0.43 5.54 14.92
N TYR A 82 -1.36 6.39 14.51
CA TYR A 82 -2.06 7.28 15.42
C TYR A 82 -3.01 6.47 16.32
N PRO A 83 -3.46 7.05 17.46
CA PRO A 83 -4.37 6.36 18.39
C PRO A 83 -5.71 5.95 17.76
N ASP A 84 -5.98 6.47 16.58
CA ASP A 84 -7.23 6.14 15.88
C ASP A 84 -7.01 5.09 14.80
N GLY A 85 -5.77 4.61 14.69
CA GLY A 85 -5.45 3.59 13.72
C GLY A 85 -4.95 4.16 12.40
N ARG A 86 -4.79 5.47 12.33
CA ARG A 86 -4.31 6.11 11.11
C ARG A 86 -2.85 5.79 10.86
N VAL A 87 -2.56 5.27 9.68
CA VAL A 87 -1.20 4.93 9.30
C VAL A 87 -0.53 6.11 8.61
N CYS A 88 0.57 6.57 9.15
CA CYS A 88 1.28 7.70 8.57
C CYS A 88 2.75 7.36 8.35
N ILE A 89 3.10 7.17 7.09
CA ILE A 89 4.46 6.86 6.69
C ILE A 89 4.86 7.71 5.50
N SER A 90 6.15 7.84 5.28
CA SER A 90 6.70 8.65 4.19
C SER A 90 6.16 8.23 2.81
N ILE A 91 5.92 6.94 2.62
CA ILE A 91 5.42 6.44 1.34
C ILE A 91 3.98 6.92 1.07
N LEU A 92 3.29 7.35 2.11
CA LEU A 92 1.93 7.82 1.98
C LEU A 92 1.86 9.35 2.06
N HIS A 93 3.02 9.99 1.94
CA HIS A 93 3.10 11.43 2.01
C HIS A 93 3.08 12.05 0.62
N ALA A 94 2.15 12.97 0.40
CA ALA A 94 2.02 13.64 -0.88
C ALA A 94 2.56 15.07 -0.78
N PRO A 95 3.27 15.54 -1.82
CA PRO A 95 3.83 16.90 -1.83
C PRO A 95 2.76 17.96 -2.10
N GLY A 96 1.58 17.51 -2.45
CA GLY A 96 0.48 18.41 -2.73
C GLY A 96 -0.54 17.77 -3.65
N SER A 105 14.21 14.52 2.28
CA SER A 105 13.28 13.84 1.38
C SER A 105 13.90 12.55 0.83
N ALA A 106 13.17 11.46 0.96
CA ALA A 106 13.63 10.17 0.49
C ALA A 106 12.48 9.37 -0.10
N GLU A 107 11.61 8.87 0.76
CA GLU A 107 10.45 8.11 0.32
C GLU A 107 9.25 9.04 0.20
N ARG A 108 8.53 8.93 -0.90
CA ARG A 108 7.36 9.77 -1.15
C ARG A 108 6.35 9.05 -2.00
N TRP A 109 5.14 9.59 -2.07
CA TRP A 109 4.09 9.00 -2.87
C TRP A 109 4.35 9.21 -4.36
N SER A 110 4.03 8.21 -5.15
CA SER A 110 4.22 8.26 -6.59
C SER A 110 3.21 7.35 -7.27
N PRO A 111 2.78 7.67 -8.50
CA PRO A 111 1.80 6.85 -9.24
C PRO A 111 2.28 5.41 -9.48
N VAL A 112 3.59 5.21 -9.31
CA VAL A 112 4.18 3.90 -9.50
C VAL A 112 4.02 3.05 -8.23
N GLN A 113 3.60 3.69 -7.14
CA GLN A 113 3.41 2.99 -5.89
C GLN A 113 2.07 2.26 -5.90
N SER A 114 2.11 1.00 -6.30
CA SER A 114 0.91 0.19 -6.35
C SER A 114 0.44 -0.14 -4.94
N VAL A 115 -0.77 -0.69 -4.84
CA VAL A 115 -1.33 -1.04 -3.54
C VAL A 115 -0.46 -2.07 -2.84
N GLU A 116 0.04 -3.03 -3.62
CA GLU A 116 0.89 -4.08 -3.08
C GLU A 116 2.20 -3.50 -2.54
N LYS A 117 2.67 -2.43 -3.16
CA LYS A 117 3.91 -1.78 -2.74
C LYS A 117 3.70 -1.06 -1.42
N ILE A 118 2.51 -0.49 -1.25
CA ILE A 118 2.17 0.20 -0.01
C ILE A 118 2.08 -0.79 1.12
N LEU A 119 1.36 -1.89 0.88
CA LEU A 119 1.19 -2.95 1.87
C LEU A 119 2.53 -3.53 2.30
N LEU A 120 3.41 -3.76 1.31
CA LEU A 120 4.73 -4.31 1.60
C LEU A 120 5.50 -3.40 2.55
N SER A 121 5.40 -2.09 2.31
CA SER A 121 6.08 -1.11 3.14
C SER A 121 5.52 -1.11 4.56
N VAL A 122 4.21 -1.30 4.67
CA VAL A 122 3.57 -1.36 5.98
C VAL A 122 4.09 -2.57 6.75
N VAL A 123 4.24 -3.69 6.04
CA VAL A 123 4.76 -4.91 6.63
C VAL A 123 6.18 -4.68 7.17
N SER A 124 7.00 -3.98 6.38
CA SER A 124 8.37 -3.67 6.77
C SER A 124 8.38 -2.79 8.01
N MET A 125 7.43 -1.85 8.08
CA MET A 125 7.33 -0.94 9.21
C MET A 125 6.85 -1.68 10.46
N LEU A 126 6.09 -2.75 10.26
CA LEU A 126 5.58 -3.55 11.37
C LEU A 126 6.67 -4.47 11.90
N ALA A 127 7.47 -5.02 10.99
CA ALA A 127 8.56 -5.92 11.35
C ALA A 127 9.68 -5.14 12.04
N GLU A 128 9.95 -3.94 11.54
CA GLU A 128 10.98 -3.09 12.10
C GLU A 128 10.44 -1.67 12.28
N PRO A 129 9.86 -1.39 13.45
CA PRO A 129 9.29 -0.07 13.77
C PRO A 129 10.30 1.07 13.59
N ASN A 130 10.08 1.85 12.55
CA ASN A 130 10.95 2.98 12.24
C ASN A 130 10.12 4.26 12.21
N ASP A 131 9.91 4.83 13.39
CA ASP A 131 9.12 6.05 13.52
C ASP A 131 9.86 7.26 12.98
N GLU A 132 9.20 7.98 12.08
CA GLU A 132 9.77 9.18 11.49
C GLU A 132 8.74 10.30 11.54
N SER A 133 7.54 9.96 11.99
CA SER A 133 6.45 10.93 12.06
C SER A 133 6.10 11.27 13.50
N GLY A 134 6.14 10.29 14.39
CA GLY A 134 5.80 10.51 15.77
C GLY A 134 4.31 10.55 15.98
N ALA A 135 3.62 9.55 15.44
CA ALA A 135 2.17 9.46 15.56
C ALA A 135 1.77 8.99 16.96
N ASN A 136 2.40 7.92 17.41
CA ASN A 136 2.13 7.37 18.73
C ASN A 136 3.34 7.59 19.61
N VAL A 137 3.43 8.79 20.18
CA VAL A 137 4.54 9.18 21.04
C VAL A 137 4.79 8.18 22.16
N ASP A 138 3.71 7.64 22.72
CA ASP A 138 3.80 6.66 23.80
C ASP A 138 4.63 5.47 23.34
N ALA A 139 4.36 5.00 22.13
CA ALA A 139 5.06 3.88 21.55
C ALA A 139 6.47 4.28 21.11
N SER A 140 6.59 5.47 20.53
CA SER A 140 7.87 5.99 20.07
C SER A 140 8.89 6.05 21.21
N LYS A 141 8.41 6.45 22.39
CA LYS A 141 9.29 6.56 23.55
C LYS A 141 9.60 5.18 24.11
N MET A 142 8.58 4.35 24.25
CA MET A 142 8.74 3.01 24.80
C MET A 142 9.70 2.17 23.95
N TRP A 143 9.58 2.28 22.63
CA TRP A 143 10.42 1.51 21.70
C TRP A 143 11.91 1.71 21.97
N ARG A 144 12.28 2.94 22.33
CA ARG A 144 13.68 3.26 22.59
C ARG A 144 14.01 3.18 24.09
N ASP A 145 13.04 3.46 24.93
CA ASP A 145 13.23 3.44 26.38
C ASP A 145 13.30 2.01 26.92
N ASP A 146 12.30 1.21 26.61
CA ASP A 146 12.26 -0.18 27.07
C ASP A 146 11.81 -1.10 25.95
N ARG A 147 12.78 -1.69 25.27
CA ARG A 147 12.51 -2.59 24.16
C ARG A 147 11.76 -3.83 24.64
N GLU A 148 12.05 -4.28 25.85
CA GLU A 148 11.42 -5.45 26.42
C GLU A 148 9.93 -5.21 26.64
N GLN A 149 9.59 -4.09 27.27
CA GLN A 149 8.20 -3.74 27.53
C GLN A 149 7.41 -3.63 26.24
N PHE A 150 8.02 -3.05 25.21
CA PHE A 150 7.38 -2.90 23.92
C PHE A 150 7.03 -4.26 23.34
N TYR A 151 7.96 -5.21 23.50
CA TYR A 151 7.75 -6.56 23.00
C TYR A 151 6.60 -7.24 23.70
N LYS A 152 6.36 -6.85 24.96
CA LYS A 152 5.27 -7.41 25.74
C LYS A 152 3.95 -6.87 25.23
N ILE A 153 3.89 -5.55 25.06
CA ILE A 153 2.68 -4.91 24.56
C ILE A 153 2.40 -5.34 23.13
N ALA A 154 3.45 -5.49 22.34
CA ALA A 154 3.33 -5.90 20.95
C ALA A 154 2.69 -7.28 20.84
N LYS A 155 3.18 -8.22 21.64
CA LYS A 155 2.65 -9.57 21.65
C LYS A 155 1.20 -9.56 22.12
N GLN A 156 0.90 -8.66 23.06
CA GLN A 156 -0.45 -8.53 23.59
C GLN A 156 -1.39 -8.05 22.48
N ILE A 157 -0.89 -7.20 21.60
CA ILE A 157 -1.68 -6.71 20.49
C ILE A 157 -2.07 -7.87 19.58
N VAL A 158 -1.15 -8.80 19.40
CA VAL A 158 -1.39 -9.99 18.59
C VAL A 158 -2.52 -10.81 19.20
N GLN A 159 -2.49 -10.91 20.54
CA GLN A 159 -3.51 -11.64 21.27
C GLN A 159 -4.89 -11.06 20.98
N LYS A 160 -4.97 -9.73 21.01
CA LYS A 160 -6.22 -9.03 20.74
C LYS A 160 -6.65 -9.22 19.29
N SER A 161 -5.69 -9.12 18.38
CA SER A 161 -5.95 -9.26 16.96
C SER A 161 -6.51 -10.64 16.61
N LEU A 162 -5.92 -11.68 17.20
CA LEU A 162 -6.38 -13.04 16.94
C LEU A 162 -7.55 -13.40 17.85
N GLY A 163 -7.78 -12.58 18.88
CA GLY A 163 -8.87 -12.83 19.81
C GLY A 163 -8.61 -14.03 20.71
N LEU A 164 -7.35 -14.23 21.08
CA LEU A 164 -6.97 -15.36 21.92
C LEU A 164 -6.31 -14.86 23.19
N SER B 1 -17.79 -14.65 -11.50
CA SER B 1 -17.22 -13.34 -11.73
C SER B 1 -17.72 -12.31 -10.72
N ALA B 2 -18.96 -11.84 -10.95
CA ALA B 2 -19.59 -10.81 -10.12
C ALA B 2 -19.43 -11.06 -8.62
N ASP B 3 -19.82 -12.26 -8.16
CA ASP B 3 -19.73 -12.56 -6.73
C ASP B 3 -18.81 -13.76 -6.47
N GLU B 4 -18.30 -14.35 -7.53
CA GLU B 4 -17.38 -15.47 -7.40
C GLU B 4 -16.12 -15.02 -6.68
N ARG B 5 -15.64 -13.84 -7.04
CA ARG B 5 -14.43 -13.28 -6.47
C ARG B 5 -14.69 -12.78 -5.05
N GLN B 6 -15.85 -12.18 -4.83
CA GLN B 6 -16.21 -11.65 -3.52
C GLN B 6 -16.12 -12.71 -2.43
N ARG B 7 -16.64 -13.90 -2.71
CA ARG B 7 -16.61 -14.98 -1.74
C ARG B 7 -15.19 -15.52 -1.60
N MET B 8 -14.53 -15.73 -2.73
CA MET B 8 -13.15 -16.22 -2.76
C MET B 8 -12.29 -15.42 -1.78
N LEU B 9 -12.36 -14.11 -1.89
CA LEU B 9 -11.62 -13.19 -1.04
C LEU B 9 -11.91 -13.45 0.44
N VAL B 10 -13.20 -13.56 0.79
CA VAL B 10 -13.59 -13.83 2.17
C VAL B 10 -12.91 -15.09 2.68
N GLN B 11 -12.80 -16.09 1.80
CA GLN B 11 -12.16 -17.34 2.17
C GLN B 11 -10.70 -17.09 2.56
N ARG B 12 -9.98 -16.28 1.78
CA ARG B 12 -8.59 -15.97 2.06
C ARG B 12 -8.45 -15.22 3.39
N LYS B 13 -9.39 -14.31 3.65
CA LYS B 13 -9.36 -13.53 4.86
C LYS B 13 -9.62 -14.42 6.07
N ASP B 14 -10.52 -15.38 5.89
CA ASP B 14 -10.85 -16.31 6.95
C ASP B 14 -9.66 -17.23 7.19
N GLU B 15 -9.27 -17.93 6.12
CA GLU B 15 -8.11 -18.82 6.15
C GLU B 15 -6.95 -18.16 6.87
N LEU B 16 -6.38 -17.13 6.24
CA LEU B 16 -5.26 -16.36 6.79
C LEU B 16 -5.39 -16.17 8.30
N LEU B 17 -6.53 -15.63 8.72
CA LEU B 17 -6.81 -15.39 10.12
C LEU B 17 -6.74 -16.70 10.92
N GLN B 18 -7.57 -17.67 10.55
CA GLN B 18 -7.61 -18.98 11.22
C GLN B 18 -6.21 -19.62 11.27
N GLN B 19 -5.43 -19.37 10.23
CA GLN B 19 -4.08 -19.91 10.12
C GLN B 19 -3.19 -19.30 11.19
N ALA B 20 -3.16 -17.97 11.23
CA ALA B 20 -2.38 -17.25 12.23
C ALA B 20 -2.67 -17.77 13.62
N ARG B 21 -3.94 -18.09 13.83
CA ARG B 21 -4.42 -18.55 15.11
C ARG B 21 -3.88 -19.93 15.48
N LYS B 22 -4.00 -20.88 14.55
CA LYS B 22 -3.50 -22.24 14.78
C LYS B 22 -2.02 -22.23 15.14
N ARG B 23 -1.28 -21.36 14.48
CA ARG B 23 0.15 -21.23 14.68
C ARG B 23 0.46 -20.52 15.99
N PHE B 24 0.13 -19.23 16.07
CA PHE B 24 0.35 -18.40 17.28
C PHE B 24 0.25 -19.18 18.60
N LEU B 25 -0.74 -20.06 18.71
CA LEU B 25 -0.95 -20.82 19.94
C LEU B 25 0.06 -21.96 20.06
N ASN B 26 0.16 -22.80 19.03
CA ASN B 26 1.13 -23.92 19.05
C ASN B 26 2.56 -23.40 19.23
N LYS B 27 2.75 -22.10 19.04
CA LYS B 27 4.06 -21.47 19.17
C LYS B 27 4.47 -21.32 20.63
N ALA C 1 4.53 18.27 -27.12
CA ALA C 1 5.85 17.93 -27.72
C ALA C 1 6.10 16.43 -27.65
N VAL C 2 5.91 15.75 -28.78
CA VAL C 2 6.13 14.31 -28.85
C VAL C 2 6.99 13.98 -30.07
N ALA C 3 8.30 14.04 -29.89
CA ALA C 3 9.23 13.76 -30.98
C ALA C 3 9.50 12.26 -31.07
N THR C 4 8.98 11.53 -30.11
CA THR C 4 9.13 10.09 -30.08
C THR C 4 8.07 9.43 -30.95
N PRO C 5 8.51 8.66 -31.98
CA PRO C 5 7.61 8.00 -32.91
C PRO C 5 6.58 7.10 -32.22
N GLU C 6 5.39 7.04 -32.80
CA GLU C 6 4.29 6.23 -32.26
C GLU C 6 4.67 4.75 -32.21
N GLU C 7 5.65 4.38 -33.03
CA GLU C 7 6.12 3.00 -33.08
C GLU C 7 6.68 2.59 -31.72
N LEU C 8 7.25 3.57 -31.01
CA LEU C 8 7.82 3.32 -29.69
C LEU C 8 6.70 3.23 -28.66
N ALA C 9 5.60 3.91 -28.92
CA ALA C 9 4.45 3.89 -28.03
C ALA C 9 3.80 2.52 -28.06
N VAL C 10 3.75 1.93 -29.26
CA VAL C 10 3.19 0.60 -29.43
C VAL C 10 4.11 -0.43 -28.79
N ASN C 11 5.40 -0.13 -28.82
CA ASN C 11 6.42 -1.00 -28.25
C ASN C 11 6.30 -1.02 -26.73
N ASN C 12 6.11 0.16 -26.15
CA ASN C 12 5.98 0.27 -24.70
C ASN C 12 4.53 0.58 -24.32
N ASP C 13 3.72 -0.46 -24.23
CA ASP C 13 2.32 -0.32 -23.88
C ASP C 13 2.14 -0.21 -22.36
N ASP C 14 3.06 0.49 -21.72
CA ASP C 14 3.03 0.63 -20.28
C ASP C 14 2.96 2.11 -19.87
N CYS C 15 2.57 2.34 -18.62
CA CYS C 15 2.44 3.68 -18.06
C CYS C 15 2.27 3.58 -16.56
N ALA C 16 3.37 3.75 -15.83
CA ALA C 16 3.35 3.68 -14.36
C ALA C 16 2.73 4.93 -13.76
N ILE C 17 1.68 5.42 -14.39
CA ILE C 17 0.98 6.61 -13.92
C ILE C 17 -0.53 6.42 -14.07
N CYS C 18 -0.98 6.27 -15.32
CA CYS C 18 -2.40 6.08 -15.59
C CYS C 18 -2.67 4.68 -16.14
N TRP C 19 -1.61 3.90 -16.31
CA TRP C 19 -1.70 2.56 -16.87
C TRP C 19 -2.19 2.64 -18.31
N ASP C 20 -2.64 1.52 -18.87
CA ASP C 20 -3.15 1.47 -20.24
C ASP C 20 -2.06 1.84 -21.25
N SER C 21 -2.48 2.20 -22.46
CA SER C 21 -1.54 2.58 -23.51
C SER C 21 -2.07 3.80 -24.28
N MET C 22 -1.15 4.67 -24.70
CA MET C 22 -1.50 5.88 -25.44
C MET C 22 -0.47 6.11 -26.54
N GLN C 23 -0.79 6.99 -27.50
CA GLN C 23 0.13 7.27 -28.59
C GLN C 23 1.16 8.33 -28.21
N ALA C 24 0.75 9.26 -27.37
CA ALA C 24 1.64 10.34 -26.93
C ALA C 24 2.48 9.91 -25.74
N ALA C 25 3.77 9.69 -25.99
CA ALA C 25 4.69 9.28 -24.95
C ALA C 25 6.03 10.00 -25.15
N ARG C 26 6.69 10.34 -24.06
CA ARG C 26 7.99 11.02 -24.12
C ARG C 26 8.97 10.35 -23.18
N LYS C 27 10.26 10.45 -23.51
CA LYS C 27 11.31 9.86 -22.70
C LYS C 27 11.91 10.87 -21.75
N LEU C 28 11.86 10.56 -20.46
CA LEU C 28 12.41 11.42 -19.41
C LEU C 28 13.93 11.32 -19.40
N PRO C 29 14.62 12.32 -18.80
CA PRO C 29 16.09 12.36 -18.72
C PRO C 29 16.68 11.18 -17.95
N CYS C 30 15.85 10.41 -17.28
CA CYS C 30 16.30 9.26 -16.52
C CYS C 30 16.08 7.97 -17.31
N GLY C 31 15.66 8.12 -18.56
CA GLY C 31 15.41 6.97 -19.40
C GLY C 31 14.09 6.29 -19.08
N HIS C 32 13.04 7.09 -18.94
CA HIS C 32 11.72 6.56 -18.63
C HIS C 32 10.69 7.04 -19.63
N LEU C 33 9.96 6.10 -20.20
CA LEU C 33 8.92 6.40 -21.18
C LEU C 33 7.57 6.60 -20.49
N PHE C 34 7.08 7.82 -20.50
CA PHE C 34 5.81 8.14 -19.90
C PHE C 34 4.91 8.87 -20.89
N HIS C 35 3.62 8.59 -20.83
CA HIS C 35 2.67 9.24 -21.71
C HIS C 35 2.71 10.74 -21.49
N ASN C 36 2.69 11.49 -22.59
CA ASN C 36 2.76 12.96 -22.54
C ASN C 36 1.74 13.55 -21.59
N SER C 37 0.48 13.20 -21.79
CA SER C 37 -0.61 13.71 -20.95
C SER C 37 -0.39 13.35 -19.48
N CYS C 38 0.14 12.17 -19.23
CA CYS C 38 0.39 11.70 -17.88
C CYS C 38 1.54 12.49 -17.24
N LEU C 39 2.60 12.70 -18.00
CA LEU C 39 3.75 13.45 -17.50
C LEU C 39 3.36 14.88 -17.20
N ARG C 40 2.58 15.49 -18.09
CA ARG C 40 2.14 16.86 -17.92
C ARG C 40 1.33 17.01 -16.63
N SER C 41 0.62 15.94 -16.26
CA SER C 41 -0.19 15.94 -15.05
C SER C 41 0.69 15.77 -13.80
N TRP C 42 1.67 14.88 -13.88
CA TRP C 42 2.56 14.64 -12.76
C TRP C 42 3.48 15.83 -12.53
N LEU C 43 3.85 16.51 -13.62
CA LEU C 43 4.72 17.68 -13.54
C LEU C 43 3.99 18.82 -12.83
N GLU C 44 2.69 18.68 -12.70
CA GLU C 44 1.86 19.67 -12.02
C GLU C 44 1.68 19.28 -10.57
N GLN C 45 2.14 18.08 -10.23
CA GLN C 45 2.05 17.55 -8.87
C GLN C 45 3.40 17.69 -8.18
N ASP C 46 4.46 17.34 -8.91
CA ASP C 46 5.83 17.43 -8.39
C ASP C 46 6.78 17.66 -9.56
N THR C 47 8.07 17.51 -9.31
CA THR C 47 9.09 17.69 -10.33
C THR C 47 10.11 16.55 -10.26
N SER C 48 9.72 15.45 -9.63
CA SER C 48 10.59 14.30 -9.49
C SER C 48 10.03 13.10 -10.23
N CYS C 49 10.92 12.31 -10.82
CA CYS C 49 10.50 11.11 -11.54
C CYS C 49 10.07 10.06 -10.51
N PRO C 50 8.82 9.56 -10.62
CA PRO C 50 8.27 8.58 -9.67
C PRO C 50 9.11 7.30 -9.58
N THR C 51 9.70 6.90 -10.69
CA THR C 51 10.49 5.69 -10.74
C THR C 51 11.94 5.91 -10.31
N CYS C 52 12.33 7.17 -10.07
CA CYS C 52 13.70 7.45 -9.68
C CYS C 52 13.77 8.16 -8.33
N ARG C 53 12.67 8.81 -7.95
CA ARG C 53 12.61 9.54 -6.68
C ARG C 53 13.60 10.70 -6.68
N MET C 54 13.88 11.22 -7.87
CA MET C 54 14.82 12.32 -8.03
C MET C 54 14.24 13.39 -8.94
N SER C 55 14.49 14.65 -8.61
CA SER C 55 14.01 15.77 -9.38
C SER C 55 14.63 15.80 -10.78
N LEU C 56 13.83 16.16 -11.77
CA LEU C 56 14.29 16.23 -13.15
C LEU C 56 14.62 17.67 -13.51
N ASN C 57 15.64 17.85 -14.35
CA ASN C 57 16.05 19.19 -14.76
C ASN C 57 15.72 19.45 -16.22
N ILE C 58 15.01 18.52 -16.84
CA ILE C 58 14.64 18.67 -18.24
C ILE C 58 13.58 17.62 -18.62
ZN ZN D . -0.65 7.12 -19.56
ZN ZN E . 13.02 7.99 -14.23
N ALA A 1 -15.51 4.35 -16.68
CA ALA A 1 -14.10 4.17 -17.07
C ALA A 1 -13.26 5.36 -16.61
N GLY A 2 -12.20 5.09 -15.87
CA GLY A 2 -11.34 6.15 -15.39
C GLY A 2 -9.96 5.63 -15.03
N THR A 3 -9.04 6.56 -14.77
CA THR A 3 -7.67 6.22 -14.42
C THR A 3 -7.62 5.35 -13.17
N ALA A 4 -8.22 5.83 -12.10
CA ALA A 4 -8.23 5.12 -10.83
C ALA A 4 -8.91 3.76 -10.96
N LEU A 5 -10.08 3.74 -11.59
CA LEU A 5 -10.85 2.50 -11.75
C LEU A 5 -10.04 1.42 -12.47
N LYS A 6 -9.43 1.78 -13.60
CA LYS A 6 -8.65 0.82 -14.38
C LYS A 6 -7.42 0.35 -13.60
N ARG A 7 -6.72 1.30 -13.00
CA ARG A 7 -5.52 0.98 -12.22
C ARG A 7 -5.85 0.07 -11.04
N LEU A 8 -6.91 0.42 -10.30
CA LEU A 8 -7.31 -0.36 -9.14
C LEU A 8 -7.75 -1.77 -9.53
N MET A 9 -8.44 -1.88 -10.66
CA MET A 9 -8.91 -3.17 -11.15
C MET A 9 -7.73 -4.10 -11.44
N ALA A 10 -6.68 -3.54 -12.02
CA ALA A 10 -5.49 -4.30 -12.35
C ALA A 10 -4.75 -4.75 -11.09
N GLU A 11 -4.74 -3.89 -10.08
CA GLU A 11 -4.06 -4.19 -8.83
C GLU A 11 -4.74 -5.35 -8.10
N TYR A 12 -6.07 -5.32 -8.02
CA TYR A 12 -6.80 -6.40 -7.36
C TYR A 12 -6.56 -7.73 -8.07
N LYS A 13 -6.56 -7.69 -9.40
CA LYS A 13 -6.34 -8.90 -10.20
C LYS A 13 -4.99 -9.52 -9.85
N GLN A 14 -3.99 -8.67 -9.68
CA GLN A 14 -2.65 -9.14 -9.34
C GLN A 14 -2.63 -9.75 -7.94
N LEU A 15 -3.43 -9.18 -7.04
CA LEU A 15 -3.50 -9.65 -5.66
C LEU A 15 -4.19 -11.00 -5.55
N THR A 16 -4.99 -11.35 -6.55
CA THR A 16 -5.69 -12.63 -6.54
C THR A 16 -4.92 -13.66 -7.37
N LEU A 17 -4.19 -13.17 -8.38
CA LEU A 17 -3.39 -14.05 -9.23
C LEU A 17 -2.09 -14.42 -8.51
N ASN A 18 -1.52 -13.45 -7.83
CA ASN A 18 -0.29 -13.64 -7.07
C ASN A 18 -0.49 -13.09 -5.65
N PRO A 19 -1.04 -13.92 -4.76
CA PRO A 19 -1.32 -13.52 -3.39
C PRO A 19 -0.14 -13.71 -2.43
N PRO A 20 0.35 -12.62 -1.84
CA PRO A 20 1.46 -12.67 -0.89
C PRO A 20 1.08 -13.44 0.38
N GLU A 21 1.99 -14.28 0.84
CA GLU A 21 1.76 -15.11 2.02
C GLU A 21 1.47 -14.26 3.26
N GLY A 22 0.25 -14.34 3.76
CA GLY A 22 -0.13 -13.61 4.96
C GLY A 22 -0.74 -12.25 4.68
N ILE A 23 -1.18 -12.02 3.45
CA ILE A 23 -1.77 -10.73 3.11
C ILE A 23 -3.08 -10.90 2.32
N VAL A 24 -4.19 -10.47 2.92
CA VAL A 24 -5.48 -10.52 2.25
C VAL A 24 -5.93 -9.10 1.93
N ALA A 25 -6.04 -8.78 0.65
CA ALA A 25 -6.44 -7.45 0.24
C ALA A 25 -7.42 -7.51 -0.92
N GLY A 26 -8.39 -6.60 -0.91
CA GLY A 26 -9.38 -6.54 -1.97
C GLY A 26 -10.48 -5.56 -1.63
N PRO A 27 -11.32 -5.19 -2.61
CA PRO A 27 -12.42 -4.24 -2.39
C PRO A 27 -13.53 -4.84 -1.54
N MET A 28 -14.26 -3.97 -0.84
CA MET A 28 -15.36 -4.40 0.00
C MET A 28 -16.50 -4.96 -0.85
N ASN A 29 -16.60 -4.45 -2.06
CA ASN A 29 -17.64 -4.87 -2.99
C ASN A 29 -17.12 -4.73 -4.42
N GLU A 30 -17.59 -5.60 -5.31
CA GLU A 30 -17.16 -5.57 -6.69
C GLU A 30 -17.61 -4.29 -7.39
N GLU A 31 -18.66 -3.68 -6.86
CA GLU A 31 -19.19 -2.43 -7.41
C GLU A 31 -18.52 -1.22 -6.74
N ASN A 32 -17.67 -1.49 -5.76
CA ASN A 32 -16.99 -0.43 -5.03
C ASN A 32 -15.51 -0.73 -4.90
N PHE A 33 -14.73 -0.20 -5.82
CA PHE A 33 -13.28 -0.39 -5.80
C PHE A 33 -12.61 0.79 -5.10
N PHE A 34 -13.39 1.50 -4.28
CA PHE A 34 -12.88 2.65 -3.56
C PHE A 34 -12.46 2.27 -2.14
N GLU A 35 -13.26 1.42 -1.50
CA GLU A 35 -12.97 0.98 -0.14
C GLU A 35 -12.46 -0.45 -0.15
N TRP A 36 -11.22 -0.64 0.25
CA TRP A 36 -10.62 -1.97 0.28
C TRP A 36 -10.37 -2.42 1.71
N GLU A 37 -10.39 -3.74 1.89
CA GLU A 37 -10.13 -4.33 3.19
C GLU A 37 -8.86 -5.15 3.11
N ALA A 38 -7.85 -4.76 3.86
CA ALA A 38 -6.59 -5.47 3.83
C ALA A 38 -6.17 -5.91 5.23
N LEU A 39 -6.10 -7.22 5.42
CA LEU A 39 -5.67 -7.77 6.69
C LEU A 39 -4.32 -8.41 6.49
N ILE A 40 -3.33 -7.91 7.22
CA ILE A 40 -1.99 -8.41 7.13
C ILE A 40 -1.61 -9.16 8.39
N MET A 41 -1.05 -10.35 8.22
CA MET A 41 -0.63 -11.15 9.35
C MET A 41 0.83 -10.89 9.65
N GLY A 42 1.11 -10.45 10.86
CA GLY A 42 2.47 -10.17 11.28
C GLY A 42 3.41 -11.34 11.03
N PRO A 43 4.54 -11.10 10.34
CA PRO A 43 5.51 -12.15 10.03
C PRO A 43 6.07 -12.80 11.28
N GLU A 44 6.43 -14.07 11.17
CA GLU A 44 6.98 -14.81 12.29
C GLU A 44 8.35 -14.26 12.68
N ASP A 45 8.71 -14.43 13.96
CA ASP A 45 10.00 -13.98 14.49
C ASP A 45 10.01 -12.48 14.78
N THR A 46 8.82 -11.90 14.91
CA THR A 46 8.70 -10.48 15.17
C THR A 46 7.89 -10.23 16.45
N CYS A 47 7.58 -8.98 16.73
CA CYS A 47 6.81 -8.63 17.91
C CYS A 47 5.31 -8.59 17.60
N PHE A 48 4.97 -8.77 16.34
CA PHE A 48 3.57 -8.75 15.91
C PHE A 48 3.24 -9.98 15.08
N GLU A 49 4.00 -11.05 15.31
CA GLU A 49 3.83 -12.30 14.57
C GLU A 49 2.46 -12.93 14.83
N PHE A 50 1.88 -13.47 13.75
CA PHE A 50 0.58 -14.15 13.79
C PHE A 50 -0.56 -13.18 14.08
N GLY A 51 -0.32 -11.90 13.89
CA GLY A 51 -1.35 -10.92 14.13
C GLY A 51 -2.12 -10.58 12.87
N VAL A 52 -3.35 -11.07 12.78
CA VAL A 52 -4.22 -10.79 11.64
C VAL A 52 -4.84 -9.40 11.83
N PHE A 53 -4.10 -8.37 11.40
CA PHE A 53 -4.53 -6.99 11.56
C PHE A 53 -5.32 -6.51 10.35
N PRO A 54 -6.61 -6.20 10.55
CA PRO A 54 -7.48 -5.71 9.49
C PRO A 54 -7.41 -4.19 9.35
N ALA A 55 -7.11 -3.72 8.16
CA ALA A 55 -7.03 -2.29 7.90
C ALA A 55 -7.90 -1.90 6.71
N ILE A 56 -8.49 -0.72 6.78
CA ILE A 56 -9.34 -0.22 5.72
C ILE A 56 -8.56 0.73 4.82
N LEU A 57 -8.61 0.49 3.53
CA LEU A 57 -7.90 1.33 2.58
C LEU A 57 -8.89 2.06 1.67
N SER A 58 -9.00 3.36 1.88
CA SER A 58 -9.90 4.19 1.07
C SER A 58 -9.09 4.89 -0.01
N PHE A 59 -9.44 4.65 -1.27
CA PHE A 59 -8.73 5.24 -2.38
C PHE A 59 -9.41 6.50 -2.90
N PRO A 60 -8.60 7.49 -3.34
CA PRO A 60 -9.10 8.74 -3.89
C PRO A 60 -9.57 8.60 -5.34
N LEU A 61 -10.26 9.61 -5.85
CA LEU A 61 -10.77 9.58 -7.21
C LEU A 61 -9.71 10.02 -8.21
N ASP A 62 -8.57 10.48 -7.71
CA ASP A 62 -7.48 10.93 -8.57
C ASP A 62 -6.30 9.97 -8.45
N TYR A 63 -6.57 8.77 -7.99
CA TYR A 63 -5.56 7.72 -7.84
C TYR A 63 -5.00 7.36 -9.22
N PRO A 64 -3.69 7.04 -9.33
CA PRO A 64 -2.75 7.01 -8.22
C PRO A 64 -1.91 8.29 -8.08
N LEU A 65 -2.49 9.44 -8.40
CA LEU A 65 -1.76 10.69 -8.28
C LEU A 65 -1.69 11.10 -6.81
N SER A 66 -2.58 10.52 -6.02
CA SER A 66 -2.63 10.76 -4.59
C SER A 66 -2.67 9.42 -3.84
N PRO A 67 -2.07 9.37 -2.64
CA PRO A 67 -2.01 8.14 -1.84
C PRO A 67 -3.36 7.80 -1.19
N PRO A 68 -3.59 6.50 -0.93
CA PRO A 68 -4.82 6.03 -0.30
C PRO A 68 -4.80 6.22 1.22
N LYS A 69 -5.97 6.18 1.83
CA LYS A 69 -6.09 6.32 3.27
C LYS A 69 -6.11 4.96 3.94
N MET A 70 -5.09 4.67 4.72
CA MET A 70 -5.00 3.41 5.42
C MET A 70 -5.26 3.60 6.91
N ARG A 71 -6.30 2.97 7.41
CA ARG A 71 -6.66 3.07 8.81
C ARG A 71 -7.01 1.68 9.37
N PHE A 72 -6.35 1.31 10.46
CA PHE A 72 -6.59 0.03 11.09
C PHE A 72 -7.93 0.03 11.83
N THR A 73 -8.71 -1.03 11.62
CA THR A 73 -10.02 -1.16 12.25
C THR A 73 -9.89 -1.89 13.59
N CYS A 74 -8.81 -1.61 14.30
CA CYS A 74 -8.55 -2.26 15.59
C CYS A 74 -7.60 -1.40 16.41
N GLU A 75 -7.31 -1.84 17.63
CA GLU A 75 -6.38 -1.12 18.50
C GLU A 75 -4.95 -1.52 18.19
N MET A 76 -4.10 -0.55 17.94
CA MET A 76 -2.71 -0.81 17.62
C MET A 76 -1.79 0.08 18.44
N PHE A 77 -0.63 -0.45 18.79
CA PHE A 77 0.34 0.29 19.58
C PHE A 77 1.66 0.39 18.81
N HIS A 78 1.65 1.16 17.74
CA HIS A 78 2.82 1.34 16.92
C HIS A 78 3.14 2.83 16.78
N PRO A 79 4.42 3.22 16.90
CA PRO A 79 4.86 4.62 16.81
C PRO A 79 4.41 5.33 15.53
N ASN A 80 4.32 4.59 14.43
CA ASN A 80 3.93 5.19 13.14
C ASN A 80 2.42 5.12 12.93
N ILE A 81 1.70 4.65 13.93
CA ILE A 81 0.24 4.54 13.84
C ILE A 81 -0.43 5.44 14.87
N TYR A 82 -1.37 6.24 14.42
CA TYR A 82 -2.11 7.14 15.30
C TYR A 82 -3.05 6.34 16.20
N PRO A 83 -3.41 6.90 17.37
CA PRO A 83 -4.33 6.24 18.31
C PRO A 83 -5.70 6.00 17.68
N ASP A 84 -5.98 6.70 16.59
CA ASP A 84 -7.24 6.56 15.88
C ASP A 84 -7.17 5.46 14.83
N GLY A 85 -5.96 4.96 14.58
CA GLY A 85 -5.79 3.88 13.62
C GLY A 85 -5.16 4.31 12.31
N ARG A 86 -4.99 5.62 12.11
CA ARG A 86 -4.39 6.12 10.88
C ARG A 86 -2.90 5.77 10.78
N VAL A 87 -2.51 5.29 9.61
CA VAL A 87 -1.13 4.92 9.36
C VAL A 87 -0.40 6.05 8.62
N CYS A 88 0.77 6.42 9.10
CA CYS A 88 1.54 7.47 8.47
C CYS A 88 2.99 7.06 8.28
N ILE A 89 3.41 6.99 7.02
CA ILE A 89 4.76 6.62 6.66
C ILE A 89 5.21 7.39 5.43
N SER A 90 6.52 7.47 5.24
CA SER A 90 7.12 8.19 4.12
C SER A 90 6.55 7.79 2.76
N ILE A 91 6.32 6.49 2.56
CA ILE A 91 5.79 5.99 1.29
C ILE A 91 4.37 6.52 1.01
N LEU A 92 3.68 6.96 2.06
CA LEU A 92 2.32 7.47 1.91
C LEU A 92 2.32 9.00 1.99
N HIS A 93 3.50 9.59 1.91
CA HIS A 93 3.61 11.04 1.99
C HIS A 93 3.56 11.65 0.60
N ALA A 94 2.57 12.49 0.37
CA ALA A 94 2.40 13.14 -0.92
C ALA A 94 2.87 14.59 -0.85
N PRO A 95 3.74 15.00 -1.77
CA PRO A 95 4.26 16.37 -1.82
C PRO A 95 3.27 17.33 -2.47
N GLY A 96 2.01 17.23 -2.07
CA GLY A 96 0.99 18.10 -2.64
C GLY A 96 0.02 17.35 -3.52
N SER A 105 13.97 14.55 3.44
CA SER A 105 12.90 14.02 2.59
C SER A 105 13.34 12.75 1.88
N ALA A 106 12.85 11.61 2.37
CA ALA A 106 13.17 10.32 1.79
C ALA A 106 12.18 9.99 0.67
N GLU A 107 11.98 8.70 0.40
CA GLU A 107 11.06 8.27 -0.64
C GLU A 107 9.63 8.69 -0.30
N ARG A 108 8.94 9.24 -1.27
CA ARG A 108 7.57 9.69 -1.08
C ARG A 108 6.62 8.92 -1.98
N TRP A 109 5.37 9.36 -2.02
CA TRP A 109 4.37 8.71 -2.85
C TRP A 109 4.68 8.88 -4.33
N SER A 110 4.82 7.77 -5.01
CA SER A 110 5.09 7.76 -6.44
C SER A 110 4.06 6.87 -7.12
N PRO A 111 3.49 7.33 -8.26
CA PRO A 111 2.49 6.58 -9.02
C PRO A 111 2.92 5.14 -9.36
N VAL A 112 4.22 4.90 -9.37
CA VAL A 112 4.75 3.57 -9.68
C VAL A 112 4.54 2.61 -8.50
N GLN A 113 4.31 3.17 -7.32
CA GLN A 113 4.10 2.38 -6.12
C GLN A 113 2.66 1.88 -6.07
N SER A 114 2.51 0.57 -6.09
CA SER A 114 1.20 -0.06 -6.06
C SER A 114 0.76 -0.32 -4.62
N VAL A 115 -0.47 -0.82 -4.45
CA VAL A 115 -1.02 -1.14 -3.15
C VAL A 115 -0.15 -2.17 -2.45
N GLU A 116 0.35 -3.12 -3.23
CA GLU A 116 1.20 -4.19 -2.70
C GLU A 116 2.48 -3.59 -2.12
N LYS A 117 2.98 -2.52 -2.74
CA LYS A 117 4.19 -1.86 -2.26
C LYS A 117 3.95 -1.24 -0.89
N ILE A 118 2.77 -0.64 -0.73
CA ILE A 118 2.40 -0.01 0.53
C ILE A 118 2.29 -1.07 1.63
N LEU A 119 1.56 -2.14 1.33
CA LEU A 119 1.36 -3.22 2.28
C LEU A 119 2.68 -3.82 2.73
N LEU A 120 3.59 -4.05 1.77
CA LEU A 120 4.90 -4.61 2.08
C LEU A 120 5.67 -3.68 3.02
N SER A 121 5.57 -2.39 2.76
CA SER A 121 6.24 -1.39 3.57
C SER A 121 5.69 -1.40 5.01
N VAL A 122 4.37 -1.52 5.12
CA VAL A 122 3.73 -1.56 6.43
C VAL A 122 4.19 -2.80 7.19
N VAL A 123 4.29 -3.92 6.48
CA VAL A 123 4.73 -5.17 7.08
C VAL A 123 6.12 -5.02 7.70
N SER A 124 7.05 -4.46 6.93
CA SER A 124 8.41 -4.23 7.39
C SER A 124 8.43 -3.21 8.52
N MET A 125 7.55 -2.22 8.44
CA MET A 125 7.46 -1.19 9.47
C MET A 125 6.94 -1.77 10.79
N LEU A 126 6.11 -2.80 10.69
CA LEU A 126 5.56 -3.46 11.87
C LEU A 126 6.61 -4.36 12.50
N ALA A 127 7.38 -5.03 11.65
CA ALA A 127 8.43 -5.92 12.11
C ALA A 127 9.58 -5.13 12.72
N GLU A 128 9.92 -4.02 12.07
CA GLU A 128 10.98 -3.15 12.54
C GLU A 128 10.44 -1.73 12.70
N PRO A 129 9.82 -1.44 13.86
CA PRO A 129 9.24 -0.12 14.14
C PRO A 129 10.23 1.02 13.94
N ASN A 130 10.01 1.80 12.89
CA ASN A 130 10.88 2.91 12.57
C ASN A 130 10.13 4.23 12.75
N ASP A 131 10.16 4.74 13.99
CA ASP A 131 9.49 6.00 14.32
C ASP A 131 10.09 7.16 13.53
N GLU A 132 9.33 7.67 12.57
CA GLU A 132 9.77 8.78 11.76
C GLU A 132 8.78 9.93 11.87
N SER A 133 7.50 9.60 11.90
CA SER A 133 6.44 10.59 12.01
C SER A 133 6.16 10.90 13.48
N GLY A 134 6.10 9.86 14.30
CA GLY A 134 5.82 10.03 15.71
C GLY A 134 4.35 10.21 15.98
N ALA A 135 3.54 9.36 15.37
CA ALA A 135 2.09 9.41 15.53
C ALA A 135 1.70 9.01 16.95
N ASN A 136 2.26 7.90 17.41
CA ASN A 136 1.99 7.42 18.75
C ASN A 136 3.22 7.68 19.62
N VAL A 137 3.30 8.91 20.12
CA VAL A 137 4.43 9.33 20.95
C VAL A 137 4.65 8.42 22.16
N ASP A 138 3.58 7.86 22.71
CA ASP A 138 3.70 6.98 23.86
C ASP A 138 4.41 5.69 23.47
N ALA A 139 4.13 5.22 22.27
CA ALA A 139 4.75 4.01 21.76
C ALA A 139 6.22 4.27 21.42
N SER A 140 6.48 5.43 20.83
CA SER A 140 7.84 5.82 20.46
C SER A 140 8.73 5.89 21.70
N LYS A 141 8.23 6.53 22.75
CA LYS A 141 8.97 6.67 24.00
C LYS A 141 9.26 5.30 24.61
N MET A 142 8.28 4.40 24.51
CA MET A 142 8.43 3.06 25.04
C MET A 142 9.45 2.27 24.22
N TRP A 143 9.31 2.35 22.90
CA TRP A 143 10.22 1.65 21.99
C TRP A 143 11.66 2.12 22.18
N ARG A 144 11.84 3.42 22.33
CA ARG A 144 13.16 3.99 22.52
C ARG A 144 13.71 3.77 23.93
N ASP A 145 12.82 3.65 24.91
CA ASP A 145 13.27 3.45 26.29
C ASP A 145 13.18 1.99 26.73
N ASP A 146 12.00 1.57 27.16
CA ASP A 146 11.79 0.20 27.62
C ASP A 146 11.39 -0.73 26.49
N ARG A 147 12.37 -1.42 25.93
CA ARG A 147 12.14 -2.34 24.83
C ARG A 147 11.44 -3.61 25.33
N GLU A 148 11.63 -3.92 26.60
CA GLU A 148 11.01 -5.11 27.20
C GLU A 148 9.50 -4.94 27.32
N GLN A 149 9.07 -3.80 27.82
CA GLN A 149 7.66 -3.51 27.98
C GLN A 149 6.95 -3.48 26.64
N PHE A 150 7.60 -2.90 25.63
CA PHE A 150 7.04 -2.81 24.30
C PHE A 150 6.68 -4.20 23.76
N TYR A 151 7.58 -5.16 23.93
CA TYR A 151 7.35 -6.52 23.46
C TYR A 151 6.13 -7.14 24.14
N LYS A 152 5.95 -6.82 25.42
CA LYS A 152 4.83 -7.33 26.19
C LYS A 152 3.51 -6.77 25.67
N ILE A 153 3.51 -5.49 25.32
CA ILE A 153 2.32 -4.84 24.81
C ILE A 153 2.07 -5.24 23.34
N ALA A 154 3.15 -5.42 22.59
CA ALA A 154 3.06 -5.81 21.20
C ALA A 154 2.38 -7.17 21.06
N LYS A 155 2.77 -8.11 21.92
CA LYS A 155 2.17 -9.45 21.89
C LYS A 155 0.71 -9.37 22.33
N GLN A 156 0.43 -8.42 23.22
CA GLN A 156 -0.93 -8.20 23.71
C GLN A 156 -1.83 -7.83 22.56
N ILE A 157 -1.30 -7.02 21.65
CA ILE A 157 -2.04 -6.60 20.46
C ILE A 157 -2.39 -7.81 19.61
N VAL A 158 -1.43 -8.71 19.47
CA VAL A 158 -1.61 -9.93 18.69
C VAL A 158 -2.71 -10.78 19.32
N GLN A 159 -2.65 -10.93 20.64
CA GLN A 159 -3.65 -11.70 21.38
C GLN A 159 -5.04 -11.14 21.11
N LYS A 160 -5.18 -9.83 21.24
CA LYS A 160 -6.45 -9.15 21.02
C LYS A 160 -6.93 -9.30 19.58
N SER A 161 -6.00 -9.16 18.64
CA SER A 161 -6.33 -9.26 17.22
C SER A 161 -6.83 -10.67 16.87
N LEU A 162 -6.18 -11.68 17.44
CA LEU A 162 -6.58 -13.06 17.18
C LEU A 162 -7.73 -13.47 18.09
N GLY A 163 -8.09 -12.60 19.02
CA GLY A 163 -9.18 -12.88 19.94
C GLY A 163 -8.84 -14.00 20.89
N LEU A 164 -7.60 -14.04 21.34
CA LEU A 164 -7.15 -15.07 22.26
C LEU A 164 -6.49 -14.44 23.48
N SER B 1 -17.90 -15.10 -11.48
CA SER B 1 -17.52 -13.82 -12.06
C SER B 1 -17.85 -12.66 -11.11
N ALA B 2 -19.09 -12.16 -11.20
CA ALA B 2 -19.57 -11.04 -10.39
C ALA B 2 -19.29 -11.20 -8.89
N ASP B 3 -19.65 -12.36 -8.35
CA ASP B 3 -19.50 -12.61 -6.93
C ASP B 3 -18.53 -13.76 -6.63
N GLU B 4 -17.96 -14.38 -7.67
CA GLU B 4 -17.00 -15.47 -7.49
C GLU B 4 -15.77 -14.97 -6.73
N ARG B 5 -15.32 -13.77 -7.08
CA ARG B 5 -14.15 -13.18 -6.47
C ARG B 5 -14.45 -12.75 -5.04
N GLN B 6 -15.65 -12.19 -4.86
CA GLN B 6 -16.10 -11.74 -3.55
C GLN B 6 -16.08 -12.89 -2.55
N ARG B 7 -16.53 -14.05 -3.00
CA ARG B 7 -16.58 -15.25 -2.16
C ARG B 7 -15.16 -15.75 -1.89
N MET B 8 -14.39 -15.90 -2.95
CA MET B 8 -12.99 -16.33 -2.87
C MET B 8 -12.24 -15.52 -1.82
N LEU B 9 -12.32 -14.21 -1.95
CA LEU B 9 -11.66 -13.27 -1.07
C LEU B 9 -12.06 -13.50 0.40
N VAL B 10 -13.35 -13.64 0.63
CA VAL B 10 -13.87 -13.87 1.98
C VAL B 10 -13.20 -15.09 2.61
N GLN B 11 -12.99 -16.14 1.81
CA GLN B 11 -12.34 -17.34 2.28
C GLN B 11 -10.90 -17.04 2.70
N ARG B 12 -10.21 -16.23 1.89
CA ARG B 12 -8.81 -15.88 2.17
C ARG B 12 -8.71 -15.12 3.49
N LYS B 13 -9.71 -14.29 3.75
CA LYS B 13 -9.74 -13.50 4.97
C LYS B 13 -9.90 -14.39 6.18
N ASP B 14 -10.70 -15.43 6.05
CA ASP B 14 -10.92 -16.37 7.13
C ASP B 14 -9.69 -17.24 7.32
N GLU B 15 -9.31 -17.93 6.24
CA GLU B 15 -8.12 -18.80 6.23
C GLU B 15 -6.96 -18.14 6.96
N LEU B 16 -6.42 -17.08 6.36
CA LEU B 16 -5.32 -16.31 6.95
C LEU B 16 -5.44 -16.20 8.47
N LEU B 17 -6.58 -15.70 8.90
CA LEU B 17 -6.87 -15.52 10.31
C LEU B 17 -6.84 -16.84 11.08
N GLN B 18 -7.67 -17.80 10.66
CA GLN B 18 -7.71 -19.12 11.30
C GLN B 18 -6.31 -19.75 11.38
N GLN B 19 -5.49 -19.45 10.37
CA GLN B 19 -4.12 -19.97 10.30
C GLN B 19 -3.28 -19.34 11.40
N ALA B 20 -3.27 -18.01 11.46
CA ALA B 20 -2.54 -17.28 12.48
C ALA B 20 -2.83 -17.83 13.86
N ARG B 21 -4.09 -18.18 14.07
CA ARG B 21 -4.54 -18.68 15.35
C ARG B 21 -3.93 -20.05 15.65
N LYS B 22 -4.05 -20.97 14.69
CA LYS B 22 -3.49 -22.31 14.84
C LYS B 22 -2.00 -22.23 15.15
N ARG B 23 -1.35 -21.28 14.48
CA ARG B 23 0.07 -21.04 14.63
C ARG B 23 0.37 -20.40 16.00
N PHE B 24 -0.04 -19.16 16.16
CA PHE B 24 0.15 -18.42 17.40
C PHE B 24 0.00 -19.28 18.66
N LEU B 25 -1.03 -20.13 18.68
CA LEU B 25 -1.31 -20.99 19.84
C LEU B 25 -0.34 -22.17 19.91
N ASN B 26 -0.17 -22.89 18.81
CA ASN B 26 0.76 -24.05 18.78
C ASN B 26 2.21 -23.64 19.12
N LYS B 27 2.48 -22.34 19.13
CA LYS B 27 3.82 -21.83 19.45
C LYS B 27 4.03 -21.74 20.95
N ALA C 1 3.38 18.41 -28.08
CA ALA C 1 4.79 18.28 -27.66
C ALA C 1 5.26 16.83 -27.73
N VAL C 2 5.02 16.19 -28.86
CA VAL C 2 5.42 14.80 -29.05
C VAL C 2 6.31 14.68 -30.27
N ALA C 3 7.60 14.53 -30.04
CA ALA C 3 8.56 14.37 -31.14
C ALA C 3 8.82 12.90 -31.41
N THR C 4 8.16 12.06 -30.65
CA THR C 4 8.28 10.62 -30.77
C THR C 4 7.21 10.06 -31.72
N PRO C 5 7.58 9.13 -32.60
CA PRO C 5 6.64 8.53 -33.55
C PRO C 5 5.58 7.68 -32.85
N GLU C 6 4.44 7.52 -33.52
CA GLU C 6 3.32 6.75 -32.97
C GLU C 6 3.72 5.29 -32.81
N GLU C 7 4.71 4.85 -33.57
CA GLU C 7 5.19 3.48 -33.52
C GLU C 7 5.73 3.15 -32.13
N LEU C 8 6.27 4.17 -31.46
CA LEU C 8 6.81 4.00 -30.13
C LEU C 8 5.69 3.68 -29.14
N ALA C 9 4.53 4.29 -29.35
CA ALA C 9 3.38 4.07 -28.50
C ALA C 9 2.77 2.69 -28.77
N VAL C 10 2.94 2.21 -29.99
CA VAL C 10 2.44 0.90 -30.38
C VAL C 10 3.27 -0.19 -29.73
N ASN C 11 4.57 0.03 -29.65
CA ASN C 11 5.48 -0.93 -29.05
C ASN C 11 5.45 -0.81 -27.53
N ASN C 12 5.48 0.43 -27.03
CA ASN C 12 5.43 0.68 -25.60
C ASN C 12 4.09 1.29 -25.23
N ASP C 13 3.11 0.43 -25.04
CA ASP C 13 1.76 0.87 -24.70
C ASP C 13 1.50 0.73 -23.20
N ASP C 14 2.54 0.99 -22.41
CA ASP C 14 2.46 0.91 -20.97
C ASP C 14 2.64 2.28 -20.35
N CYS C 15 2.26 2.43 -19.09
CA CYS C 15 2.37 3.70 -18.39
C CYS C 15 2.42 3.48 -16.88
N ALA C 16 3.60 3.65 -16.30
CA ALA C 16 3.79 3.47 -14.86
C ALA C 16 3.23 4.64 -14.05
N ILE C 17 2.17 5.26 -14.56
CA ILE C 17 1.54 6.39 -13.89
C ILE C 17 0.01 6.30 -14.00
N CYS C 18 -0.48 6.35 -15.23
CA CYS C 18 -1.93 6.30 -15.47
C CYS C 18 -2.37 4.95 -16.00
N TRP C 19 -1.40 4.08 -16.31
CA TRP C 19 -1.69 2.76 -16.87
C TRP C 19 -2.33 2.93 -18.24
N ASP C 20 -2.92 1.86 -18.77
CA ASP C 20 -3.59 1.87 -20.07
C ASP C 20 -2.60 2.21 -21.19
N SER C 21 -3.10 2.61 -22.35
CA SER C 21 -2.27 2.94 -23.48
C SER C 21 -2.71 4.25 -24.13
N MET C 22 -1.73 5.06 -24.53
CA MET C 22 -2.00 6.35 -25.17
C MET C 22 -0.96 6.60 -26.26
N GLN C 23 -1.35 7.33 -27.29
CA GLN C 23 -0.47 7.62 -28.42
C GLN C 23 0.51 8.77 -28.10
N ALA C 24 0.10 9.67 -27.22
CA ALA C 24 0.94 10.81 -26.85
C ALA C 24 1.96 10.40 -25.79
N ALA C 25 3.22 10.26 -26.19
CA ALA C 25 4.28 9.89 -25.26
C ALA C 25 5.51 10.78 -25.42
N ARG C 26 6.15 11.09 -24.30
CA ARG C 26 7.34 11.93 -24.28
C ARG C 26 8.47 11.19 -23.57
N LYS C 27 9.70 11.36 -24.06
CA LYS C 27 10.85 10.71 -23.47
C LYS C 27 11.45 11.56 -22.36
N LEU C 28 11.65 10.95 -21.21
CA LEU C 28 12.24 11.64 -20.07
C LEU C 28 13.75 11.45 -20.07
N PRO C 29 14.51 12.44 -19.56
CA PRO C 29 15.98 12.40 -19.52
C PRO C 29 16.53 11.18 -18.78
N CYS C 30 15.75 10.66 -17.84
CA CYS C 30 16.16 9.51 -17.05
C CYS C 30 15.95 8.20 -17.81
N GLY C 31 15.55 8.32 -19.08
CA GLY C 31 15.31 7.15 -19.89
C GLY C 31 13.98 6.50 -19.53
N HIS C 32 12.90 7.24 -19.74
CA HIS C 32 11.56 6.75 -19.42
C HIS C 32 10.55 7.34 -20.39
N LEU C 33 9.69 6.49 -20.94
CA LEU C 33 8.67 6.93 -21.87
C LEU C 33 7.34 7.06 -21.16
N PHE C 34 6.89 8.29 -20.97
CA PHE C 34 5.62 8.53 -20.30
C PHE C 34 4.70 9.36 -21.17
N HIS C 35 3.41 9.12 -21.05
CA HIS C 35 2.41 9.86 -21.81
C HIS C 35 2.46 11.33 -21.43
N ASN C 36 2.40 12.20 -22.45
CA ASN C 36 2.47 13.64 -22.23
C ASN C 36 1.41 14.11 -21.25
N SER C 37 0.18 13.64 -21.43
CA SER C 37 -0.93 14.02 -20.57
C SER C 37 -0.64 13.67 -19.11
N CYS C 38 0.00 12.54 -18.89
CA CYS C 38 0.34 12.09 -17.54
C CYS C 38 1.50 12.92 -16.98
N LEU C 39 2.49 13.18 -17.84
CA LEU C 39 3.64 13.96 -17.44
C LEU C 39 3.23 15.39 -17.11
N ARG C 40 2.30 15.93 -17.88
CA ARG C 40 1.81 17.28 -17.67
C ARG C 40 1.17 17.41 -16.29
N SER C 41 0.48 16.38 -15.85
CA SER C 41 -0.16 16.39 -14.54
C SER C 41 0.88 16.19 -13.44
N TRP C 42 1.85 15.31 -13.68
CA TRP C 42 2.88 15.04 -12.68
C TRP C 42 3.81 16.23 -12.50
N LEU C 43 4.16 16.90 -13.60
CA LEU C 43 5.05 18.07 -13.53
C LEU C 43 4.37 19.22 -12.80
N GLU C 44 3.05 19.13 -12.68
CA GLU C 44 2.27 20.14 -11.98
C GLU C 44 2.17 19.78 -10.50
N GLN C 45 2.75 18.64 -10.15
CA GLN C 45 2.73 18.15 -8.77
C GLN C 45 4.15 18.06 -8.19
N ASP C 46 5.08 17.55 -8.99
CA ASP C 46 6.48 17.42 -8.56
C ASP C 46 7.38 17.51 -9.79
N THR C 47 8.68 17.30 -9.59
CA THR C 47 9.63 17.36 -10.70
C THR C 47 10.56 16.15 -10.69
N SER C 48 10.21 15.14 -9.90
CA SER C 48 11.02 13.93 -9.83
C SER C 48 10.32 12.78 -10.55
N CYS C 49 11.08 12.03 -11.32
CA CYS C 49 10.54 10.90 -12.06
C CYS C 49 10.16 9.78 -11.08
N PRO C 50 8.89 9.36 -11.08
CA PRO C 50 8.40 8.29 -10.18
C PRO C 50 9.25 7.02 -10.21
N THR C 51 9.62 6.61 -11.41
CA THR C 51 10.42 5.41 -11.60
C THR C 51 11.91 5.66 -11.40
N CYS C 52 12.26 6.73 -10.70
CA CYS C 52 13.65 7.07 -10.45
C CYS C 52 13.83 7.68 -9.07
N ARG C 53 12.84 8.45 -8.63
CA ARG C 53 12.86 9.12 -7.34
C ARG C 53 13.96 10.19 -7.33
N MET C 54 14.17 10.78 -8.50
CA MET C 54 15.18 11.82 -8.66
C MET C 54 14.61 12.96 -9.51
N SER C 55 14.90 14.18 -9.12
CA SER C 55 14.43 15.36 -9.82
C SER C 55 15.17 15.57 -11.12
N LEU C 56 14.44 15.94 -12.17
CA LEU C 56 15.03 16.19 -13.47
C LEU C 56 14.83 17.65 -13.84
N ASN C 57 15.66 18.17 -14.74
CA ASN C 57 15.56 19.57 -15.13
C ASN C 57 15.64 19.72 -16.65
N ILE C 58 15.00 18.80 -17.38
CA ILE C 58 15.01 18.86 -18.84
C ILE C 58 13.99 17.88 -19.42
ZN ZN D . -0.37 7.48 -19.46
ZN ZN E . 12.68 7.76 -14.80
N ALA A 1 -14.72 4.27 -17.91
CA ALA A 1 -13.93 4.04 -16.67
C ALA A 1 -12.75 4.99 -16.62
N GLY A 2 -12.61 5.69 -15.51
CA GLY A 2 -11.52 6.63 -15.34
C GLY A 2 -10.24 5.95 -14.92
N THR A 3 -9.21 6.75 -14.70
CA THR A 3 -7.91 6.26 -14.29
C THR A 3 -7.99 5.47 -12.99
N ALA A 4 -8.80 5.98 -12.07
CA ALA A 4 -8.98 5.34 -10.77
C ALA A 4 -9.53 3.93 -10.90
N LEU A 5 -10.70 3.79 -11.52
CA LEU A 5 -11.34 2.49 -11.67
C LEU A 5 -10.48 1.51 -12.46
N LYS A 6 -9.88 1.98 -13.56
CA LYS A 6 -9.03 1.13 -14.39
C LYS A 6 -7.83 0.62 -13.60
N ARG A 7 -7.20 1.51 -12.86
CA ARG A 7 -6.04 1.16 -12.05
C ARG A 7 -6.44 0.26 -10.88
N LEU A 8 -7.47 0.68 -10.14
CA LEU A 8 -7.93 -0.07 -8.98
C LEU A 8 -8.34 -1.49 -9.33
N MET A 9 -9.06 -1.66 -10.43
CA MET A 9 -9.52 -2.98 -10.85
C MET A 9 -8.33 -3.86 -11.20
N ALA A 10 -7.32 -3.28 -11.85
CA ALA A 10 -6.13 -4.01 -12.24
C ALA A 10 -5.34 -4.45 -11.01
N GLU A 11 -5.27 -3.58 -10.01
CA GLU A 11 -4.56 -3.87 -8.78
C GLU A 11 -5.18 -5.06 -8.06
N TYR A 12 -6.52 -5.06 -7.96
CA TYR A 12 -7.22 -6.16 -7.30
C TYR A 12 -7.03 -7.46 -8.07
N LYS A 13 -7.07 -7.36 -9.40
CA LYS A 13 -6.88 -8.54 -10.26
C LYS A 13 -5.50 -9.15 -10.01
N GLN A 14 -4.51 -8.29 -9.87
CA GLN A 14 -3.15 -8.73 -9.62
C GLN A 14 -3.02 -9.29 -8.21
N LEU A 15 -3.72 -8.69 -7.26
CA LEU A 15 -3.69 -9.11 -5.86
C LEU A 15 -4.35 -10.48 -5.66
N THR A 16 -5.15 -10.90 -6.62
CA THR A 16 -5.81 -12.19 -6.53
C THR A 16 -5.10 -13.20 -7.42
N LEU A 17 -4.47 -12.71 -8.48
CA LEU A 17 -3.72 -13.56 -9.39
C LEU A 17 -2.40 -13.96 -8.72
N ASN A 18 -1.74 -12.97 -8.13
CA ASN A 18 -0.49 -13.18 -7.42
C ASN A 18 -0.65 -12.70 -5.98
N PRO A 19 -1.23 -13.53 -5.11
CA PRO A 19 -1.47 -13.20 -3.71
C PRO A 19 -0.33 -13.62 -2.79
N PRO A 20 0.45 -12.65 -2.29
CA PRO A 20 1.56 -12.93 -1.38
C PRO A 20 1.03 -13.49 -0.06
N GLU A 21 1.56 -14.64 0.35
CA GLU A 21 1.13 -15.29 1.59
C GLU A 21 1.28 -14.36 2.79
N GLY A 22 0.16 -14.09 3.44
CA GLY A 22 0.17 -13.22 4.60
C GLY A 22 -0.58 -11.92 4.35
N ILE A 23 -0.97 -11.69 3.10
CA ILE A 23 -1.68 -10.47 2.75
C ILE A 23 -3.00 -10.77 2.02
N VAL A 24 -4.10 -10.36 2.63
CA VAL A 24 -5.43 -10.54 2.03
C VAL A 24 -6.09 -9.18 1.84
N ALA A 25 -5.99 -8.61 0.65
CA ALA A 25 -6.57 -7.30 0.39
C ALA A 25 -7.56 -7.35 -0.77
N GLY A 26 -8.58 -6.51 -0.70
CA GLY A 26 -9.58 -6.45 -1.74
C GLY A 26 -10.68 -5.46 -1.39
N PRO A 27 -11.53 -5.10 -2.35
CA PRO A 27 -12.63 -4.15 -2.12
C PRO A 27 -13.73 -4.76 -1.24
N MET A 28 -14.49 -3.89 -0.57
CA MET A 28 -15.57 -4.32 0.30
C MET A 28 -16.68 -4.99 -0.49
N ASN A 29 -16.74 -4.69 -1.78
CA ASN A 29 -17.75 -5.26 -2.66
C ASN A 29 -17.39 -4.96 -4.11
N GLU A 30 -18.02 -5.66 -5.03
CA GLU A 30 -17.76 -5.45 -6.46
C GLU A 30 -18.30 -4.10 -6.90
N GLU A 31 -19.29 -3.61 -6.17
CA GLU A 31 -19.90 -2.32 -6.46
C GLU A 31 -19.08 -1.19 -5.86
N ASN A 32 -18.45 -1.46 -4.72
CA ASN A 32 -17.64 -0.48 -4.03
C ASN A 32 -16.16 -0.79 -4.19
N PHE A 33 -15.53 -0.17 -5.17
CA PHE A 33 -14.12 -0.38 -5.43
C PHE A 33 -13.27 0.73 -4.82
N PHE A 34 -13.88 1.49 -3.92
CA PHE A 34 -13.17 2.59 -3.27
C PHE A 34 -12.79 2.22 -1.84
N GLU A 35 -13.70 1.53 -1.15
CA GLU A 35 -13.45 1.09 0.21
C GLU A 35 -12.89 -0.33 0.18
N TRP A 36 -11.63 -0.47 0.56
CA TRP A 36 -10.98 -1.77 0.55
C TRP A 36 -10.70 -2.27 1.97
N GLU A 37 -10.64 -3.59 2.11
CA GLU A 37 -10.35 -4.22 3.38
C GLU A 37 -9.06 -5.02 3.24
N ALA A 38 -8.12 -4.80 4.15
CA ALA A 38 -6.85 -5.51 4.09
C ALA A 38 -6.55 -6.27 5.36
N LEU A 39 -6.28 -7.55 5.21
CA LEU A 39 -5.92 -8.41 6.32
C LEU A 39 -4.44 -8.77 6.19
N ILE A 40 -3.60 -8.15 6.99
CA ILE A 40 -2.17 -8.41 6.93
C ILE A 40 -1.71 -9.17 8.17
N MET A 41 -1.03 -10.29 7.93
CA MET A 41 -0.52 -11.11 9.01
C MET A 41 0.95 -10.81 9.26
N GLY A 42 1.28 -10.48 10.50
CA GLY A 42 2.66 -10.20 10.85
C GLY A 42 3.59 -11.36 10.55
N PRO A 43 4.75 -11.11 9.94
CA PRO A 43 5.71 -12.16 9.58
C PRO A 43 6.41 -12.73 10.81
N GLU A 44 6.78 -13.99 10.75
CA GLU A 44 7.48 -14.65 11.84
C GLU A 44 8.84 -14.00 12.09
N ASP A 45 9.27 -14.03 13.36
CA ASP A 45 10.55 -13.47 13.80
C ASP A 45 10.45 -11.96 13.93
N THR A 46 9.35 -11.51 14.53
CA THR A 46 9.12 -10.09 14.75
C THR A 46 8.45 -9.89 16.11
N CYS A 47 7.76 -8.77 16.27
CA CYS A 47 7.07 -8.50 17.52
C CYS A 47 5.56 -8.52 17.29
N PHE A 48 5.17 -8.75 16.03
CA PHE A 48 3.76 -8.79 15.66
C PHE A 48 3.48 -9.98 14.76
N GLU A 49 4.28 -11.03 14.92
CA GLU A 49 4.13 -12.22 14.11
C GLU A 49 2.80 -12.91 14.37
N PHE A 50 2.21 -13.44 13.30
CA PHE A 50 0.93 -14.15 13.34
C PHE A 50 -0.22 -13.21 13.67
N GLY A 51 0.02 -11.92 13.53
CA GLY A 51 -1.01 -10.95 13.81
C GLY A 51 -1.84 -10.60 12.59
N VAL A 52 -3.04 -11.16 12.51
CA VAL A 52 -3.95 -10.86 11.41
C VAL A 52 -4.61 -9.51 11.68
N PHE A 53 -3.94 -8.45 11.24
CA PHE A 53 -4.41 -7.08 11.48
C PHE A 53 -5.33 -6.58 10.37
N PRO A 54 -6.60 -6.28 10.71
CA PRO A 54 -7.57 -5.74 9.76
C PRO A 54 -7.44 -4.22 9.62
N ALA A 55 -7.34 -3.76 8.38
CA ALA A 55 -7.24 -2.34 8.10
C ALA A 55 -8.15 -1.95 6.96
N ILE A 56 -8.67 -0.72 7.01
CA ILE A 56 -9.55 -0.21 5.98
C ILE A 56 -8.80 0.78 5.10
N LEU A 57 -8.93 0.62 3.79
CA LEU A 57 -8.26 1.51 2.86
C LEU A 57 -9.25 2.23 1.96
N SER A 58 -9.41 3.51 2.18
CA SER A 58 -10.32 4.33 1.39
C SER A 58 -9.55 5.00 0.27
N PHE A 59 -9.86 4.63 -0.96
CA PHE A 59 -9.18 5.19 -2.13
C PHE A 59 -9.89 6.45 -2.64
N PRO A 60 -9.11 7.43 -3.12
CA PRO A 60 -9.65 8.70 -3.64
C PRO A 60 -10.18 8.56 -5.06
N LEU A 61 -10.73 9.65 -5.58
CA LEU A 61 -11.30 9.66 -6.92
C LEU A 61 -10.21 9.90 -7.97
N ASP A 62 -9.22 10.73 -7.63
CA ASP A 62 -8.14 11.04 -8.54
C ASP A 62 -6.96 10.08 -8.34
N TYR A 63 -7.26 8.81 -8.32
CA TYR A 63 -6.24 7.78 -8.15
C TYR A 63 -5.57 7.48 -9.49
N PRO A 64 -4.25 7.19 -9.51
CA PRO A 64 -3.41 7.14 -8.32
C PRO A 64 -2.59 8.41 -8.09
N LEU A 65 -3.14 9.56 -8.47
CA LEU A 65 -2.46 10.83 -8.28
C LEU A 65 -2.38 11.14 -6.78
N SER A 66 -3.41 10.74 -6.06
CA SER A 66 -3.48 10.92 -4.63
C SER A 66 -3.42 9.56 -3.93
N PRO A 67 -2.78 9.49 -2.75
CA PRO A 67 -2.66 8.25 -1.99
C PRO A 67 -3.93 7.87 -1.24
N PRO A 68 -4.13 6.57 -0.99
CA PRO A 68 -5.31 6.08 -0.27
C PRO A 68 -5.22 6.30 1.23
N LYS A 69 -6.36 6.32 1.88
CA LYS A 69 -6.42 6.52 3.32
C LYS A 69 -6.50 5.18 4.03
N MET A 70 -5.38 4.76 4.61
CA MET A 70 -5.30 3.48 5.30
C MET A 70 -5.42 3.68 6.81
N ARG A 71 -6.48 3.12 7.37
CA ARG A 71 -6.72 3.21 8.81
C ARG A 71 -6.99 1.83 9.39
N PHE A 72 -6.30 1.51 10.48
CA PHE A 72 -6.46 0.21 11.12
C PHE A 72 -7.78 0.14 11.90
N THR A 73 -8.48 -0.96 11.72
CA THR A 73 -9.76 -1.18 12.41
C THR A 73 -9.55 -2.12 13.60
N CYS A 74 -8.38 -2.02 14.21
CA CYS A 74 -8.05 -2.88 15.34
C CYS A 74 -7.13 -2.15 16.32
N GLU A 75 -6.88 -2.80 17.46
CA GLU A 75 -6.00 -2.24 18.46
C GLU A 75 -4.56 -2.36 18.00
N MET A 76 -3.84 -1.25 17.96
CA MET A 76 -2.46 -1.27 17.53
C MET A 76 -1.59 -0.35 18.39
N PHE A 77 -0.36 -0.78 18.63
CA PHE A 77 0.56 -0.01 19.42
C PHE A 77 1.85 0.18 18.64
N HIS A 78 1.79 1.02 17.63
CA HIS A 78 2.94 1.29 16.79
C HIS A 78 3.17 2.80 16.70
N PRO A 79 4.43 3.23 16.82
CA PRO A 79 4.79 4.66 16.75
C PRO A 79 4.29 5.36 15.49
N ASN A 80 4.25 4.63 14.39
CA ASN A 80 3.81 5.18 13.11
C ASN A 80 2.30 5.15 12.97
N ILE A 81 1.59 4.78 14.02
CA ILE A 81 0.14 4.71 13.96
C ILE A 81 -0.51 5.58 15.04
N TYR A 82 -1.42 6.44 14.61
CA TYR A 82 -2.14 7.31 15.53
C TYR A 82 -3.15 6.50 16.33
N PRO A 83 -3.61 7.01 17.49
CA PRO A 83 -4.58 6.29 18.33
C PRO A 83 -5.94 6.10 17.65
N ASP A 84 -6.09 6.71 16.49
CA ASP A 84 -7.33 6.59 15.72
C ASP A 84 -7.20 5.49 14.65
N GLY A 85 -5.97 5.00 14.46
CA GLY A 85 -5.74 3.95 13.50
C GLY A 85 -5.07 4.39 12.23
N ARG A 86 -4.90 5.70 12.04
CA ARG A 86 -4.26 6.21 10.83
C ARG A 86 -2.78 5.85 10.77
N VAL A 87 -2.37 5.29 9.63
CA VAL A 87 -0.99 4.90 9.42
C VAL A 87 -0.19 6.08 8.89
N CYS A 88 0.85 6.47 9.60
CA CYS A 88 1.68 7.59 9.20
C CYS A 88 3.03 7.13 8.65
N ILE A 89 3.15 7.18 7.33
CA ILE A 89 4.38 6.79 6.66
C ILE A 89 4.62 7.71 5.48
N SER A 90 5.87 8.07 5.25
CA SER A 90 6.26 8.96 4.16
C SER A 90 5.79 8.49 2.78
N ILE A 91 5.64 7.18 2.60
CA ILE A 91 5.21 6.63 1.32
C ILE A 91 3.75 7.00 1.01
N LEU A 92 2.96 7.23 2.07
CA LEU A 92 1.56 7.57 1.90
C LEU A 92 1.37 9.09 1.96
N HIS A 93 2.47 9.83 1.87
CA HIS A 93 2.41 11.28 1.91
C HIS A 93 2.66 11.86 0.52
N ALA A 94 1.69 12.59 0.01
CA ALA A 94 1.81 13.20 -1.30
C ALA A 94 2.01 14.70 -1.18
N PRO A 95 3.00 15.24 -1.89
CA PRO A 95 3.28 16.67 -1.86
C PRO A 95 2.35 17.45 -2.78
N GLY A 96 1.63 18.39 -2.22
CA GLY A 96 0.70 19.19 -2.99
C GLY A 96 -0.62 18.48 -3.22
N SER A 105 12.96 14.44 1.92
CA SER A 105 11.98 13.35 1.89
C SER A 105 12.28 12.38 0.76
N ALA A 106 13.12 11.39 1.04
CA ALA A 106 13.50 10.39 0.05
C ALA A 106 12.31 9.52 -0.33
N GLU A 107 11.42 9.30 0.63
CA GLU A 107 10.24 8.50 0.40
C GLU A 107 9.01 9.41 0.30
N ARG A 108 8.23 9.22 -0.76
CA ARG A 108 7.05 10.01 -0.99
C ARG A 108 6.09 9.27 -1.91
N TRP A 109 4.87 9.76 -2.02
CA TRP A 109 3.88 9.14 -2.88
C TRP A 109 4.24 9.35 -4.35
N SER A 110 4.01 8.31 -5.13
CA SER A 110 4.29 8.35 -6.56
C SER A 110 3.23 7.50 -7.28
N PRO A 111 2.81 7.89 -8.49
CA PRO A 111 1.79 7.15 -9.25
C PRO A 111 2.20 5.72 -9.56
N VAL A 112 3.50 5.44 -9.45
CA VAL A 112 4.02 4.10 -9.71
C VAL A 112 3.83 3.20 -8.49
N GLN A 113 3.50 3.79 -7.35
CA GLN A 113 3.29 3.02 -6.13
C GLN A 113 1.95 2.31 -6.17
N SER A 114 2.00 0.99 -6.24
CA SER A 114 0.79 0.19 -6.28
C SER A 114 0.29 -0.10 -4.86
N VAL A 115 -0.89 -0.66 -4.74
CA VAL A 115 -1.46 -0.99 -3.44
C VAL A 115 -0.58 -2.01 -2.73
N GLU A 116 -0.11 -2.98 -3.49
CA GLU A 116 0.75 -4.03 -2.95
C GLU A 116 2.06 -3.41 -2.43
N LYS A 117 2.51 -2.36 -3.11
CA LYS A 117 3.74 -1.67 -2.71
C LYS A 117 3.52 -1.02 -1.34
N ILE A 118 2.34 -0.44 -1.15
CA ILE A 118 1.99 0.20 0.11
C ILE A 118 1.94 -0.85 1.22
N LEU A 119 1.22 -1.93 0.96
CA LEU A 119 1.07 -3.01 1.92
C LEU A 119 2.42 -3.57 2.35
N LEU A 120 3.30 -3.80 1.37
CA LEU A 120 4.63 -4.32 1.65
C LEU A 120 5.40 -3.38 2.55
N SER A 121 5.27 -2.08 2.30
CA SER A 121 5.94 -1.07 3.10
C SER A 121 5.41 -1.07 4.53
N VAL A 122 4.10 -1.25 4.67
CA VAL A 122 3.47 -1.30 6.00
C VAL A 122 4.01 -2.51 6.77
N VAL A 123 4.09 -3.65 6.09
CA VAL A 123 4.60 -4.87 6.69
C VAL A 123 6.04 -4.66 7.15
N SER A 124 6.83 -4.00 6.30
CA SER A 124 8.22 -3.72 6.62
C SER A 124 8.32 -2.84 7.86
N MET A 125 7.41 -1.88 7.97
CA MET A 125 7.36 -0.96 9.09
C MET A 125 6.90 -1.67 10.36
N LEU A 126 6.03 -2.67 10.20
CA LEU A 126 5.53 -3.43 11.34
C LEU A 126 6.60 -4.38 11.85
N ALA A 127 7.40 -4.91 10.94
CA ALA A 127 8.47 -5.82 11.30
C ALA A 127 9.57 -5.07 12.04
N GLU A 128 9.92 -3.90 11.53
CA GLU A 128 10.95 -3.06 12.13
C GLU A 128 10.41 -1.64 12.30
N PRO A 129 9.86 -1.33 13.48
CA PRO A 129 9.29 -0.01 13.78
C PRO A 129 10.28 1.14 13.53
N ASN A 130 10.08 1.84 12.43
CA ASN A 130 10.92 2.97 12.06
C ASN A 130 10.09 4.25 12.08
N ASP A 131 9.93 4.80 13.27
CA ASP A 131 9.13 6.01 13.47
C ASP A 131 9.83 7.23 12.88
N GLU A 132 9.13 7.93 12.01
CA GLU A 132 9.67 9.13 11.39
C GLU A 132 8.65 10.27 11.50
N SER A 133 7.44 9.93 11.89
CA SER A 133 6.37 10.91 12.02
C SER A 133 6.08 11.27 13.48
N GLY A 134 6.25 10.30 14.38
CA GLY A 134 5.99 10.56 15.78
C GLY A 134 4.51 10.66 16.07
N ALA A 135 3.73 9.73 15.52
CA ALA A 135 2.29 9.72 15.71
C ALA A 135 1.95 9.28 17.13
N ASN A 136 2.38 8.08 17.49
CA ASN A 136 2.13 7.56 18.82
C ASN A 136 3.37 7.73 19.68
N VAL A 137 3.50 8.90 20.30
CA VAL A 137 4.64 9.22 21.14
C VAL A 137 4.85 8.20 22.25
N ASP A 138 3.76 7.63 22.74
CA ASP A 138 3.83 6.63 23.81
C ASP A 138 4.58 5.40 23.32
N ALA A 139 4.28 4.99 22.09
CA ALA A 139 4.92 3.86 21.48
C ALA A 139 6.34 4.19 21.08
N SER A 140 6.53 5.38 20.50
CA SER A 140 7.85 5.83 20.08
C SER A 140 8.82 5.86 21.24
N LYS A 141 8.37 6.42 22.36
CA LYS A 141 9.20 6.50 23.56
C LYS A 141 9.48 5.13 24.12
N MET A 142 8.47 4.27 24.16
CA MET A 142 8.64 2.93 24.71
C MET A 142 9.59 2.09 23.85
N TRP A 143 9.66 2.42 22.56
CA TRP A 143 10.51 1.71 21.62
C TRP A 143 11.95 2.22 21.69
N ARG A 144 12.12 3.52 21.93
CA ARG A 144 13.45 4.11 21.98
C ARG A 144 14.03 4.11 23.39
N ASP A 145 13.19 4.27 24.40
CA ASP A 145 13.64 4.30 25.79
C ASP A 145 13.79 2.88 26.34
N ASP A 146 12.93 1.99 25.86
CA ASP A 146 12.95 0.60 26.30
C ASP A 146 12.92 -0.32 25.07
N ARG A 147 12.51 -1.56 25.28
CA ARG A 147 12.43 -2.53 24.21
C ARG A 147 11.65 -3.75 24.69
N GLU A 148 11.95 -4.16 25.91
CA GLU A 148 11.29 -5.31 26.51
C GLU A 148 9.82 -5.01 26.74
N GLN A 149 9.56 -3.84 27.33
CA GLN A 149 8.19 -3.41 27.61
C GLN A 149 7.37 -3.34 26.32
N PHE A 150 7.99 -2.85 25.26
CA PHE A 150 7.33 -2.74 23.97
C PHE A 150 6.98 -4.11 23.43
N TYR A 151 7.94 -5.04 23.50
CA TYR A 151 7.72 -6.40 23.01
C TYR A 151 6.62 -7.09 23.82
N LYS A 152 6.46 -6.70 25.08
CA LYS A 152 5.43 -7.27 25.93
C LYS A 152 4.05 -6.86 25.41
N ILE A 153 3.90 -5.57 25.15
CA ILE A 153 2.64 -5.03 24.65
C ILE A 153 2.37 -5.53 23.23
N ALA A 154 3.42 -5.57 22.43
CA ALA A 154 3.34 -6.01 21.04
C ALA A 154 2.71 -7.41 20.93
N LYS A 155 3.17 -8.32 21.78
CA LYS A 155 2.66 -9.68 21.79
C LYS A 155 1.18 -9.70 22.20
N GLN A 156 0.81 -8.80 23.10
CA GLN A 156 -0.56 -8.71 23.57
C GLN A 156 -1.47 -8.22 22.46
N ILE A 157 -0.92 -7.38 21.59
CA ILE A 157 -1.65 -6.84 20.45
C ILE A 157 -2.03 -7.97 19.49
N VAL A 158 -1.15 -8.96 19.39
CA VAL A 158 -1.38 -10.11 18.52
C VAL A 158 -2.56 -10.93 19.04
N GLN A 159 -2.66 -11.06 20.37
CA GLN A 159 -3.75 -11.79 20.98
C GLN A 159 -5.07 -11.09 20.70
N LYS A 160 -5.02 -9.76 20.68
CA LYS A 160 -6.19 -8.94 20.42
C LYS A 160 -6.64 -9.03 18.96
N SER A 161 -5.69 -9.03 18.04
CA SER A 161 -5.99 -9.12 16.62
C SER A 161 -6.48 -10.51 16.24
N LEU A 162 -5.76 -11.53 16.71
CA LEU A 162 -6.14 -12.91 16.43
C LEU A 162 -7.44 -13.27 17.14
N GLY A 163 -7.66 -12.66 18.29
CA GLY A 163 -8.86 -12.93 19.06
C GLY A 163 -8.69 -14.15 19.95
N LEU A 164 -7.66 -14.13 20.78
CA LEU A 164 -7.39 -15.24 21.68
C LEU A 164 -7.18 -14.74 23.11
N SER B 1 -16.91 -14.71 -11.32
CA SER B 1 -17.53 -13.50 -11.84
C SER B 1 -17.78 -12.51 -10.70
N ALA B 2 -18.96 -11.89 -10.76
CA ALA B 2 -19.40 -10.88 -9.77
C ALA B 2 -19.20 -11.26 -8.30
N ASP B 3 -19.67 -12.44 -7.92
CA ASP B 3 -19.62 -12.80 -6.54
C ASP B 3 -18.70 -13.99 -6.32
N GLU B 4 -18.19 -14.55 -7.38
CA GLU B 4 -17.25 -15.64 -7.26
C GLU B 4 -15.97 -15.16 -6.58
N ARG B 5 -15.56 -13.94 -6.95
CA ARG B 5 -14.35 -13.33 -6.41
C ARG B 5 -14.57 -12.90 -4.97
N GLN B 6 -15.75 -12.33 -4.71
CA GLN B 6 -16.10 -11.84 -3.39
C GLN B 6 -16.00 -12.94 -2.33
N ARG B 7 -16.53 -14.11 -2.65
CA ARG B 7 -16.48 -15.24 -1.71
C ARG B 7 -15.07 -15.75 -1.56
N MET B 8 -14.39 -15.96 -2.69
CA MET B 8 -13.00 -16.39 -2.70
C MET B 8 -12.17 -15.55 -1.74
N LEU B 9 -12.28 -14.24 -1.88
CA LEU B 9 -11.57 -13.28 -1.05
C LEU B 9 -11.90 -13.46 0.43
N VAL B 10 -13.19 -13.51 0.76
CA VAL B 10 -13.61 -13.70 2.14
C VAL B 10 -12.98 -14.97 2.70
N GLN B 11 -12.88 -15.99 1.86
CA GLN B 11 -12.28 -17.26 2.24
C GLN B 11 -10.82 -17.06 2.62
N ARG B 12 -10.11 -16.24 1.83
CA ARG B 12 -8.69 -15.97 2.09
C ARG B 12 -8.52 -15.32 3.45
N LYS B 13 -9.45 -14.44 3.80
CA LYS B 13 -9.38 -13.73 5.07
C LYS B 13 -9.60 -14.69 6.23
N ASP B 14 -10.47 -15.68 6.03
CA ASP B 14 -10.74 -16.66 7.07
C ASP B 14 -9.51 -17.52 7.25
N GLU B 15 -9.10 -18.18 6.17
CA GLU B 15 -7.90 -19.02 6.16
C GLU B 15 -6.76 -18.32 6.89
N LEU B 16 -6.24 -17.25 6.26
CA LEU B 16 -5.16 -16.44 6.83
C LEU B 16 -5.27 -16.27 8.33
N LEU B 17 -6.41 -15.75 8.78
CA LEU B 17 -6.63 -15.50 10.18
C LEU B 17 -6.51 -16.81 10.99
N GLN B 18 -7.33 -17.80 10.67
CA GLN B 18 -7.29 -19.09 11.34
C GLN B 18 -5.88 -19.70 11.33
N GLN B 19 -5.14 -19.44 10.27
CA GLN B 19 -3.78 -19.94 10.12
C GLN B 19 -2.88 -19.29 11.16
N ALA B 20 -2.88 -17.96 11.18
CA ALA B 20 -2.10 -17.19 12.15
C ALA B 20 -2.33 -17.71 13.56
N ARG B 21 -3.59 -18.05 13.83
CA ARG B 21 -4.00 -18.52 15.12
C ARG B 21 -3.36 -19.87 15.42
N LYS B 22 -3.48 -20.80 14.47
CA LYS B 22 -2.89 -22.12 14.59
C LYS B 22 -1.38 -22.03 14.84
N ARG B 23 -0.74 -21.07 14.19
CA ARG B 23 0.68 -20.86 14.33
C ARG B 23 0.98 -20.30 15.71
N PHE B 24 0.57 -19.08 15.92
CA PHE B 24 0.71 -18.38 17.20
C PHE B 24 0.52 -19.30 18.42
N LEU B 25 -0.51 -20.15 18.37
CA LEU B 25 -0.86 -21.05 19.48
C LEU B 25 0.08 -22.25 19.59
N ASN B 26 0.36 -22.94 18.49
CA ASN B 26 1.24 -24.12 18.51
C ASN B 26 2.63 -23.81 19.12
N LYS B 27 2.94 -22.53 19.31
CA LYS B 27 4.21 -22.13 19.91
C LYS B 27 4.10 -22.20 21.43
N ALA C 1 4.70 18.10 -27.96
CA ALA C 1 6.12 17.70 -27.85
C ALA C 1 6.27 16.20 -28.11
N VAL C 2 6.50 15.84 -29.36
CA VAL C 2 6.68 14.45 -29.73
C VAL C 2 8.09 14.23 -30.28
N ALA C 3 9.01 13.85 -29.40
CA ALA C 3 10.38 13.61 -29.80
C ALA C 3 10.60 12.14 -30.12
N THR C 4 9.67 11.31 -29.66
CA THR C 4 9.73 9.89 -29.88
C THR C 4 8.64 9.44 -30.85
N PRO C 5 8.99 8.61 -31.84
CA PRO C 5 8.04 8.13 -32.85
C PRO C 5 6.89 7.32 -32.23
N GLU C 6 5.74 7.36 -32.88
CA GLU C 6 4.56 6.64 -32.42
C GLU C 6 4.80 5.14 -32.31
N GLU C 7 5.81 4.65 -33.03
CA GLU C 7 6.17 3.24 -33.02
C GLU C 7 6.58 2.80 -31.62
N LEU C 8 7.24 3.70 -30.90
CA LEU C 8 7.71 3.38 -29.56
C LEU C 8 6.52 3.25 -28.60
N ALA C 9 5.42 3.92 -28.95
CA ALA C 9 4.21 3.86 -28.15
C ALA C 9 3.52 2.51 -28.33
N VAL C 10 3.80 1.88 -29.47
CA VAL C 10 3.24 0.57 -29.77
C VAL C 10 3.94 -0.49 -28.92
N ASN C 11 5.23 -0.30 -28.75
CA ASN C 11 6.04 -1.22 -27.95
C ASN C 11 5.75 -1.01 -26.46
N ASN C 12 5.72 0.26 -26.06
CA ASN C 12 5.45 0.61 -24.68
C ASN C 12 4.01 1.07 -24.53
N ASP C 13 3.08 0.12 -24.65
CA ASP C 13 1.65 0.41 -24.55
C ASP C 13 1.20 0.40 -23.09
N ASP C 14 2.10 0.78 -22.19
CA ASP C 14 1.80 0.81 -20.77
C ASP C 14 1.93 2.22 -20.22
N CYS C 15 1.74 2.37 -18.92
CA CYS C 15 1.81 3.66 -18.24
C CYS C 15 1.73 3.46 -16.74
N ALA C 16 2.86 3.63 -16.06
CA ALA C 16 2.91 3.46 -14.61
C ALA C 16 2.30 4.66 -13.87
N ILE C 17 1.47 5.41 -14.56
CA ILE C 17 0.83 6.58 -13.96
C ILE C 17 -0.69 6.49 -14.12
N CYS C 18 -1.16 6.66 -15.34
CA CYS C 18 -2.59 6.62 -15.63
C CYS C 18 -3.02 5.28 -16.17
N TRP C 19 -2.05 4.38 -16.33
CA TRP C 19 -2.32 3.04 -16.89
C TRP C 19 -2.80 3.21 -18.33
N ASP C 20 -3.46 2.18 -18.87
CA ASP C 20 -3.97 2.22 -20.24
C ASP C 20 -2.82 2.39 -21.24
N SER C 21 -3.15 2.88 -22.43
CA SER C 21 -2.15 3.10 -23.48
C SER C 21 -2.46 4.36 -24.27
N MET C 22 -1.42 5.02 -24.77
CA MET C 22 -1.56 6.25 -25.54
C MET C 22 -0.52 6.27 -26.65
N GLN C 23 -0.83 6.97 -27.73
CA GLN C 23 0.09 7.06 -28.86
C GLN C 23 0.94 8.32 -28.79
N ALA C 24 1.30 8.71 -27.58
CA ALA C 24 2.12 9.90 -27.35
C ALA C 24 2.84 9.82 -26.01
N ALA C 25 4.12 9.50 -26.04
CA ALA C 25 4.90 9.36 -24.82
C ALA C 25 6.26 10.05 -24.95
N ARG C 26 6.84 10.40 -23.81
CA ARG C 26 8.15 11.05 -23.76
C ARG C 26 9.13 10.18 -22.99
N LYS C 27 10.38 10.17 -23.42
CA LYS C 27 11.39 9.38 -22.76
C LYS C 27 12.19 10.24 -21.79
N LEU C 28 11.96 10.02 -20.50
CA LEU C 28 12.65 10.77 -19.46
C LEU C 28 14.13 10.39 -19.43
N PRO C 29 15.00 11.34 -19.03
CA PRO C 29 16.46 11.12 -18.97
C PRO C 29 16.85 9.98 -18.04
N CYS C 30 15.96 9.64 -17.11
CA CYS C 30 16.20 8.57 -16.16
C CYS C 30 15.92 7.20 -16.77
N GLY C 31 15.48 7.20 -18.03
CA GLY C 31 15.19 5.95 -18.71
C GLY C 31 13.80 5.45 -18.39
N HIS C 32 12.82 6.34 -18.44
CA HIS C 32 11.44 5.99 -18.16
C HIS C 32 10.53 6.61 -19.21
N LEU C 33 9.57 5.84 -19.71
CA LEU C 33 8.65 6.32 -20.72
C LEU C 33 7.27 6.59 -20.14
N PHE C 34 6.85 7.85 -20.22
CA PHE C 34 5.55 8.23 -19.70
C PHE C 34 4.80 9.05 -20.75
N HIS C 35 3.49 8.92 -20.79
CA HIS C 35 2.65 9.64 -21.74
C HIS C 35 2.79 11.14 -21.53
N ASN C 36 2.74 11.90 -22.62
CA ASN C 36 2.88 13.35 -22.59
C ASN C 36 1.91 13.99 -21.57
N SER C 37 0.64 13.61 -21.66
CA SER C 37 -0.39 14.13 -20.78
C SER C 37 -0.10 13.79 -19.31
N CYS C 38 0.26 12.53 -19.06
CA CYS C 38 0.55 12.07 -17.71
C CYS C 38 1.79 12.78 -17.14
N LEU C 39 2.79 12.95 -17.99
CA LEU C 39 4.03 13.61 -17.59
C LEU C 39 3.77 15.04 -17.15
N ARG C 40 3.06 15.79 -17.99
CA ARG C 40 2.75 17.17 -17.69
C ARG C 40 1.87 17.29 -16.46
N SER C 41 1.01 16.31 -16.24
CA SER C 41 0.13 16.31 -15.08
C SER C 41 0.94 16.11 -13.80
N TRP C 42 1.96 15.26 -13.87
CA TRP C 42 2.80 14.98 -12.71
C TRP C 42 3.76 16.14 -12.44
N LEU C 43 4.29 16.72 -13.51
CA LEU C 43 5.23 17.84 -13.37
C LEU C 43 4.56 19.05 -12.73
N GLU C 44 3.23 19.07 -12.78
CA GLU C 44 2.46 20.15 -12.19
C GLU C 44 2.30 19.94 -10.68
N GLN C 45 2.62 18.73 -10.24
CA GLN C 45 2.53 18.38 -8.83
C GLN C 45 3.91 18.44 -8.21
N ASP C 46 4.89 17.83 -8.86
CA ASP C 46 6.27 17.81 -8.39
C ASP C 46 7.23 17.71 -9.58
N THR C 47 8.51 17.54 -9.30
CA THR C 47 9.51 17.43 -10.36
C THR C 47 10.39 16.19 -10.17
N SER C 48 9.93 15.28 -9.33
CA SER C 48 10.67 14.06 -9.07
C SER C 48 10.07 12.88 -9.85
N CYS C 49 10.92 12.09 -10.48
CA CYS C 49 10.46 10.94 -11.24
C CYS C 49 9.99 9.84 -10.29
N PRO C 50 8.78 9.30 -10.54
CA PRO C 50 8.18 8.24 -9.70
C PRO C 50 9.13 7.12 -9.32
N THR C 51 9.51 6.30 -10.29
CA THR C 51 10.40 5.17 -10.05
C THR C 51 11.88 5.58 -9.92
N CYS C 52 12.11 6.74 -9.33
CA CYS C 52 13.47 7.24 -9.14
C CYS C 52 13.59 7.99 -7.82
N ARG C 53 12.55 8.78 -7.51
CA ARG C 53 12.52 9.59 -6.29
C ARG C 53 13.60 10.66 -6.35
N MET C 54 13.95 11.05 -7.56
CA MET C 54 14.98 12.05 -7.79
C MET C 54 14.42 13.17 -8.66
N SER C 55 14.74 14.40 -8.33
CA SER C 55 14.28 15.55 -9.08
C SER C 55 15.05 15.70 -10.39
N LEU C 56 14.35 15.57 -11.50
CA LEU C 56 14.96 15.68 -12.82
C LEU C 56 15.15 17.16 -13.18
N ASN C 57 16.23 17.43 -13.91
CA ASN C 57 16.53 18.81 -14.31
C ASN C 57 16.34 18.98 -15.81
N ILE C 58 15.80 17.96 -16.46
CA ILE C 58 15.57 17.99 -17.90
C ILE C 58 14.61 16.87 -18.28
ZN ZN D . -0.72 7.62 -19.54
ZN ZN E . 12.67 7.58 -13.66
N ALA A 1 -15.58 4.34 -16.52
CA ALA A 1 -14.29 3.63 -16.46
C ALA A 1 -13.12 4.61 -16.56
N GLY A 2 -12.73 5.18 -15.43
CA GLY A 2 -11.64 6.12 -15.41
C GLY A 2 -10.33 5.49 -15.01
N THR A 3 -9.29 6.31 -14.93
CA THR A 3 -7.96 5.85 -14.56
C THR A 3 -7.98 5.11 -13.23
N ALA A 4 -8.70 5.67 -12.27
CA ALA A 4 -8.79 5.08 -10.94
C ALA A 4 -9.38 3.67 -11.00
N LEU A 5 -10.53 3.52 -11.65
CA LEU A 5 -11.18 2.22 -11.75
C LEU A 5 -10.34 1.23 -12.54
N LYS A 6 -9.67 1.68 -13.59
CA LYS A 6 -8.84 0.81 -14.41
C LYS A 6 -7.65 0.29 -13.61
N ARG A 7 -6.96 1.21 -12.92
CA ARG A 7 -5.81 0.85 -12.11
C ARG A 7 -6.22 -0.03 -10.94
N LEU A 8 -7.25 0.38 -10.22
CA LEU A 8 -7.74 -0.36 -9.05
C LEU A 8 -8.19 -1.77 -9.44
N MET A 9 -8.84 -1.90 -10.59
CA MET A 9 -9.32 -3.20 -11.04
C MET A 9 -8.14 -4.14 -11.30
N ALA A 10 -7.07 -3.58 -11.85
CA ALA A 10 -5.87 -4.34 -12.15
C ALA A 10 -5.16 -4.76 -10.86
N GLU A 11 -5.11 -3.83 -9.89
CA GLU A 11 -4.46 -4.09 -8.61
C GLU A 11 -5.12 -5.29 -7.91
N TYR A 12 -6.45 -5.28 -7.84
CA TYR A 12 -7.18 -6.37 -7.21
C TYR A 12 -6.97 -7.66 -7.98
N LYS A 13 -6.96 -7.55 -9.31
CA LYS A 13 -6.75 -8.71 -10.17
C LYS A 13 -5.39 -9.34 -9.87
N GLN A 14 -4.39 -8.50 -9.72
CA GLN A 14 -3.04 -8.96 -9.42
C GLN A 14 -2.99 -9.59 -8.03
N LEU A 15 -3.71 -8.98 -7.09
CA LEU A 15 -3.75 -9.46 -5.72
C LEU A 15 -4.48 -10.80 -5.60
N THR A 16 -5.22 -11.19 -6.64
CA THR A 16 -5.93 -12.46 -6.62
C THR A 16 -5.25 -13.47 -7.53
N LEU A 17 -4.37 -12.98 -8.39
CA LEU A 17 -3.62 -13.85 -9.29
C LEU A 17 -2.32 -14.27 -8.61
N ASN A 18 -1.65 -13.30 -8.02
CA ASN A 18 -0.41 -13.53 -7.29
C ASN A 18 -0.54 -13.00 -5.86
N PRO A 19 -1.23 -13.75 -4.99
CA PRO A 19 -1.44 -13.33 -3.60
C PRO A 19 -0.20 -13.51 -2.73
N PRO A 20 0.29 -12.42 -2.12
CA PRO A 20 1.46 -12.45 -1.25
C PRO A 20 1.18 -13.23 0.04
N GLU A 21 2.25 -13.74 0.64
CA GLU A 21 2.13 -14.52 1.88
C GLU A 21 1.66 -13.66 3.04
N GLY A 22 0.51 -14.03 3.59
CA GLY A 22 -0.04 -13.31 4.72
C GLY A 22 -0.70 -12.00 4.36
N ILE A 23 -1.09 -11.84 3.10
CA ILE A 23 -1.72 -10.59 2.68
C ILE A 23 -3.03 -10.85 1.94
N VAL A 24 -4.13 -10.43 2.56
CA VAL A 24 -5.45 -10.58 1.98
C VAL A 24 -6.09 -9.19 1.82
N ALA A 25 -5.97 -8.61 0.64
CA ALA A 25 -6.53 -7.30 0.38
C ALA A 25 -7.49 -7.32 -0.80
N GLY A 26 -8.59 -6.60 -0.64
CA GLY A 26 -9.59 -6.53 -1.69
C GLY A 26 -10.68 -5.53 -1.36
N PRO A 27 -11.51 -5.14 -2.33
CA PRO A 27 -12.60 -4.19 -2.11
C PRO A 27 -13.70 -4.79 -1.25
N MET A 28 -14.40 -3.93 -0.52
CA MET A 28 -15.49 -4.38 0.35
C MET A 28 -16.58 -5.06 -0.46
N ASN A 29 -16.80 -4.57 -1.66
CA ASN A 29 -17.81 -5.12 -2.55
C ASN A 29 -17.47 -4.75 -3.99
N GLU A 30 -17.90 -5.57 -4.94
CA GLU A 30 -17.63 -5.32 -6.35
C GLU A 30 -18.27 -4.00 -6.80
N GLU A 31 -19.34 -3.62 -6.11
CA GLU A 31 -20.06 -2.40 -6.40
C GLU A 31 -19.38 -1.19 -5.76
N ASN A 32 -18.35 -1.42 -4.98
CA ASN A 32 -17.63 -0.36 -4.30
C ASN A 32 -16.12 -0.63 -4.30
N PHE A 33 -15.44 -0.02 -5.26
CA PHE A 33 -14.00 -0.18 -5.39
C PHE A 33 -13.25 0.97 -4.71
N PHE A 34 -13.95 1.72 -3.89
CA PHE A 34 -13.36 2.86 -3.19
C PHE A 34 -12.92 2.45 -1.78
N GLU A 35 -13.67 1.54 -1.17
CA GLU A 35 -13.36 1.07 0.16
C GLU A 35 -12.81 -0.35 0.11
N TRP A 36 -11.57 -0.52 0.54
CA TRP A 36 -10.94 -1.84 0.53
C TRP A 36 -10.62 -2.31 1.95
N GLU A 37 -10.60 -3.62 2.12
CA GLU A 37 -10.28 -4.24 3.40
C GLU A 37 -9.00 -5.05 3.24
N ALA A 38 -8.02 -4.80 4.09
CA ALA A 38 -6.77 -5.50 4.00
C ALA A 38 -6.44 -6.24 5.29
N LEU A 39 -6.28 -7.55 5.17
CA LEU A 39 -5.92 -8.39 6.30
C LEU A 39 -4.46 -8.78 6.16
N ILE A 40 -3.60 -8.19 6.96
CA ILE A 40 -2.18 -8.49 6.90
C ILE A 40 -1.74 -9.23 8.16
N MET A 41 -1.06 -10.34 7.97
CA MET A 41 -0.57 -11.15 9.08
C MET A 41 0.90 -10.83 9.35
N GLY A 42 1.21 -10.48 10.59
CA GLY A 42 2.56 -10.16 10.97
C GLY A 42 3.53 -11.29 10.66
N PRO A 43 4.70 -10.97 10.06
CA PRO A 43 5.71 -11.97 9.70
C PRO A 43 6.26 -12.72 10.91
N GLU A 44 6.75 -13.92 10.67
CA GLU A 44 7.29 -14.77 11.72
C GLU A 44 8.63 -14.23 12.23
N ASP A 45 8.94 -14.55 13.49
CA ASP A 45 10.19 -14.15 14.14
C ASP A 45 10.20 -12.64 14.41
N THR A 46 9.02 -12.09 14.62
CA THR A 46 8.90 -10.67 14.91
C THR A 46 8.13 -10.48 16.21
N CYS A 47 7.72 -9.24 16.50
CA CYS A 47 6.98 -8.96 17.71
C CYS A 47 5.48 -8.88 17.41
N PHE A 48 5.13 -9.09 16.14
CA PHE A 48 3.73 -9.04 15.72
C PHE A 48 3.41 -10.23 14.83
N GLU A 49 4.14 -11.32 15.02
CA GLU A 49 3.93 -12.53 14.21
C GLU A 49 2.55 -13.12 14.45
N PHE A 50 1.90 -13.54 13.36
CA PHE A 50 0.57 -14.15 13.39
C PHE A 50 -0.50 -13.13 13.73
N GLY A 51 -0.18 -11.87 13.57
CA GLY A 51 -1.15 -10.83 13.86
C GLY A 51 -1.96 -10.45 12.64
N VAL A 52 -3.16 -11.02 12.53
CA VAL A 52 -4.07 -10.72 11.41
C VAL A 52 -4.73 -9.37 11.70
N PHE A 53 -4.09 -8.30 11.22
CA PHE A 53 -4.57 -6.94 11.46
C PHE A 53 -5.48 -6.45 10.33
N PRO A 54 -6.69 -5.98 10.68
CA PRO A 54 -7.65 -5.46 9.71
C PRO A 54 -7.43 -3.97 9.42
N ALA A 55 -7.16 -3.65 8.17
CA ALA A 55 -6.94 -2.27 7.77
C ALA A 55 -7.90 -1.86 6.66
N ILE A 56 -8.44 -0.66 6.78
CA ILE A 56 -9.36 -0.14 5.77
C ILE A 56 -8.63 0.84 4.86
N LEU A 57 -8.77 0.66 3.57
CA LEU A 57 -8.10 1.53 2.61
C LEU A 57 -9.11 2.25 1.72
N SER A 58 -9.23 3.55 1.93
CA SER A 58 -10.14 4.37 1.16
C SER A 58 -9.38 5.02 0.00
N PHE A 59 -9.70 4.63 -1.22
CA PHE A 59 -9.02 5.16 -2.40
C PHE A 59 -9.72 6.41 -2.95
N PRO A 60 -8.92 7.38 -3.43
CA PRO A 60 -9.43 8.62 -4.01
C PRO A 60 -9.90 8.44 -5.46
N LEU A 61 -10.64 9.41 -5.96
CA LEU A 61 -11.17 9.36 -7.32
C LEU A 61 -10.10 9.70 -8.36
N ASP A 62 -9.00 10.28 -7.91
CA ASP A 62 -7.92 10.65 -8.83
C ASP A 62 -6.74 9.69 -8.74
N TYR A 63 -7.02 8.48 -8.26
CA TYR A 63 -5.97 7.46 -8.14
C TYR A 63 -5.38 7.16 -9.52
N PRO A 64 -4.06 6.91 -9.61
CA PRO A 64 -3.14 6.89 -8.48
C PRO A 64 -2.36 8.20 -8.29
N LEU A 65 -3.00 9.34 -8.60
CA LEU A 65 -2.33 10.62 -8.42
C LEU A 65 -2.22 10.95 -6.94
N SER A 66 -3.24 10.55 -6.19
CA SER A 66 -3.26 10.77 -4.74
C SER A 66 -3.25 9.42 -4.03
N PRO A 67 -2.66 9.36 -2.82
CA PRO A 67 -2.57 8.14 -2.03
C PRO A 67 -3.88 7.81 -1.31
N PRO A 68 -4.12 6.52 -1.02
CA PRO A 68 -5.32 6.07 -0.32
C PRO A 68 -5.22 6.25 1.19
N LYS A 69 -6.36 6.36 1.84
CA LYS A 69 -6.41 6.52 3.29
C LYS A 69 -6.41 5.16 3.96
N MET A 70 -5.26 4.75 4.48
CA MET A 70 -5.14 3.47 5.15
C MET A 70 -5.25 3.64 6.66
N ARG A 71 -6.27 3.04 7.24
CA ARG A 71 -6.50 3.12 8.68
C ARG A 71 -6.88 1.76 9.25
N PHE A 72 -6.23 1.38 10.34
CA PHE A 72 -6.51 0.10 10.98
C PHE A 72 -7.83 0.15 11.73
N THR A 73 -8.47 -1.00 11.88
CA THR A 73 -9.75 -1.08 12.57
C THR A 73 -9.62 -1.95 13.82
N CYS A 74 -8.55 -1.72 14.56
CA CYS A 74 -8.28 -2.47 15.78
C CYS A 74 -7.25 -1.74 16.63
N GLU A 75 -6.85 -2.36 17.73
CA GLU A 75 -5.84 -1.79 18.60
C GLU A 75 -4.48 -1.89 17.94
N MET A 76 -3.66 -0.86 18.11
CA MET A 76 -2.33 -0.85 17.52
C MET A 76 -1.38 0.00 18.37
N PHE A 77 -0.16 -0.49 18.55
CA PHE A 77 0.84 0.22 19.33
C PHE A 77 2.09 0.41 18.49
N HIS A 78 1.98 1.19 17.43
CA HIS A 78 3.09 1.46 16.54
C HIS A 78 3.36 2.95 16.51
N PRO A 79 4.63 3.36 16.62
CA PRO A 79 5.02 4.78 16.60
C PRO A 79 4.53 5.55 15.37
N ASN A 80 4.35 4.85 14.26
CA ASN A 80 3.91 5.49 13.01
C ASN A 80 2.41 5.35 12.80
N ILE A 81 1.68 4.89 13.82
CA ILE A 81 0.25 4.72 13.70
C ILE A 81 -0.49 5.58 14.70
N TYR A 82 -1.45 6.36 14.21
CA TYR A 82 -2.25 7.24 15.06
C TYR A 82 -3.17 6.40 15.95
N PRO A 83 -3.66 6.98 17.07
CA PRO A 83 -4.55 6.27 18.00
C PRO A 83 -5.85 5.82 17.33
N ASP A 84 -6.20 6.46 16.23
CA ASP A 84 -7.41 6.13 15.48
C ASP A 84 -7.13 5.04 14.45
N GLY A 85 -5.85 4.67 14.30
CA GLY A 85 -5.49 3.63 13.37
C GLY A 85 -4.87 4.14 12.07
N ARG A 86 -4.86 5.45 11.89
CA ARG A 86 -4.30 6.03 10.66
C ARG A 86 -2.80 5.79 10.57
N VAL A 87 -2.37 5.23 9.45
CA VAL A 87 -0.97 4.93 9.22
C VAL A 87 -0.26 6.15 8.64
N CYS A 88 0.73 6.66 9.36
CA CYS A 88 1.47 7.82 8.91
C CYS A 88 2.87 7.42 8.43
N ILE A 89 3.03 7.38 7.11
CA ILE A 89 4.31 7.01 6.51
C ILE A 89 4.57 7.85 5.27
N SER A 90 5.84 8.16 5.00
CA SER A 90 6.24 8.97 3.85
C SER A 90 5.78 8.39 2.50
N ILE A 91 5.61 7.07 2.44
CA ILE A 91 5.18 6.42 1.20
C ILE A 91 3.74 6.83 0.86
N LEU A 92 2.98 7.20 1.88
CA LEU A 92 1.59 7.60 1.70
C LEU A 92 1.50 9.13 1.76
N HIS A 93 2.65 9.78 1.80
CA HIS A 93 2.69 11.23 1.85
C HIS A 93 2.88 11.79 0.45
N ALA A 94 1.93 12.62 0.02
CA ALA A 94 1.99 13.22 -1.30
C ALA A 94 2.48 14.66 -1.22
N PRO A 95 3.18 15.15 -2.25
CA PRO A 95 3.69 16.52 -2.30
C PRO A 95 2.62 17.51 -2.76
N GLY A 96 1.44 17.38 -2.18
CA GLY A 96 0.33 18.25 -2.52
C GLY A 96 -0.84 17.47 -3.08
N SER A 105 13.09 13.72 2.11
CA SER A 105 12.09 12.81 1.60
C SER A 105 12.67 11.82 0.60
N ALA A 106 13.26 10.74 1.12
CA ALA A 106 13.83 9.71 0.26
C ALA A 106 12.72 8.84 -0.30
N GLU A 107 11.62 8.81 0.44
CA GLU A 107 10.44 8.04 0.06
C GLU A 107 9.23 8.96 0.06
N ARG A 108 8.46 8.92 -1.02
CA ARG A 108 7.27 9.76 -1.14
C ARG A 108 6.28 9.10 -2.10
N TRP A 109 5.02 9.48 -2.02
CA TRP A 109 3.99 8.92 -2.88
C TRP A 109 4.30 9.13 -4.35
N SER A 110 4.13 8.08 -5.13
CA SER A 110 4.37 8.11 -6.56
C SER A 110 3.26 7.33 -7.27
N PRO A 111 2.81 7.79 -8.44
CA PRO A 111 1.73 7.12 -9.20
C PRO A 111 2.06 5.66 -9.57
N VAL A 112 3.33 5.31 -9.48
CA VAL A 112 3.77 3.96 -9.81
C VAL A 112 3.57 3.02 -8.61
N GLN A 113 3.38 3.59 -7.43
CA GLN A 113 3.20 2.81 -6.22
C GLN A 113 1.88 2.05 -6.26
N SER A 114 1.96 0.74 -6.29
CA SER A 114 0.80 -0.10 -6.32
C SER A 114 0.29 -0.34 -4.90
N VAL A 115 -0.89 -0.95 -4.79
CA VAL A 115 -1.45 -1.24 -3.48
C VAL A 115 -0.59 -2.26 -2.76
N GLU A 116 -0.08 -3.21 -3.53
CA GLU A 116 0.77 -4.26 -3.00
C GLU A 116 2.07 -3.65 -2.45
N LYS A 117 2.55 -2.59 -3.12
CA LYS A 117 3.77 -1.92 -2.71
C LYS A 117 3.57 -1.22 -1.37
N ILE A 118 2.38 -0.65 -1.19
CA ILE A 118 2.05 0.04 0.04
C ILE A 118 1.99 -0.98 1.18
N LEU A 119 1.24 -2.04 0.97
CA LEU A 119 1.08 -3.10 1.96
C LEU A 119 2.44 -3.69 2.35
N LEU A 120 3.29 -3.94 1.35
CA LEU A 120 4.62 -4.50 1.60
C LEU A 120 5.42 -3.58 2.52
N SER A 121 5.32 -2.29 2.27
CA SER A 121 6.02 -1.29 3.07
C SER A 121 5.49 -1.27 4.51
N VAL A 122 4.17 -1.40 4.65
CA VAL A 122 3.56 -1.42 5.97
C VAL A 122 4.03 -2.66 6.73
N VAL A 123 4.11 -3.78 6.02
CA VAL A 123 4.58 -5.02 6.60
C VAL A 123 6.02 -4.85 7.08
N SER A 124 6.82 -4.15 6.28
CA SER A 124 8.21 -3.91 6.63
C SER A 124 8.29 -3.05 7.90
N MET A 125 7.42 -2.05 8.00
CA MET A 125 7.40 -1.16 9.14
C MET A 125 6.89 -1.89 10.39
N LEU A 126 6.04 -2.89 10.19
CA LEU A 126 5.50 -3.66 11.30
C LEU A 126 6.58 -4.61 11.82
N ALA A 127 7.33 -5.20 10.89
CA ALA A 127 8.40 -6.11 11.24
C ALA A 127 9.52 -5.34 11.93
N GLU A 128 9.87 -4.19 11.37
CA GLU A 128 10.92 -3.36 11.94
C GLU A 128 10.41 -1.94 12.12
N PRO A 129 9.86 -1.63 13.31
CA PRO A 129 9.32 -0.31 13.64
C PRO A 129 10.37 0.80 13.53
N ASN A 130 10.09 1.76 12.66
CA ASN A 130 10.98 2.88 12.45
C ASN A 130 10.24 4.19 12.70
N ASP A 131 10.47 4.79 13.86
CA ASP A 131 9.83 6.04 14.23
C ASP A 131 10.19 7.13 13.23
N GLU A 132 9.28 7.39 12.32
CA GLU A 132 9.48 8.40 11.29
C GLU A 132 8.58 9.60 11.52
N SER A 133 7.28 9.37 11.42
CA SER A 133 6.30 10.42 11.62
C SER A 133 6.15 10.74 13.10
N GLY A 134 6.05 9.70 13.91
CA GLY A 134 5.90 9.88 15.33
C GLY A 134 4.46 10.19 15.70
N ALA A 135 3.55 9.41 15.15
CA ALA A 135 2.13 9.57 15.41
C ALA A 135 1.80 9.17 16.84
N ASN A 136 2.31 8.01 17.23
CA ASN A 136 2.09 7.51 18.58
C ASN A 136 3.35 7.74 19.40
N VAL A 137 3.46 8.93 19.97
CA VAL A 137 4.61 9.31 20.78
C VAL A 137 4.80 8.37 21.97
N ASP A 138 3.71 7.79 22.46
CA ASP A 138 3.77 6.88 23.59
C ASP A 138 4.57 5.63 23.20
N ALA A 139 4.32 5.16 21.99
CA ALA A 139 5.02 4.00 21.45
C ALA A 139 6.47 4.34 21.12
N SER A 140 6.67 5.52 20.51
CA SER A 140 8.01 5.97 20.14
C SER A 140 8.92 6.04 21.37
N LYS A 141 8.40 6.62 22.45
CA LYS A 141 9.16 6.75 23.69
C LYS A 141 9.57 5.38 24.22
N MET A 142 8.61 4.46 24.27
CA MET A 142 8.86 3.12 24.77
C MET A 142 9.81 2.36 23.85
N TRP A 143 9.59 2.45 22.55
CA TRP A 143 10.42 1.77 21.56
C TRP A 143 11.89 2.15 21.69
N ARG A 144 12.14 3.44 21.88
CA ARG A 144 13.50 3.94 21.99
C ARG A 144 14.08 3.75 23.40
N ASP A 145 13.24 3.88 24.42
CA ASP A 145 13.69 3.75 25.81
C ASP A 145 13.64 2.31 26.31
N ASP A 146 12.44 1.83 26.61
CA ASP A 146 12.27 0.47 27.13
C ASP A 146 11.81 -0.50 26.05
N ARG A 147 12.77 -1.10 25.36
CA ARG A 147 12.49 -2.04 24.29
C ARG A 147 11.78 -3.29 24.84
N GLU A 148 12.09 -3.64 26.08
CA GLU A 148 11.50 -4.82 26.71
C GLU A 148 10.00 -4.63 26.90
N GLN A 149 9.61 -3.52 27.52
CA GLN A 149 8.21 -3.23 27.77
C GLN A 149 7.43 -3.14 26.46
N PHE A 150 8.09 -2.65 25.42
CA PHE A 150 7.47 -2.54 24.11
C PHE A 150 7.07 -3.92 23.60
N TYR A 151 7.96 -4.88 23.78
CA TYR A 151 7.70 -6.25 23.34
C TYR A 151 6.48 -6.84 24.08
N LYS A 152 6.34 -6.46 25.35
CA LYS A 152 5.24 -6.93 26.16
C LYS A 152 3.91 -6.43 25.62
N ILE A 153 3.90 -5.18 25.18
CA ILE A 153 2.69 -4.58 24.62
C ILE A 153 2.43 -5.09 23.21
N ALA A 154 3.51 -5.23 22.45
CA ALA A 154 3.43 -5.71 21.06
C ALA A 154 2.77 -7.08 20.99
N LYS A 155 3.19 -7.98 21.87
CA LYS A 155 2.64 -9.33 21.90
C LYS A 155 1.17 -9.31 22.25
N GLN A 156 0.78 -8.39 23.14
CA GLN A 156 -0.61 -8.26 23.55
C GLN A 156 -1.49 -7.84 22.38
N ILE A 157 -0.92 -7.04 21.48
CA ILE A 157 -1.64 -6.59 20.29
C ILE A 157 -1.98 -7.79 19.41
N VAL A 158 -1.05 -8.74 19.35
CA VAL A 158 -1.25 -9.95 18.56
C VAL A 158 -2.40 -10.76 19.13
N GLN A 159 -2.44 -10.87 20.46
CA GLN A 159 -3.49 -11.59 21.15
C GLN A 159 -4.83 -10.92 20.86
N LYS A 160 -4.80 -9.59 20.77
CA LYS A 160 -5.99 -8.79 20.51
C LYS A 160 -6.50 -9.00 19.08
N SER A 161 -5.58 -8.98 18.12
CA SER A 161 -5.94 -9.16 16.72
C SER A 161 -6.52 -10.55 16.46
N LEU A 162 -5.99 -11.55 17.14
CA LEU A 162 -6.46 -12.91 16.96
C LEU A 162 -7.61 -13.23 17.90
N GLY A 163 -7.79 -12.39 18.92
CA GLY A 163 -8.87 -12.60 19.86
C GLY A 163 -8.62 -13.80 20.76
N LEU A 164 -7.38 -13.96 21.19
CA LEU A 164 -7.00 -15.08 22.05
C LEU A 164 -6.52 -14.59 23.41
N SER B 1 -17.18 -15.03 -10.90
CA SER B 1 -17.22 -13.77 -11.59
C SER B 1 -17.79 -12.69 -10.66
N ALA B 2 -19.07 -12.37 -10.83
CA ALA B 2 -19.73 -11.33 -10.03
C ALA B 2 -19.55 -11.49 -8.51
N ASP B 3 -19.92 -12.63 -7.97
CA ASP B 3 -19.83 -12.85 -6.54
C ASP B 3 -18.92 -14.01 -6.21
N GLU B 4 -18.43 -14.68 -7.25
CA GLU B 4 -17.52 -15.79 -7.04
C GLU B 4 -16.21 -15.32 -6.42
N ARG B 5 -15.75 -14.17 -6.90
CA ARG B 5 -14.50 -13.59 -6.43
C ARG B 5 -14.67 -13.05 -5.02
N GLN B 6 -15.83 -12.45 -4.78
CA GLN B 6 -16.15 -11.88 -3.47
C GLN B 6 -16.08 -12.94 -2.38
N ARG B 7 -16.67 -14.10 -2.64
CA ARG B 7 -16.69 -15.18 -1.66
C ARG B 7 -15.28 -15.74 -1.46
N MET B 8 -14.59 -16.01 -2.57
CA MET B 8 -13.22 -16.50 -2.52
C MET B 8 -12.38 -15.65 -1.58
N LEU B 9 -12.47 -14.34 -1.77
CA LEU B 9 -11.75 -13.37 -0.96
C LEU B 9 -12.07 -13.54 0.52
N VAL B 10 -13.35 -13.61 0.86
CA VAL B 10 -13.76 -13.80 2.25
C VAL B 10 -13.09 -15.03 2.83
N GLN B 11 -12.99 -16.08 2.02
CA GLN B 11 -12.35 -17.31 2.42
C GLN B 11 -10.87 -17.06 2.73
N ARG B 12 -10.20 -16.25 1.91
CA ARG B 12 -8.78 -15.95 2.12
C ARG B 12 -8.59 -15.21 3.43
N LYS B 13 -9.50 -14.29 3.72
CA LYS B 13 -9.43 -13.52 4.96
C LYS B 13 -9.66 -14.41 6.15
N ASP B 14 -10.58 -15.35 5.99
CA ASP B 14 -10.90 -16.28 7.06
C ASP B 14 -9.72 -17.21 7.30
N GLU B 15 -9.34 -17.94 6.26
CA GLU B 15 -8.20 -18.84 6.30
C GLU B 15 -7.01 -18.17 6.99
N LEU B 16 -6.43 -17.16 6.33
CA LEU B 16 -5.31 -16.38 6.87
C LEU B 16 -5.42 -16.18 8.38
N LEU B 17 -6.54 -15.59 8.78
CA LEU B 17 -6.81 -15.31 10.18
C LEU B 17 -6.77 -16.61 11.01
N GLN B 18 -7.62 -17.57 10.67
CA GLN B 18 -7.67 -18.87 11.36
C GLN B 18 -6.29 -19.53 11.40
N GLN B 19 -5.51 -19.29 10.36
CA GLN B 19 -4.16 -19.84 10.23
C GLN B 19 -3.27 -19.25 11.31
N ALA B 20 -3.24 -17.92 11.35
CA ALA B 20 -2.46 -17.21 12.36
C ALA B 20 -2.75 -17.73 13.75
N ARG B 21 -4.03 -18.03 13.98
CA ARG B 21 -4.47 -18.48 15.29
C ARG B 21 -3.93 -19.86 15.64
N LYS B 22 -4.13 -20.84 14.75
CA LYS B 22 -3.63 -22.20 14.98
C LYS B 22 -2.12 -22.19 15.19
N ARG B 23 -1.46 -21.30 14.45
CA ARG B 23 -0.01 -21.15 14.52
C ARG B 23 0.40 -20.52 15.85
N PHE B 24 0.06 -19.26 16.03
CA PHE B 24 0.34 -18.49 17.26
C PHE B 24 0.23 -19.33 18.55
N LEU B 25 -0.80 -20.17 18.60
CA LEU B 25 -1.06 -21.02 19.75
C LEU B 25 -0.08 -22.19 19.81
N ASN B 26 0.15 -22.84 18.68
CA ASN B 26 1.07 -23.99 18.60
C ASN B 26 2.46 -23.67 19.19
N LYS B 27 2.76 -22.39 19.42
CA LYS B 27 4.05 -21.98 19.99
C LYS B 27 4.00 -22.01 21.51
N ALA C 1 3.88 18.39 -26.98
CA ALA C 1 5.30 18.17 -26.63
C ALA C 1 5.66 16.70 -26.74
N VAL C 2 5.83 16.23 -27.97
CA VAL C 2 6.19 14.84 -28.24
C VAL C 2 7.23 14.79 -29.35
N ALA C 3 8.46 14.43 -29.00
CA ALA C 3 9.53 14.36 -29.97
C ALA C 3 9.72 12.93 -30.48
N THR C 4 9.22 11.98 -29.73
CA THR C 4 9.34 10.57 -30.08
C THR C 4 8.20 10.14 -31.01
N PRO C 5 8.49 9.23 -31.97
CA PRO C 5 7.48 8.74 -32.92
C PRO C 5 6.40 7.92 -32.22
N GLU C 6 5.23 7.83 -32.87
CA GLU C 6 4.10 7.09 -32.31
C GLU C 6 4.43 5.61 -32.17
N GLU C 7 5.41 5.15 -32.94
CA GLU C 7 5.82 3.75 -32.90
C GLU C 7 6.38 3.38 -31.53
N LEU C 8 6.91 4.38 -30.82
CA LEU C 8 7.46 4.15 -29.50
C LEU C 8 6.35 3.75 -28.53
N ALA C 9 5.18 4.33 -28.75
CA ALA C 9 4.02 4.05 -27.91
C ALA C 9 3.51 2.65 -28.19
N VAL C 10 3.67 2.20 -29.44
CA VAL C 10 3.25 0.87 -29.82
C VAL C 10 4.21 -0.15 -29.22
N ASN C 11 5.48 0.23 -29.17
CA ASN C 11 6.53 -0.61 -28.60
C ASN C 11 6.38 -0.68 -27.08
N ASN C 12 6.10 0.46 -26.46
CA ASN C 12 5.92 0.52 -25.01
C ASN C 12 4.49 0.94 -24.68
N ASP C 13 3.58 -0.03 -24.74
CA ASP C 13 2.17 0.22 -24.47
C ASP C 13 1.87 0.23 -22.98
N ASP C 14 2.73 0.87 -22.20
CA ASP C 14 2.56 0.93 -20.76
C ASP C 14 2.67 2.36 -20.23
N CYS C 15 2.22 2.57 -19.01
CA CYS C 15 2.26 3.88 -18.37
C CYS C 15 2.23 3.73 -16.86
N ALA C 16 3.34 4.06 -16.21
CA ALA C 16 3.45 3.95 -14.76
C ALA C 16 2.72 5.10 -14.05
N ILE C 17 1.80 5.74 -14.74
CA ILE C 17 1.04 6.85 -14.17
C ILE C 17 -0.45 6.66 -14.40
N CYS C 18 -0.88 6.75 -15.65
CA CYS C 18 -2.30 6.61 -15.99
C CYS C 18 -2.61 5.19 -16.43
N TRP C 19 -1.57 4.37 -16.58
CA TRP C 19 -1.71 2.99 -17.03
C TRP C 19 -2.24 2.99 -18.47
N ASP C 20 -2.69 1.82 -18.94
CA ASP C 20 -3.22 1.68 -20.30
C ASP C 20 -2.16 2.03 -21.35
N SER C 21 -2.60 2.43 -22.54
CA SER C 21 -1.68 2.79 -23.61
C SER C 21 -2.14 4.06 -24.33
N MET C 22 -1.18 4.93 -24.62
CA MET C 22 -1.44 6.18 -25.32
C MET C 22 -0.33 6.41 -26.34
N GLN C 23 -0.64 7.11 -27.43
CA GLN C 23 0.35 7.33 -28.48
C GLN C 23 1.31 8.48 -28.16
N ALA C 24 0.90 9.39 -27.29
CA ALA C 24 1.75 10.53 -26.93
C ALA C 24 2.65 10.21 -25.74
N ALA C 25 3.93 10.03 -26.01
CA ALA C 25 4.89 9.71 -24.94
C ALA C 25 6.18 10.51 -25.08
N ARG C 26 6.83 10.79 -23.94
CA ARG C 26 8.07 11.53 -23.91
C ARG C 26 9.12 10.74 -23.12
N LYS C 27 10.36 10.80 -23.59
CA LYS C 27 11.46 10.11 -22.95
C LYS C 27 12.08 10.98 -21.85
N LEU C 28 11.99 10.52 -20.62
CA LEU C 28 12.54 11.25 -19.48
C LEU C 28 14.06 11.04 -19.41
N PRO C 29 14.78 11.97 -18.75
CA PRO C 29 16.26 11.90 -18.63
C PRO C 29 16.74 10.69 -17.82
N CYS C 30 15.80 9.95 -17.23
CA CYS C 30 16.17 8.78 -16.45
C CYS C 30 15.87 7.48 -17.21
N GLY C 31 15.56 7.62 -18.49
CA GLY C 31 15.27 6.47 -19.31
C GLY C 31 13.86 5.94 -19.15
N HIS C 32 12.96 6.77 -18.66
CA HIS C 32 11.58 6.37 -18.46
C HIS C 32 10.68 6.95 -19.54
N LEU C 33 9.74 6.15 -20.01
CA LEU C 33 8.83 6.58 -21.06
C LEU C 33 7.44 6.82 -20.49
N PHE C 34 7.09 8.08 -20.32
CA PHE C 34 5.79 8.44 -19.78
C PHE C 34 4.99 9.22 -20.82
N HIS C 35 3.67 9.08 -20.77
CA HIS C 35 2.80 9.77 -21.71
C HIS C 35 2.80 11.27 -21.43
N ASN C 36 2.68 12.06 -22.49
CA ASN C 36 2.69 13.52 -22.39
C ASN C 36 1.68 14.03 -21.37
N SER C 37 0.42 13.68 -21.56
CA SER C 37 -0.65 14.11 -20.68
C SER C 37 -0.41 13.68 -19.22
N CYS C 38 0.16 12.49 -19.06
CA CYS C 38 0.43 11.96 -17.74
C CYS C 38 1.58 12.70 -17.07
N LEU C 39 2.66 12.91 -17.82
CA LEU C 39 3.83 13.60 -17.30
C LEU C 39 3.50 15.03 -16.93
N ARG C 40 2.74 15.71 -17.79
CA ARG C 40 2.36 17.10 -17.55
C ARG C 40 1.57 17.23 -16.25
N SER C 41 0.77 16.22 -15.95
CA SER C 41 -0.03 16.23 -14.73
C SER C 41 0.85 16.05 -13.49
N TRP C 42 1.80 15.12 -13.56
CA TRP C 42 2.69 14.87 -12.44
C TRP C 42 3.69 16.01 -12.27
N LEU C 43 4.10 16.60 -13.38
CA LEU C 43 5.04 17.72 -13.36
C LEU C 43 4.44 18.93 -12.69
N GLU C 44 3.12 18.94 -12.55
CA GLU C 44 2.42 20.06 -11.92
C GLU C 44 2.26 19.79 -10.43
N GLN C 45 2.67 18.59 -10.02
CA GLN C 45 2.61 18.18 -8.62
C GLN C 45 4.01 18.22 -8.02
N ASP C 46 4.93 17.54 -8.69
CA ASP C 46 6.33 17.49 -8.23
C ASP C 46 7.26 17.59 -9.45
N THR C 47 8.54 17.43 -9.22
CA THR C 47 9.53 17.49 -10.29
C THR C 47 10.48 16.29 -10.20
N SER C 48 10.03 15.24 -9.52
CA SER C 48 10.83 14.05 -9.37
C SER C 48 10.20 12.88 -10.11
N CYS C 49 11.02 12.01 -10.68
CA CYS C 49 10.52 10.86 -11.40
C CYS C 49 10.15 9.74 -10.42
N PRO C 50 8.92 9.21 -10.52
CA PRO C 50 8.40 8.14 -9.65
C PRO C 50 9.39 7.00 -9.41
N THR C 51 9.75 6.29 -10.47
CA THR C 51 10.68 5.17 -10.37
C THR C 51 12.13 5.62 -10.31
N CYS C 52 12.38 6.73 -9.62
CA CYS C 52 13.73 7.26 -9.49
C CYS C 52 13.90 7.97 -8.15
N ARG C 53 12.83 8.69 -7.74
CA ARG C 53 12.83 9.43 -6.48
C ARG C 53 13.87 10.54 -6.51
N MET C 54 14.12 11.06 -7.70
CA MET C 54 15.07 12.13 -7.89
C MET C 54 14.50 13.18 -8.82
N SER C 55 14.84 14.44 -8.56
CA SER C 55 14.36 15.55 -9.37
C SER C 55 15.06 15.57 -10.72
N LEU C 56 14.29 15.86 -11.76
CA LEU C 56 14.82 15.91 -13.11
C LEU C 56 15.17 17.36 -13.48
N ASN C 57 16.21 17.51 -14.28
CA ASN C 57 16.66 18.83 -14.71
C ASN C 57 15.92 19.30 -15.95
N ILE C 58 15.43 18.35 -16.74
CA ILE C 58 14.72 18.69 -17.96
C ILE C 58 13.75 17.57 -18.35
ZN ZN D . -0.46 7.49 -19.90
ZN ZN E . 12.78 7.76 -14.06
N ALA A 1 -15.75 4.60 -16.74
CA ALA A 1 -14.39 4.02 -16.85
C ALA A 1 -13.34 5.12 -16.75
N GLY A 2 -12.23 4.81 -16.09
CA GLY A 2 -11.18 5.77 -15.92
C GLY A 2 -9.89 5.15 -15.45
N THR A 3 -8.87 5.98 -15.27
CA THR A 3 -7.56 5.52 -14.84
C THR A 3 -7.63 4.80 -13.49
N ALA A 4 -8.30 5.42 -12.53
CA ALA A 4 -8.44 4.86 -11.19
C ALA A 4 -9.05 3.47 -11.22
N LEU A 5 -10.25 3.38 -11.79
CA LEU A 5 -10.97 2.11 -11.87
C LEU A 5 -10.19 1.03 -12.63
N LYS A 6 -9.65 1.39 -13.79
CA LYS A 6 -8.91 0.44 -14.62
C LYS A 6 -7.68 -0.09 -13.89
N ARG A 7 -6.92 0.81 -13.28
CA ARG A 7 -5.72 0.43 -12.54
C ARG A 7 -6.08 -0.32 -11.26
N LEU A 8 -7.12 0.15 -10.57
CA LEU A 8 -7.56 -0.46 -9.32
C LEU A 8 -8.00 -1.91 -9.53
N MET A 9 -8.74 -2.15 -10.62
CA MET A 9 -9.22 -3.50 -10.92
C MET A 9 -8.06 -4.41 -11.30
N ALA A 10 -7.07 -3.85 -11.98
CA ALA A 10 -5.90 -4.62 -12.40
C ALA A 10 -5.08 -5.06 -11.19
N GLU A 11 -4.96 -4.17 -10.22
CA GLU A 11 -4.20 -4.46 -9.00
C GLU A 11 -4.84 -5.62 -8.23
N TYR A 12 -6.16 -5.56 -8.05
CA TYR A 12 -6.88 -6.61 -7.34
C TYR A 12 -6.75 -7.93 -8.09
N LYS A 13 -6.75 -7.85 -9.42
CA LYS A 13 -6.63 -9.02 -10.26
C LYS A 13 -5.32 -9.76 -9.98
N GLN A 14 -4.25 -8.99 -9.83
CA GLN A 14 -2.94 -9.58 -9.53
C GLN A 14 -2.88 -10.09 -8.10
N LEU A 15 -3.55 -9.37 -7.20
CA LEU A 15 -3.57 -9.72 -5.78
C LEU A 15 -4.31 -11.04 -5.56
N THR A 16 -5.06 -11.49 -6.56
CA THR A 16 -5.78 -12.75 -6.45
C THR A 16 -5.08 -13.82 -7.30
N LEU A 17 -4.37 -13.37 -8.33
CA LEU A 17 -3.63 -14.28 -9.19
C LEU A 17 -2.42 -14.80 -8.43
N ASN A 18 -1.69 -13.88 -7.83
CA ASN A 18 -0.52 -14.22 -7.03
C ASN A 18 -0.64 -13.54 -5.67
N PRO A 19 -1.35 -14.17 -4.74
CA PRO A 19 -1.57 -13.63 -3.40
C PRO A 19 -0.35 -13.79 -2.49
N PRO A 20 0.19 -12.68 -1.99
CA PRO A 20 1.35 -12.71 -1.09
C PRO A 20 0.99 -13.43 0.20
N GLU A 21 1.86 -14.34 0.62
CA GLU A 21 1.65 -15.11 1.83
C GLU A 21 1.49 -14.22 3.06
N GLY A 22 0.30 -14.25 3.65
CA GLY A 22 0.05 -13.46 4.84
C GLY A 22 -0.60 -12.13 4.53
N ILE A 23 -0.95 -11.90 3.26
CA ILE A 23 -1.57 -10.66 2.86
C ILE A 23 -2.88 -10.89 2.10
N VAL A 24 -3.99 -10.51 2.72
CA VAL A 24 -5.30 -10.65 2.11
C VAL A 24 -5.91 -9.27 1.87
N ALA A 25 -5.80 -8.78 0.65
CA ALA A 25 -6.34 -7.46 0.31
C ALA A 25 -7.36 -7.54 -0.81
N GLY A 26 -8.36 -6.67 -0.75
CA GLY A 26 -9.39 -6.65 -1.77
C GLY A 26 -10.47 -5.63 -1.45
N PRO A 27 -11.33 -5.28 -2.42
CA PRO A 27 -12.41 -4.31 -2.21
C PRO A 27 -13.55 -4.87 -1.38
N MET A 28 -14.28 -4.00 -0.71
CA MET A 28 -15.41 -4.40 0.13
C MET A 28 -16.56 -4.93 -0.72
N ASN A 29 -16.62 -4.49 -1.97
CA ASN A 29 -17.67 -4.90 -2.88
C ASN A 29 -17.19 -4.74 -4.32
N GLU A 30 -17.79 -5.49 -5.22
CA GLU A 30 -17.43 -5.45 -6.63
C GLU A 30 -17.75 -4.09 -7.23
N GLU A 31 -18.84 -3.50 -6.74
CA GLU A 31 -19.27 -2.19 -7.23
C GLU A 31 -18.63 -1.07 -6.41
N ASN A 32 -17.73 -1.44 -5.51
CA ASN A 32 -17.05 -0.47 -4.66
C ASN A 32 -15.57 -0.77 -4.59
N PHE A 33 -14.80 -0.23 -5.52
CA PHE A 33 -13.37 -0.43 -5.56
C PHE A 33 -12.64 0.74 -4.88
N PHE A 34 -13.40 1.52 -4.12
CA PHE A 34 -12.84 2.67 -3.43
C PHE A 34 -12.52 2.32 -1.99
N GLU A 35 -13.35 1.47 -1.40
CA GLU A 35 -13.16 1.02 -0.02
C GLU A 35 -12.61 -0.40 -0.02
N TRP A 36 -11.34 -0.54 0.35
CA TRP A 36 -10.69 -1.83 0.38
C TRP A 36 -10.45 -2.32 1.80
N GLU A 37 -10.39 -3.64 1.95
CA GLU A 37 -10.11 -4.26 3.23
C GLU A 37 -8.76 -4.97 3.15
N ALA A 38 -7.93 -4.75 4.15
CA ALA A 38 -6.62 -5.37 4.17
C ALA A 38 -6.41 -6.21 5.42
N LEU A 39 -6.23 -7.50 5.22
CA LEU A 39 -5.96 -8.44 6.30
C LEU A 39 -4.52 -8.87 6.20
N ILE A 40 -3.66 -8.29 7.01
CA ILE A 40 -2.25 -8.63 6.99
C ILE A 40 -1.84 -9.34 8.27
N MET A 41 -1.04 -10.38 8.13
CA MET A 41 -0.56 -11.15 9.27
C MET A 41 0.90 -10.84 9.55
N GLY A 42 1.23 -10.62 10.82
CA GLY A 42 2.60 -10.33 11.20
C GLY A 42 3.54 -11.48 10.86
N PRO A 43 4.71 -11.18 10.26
CA PRO A 43 5.70 -12.19 9.87
C PRO A 43 6.25 -12.98 11.05
N GLU A 44 6.75 -14.18 10.77
CA GLU A 44 7.30 -15.05 11.79
C GLU A 44 8.54 -14.43 12.44
N ASP A 45 8.66 -14.60 13.76
CA ASP A 45 9.79 -14.08 14.54
C ASP A 45 9.89 -12.56 14.42
N THR A 46 8.94 -11.86 15.03
CA THR A 46 8.91 -10.41 15.01
C THR A 46 8.33 -9.88 16.33
N CYS A 47 7.52 -8.82 16.23
CA CYS A 47 6.90 -8.23 17.41
C CYS A 47 5.37 -8.32 17.28
N PHE A 48 4.90 -8.62 16.08
CA PHE A 48 3.47 -8.73 15.81
C PHE A 48 3.19 -9.98 14.99
N GLU A 49 4.00 -11.01 15.20
CA GLU A 49 3.87 -12.27 14.48
C GLU A 49 2.51 -12.91 14.71
N PHE A 50 1.96 -13.48 13.63
CA PHE A 50 0.66 -14.16 13.66
C PHE A 50 -0.49 -13.19 13.92
N GLY A 51 -0.23 -11.91 13.74
CA GLY A 51 -1.26 -10.93 13.98
C GLY A 51 -2.06 -10.58 12.74
N VAL A 52 -3.29 -11.10 12.65
CA VAL A 52 -4.18 -10.81 11.54
C VAL A 52 -4.83 -9.46 11.79
N PHE A 53 -4.18 -8.41 11.30
CA PHE A 53 -4.65 -7.04 11.50
C PHE A 53 -5.58 -6.56 10.39
N PRO A 54 -6.78 -6.08 10.76
CA PRO A 54 -7.75 -5.56 9.81
C PRO A 54 -7.60 -4.06 9.58
N ALA A 55 -7.30 -3.69 8.34
CA ALA A 55 -7.12 -2.28 7.99
C ALA A 55 -8.02 -1.90 6.81
N ILE A 56 -8.43 -0.64 6.77
CA ILE A 56 -9.28 -0.15 5.70
C ILE A 56 -8.49 0.80 4.80
N LEU A 57 -8.69 0.69 3.50
CA LEU A 57 -7.99 1.54 2.55
C LEU A 57 -8.98 2.30 1.67
N SER A 58 -9.06 3.60 1.89
CA SER A 58 -9.95 4.45 1.12
C SER A 58 -9.18 5.11 -0.03
N PHE A 59 -9.46 4.68 -1.25
CA PHE A 59 -8.78 5.20 -2.43
C PHE A 59 -9.41 6.51 -2.92
N PRO A 60 -8.57 7.42 -3.43
CA PRO A 60 -9.01 8.71 -3.95
C PRO A 60 -9.62 8.61 -5.35
N LEU A 61 -10.14 9.72 -5.84
CA LEU A 61 -10.77 9.76 -7.16
C LEU A 61 -9.74 9.97 -8.26
N ASP A 62 -8.62 10.60 -7.92
CA ASP A 62 -7.56 10.86 -8.89
C ASP A 62 -6.46 9.82 -8.79
N TYR A 63 -6.80 8.63 -8.30
CA TYR A 63 -5.85 7.54 -8.17
C TYR A 63 -5.28 7.19 -9.56
N PRO A 64 -3.97 6.85 -9.65
CA PRO A 64 -3.05 6.77 -8.53
C PRO A 64 -2.19 8.02 -8.32
N LEU A 65 -2.73 9.19 -8.62
CA LEU A 65 -1.97 10.42 -8.45
C LEU A 65 -1.95 10.81 -6.97
N SER A 66 -2.82 10.19 -6.20
CA SER A 66 -2.91 10.45 -4.77
C SER A 66 -2.91 9.12 -4.00
N PRO A 67 -2.33 9.11 -2.79
CA PRO A 67 -2.26 7.92 -1.95
C PRO A 67 -3.59 7.62 -1.25
N PRO A 68 -3.89 6.32 -1.03
CA PRO A 68 -5.11 5.89 -0.36
C PRO A 68 -5.01 6.07 1.15
N LYS A 69 -6.13 6.37 1.79
CA LYS A 69 -6.17 6.54 3.22
C LYS A 69 -6.26 5.19 3.92
N MET A 70 -5.13 4.73 4.43
CA MET A 70 -5.07 3.45 5.13
C MET A 70 -5.22 3.68 6.62
N ARG A 71 -6.28 3.11 7.19
CA ARG A 71 -6.54 3.25 8.62
C ARG A 71 -6.80 1.88 9.24
N PHE A 72 -6.14 1.60 10.35
CA PHE A 72 -6.31 0.33 11.04
C PHE A 72 -7.60 0.32 11.86
N THR A 73 -8.35 -0.75 11.74
CA THR A 73 -9.60 -0.90 12.46
C THR A 73 -9.40 -1.74 13.73
N CYS A 74 -8.37 -1.41 14.48
CA CYS A 74 -8.05 -2.12 15.71
C CYS A 74 -7.13 -1.29 16.58
N GLU A 75 -7.00 -1.67 17.85
CA GLU A 75 -6.13 -0.97 18.79
C GLU A 75 -4.66 -1.24 18.46
N MET A 76 -4.00 -0.25 17.90
CA MET A 76 -2.61 -0.38 17.51
C MET A 76 -1.69 0.42 18.43
N PHE A 77 -0.57 -0.17 18.78
CA PHE A 77 0.42 0.48 19.64
C PHE A 77 1.73 0.62 18.88
N HIS A 78 1.61 1.12 17.65
CA HIS A 78 2.78 1.30 16.79
C HIS A 78 3.12 2.79 16.70
N PRO A 79 4.41 3.15 16.87
CA PRO A 79 4.88 4.54 16.81
C PRO A 79 4.51 5.26 15.51
N ASN A 80 4.43 4.51 14.42
CA ASN A 80 4.11 5.10 13.11
C ASN A 80 2.61 5.07 12.83
N ILE A 81 1.81 4.70 13.83
CA ILE A 81 0.37 4.62 13.67
C ILE A 81 -0.34 5.49 14.71
N TYR A 82 -1.21 6.36 14.24
CA TYR A 82 -1.99 7.22 15.11
C TYR A 82 -2.98 6.40 15.92
N PRO A 83 -3.33 6.83 17.14
CA PRO A 83 -4.28 6.12 18.00
C PRO A 83 -5.64 5.89 17.33
N ASP A 84 -5.92 6.66 16.28
CA ASP A 84 -7.17 6.55 15.54
C ASP A 84 -7.06 5.48 14.44
N GLY A 85 -5.84 5.03 14.19
CA GLY A 85 -5.63 4.01 13.18
C GLY A 85 -4.89 4.49 11.95
N ARG A 86 -4.74 5.81 11.81
CA ARG A 86 -4.06 6.38 10.64
C ARG A 86 -2.59 5.96 10.59
N VAL A 87 -2.19 5.39 9.45
CA VAL A 87 -0.82 4.97 9.25
C VAL A 87 0.01 6.10 8.65
N CYS A 88 1.13 6.42 9.28
CA CYS A 88 1.99 7.49 8.80
C CYS A 88 3.32 6.94 8.29
N ILE A 89 3.40 6.74 6.99
CA ILE A 89 4.63 6.22 6.38
C ILE A 89 5.02 7.05 5.17
N SER A 90 6.30 7.01 4.83
CA SER A 90 6.85 7.76 3.71
C SER A 90 6.21 7.40 2.36
N ILE A 91 5.82 6.14 2.20
CA ILE A 91 5.21 5.71 0.93
C ILE A 91 3.85 6.37 0.71
N LEU A 92 3.27 6.94 1.76
CA LEU A 92 1.98 7.60 1.66
C LEU A 92 2.15 9.10 1.81
N HIS A 93 3.38 9.57 1.67
CA HIS A 93 3.68 11.00 1.80
C HIS A 93 3.26 11.74 0.54
N ALA A 94 2.17 12.47 0.63
CA ALA A 94 1.66 13.24 -0.49
C ALA A 94 2.28 14.63 -0.52
N PRO A 95 2.99 14.97 -1.60
CA PRO A 95 3.64 16.29 -1.75
C PRO A 95 2.62 17.43 -1.74
N GLY A 96 1.40 17.11 -2.10
CA GLY A 96 0.34 18.10 -2.14
C GLY A 96 -0.91 17.56 -2.80
N SER A 105 13.44 14.41 2.74
CA SER A 105 12.43 13.57 2.13
C SER A 105 13.08 12.45 1.31
N ALA A 106 13.04 11.25 1.85
CA ALA A 106 13.63 10.10 1.17
C ALA A 106 12.66 9.51 0.16
N GLU A 107 11.52 9.05 0.65
CA GLU A 107 10.51 8.46 -0.21
C GLU A 107 9.17 9.14 0.00
N ARG A 108 8.36 9.17 -1.05
CA ARG A 108 7.03 9.76 -1.01
C ARG A 108 6.14 9.06 -2.02
N TRP A 109 4.88 9.45 -2.07
CA TRP A 109 3.94 8.83 -2.98
C TRP A 109 4.33 9.08 -4.42
N SER A 110 4.34 8.01 -5.20
CA SER A 110 4.66 8.08 -6.61
C SER A 110 3.67 7.21 -7.38
N PRO A 111 3.27 7.64 -8.59
CA PRO A 111 2.31 6.89 -9.42
C PRO A 111 2.72 5.44 -9.68
N VAL A 112 4.01 5.16 -9.57
CA VAL A 112 4.53 3.81 -9.80
C VAL A 112 4.35 2.92 -8.57
N GLN A 113 3.93 3.52 -7.46
CA GLN A 113 3.73 2.77 -6.22
C GLN A 113 2.35 2.12 -6.24
N SER A 114 2.31 0.80 -6.26
CA SER A 114 1.06 0.07 -6.26
C SER A 114 0.64 -0.28 -4.83
N VAL A 115 -0.58 -0.82 -4.70
CA VAL A 115 -1.12 -1.19 -3.39
C VAL A 115 -0.25 -2.24 -2.69
N GLU A 116 0.27 -3.19 -3.46
CA GLU A 116 1.10 -4.24 -2.89
C GLU A 116 2.37 -3.66 -2.27
N LYS A 117 2.89 -2.58 -2.86
CA LYS A 117 4.09 -1.92 -2.34
C LYS A 117 3.80 -1.30 -0.98
N ILE A 118 2.61 -0.71 -0.87
CA ILE A 118 2.19 -0.08 0.37
C ILE A 118 2.09 -1.15 1.46
N LEU A 119 1.46 -2.26 1.13
CA LEU A 119 1.29 -3.37 2.06
C LEU A 119 2.64 -3.89 2.51
N LEU A 120 3.57 -4.04 1.56
CA LEU A 120 4.90 -4.52 1.86
C LEU A 120 5.62 -3.55 2.80
N SER A 121 5.39 -2.26 2.60
CA SER A 121 5.99 -1.24 3.44
C SER A 121 5.45 -1.35 4.86
N VAL A 122 4.15 -1.60 4.98
CA VAL A 122 3.50 -1.74 6.28
C VAL A 122 4.04 -2.97 7.00
N VAL A 123 4.16 -4.07 6.27
CA VAL A 123 4.68 -5.32 6.82
C VAL A 123 6.08 -5.10 7.38
N SER A 124 6.92 -4.41 6.61
CA SER A 124 8.28 -4.13 7.04
C SER A 124 8.30 -3.18 8.23
N MET A 125 7.35 -2.25 8.25
CA MET A 125 7.25 -1.28 9.35
C MET A 125 6.79 -1.98 10.63
N LEU A 126 6.03 -3.06 10.47
CA LEU A 126 5.54 -3.81 11.62
C LEU A 126 6.68 -4.60 12.25
N ALA A 127 7.64 -4.99 11.41
CA ALA A 127 8.80 -5.72 11.88
C ALA A 127 9.77 -4.79 12.56
N GLU A 128 10.09 -3.69 11.88
CA GLU A 128 11.00 -2.69 12.42
C GLU A 128 10.31 -1.32 12.47
N PRO A 129 9.71 -0.99 13.63
CA PRO A 129 9.00 0.28 13.82
C PRO A 129 9.94 1.49 13.83
N ASN A 130 10.30 1.96 12.65
CA ASN A 130 11.19 3.09 12.53
C ASN A 130 10.42 4.40 12.69
N ASP A 131 10.30 4.84 13.94
CA ASP A 131 9.59 6.08 14.26
C ASP A 131 10.25 7.28 13.61
N GLU A 132 9.48 8.00 12.80
CA GLU A 132 9.98 9.20 12.14
C GLU A 132 8.91 10.30 12.17
N SER A 133 7.66 9.89 12.09
CA SER A 133 6.54 10.82 12.10
C SER A 133 6.13 11.17 13.53
N GLY A 134 6.17 10.18 14.41
CA GLY A 134 5.79 10.38 15.79
C GLY A 134 4.28 10.39 15.96
N ALA A 135 3.62 9.51 15.22
CA ALA A 135 2.17 9.39 15.27
C ALA A 135 1.69 8.96 16.64
N ASN A 136 2.36 7.97 17.20
CA ASN A 136 2.01 7.46 18.52
C ASN A 136 3.17 7.70 19.46
N VAL A 137 3.26 8.92 19.97
CA VAL A 137 4.33 9.33 20.88
C VAL A 137 4.48 8.39 22.07
N ASP A 138 3.37 7.87 22.58
CA ASP A 138 3.40 6.94 23.71
C ASP A 138 4.21 5.70 23.35
N ALA A 139 3.97 5.18 22.16
CA ALA A 139 4.66 4.00 21.69
C ALA A 139 6.11 4.33 21.34
N SER A 140 6.31 5.50 20.72
CA SER A 140 7.64 5.95 20.35
C SER A 140 8.57 6.06 21.56
N LYS A 141 8.03 6.60 22.66
CA LYS A 141 8.81 6.75 23.88
C LYS A 141 9.25 5.40 24.42
N MET A 142 8.30 4.47 24.51
CA MET A 142 8.59 3.14 25.03
C MET A 142 9.50 2.36 24.09
N TRP A 143 9.20 2.40 22.80
CA TRP A 143 9.98 1.68 21.80
C TRP A 143 11.45 2.07 21.85
N ARG A 144 11.72 3.33 22.15
CA ARG A 144 13.09 3.82 22.20
C ARG A 144 13.74 3.58 23.57
N ASP A 145 12.98 3.81 24.64
CA ASP A 145 13.54 3.65 25.99
C ASP A 145 13.45 2.20 26.48
N ASP A 146 12.24 1.68 26.60
CA ASP A 146 12.05 0.31 27.08
C ASP A 146 11.68 -0.63 25.94
N ARG A 147 12.70 -1.22 25.32
CA ARG A 147 12.50 -2.15 24.21
C ARG A 147 11.89 -3.47 24.70
N GLU A 148 11.96 -3.71 25.99
CA GLU A 148 11.43 -4.92 26.58
C GLU A 148 9.92 -4.83 26.76
N GLN A 149 9.48 -3.79 27.44
CA GLN A 149 8.06 -3.59 27.70
C GLN A 149 7.29 -3.39 26.39
N PHE A 150 7.95 -2.76 25.42
CA PHE A 150 7.33 -2.51 24.12
C PHE A 150 6.91 -3.81 23.47
N TYR A 151 7.75 -4.84 23.59
CA TYR A 151 7.47 -6.14 23.00
C TYR A 151 6.32 -6.82 23.73
N LYS A 152 6.21 -6.56 25.03
CA LYS A 152 5.15 -7.14 25.84
C LYS A 152 3.79 -6.62 25.39
N ILE A 153 3.71 -5.31 25.20
CA ILE A 153 2.47 -4.68 24.75
C ILE A 153 2.17 -5.09 23.32
N ALA A 154 3.22 -5.15 22.50
CA ALA A 154 3.09 -5.51 21.10
C ALA A 154 2.49 -6.92 20.94
N LYS A 155 2.95 -7.84 21.76
CA LYS A 155 2.45 -9.22 21.70
C LYS A 155 0.99 -9.28 22.15
N GLN A 156 0.62 -8.41 23.08
CA GLN A 156 -0.75 -8.36 23.57
C GLN A 156 -1.69 -7.88 22.46
N ILE A 157 -1.14 -7.05 21.58
CA ILE A 157 -1.90 -6.53 20.44
C ILE A 157 -2.27 -7.68 19.51
N VAL A 158 -1.38 -8.68 19.45
CA VAL A 158 -1.60 -9.86 18.62
C VAL A 158 -2.75 -10.68 19.18
N GLN A 159 -2.80 -10.79 20.51
CA GLN A 159 -3.87 -11.51 21.17
C GLN A 159 -5.21 -10.86 20.87
N LYS A 160 -5.20 -9.52 20.81
CA LYS A 160 -6.40 -8.75 20.54
C LYS A 160 -6.86 -8.91 19.08
N SER A 161 -5.91 -8.83 18.15
CA SER A 161 -6.22 -8.95 16.73
C SER A 161 -6.75 -10.35 16.40
N LEU A 162 -6.08 -11.36 16.93
CA LEU A 162 -6.49 -12.74 16.68
C LEU A 162 -7.77 -13.04 17.43
N GLY A 163 -7.96 -12.39 18.57
CA GLY A 163 -9.14 -12.61 19.37
C GLY A 163 -8.95 -13.76 20.33
N LEU A 164 -7.86 -13.74 21.08
CA LEU A 164 -7.56 -14.80 22.05
C LEU A 164 -7.18 -14.20 23.40
N SER B 1 -16.75 -15.18 -11.14
CA SER B 1 -16.95 -13.95 -11.86
C SER B 1 -17.44 -12.85 -10.91
N ALA B 2 -18.63 -12.30 -11.18
CA ALA B 2 -19.22 -11.21 -10.40
C ALA B 2 -19.12 -11.38 -8.88
N ASP B 3 -19.52 -12.53 -8.37
CA ASP B 3 -19.47 -12.75 -6.93
C ASP B 3 -18.55 -13.91 -6.56
N GLU B 4 -18.00 -14.59 -7.54
CA GLU B 4 -17.09 -15.70 -7.24
C GLU B 4 -15.87 -15.21 -6.49
N ARG B 5 -15.38 -14.04 -6.90
CA ARG B 5 -14.19 -13.44 -6.31
C ARG B 5 -14.50 -12.90 -4.93
N GLN B 6 -15.70 -12.32 -4.77
CA GLN B 6 -16.13 -11.74 -3.49
C GLN B 6 -16.07 -12.78 -2.37
N ARG B 7 -16.59 -13.96 -2.62
CA ARG B 7 -16.59 -15.02 -1.63
C ARG B 7 -15.19 -15.59 -1.46
N MET B 8 -14.54 -15.88 -2.59
CA MET B 8 -13.17 -16.41 -2.60
C MET B 8 -12.26 -15.59 -1.68
N LEU B 9 -12.30 -14.29 -1.85
CA LEU B 9 -11.52 -13.36 -1.06
C LEU B 9 -11.79 -13.52 0.44
N VAL B 10 -13.07 -13.54 0.82
CA VAL B 10 -13.44 -13.69 2.22
C VAL B 10 -12.83 -14.96 2.80
N GLN B 11 -12.78 -16.02 1.99
CA GLN B 11 -12.19 -17.28 2.42
C GLN B 11 -10.73 -17.09 2.81
N ARG B 12 -9.99 -16.30 2.01
CA ARG B 12 -8.57 -16.04 2.29
C ARG B 12 -8.43 -15.30 3.61
N LYS B 13 -9.35 -14.36 3.86
CA LYS B 13 -9.31 -13.57 5.08
C LYS B 13 -9.57 -14.45 6.28
N ASP B 14 -10.49 -15.39 6.13
CA ASP B 14 -10.83 -16.30 7.20
C ASP B 14 -9.67 -17.23 7.44
N GLU B 15 -9.28 -17.97 6.38
CA GLU B 15 -8.15 -18.88 6.43
C GLU B 15 -6.97 -18.24 7.13
N LEU B 16 -6.38 -17.21 6.50
CA LEU B 16 -5.27 -16.43 7.06
C LEU B 16 -5.42 -16.25 8.56
N LEU B 17 -6.57 -15.74 8.97
CA LEU B 17 -6.86 -15.50 10.38
C LEU B 17 -6.82 -16.80 11.18
N GLN B 18 -7.65 -17.78 10.80
CA GLN B 18 -7.69 -19.08 11.47
C GLN B 18 -6.29 -19.69 11.55
N GLN B 19 -5.48 -19.43 10.52
CA GLN B 19 -4.13 -19.94 10.45
C GLN B 19 -3.28 -19.27 11.52
N ALA B 20 -3.28 -17.94 11.52
CA ALA B 20 -2.54 -17.16 12.51
C ALA B 20 -2.85 -17.65 13.91
N ARG B 21 -4.12 -17.96 14.13
CA ARG B 21 -4.58 -18.41 15.42
C ARG B 21 -4.02 -19.79 15.76
N LYS B 22 -4.17 -20.73 14.82
CA LYS B 22 -3.65 -22.08 15.00
C LYS B 22 -2.15 -22.05 15.28
N ARG B 23 -1.47 -21.13 14.60
CA ARG B 23 -0.03 -20.96 14.73
C ARG B 23 0.30 -20.37 16.09
N PHE B 24 -0.05 -19.10 16.25
CA PHE B 24 0.17 -18.33 17.49
C PHE B 24 0.04 -19.18 18.76
N LEU B 25 -1.02 -20.00 18.83
CA LEU B 25 -1.26 -20.83 20.00
C LEU B 25 -0.37 -22.07 20.02
N ASN B 26 -0.37 -22.83 18.92
CA ASN B 26 0.45 -24.05 18.81
C ASN B 26 1.95 -23.78 19.00
N LYS B 27 2.34 -22.53 18.93
CA LYS B 27 3.74 -22.17 19.09
C LYS B 27 4.06 -21.80 20.53
N ALA C 1 4.30 19.10 -27.12
CA ALA C 1 5.72 18.71 -27.26
C ALA C 1 5.86 17.19 -27.28
N VAL C 2 5.75 16.61 -28.46
CA VAL C 2 5.85 15.17 -28.62
C VAL C 2 6.82 14.83 -29.75
N ALA C 3 8.10 14.82 -29.43
CA ALA C 3 9.12 14.50 -30.42
C ALA C 3 9.38 12.99 -30.45
N THR C 4 8.29 12.24 -30.46
CA THR C 4 8.37 10.79 -30.49
C THR C 4 7.32 10.22 -31.45
N PRO C 5 7.72 9.25 -32.29
CA PRO C 5 6.81 8.62 -33.25
C PRO C 5 5.75 7.77 -32.55
N GLU C 6 4.58 7.66 -33.19
CA GLU C 6 3.47 6.88 -32.63
C GLU C 6 3.83 5.40 -32.54
N GLU C 7 4.77 4.97 -33.38
CA GLU C 7 5.20 3.58 -33.39
C GLU C 7 5.78 3.17 -32.04
N LEU C 8 6.41 4.12 -31.36
CA LEU C 8 6.98 3.85 -30.05
C LEU C 8 5.87 3.70 -29.02
N ALA C 9 4.78 4.43 -29.24
CA ALA C 9 3.62 4.38 -28.35
C ALA C 9 2.92 3.04 -28.48
N VAL C 10 2.90 2.51 -29.70
CA VAL C 10 2.29 1.22 -29.96
C VAL C 10 3.16 0.11 -29.38
N ASN C 11 4.47 0.36 -29.40
CA ASN C 11 5.44 -0.59 -28.86
C ASN C 11 5.38 -0.58 -27.33
N ASN C 12 5.50 0.60 -26.76
CA ASN C 12 5.44 0.75 -25.31
C ASN C 12 4.06 1.25 -24.93
N ASP C 13 3.10 0.35 -24.99
CA ASP C 13 1.71 0.66 -24.65
C ASP C 13 1.49 0.56 -23.15
N ASP C 14 2.44 1.08 -22.40
CA ASP C 14 2.40 1.05 -20.95
C ASP C 14 2.68 2.45 -20.38
N CYS C 15 2.22 2.69 -19.16
CA CYS C 15 2.40 3.97 -18.49
C CYS C 15 2.39 3.78 -16.98
N ALA C 16 3.55 3.94 -16.35
CA ALA C 16 3.67 3.77 -14.91
C ALA C 16 3.11 4.97 -14.13
N ILE C 17 2.03 5.56 -14.64
CA ILE C 17 1.40 6.70 -13.99
C ILE C 17 -0.12 6.59 -14.11
N CYS C 18 -0.62 6.61 -15.34
CA CYS C 18 -2.05 6.52 -15.59
C CYS C 18 -2.45 5.11 -15.96
N TRP C 19 -1.46 4.27 -16.28
CA TRP C 19 -1.69 2.90 -16.72
C TRP C 19 -2.31 2.93 -18.11
N ASP C 20 -2.51 1.75 -18.70
CA ASP C 20 -3.10 1.62 -20.03
C ASP C 20 -2.24 2.30 -21.10
N SER C 21 -2.76 2.37 -22.31
CA SER C 21 -2.04 3.01 -23.41
C SER C 21 -2.79 4.24 -23.89
N MET C 22 -2.08 5.16 -24.52
CA MET C 22 -2.71 6.38 -25.03
C MET C 22 -2.20 6.70 -26.43
N GLN C 23 -1.25 7.63 -26.54
CA GLN C 23 -0.70 8.02 -27.84
C GLN C 23 0.55 8.87 -27.66
N ALA C 24 0.36 10.11 -27.23
CA ALA C 24 1.46 11.04 -27.03
C ALA C 24 2.39 10.61 -25.90
N ALA C 25 3.48 9.96 -26.26
CA ALA C 25 4.47 9.52 -25.29
C ALA C 25 5.66 10.47 -25.29
N ARG C 26 6.23 10.71 -24.13
CA ARG C 26 7.37 11.60 -23.98
C ARG C 26 8.53 10.89 -23.28
N LYS C 27 9.74 11.12 -23.76
CA LYS C 27 10.92 10.51 -23.17
C LYS C 27 11.50 11.40 -22.09
N LEU C 28 11.59 10.86 -20.88
CA LEU C 28 12.15 11.59 -19.75
C LEU C 28 13.66 11.47 -19.74
N PRO C 29 14.35 12.48 -19.17
CA PRO C 29 15.82 12.50 -19.09
C PRO C 29 16.39 11.35 -18.27
N CYS C 30 15.55 10.70 -17.49
CA CYS C 30 15.99 9.59 -16.65
C CYS C 30 15.60 8.26 -17.28
N GLY C 31 15.47 8.24 -18.60
CA GLY C 31 15.12 7.03 -19.32
C GLY C 31 13.75 6.51 -18.94
N HIS C 32 12.72 7.20 -19.37
CA HIS C 32 11.36 6.79 -19.07
C HIS C 32 10.39 7.29 -20.14
N LEU C 33 9.44 6.46 -20.49
CA LEU C 33 8.45 6.81 -21.50
C LEU C 33 7.08 7.01 -20.85
N PHE C 34 6.73 8.26 -20.61
CA PHE C 34 5.45 8.58 -19.99
C PHE C 34 4.64 9.45 -20.93
N HIS C 35 3.32 9.34 -20.84
CA HIS C 35 2.44 10.12 -21.69
C HIS C 35 2.55 11.60 -21.34
N ASN C 36 2.46 12.46 -22.35
CA ASN C 36 2.57 13.90 -22.17
C ASN C 36 1.61 14.41 -21.11
N SER C 37 0.38 13.91 -21.14
CA SER C 37 -0.64 14.31 -20.18
C SER C 37 -0.24 13.92 -18.77
N CYS C 38 0.19 12.67 -18.61
CA CYS C 38 0.61 12.16 -17.31
C CYS C 38 1.80 12.93 -16.78
N LEU C 39 2.76 13.22 -17.66
CA LEU C 39 3.96 13.95 -17.29
C LEU C 39 3.59 15.35 -16.83
N ARG C 40 2.76 16.04 -17.60
CA ARG C 40 2.34 17.38 -17.26
C ARG C 40 1.59 17.40 -15.94
N SER C 41 0.81 16.35 -15.69
CA SER C 41 0.06 16.24 -14.46
C SER C 41 0.99 16.04 -13.27
N TRP C 42 1.95 15.13 -13.43
CA TRP C 42 2.90 14.84 -12.36
C TRP C 42 3.81 16.03 -12.09
N LEU C 43 4.22 16.72 -13.14
CA LEU C 43 5.10 17.88 -13.00
C LEU C 43 4.38 19.04 -12.30
N GLU C 44 3.07 18.93 -12.18
CA GLU C 44 2.28 19.95 -11.51
C GLU C 44 2.06 19.55 -10.06
N GLN C 45 2.56 18.38 -9.70
CA GLN C 45 2.43 17.85 -8.35
C GLN C 45 3.82 17.75 -7.70
N ASP C 46 4.75 17.12 -8.40
CA ASP C 46 6.12 16.96 -7.92
C ASP C 46 7.08 17.23 -9.07
N THR C 47 8.36 16.93 -8.88
CA THR C 47 9.36 17.15 -9.92
C THR C 47 10.35 15.98 -9.98
N SER C 48 10.05 14.93 -9.25
CA SER C 48 10.92 13.75 -9.24
C SER C 48 10.27 12.59 -9.99
N CYS C 49 11.10 11.80 -10.67
CA CYS C 49 10.61 10.66 -11.42
C CYS C 49 10.16 9.56 -10.45
N PRO C 50 8.97 8.99 -10.66
CA PRO C 50 8.40 7.94 -9.81
C PRO C 50 9.36 6.80 -9.49
N THR C 51 9.83 6.11 -10.53
CA THR C 51 10.72 4.97 -10.34
C THR C 51 12.15 5.37 -10.00
N CYS C 52 12.69 6.37 -10.70
CA CYS C 52 14.07 6.81 -10.47
C CYS C 52 14.24 7.51 -9.13
N ARG C 53 13.15 8.09 -8.61
CA ARG C 53 13.17 8.80 -7.34
C ARG C 53 14.19 9.94 -7.36
N MET C 54 14.27 10.60 -8.50
CA MET C 54 15.21 11.70 -8.68
C MET C 54 14.58 12.81 -9.53
N SER C 55 14.94 14.04 -9.22
CA SER C 55 14.43 15.19 -9.95
C SER C 55 15.03 15.24 -11.36
N LEU C 56 14.22 15.67 -12.32
CA LEU C 56 14.68 15.78 -13.70
C LEU C 56 15.35 17.12 -13.95
N ASN C 57 16.56 17.08 -14.50
CA ASN C 57 17.31 18.29 -14.79
C ASN C 57 16.61 19.09 -15.89
N ILE C 58 16.36 18.43 -17.02
CA ILE C 58 15.70 19.05 -18.15
C ILE C 58 15.23 17.97 -19.12
ZN ZN D . -0.29 7.82 -19.39
ZN ZN E . 12.83 7.84 -14.86
N ALA A 1 -15.58 3.84 -17.03
CA ALA A 1 -14.37 3.30 -16.38
C ALA A 1 -13.19 4.27 -16.51
N GLY A 2 -12.90 4.97 -15.43
CA GLY A 2 -11.81 5.93 -15.43
C GLY A 2 -10.46 5.28 -15.19
N THR A 3 -9.44 6.12 -15.05
CA THR A 3 -8.08 5.66 -14.82
C THR A 3 -7.95 4.87 -13.53
N ALA A 4 -8.55 5.39 -12.46
CA ALA A 4 -8.50 4.75 -11.15
C ALA A 4 -9.13 3.37 -11.20
N LEU A 5 -10.31 3.27 -11.81
CA LEU A 5 -11.03 2.01 -11.90
C LEU A 5 -10.22 0.98 -12.69
N LYS A 6 -9.68 1.37 -13.83
CA LYS A 6 -8.88 0.47 -14.66
C LYS A 6 -7.69 -0.08 -13.88
N ARG A 7 -6.94 0.83 -13.28
CA ARG A 7 -5.76 0.49 -12.50
C ARG A 7 -6.12 -0.35 -11.26
N LEU A 8 -7.13 0.09 -10.52
CA LEU A 8 -7.55 -0.62 -9.31
C LEU A 8 -8.06 -2.03 -9.62
N MET A 9 -8.82 -2.16 -10.71
CA MET A 9 -9.37 -3.45 -11.10
C MET A 9 -8.25 -4.42 -11.47
N ALA A 10 -7.16 -3.88 -12.01
CA ALA A 10 -6.01 -4.69 -12.42
C ALA A 10 -5.22 -5.14 -11.20
N GLU A 11 -5.09 -4.25 -10.22
CA GLU A 11 -4.34 -4.54 -9.01
C GLU A 11 -4.99 -5.66 -8.21
N TYR A 12 -6.31 -5.58 -8.01
CA TYR A 12 -7.03 -6.63 -7.27
C TYR A 12 -6.89 -7.96 -7.98
N LYS A 13 -6.94 -7.92 -9.31
CA LYS A 13 -6.82 -9.12 -10.13
C LYS A 13 -5.50 -9.82 -9.83
N GLN A 14 -4.43 -9.04 -9.74
CA GLN A 14 -3.11 -9.57 -9.47
C GLN A 14 -3.02 -10.10 -8.04
N LEU A 15 -3.72 -9.42 -7.12
CA LEU A 15 -3.73 -9.81 -5.71
C LEU A 15 -4.39 -11.17 -5.53
N THR A 16 -5.23 -11.55 -6.48
CA THR A 16 -5.88 -12.84 -6.42
C THR A 16 -5.16 -13.86 -7.28
N LEU A 17 -4.46 -13.38 -8.30
CA LEU A 17 -3.70 -14.23 -9.21
C LEU A 17 -2.41 -14.68 -8.52
N ASN A 18 -1.86 -13.80 -7.71
CA ASN A 18 -0.64 -14.09 -6.96
C ASN A 18 -0.80 -13.64 -5.51
N PRO A 19 -1.48 -14.45 -4.68
CA PRO A 19 -1.71 -14.13 -3.28
C PRO A 19 -0.45 -14.25 -2.43
N PRO A 20 -0.02 -13.15 -1.80
CA PRO A 20 1.17 -13.13 -0.95
C PRO A 20 0.92 -13.86 0.38
N GLU A 21 2.00 -14.26 1.04
CA GLU A 21 1.90 -14.98 2.30
C GLU A 21 1.41 -14.06 3.42
N GLY A 22 0.23 -14.35 3.93
CA GLY A 22 -0.33 -13.58 5.02
C GLY A 22 -0.92 -12.25 4.60
N ILE A 23 -1.20 -12.09 3.31
CA ILE A 23 -1.78 -10.85 2.83
C ILE A 23 -3.08 -11.08 2.08
N VAL A 24 -4.19 -10.70 2.71
CA VAL A 24 -5.50 -10.84 2.11
C VAL A 24 -6.15 -9.46 1.93
N ALA A 25 -6.00 -8.88 0.75
CA ALA A 25 -6.56 -7.57 0.49
C ALA A 25 -7.49 -7.58 -0.72
N GLY A 26 -8.50 -6.73 -0.69
CA GLY A 26 -9.45 -6.63 -1.78
C GLY A 26 -10.54 -5.62 -1.48
N PRO A 27 -11.37 -5.27 -2.48
CA PRO A 27 -12.47 -4.31 -2.30
C PRO A 27 -13.58 -4.86 -1.42
N MET A 28 -14.35 -3.95 -0.81
CA MET A 28 -15.46 -4.35 0.04
C MET A 28 -16.56 -4.99 -0.78
N ASN A 29 -16.69 -4.53 -2.01
CA ASN A 29 -17.71 -5.04 -2.91
C ASN A 29 -17.25 -4.87 -4.35
N GLU A 30 -17.78 -5.69 -5.25
CA GLU A 30 -17.42 -5.62 -6.66
C GLU A 30 -17.80 -4.28 -7.25
N GLU A 31 -18.87 -3.71 -6.72
CA GLU A 31 -19.35 -2.41 -7.19
C GLU A 31 -18.75 -1.27 -6.34
N ASN A 32 -17.79 -1.62 -5.50
CA ASN A 32 -17.13 -0.63 -4.65
C ASN A 32 -15.64 -0.89 -4.63
N PHE A 33 -14.95 -0.39 -5.63
CA PHE A 33 -13.51 -0.55 -5.74
C PHE A 33 -12.78 0.63 -5.14
N PHE A 34 -13.51 1.46 -4.41
CA PHE A 34 -12.92 2.65 -3.79
C PHE A 34 -12.55 2.36 -2.34
N GLU A 35 -13.25 1.43 -1.74
CA GLU A 35 -13.00 1.05 -0.35
C GLU A 35 -12.52 -0.40 -0.29
N TRP A 36 -11.27 -0.57 0.09
CA TRP A 36 -10.67 -1.91 0.17
C TRP A 36 -10.42 -2.31 1.62
N GLU A 37 -10.38 -3.62 1.83
CA GLU A 37 -10.11 -4.19 3.14
C GLU A 37 -8.82 -5.01 3.05
N ALA A 38 -7.92 -4.81 3.98
CA ALA A 38 -6.66 -5.54 3.95
C ALA A 38 -6.41 -6.30 5.25
N LEU A 39 -6.42 -7.62 5.13
CA LEU A 39 -6.14 -8.48 6.26
C LEU A 39 -4.67 -8.90 6.18
N ILE A 40 -3.83 -8.18 6.89
CA ILE A 40 -2.40 -8.47 6.87
C ILE A 40 -1.96 -9.16 8.15
N MET A 41 -1.36 -10.33 7.99
CA MET A 41 -0.87 -11.10 9.12
C MET A 41 0.60 -10.81 9.37
N GLY A 42 0.91 -10.39 10.59
CA GLY A 42 2.30 -10.10 10.93
C GLY A 42 3.20 -11.30 10.74
N PRO A 43 4.29 -11.15 9.97
CA PRO A 43 5.24 -12.25 9.70
C PRO A 43 5.90 -12.77 10.97
N GLU A 44 6.35 -14.01 10.91
CA GLU A 44 6.98 -14.67 12.05
C GLU A 44 8.33 -14.02 12.39
N ASP A 45 8.73 -14.16 13.66
CA ASP A 45 9.99 -13.64 14.18
C ASP A 45 9.94 -12.12 14.33
N THR A 46 8.75 -11.61 14.56
CA THR A 46 8.57 -10.17 14.74
C THR A 46 7.82 -9.91 16.04
N CYS A 47 7.53 -8.64 16.30
CA CYS A 47 6.79 -8.25 17.49
C CYS A 47 5.28 -8.36 17.26
N PHE A 48 4.90 -8.69 16.04
CA PHE A 48 3.49 -8.79 15.68
C PHE A 48 3.22 -10.05 14.86
N GLU A 49 3.97 -11.12 15.13
CA GLU A 49 3.79 -12.36 14.40
C GLU A 49 2.43 -13.00 14.70
N PHE A 50 1.77 -13.49 13.64
CA PHE A 50 0.46 -14.13 13.74
C PHE A 50 -0.65 -13.12 13.99
N GLY A 51 -0.38 -11.86 13.68
CA GLY A 51 -1.38 -10.83 13.90
C GLY A 51 -2.19 -10.53 12.65
N VAL A 52 -3.39 -11.09 12.57
CA VAL A 52 -4.29 -10.84 11.44
C VAL A 52 -4.92 -9.46 11.65
N PHE A 53 -4.21 -8.43 11.18
CA PHE A 53 -4.65 -7.06 11.35
C PHE A 53 -5.53 -6.58 10.21
N PRO A 54 -6.71 -6.04 10.55
CA PRO A 54 -7.65 -5.50 9.57
C PRO A 54 -7.41 -4.02 9.29
N ALA A 55 -7.13 -3.69 8.04
CA ALA A 55 -6.91 -2.32 7.65
C ALA A 55 -7.84 -1.89 6.53
N ILE A 56 -8.36 -0.68 6.62
CA ILE A 56 -9.27 -0.15 5.62
C ILE A 56 -8.51 0.82 4.72
N LEU A 57 -8.62 0.64 3.41
CA LEU A 57 -7.93 1.51 2.47
C LEU A 57 -8.92 2.17 1.52
N SER A 58 -9.05 3.49 1.64
CA SER A 58 -9.94 4.25 0.77
C SER A 58 -9.12 4.92 -0.33
N PHE A 59 -9.41 4.58 -1.57
CA PHE A 59 -8.67 5.13 -2.70
C PHE A 59 -9.33 6.40 -3.26
N PRO A 60 -8.51 7.36 -3.72
CA PRO A 60 -9.00 8.61 -4.28
C PRO A 60 -9.46 8.47 -5.73
N LEU A 61 -10.25 9.42 -6.20
CA LEU A 61 -10.77 9.40 -7.56
C LEU A 61 -9.68 9.66 -8.60
N ASP A 62 -8.61 10.33 -8.19
CA ASP A 62 -7.52 10.64 -9.11
C ASP A 62 -6.38 9.63 -8.97
N TYR A 63 -6.67 8.48 -8.38
CA TYR A 63 -5.69 7.42 -8.22
C TYR A 63 -5.12 7.03 -9.59
N PRO A 64 -3.82 6.70 -9.69
CA PRO A 64 -2.90 6.67 -8.56
C PRO A 64 -2.08 7.94 -8.38
N LEU A 65 -2.65 9.09 -8.73
CA LEU A 65 -1.93 10.36 -8.57
C LEU A 65 -1.92 10.78 -7.10
N SER A 66 -2.75 10.13 -6.30
CA SER A 66 -2.83 10.40 -4.88
C SER A 66 -2.85 9.08 -4.09
N PRO A 67 -2.29 9.08 -2.88
CA PRO A 67 -2.24 7.89 -2.03
C PRO A 67 -3.57 7.59 -1.35
N PRO A 68 -3.84 6.32 -1.05
CA PRO A 68 -5.07 5.90 -0.39
C PRO A 68 -5.04 6.14 1.12
N LYS A 69 -6.22 6.33 1.70
CA LYS A 69 -6.35 6.55 3.13
C LYS A 69 -6.43 5.21 3.84
N MET A 70 -5.34 4.85 4.53
CA MET A 70 -5.25 3.58 5.23
C MET A 70 -5.42 3.77 6.74
N ARG A 71 -6.32 3.00 7.33
CA ARG A 71 -6.55 3.04 8.77
C ARG A 71 -6.87 1.65 9.29
N PHE A 72 -6.26 1.28 10.42
CA PHE A 72 -6.50 -0.03 11.01
C PHE A 72 -7.82 -0.04 11.76
N THR A 73 -8.54 -1.15 11.69
CA THR A 73 -9.82 -1.29 12.36
C THR A 73 -9.65 -1.92 13.75
N CYS A 74 -8.51 -1.66 14.37
CA CYS A 74 -8.21 -2.19 15.69
C CYS A 74 -7.15 -1.33 16.37
N GLU A 75 -6.91 -1.58 17.65
CA GLU A 75 -5.91 -0.83 18.39
C GLU A 75 -4.51 -1.19 17.88
N MET A 76 -3.58 -0.26 17.96
CA MET A 76 -2.22 -0.50 17.50
C MET A 76 -1.23 0.31 18.31
N PHE A 77 -0.12 -0.32 18.67
CA PHE A 77 0.92 0.33 19.45
C PHE A 77 2.16 0.52 18.59
N HIS A 78 1.98 1.22 17.48
CA HIS A 78 3.07 1.48 16.55
C HIS A 78 3.33 2.98 16.45
N PRO A 79 4.60 3.40 16.56
CA PRO A 79 4.99 4.82 16.50
C PRO A 79 4.60 5.49 15.18
N ASN A 80 4.53 4.71 14.11
CA ASN A 80 4.19 5.24 12.79
C ASN A 80 2.69 5.23 12.55
N ILE A 81 1.93 4.78 13.54
CA ILE A 81 0.49 4.72 13.42
C ILE A 81 -0.18 5.58 14.48
N TYR A 82 -1.13 6.41 14.05
CA TYR A 82 -1.86 7.28 14.96
C TYR A 82 -2.76 6.44 15.86
N PRO A 83 -3.08 6.93 17.07
CA PRO A 83 -3.95 6.21 18.02
C PRO A 83 -5.32 5.91 17.43
N ASP A 84 -5.67 6.65 16.38
CA ASP A 84 -6.95 6.48 15.71
C ASP A 84 -6.87 5.36 14.66
N GLY A 85 -5.65 4.89 14.38
CA GLY A 85 -5.47 3.82 13.41
C GLY A 85 -4.87 4.27 12.09
N ARG A 86 -4.75 5.58 11.89
CA ARG A 86 -4.19 6.10 10.63
C ARG A 86 -2.72 5.77 10.50
N VAL A 87 -2.35 5.23 9.34
CA VAL A 87 -0.97 4.88 9.06
C VAL A 87 -0.30 6.04 8.32
N CYS A 88 0.84 6.48 8.82
CA CYS A 88 1.55 7.59 8.19
C CYS A 88 3.02 7.25 7.96
N ILE A 89 3.35 6.98 6.71
CA ILE A 89 4.71 6.66 6.32
C ILE A 89 5.09 7.44 5.08
N SER A 90 6.39 7.58 4.82
CA SER A 90 6.89 8.34 3.68
C SER A 90 6.34 7.83 2.34
N ILE A 91 6.11 6.53 2.21
CA ILE A 91 5.60 5.97 0.96
C ILE A 91 4.18 6.47 0.66
N LEU A 92 3.48 6.93 1.70
CA LEU A 92 2.13 7.43 1.54
C LEU A 92 2.12 8.96 1.57
N HIS A 93 3.30 9.54 1.46
CA HIS A 93 3.44 10.99 1.48
C HIS A 93 3.54 11.53 0.05
N ALA A 94 2.55 12.31 -0.34
CA ALA A 94 2.53 12.90 -1.66
C ALA A 94 2.73 14.41 -1.55
N PRO A 95 3.63 14.99 -2.35
CA PRO A 95 3.91 16.43 -2.33
C PRO A 95 2.74 17.25 -2.88
N GLY A 96 1.67 17.33 -2.10
CA GLY A 96 0.50 18.08 -2.52
C GLY A 96 -0.35 17.31 -3.51
N SER A 105 13.90 13.75 1.68
CA SER A 105 12.78 13.36 0.82
C SER A 105 13.17 12.17 -0.05
N ALA A 106 13.44 11.05 0.60
CA ALA A 106 13.82 9.83 -0.10
C ALA A 106 12.59 9.07 -0.60
N GLU A 107 11.87 8.46 0.33
CA GLU A 107 10.67 7.71 -0.02
C GLU A 107 9.47 8.66 -0.11
N ARG A 108 8.68 8.50 -1.16
CA ARG A 108 7.51 9.33 -1.38
C ARG A 108 6.51 8.60 -2.24
N TRP A 109 5.29 9.12 -2.29
CA TRP A 109 4.25 8.51 -3.11
C TRP A 109 4.52 8.77 -4.58
N SER A 110 4.32 7.74 -5.38
CA SER A 110 4.51 7.81 -6.81
C SER A 110 3.50 6.91 -7.50
N PRO A 111 3.03 7.27 -8.70
CA PRO A 111 2.04 6.47 -9.44
C PRO A 111 2.51 5.05 -9.72
N VAL A 112 3.81 4.82 -9.59
CA VAL A 112 4.39 3.50 -9.83
C VAL A 112 4.24 2.61 -8.60
N GLN A 113 3.89 3.21 -7.46
CA GLN A 113 3.72 2.47 -6.22
C GLN A 113 2.33 1.82 -6.21
N SER A 114 2.31 0.50 -6.32
CA SER A 114 1.07 -0.24 -6.32
C SER A 114 0.61 -0.53 -4.89
N VAL A 115 -0.62 -1.02 -4.74
CA VAL A 115 -1.16 -1.35 -3.42
C VAL A 115 -0.31 -2.41 -2.75
N GLU A 116 0.21 -3.33 -3.56
CA GLU A 116 1.07 -4.40 -3.07
C GLU A 116 2.33 -3.81 -2.45
N LYS A 117 2.81 -2.73 -3.05
CA LYS A 117 4.01 -2.06 -2.59
C LYS A 117 3.74 -1.34 -1.27
N ILE A 118 2.55 -0.75 -1.15
CA ILE A 118 2.16 -0.05 0.06
C ILE A 118 2.12 -1.02 1.24
N LEU A 119 1.52 -2.19 1.01
CA LEU A 119 1.42 -3.20 2.03
C LEU A 119 2.80 -3.72 2.43
N LEU A 120 3.70 -3.80 1.46
CA LEU A 120 5.07 -4.27 1.71
C LEU A 120 5.76 -3.37 2.74
N SER A 121 5.64 -2.06 2.56
CA SER A 121 6.24 -1.10 3.47
C SER A 121 5.64 -1.25 4.88
N VAL A 122 4.33 -1.46 4.94
CA VAL A 122 3.65 -1.63 6.21
C VAL A 122 4.18 -2.86 6.93
N VAL A 123 4.28 -3.97 6.19
CA VAL A 123 4.79 -5.21 6.74
C VAL A 123 6.21 -5.03 7.27
N SER A 124 7.02 -4.33 6.50
CA SER A 124 8.40 -4.07 6.88
C SER A 124 8.49 -3.21 8.14
N MET A 125 7.62 -2.20 8.22
CA MET A 125 7.60 -1.31 9.37
C MET A 125 7.05 -2.03 10.61
N LEU A 126 6.25 -3.07 10.38
CA LEU A 126 5.70 -3.85 11.49
C LEU A 126 6.79 -4.72 12.10
N ALA A 127 7.75 -5.10 11.28
CA ALA A 127 8.87 -5.90 11.73
C ALA A 127 9.90 -5.02 12.42
N GLU A 128 10.17 -3.87 11.83
CA GLU A 128 11.11 -2.91 12.37
C GLU A 128 10.46 -1.53 12.45
N PRO A 129 9.85 -1.20 13.60
CA PRO A 129 9.18 0.08 13.81
C PRO A 129 10.14 1.27 13.78
N ASN A 130 10.34 1.82 12.59
CA ASN A 130 11.20 2.97 12.43
C ASN A 130 10.39 4.26 12.53
N ASP A 131 10.33 4.81 13.74
CA ASP A 131 9.56 6.03 13.98
C ASP A 131 10.08 7.18 13.14
N GLU A 132 9.30 7.57 12.14
CA GLU A 132 9.62 8.66 11.26
C GLU A 132 8.41 9.57 11.11
N SER A 133 7.39 9.29 11.89
CA SER A 133 6.15 10.04 11.83
C SER A 133 5.84 10.72 13.17
N GLY A 134 6.10 10.00 14.27
CA GLY A 134 5.82 10.55 15.59
C GLY A 134 4.33 10.61 15.85
N ALA A 135 3.61 9.62 15.35
CA ALA A 135 2.17 9.55 15.52
C ALA A 135 1.82 9.12 16.93
N ASN A 136 2.28 7.94 17.31
CA ASN A 136 2.02 7.41 18.65
C ASN A 136 3.23 7.70 19.53
N VAL A 137 3.20 8.87 20.17
CA VAL A 137 4.29 9.32 21.03
C VAL A 137 4.60 8.32 22.14
N ASP A 138 3.58 7.65 22.65
CA ASP A 138 3.76 6.66 23.72
C ASP A 138 4.64 5.51 23.21
N ALA A 139 4.28 5.00 22.05
CA ALA A 139 5.03 3.90 21.43
C ALA A 139 6.45 4.33 21.09
N SER A 140 6.58 5.53 20.52
CA SER A 140 7.88 6.07 20.15
C SER A 140 8.81 6.14 21.36
N LYS A 141 8.29 6.64 22.46
CA LYS A 141 9.06 6.77 23.69
C LYS A 141 9.46 5.40 24.23
N MET A 142 8.53 4.46 24.22
CA MET A 142 8.80 3.12 24.72
C MET A 142 9.82 2.38 23.87
N TRP A 143 9.71 2.53 22.54
CA TRP A 143 10.62 1.87 21.60
C TRP A 143 12.07 2.23 21.89
N ARG A 144 12.32 3.49 22.20
CA ARG A 144 13.66 3.96 22.49
C ARG A 144 14.06 3.72 23.94
N ASP A 145 13.09 3.84 24.85
CA ASP A 145 13.36 3.68 26.27
C ASP A 145 13.47 2.21 26.68
N ASP A 146 12.32 1.56 26.83
CA ASP A 146 12.29 0.15 27.24
C ASP A 146 11.89 -0.73 26.07
N ARG A 147 12.89 -1.33 25.44
CA ARG A 147 12.68 -2.21 24.30
C ARG A 147 11.90 -3.48 24.70
N GLU A 148 12.13 -3.94 25.92
CA GLU A 148 11.46 -5.14 26.41
C GLU A 148 9.97 -4.89 26.59
N GLN A 149 9.63 -3.81 27.28
CA GLN A 149 8.25 -3.44 27.52
C GLN A 149 7.47 -3.30 26.22
N PHE A 150 8.15 -2.78 25.19
CA PHE A 150 7.54 -2.58 23.90
C PHE A 150 7.02 -3.90 23.33
N TYR A 151 7.83 -4.95 23.46
CA TYR A 151 7.45 -6.27 22.96
C TYR A 151 6.33 -6.87 23.79
N LYS A 152 6.27 -6.51 25.07
CA LYS A 152 5.21 -7.01 25.95
C LYS A 152 3.87 -6.47 25.52
N ILE A 153 3.84 -5.17 25.22
CA ILE A 153 2.61 -4.51 24.77
C ILE A 153 2.25 -4.98 23.37
N ALA A 154 3.27 -5.18 22.54
CA ALA A 154 3.08 -5.63 21.17
C ALA A 154 2.40 -6.99 21.12
N LYS A 155 2.86 -7.91 21.97
CA LYS A 155 2.28 -9.26 22.03
C LYS A 155 0.81 -9.17 22.43
N GLN A 156 0.51 -8.27 23.36
CA GLN A 156 -0.86 -8.07 23.83
C GLN A 156 -1.76 -7.70 22.66
N ILE A 157 -1.22 -6.85 21.76
CA ILE A 157 -1.96 -6.41 20.59
C ILE A 157 -2.26 -7.62 19.70
N VAL A 158 -1.27 -8.50 19.55
CA VAL A 158 -1.43 -9.71 18.75
C VAL A 158 -2.55 -10.57 19.32
N GLN A 159 -2.54 -10.74 20.63
CA GLN A 159 -3.57 -11.51 21.32
C GLN A 159 -4.94 -10.90 21.07
N LYS A 160 -4.98 -9.57 21.03
CA LYS A 160 -6.22 -8.84 20.81
C LYS A 160 -6.71 -9.01 19.38
N SER A 161 -5.82 -8.90 18.41
CA SER A 161 -6.19 -9.05 17.00
C SER A 161 -6.75 -10.44 16.71
N LEU A 162 -6.11 -11.47 17.29
CA LEU A 162 -6.56 -12.83 17.08
C LEU A 162 -7.76 -13.13 17.98
N GLY A 163 -7.91 -12.38 19.05
CA GLY A 163 -9.02 -12.59 19.98
C GLY A 163 -8.75 -13.74 20.93
N LEU A 164 -7.51 -13.86 21.37
CA LEU A 164 -7.11 -14.92 22.28
C LEU A 164 -6.41 -14.34 23.50
N SER B 1 -17.70 -15.10 -11.47
CA SER B 1 -16.97 -13.86 -11.49
C SER B 1 -17.74 -12.74 -10.78
N ALA B 2 -19.04 -12.66 -11.05
CA ALA B 2 -19.90 -11.62 -10.46
C ALA B 2 -19.74 -11.49 -8.95
N ASP B 3 -19.96 -12.59 -8.23
CA ASP B 3 -19.85 -12.58 -6.78
C ASP B 3 -18.84 -13.62 -6.31
N GLU B 4 -18.24 -14.32 -7.25
CA GLU B 4 -17.27 -15.37 -6.95
C GLU B 4 -16.04 -14.83 -6.24
N ARG B 5 -15.57 -13.65 -6.65
CA ARG B 5 -14.37 -13.07 -6.07
C ARG B 5 -14.65 -12.59 -4.65
N GLN B 6 -15.82 -12.00 -4.45
CA GLN B 6 -16.21 -11.48 -3.14
C GLN B 6 -16.20 -12.58 -2.10
N ARG B 7 -16.77 -13.72 -2.44
CA ARG B 7 -16.84 -14.84 -1.51
C ARG B 7 -15.46 -15.48 -1.34
N MET B 8 -14.81 -15.75 -2.46
CA MET B 8 -13.46 -16.32 -2.45
C MET B 8 -12.55 -15.55 -1.49
N LEU B 9 -12.54 -14.23 -1.65
CA LEU B 9 -11.73 -13.34 -0.84
C LEU B 9 -12.03 -13.51 0.65
N VAL B 10 -13.30 -13.50 1.02
CA VAL B 10 -13.69 -13.66 2.43
C VAL B 10 -13.11 -14.96 2.98
N GLN B 11 -13.08 -15.99 2.14
CA GLN B 11 -12.54 -17.28 2.53
C GLN B 11 -11.07 -17.12 2.92
N ARG B 12 -10.31 -16.37 2.11
CA ARG B 12 -8.89 -16.15 2.39
C ARG B 12 -8.71 -15.41 3.70
N LYS B 13 -9.61 -14.45 3.95
CA LYS B 13 -9.53 -13.66 5.17
C LYS B 13 -9.81 -14.49 6.41
N ASP B 14 -10.76 -15.42 6.29
CA ASP B 14 -11.10 -16.28 7.41
C ASP B 14 -9.97 -17.26 7.63
N GLU B 15 -9.65 -18.02 6.58
CA GLU B 15 -8.55 -18.98 6.62
C GLU B 15 -7.32 -18.35 7.30
N LEU B 16 -6.72 -17.35 6.61
CA LEU B 16 -5.56 -16.60 7.12
C LEU B 16 -5.66 -16.40 8.63
N LEU B 17 -6.79 -15.84 9.06
CA LEU B 17 -7.04 -15.56 10.46
C LEU B 17 -7.01 -16.86 11.30
N GLN B 18 -7.87 -17.82 10.96
CA GLN B 18 -7.91 -19.11 11.68
C GLN B 18 -6.51 -19.75 11.75
N GLN B 19 -5.73 -19.55 10.70
CA GLN B 19 -4.37 -20.08 10.61
C GLN B 19 -3.47 -19.40 11.63
N ALA B 20 -3.44 -18.06 11.60
CA ALA B 20 -2.64 -17.28 12.54
C ALA B 20 -2.89 -17.73 13.96
N ARG B 21 -4.15 -18.03 14.24
CA ARG B 21 -4.57 -18.45 15.56
C ARG B 21 -4.00 -19.82 15.90
N LYS B 22 -4.22 -20.76 14.99
CA LYS B 22 -3.73 -22.13 15.16
C LYS B 22 -2.23 -22.12 15.38
N ARG B 23 -1.55 -21.23 14.69
CA ARG B 23 -0.11 -21.08 14.78
C ARG B 23 0.27 -20.48 16.12
N PHE B 24 -0.07 -19.20 16.31
CA PHE B 24 0.17 -18.47 17.56
C PHE B 24 0.03 -19.35 18.81
N LEU B 25 -1.01 -20.16 18.83
CA LEU B 25 -1.29 -21.03 19.97
C LEU B 25 -0.34 -22.23 20.00
N ASN B 26 -0.17 -22.90 18.85
CA ASN B 26 0.73 -24.06 18.74
C ASN B 26 2.16 -23.78 19.25
N LYS B 27 2.49 -22.51 19.42
CA LYS B 27 3.81 -22.12 19.89
C LYS B 27 3.86 -22.16 21.41
N ALA C 1 3.42 18.21 -26.21
CA ALA C 1 4.89 18.08 -26.25
C ALA C 1 5.29 16.62 -26.44
N VAL C 2 5.40 16.21 -27.69
CA VAL C 2 5.78 14.85 -28.02
C VAL C 2 6.86 14.87 -29.12
N ALA C 3 8.11 14.73 -28.72
CA ALA C 3 9.23 14.74 -29.67
C ALA C 3 9.49 13.36 -30.25
N THR C 4 8.83 12.34 -29.70
CA THR C 4 9.01 10.97 -30.14
C THR C 4 7.79 10.50 -30.96
N PRO C 5 8.01 9.68 -31.99
CA PRO C 5 6.92 9.16 -32.83
C PRO C 5 5.97 8.25 -32.05
N GLU C 6 4.77 8.06 -32.56
CA GLU C 6 3.76 7.23 -31.91
C GLU C 6 4.20 5.78 -31.83
N GLU C 7 5.19 5.40 -32.63
CA GLU C 7 5.70 4.04 -32.64
C GLU C 7 6.27 3.67 -31.28
N LEU C 8 6.79 4.67 -30.57
CA LEU C 8 7.36 4.46 -29.25
C LEU C 8 6.26 4.04 -28.27
N ALA C 9 5.06 4.58 -28.49
CA ALA C 9 3.91 4.28 -27.65
C ALA C 9 3.38 2.88 -27.94
N VAL C 10 3.70 2.37 -29.13
CA VAL C 10 3.28 1.04 -29.51
C VAL C 10 4.18 0.01 -28.85
N ASN C 11 5.46 0.35 -28.75
CA ASN C 11 6.45 -0.51 -28.12
C ASN C 11 6.16 -0.58 -26.62
N ASN C 12 5.95 0.57 -26.01
CA ASN C 12 5.64 0.65 -24.59
C ASN C 12 4.20 1.06 -24.41
N ASP C 13 3.29 0.09 -24.53
CA ASP C 13 1.87 0.35 -24.42
C ASP C 13 1.43 0.38 -22.95
N ASP C 14 2.22 1.04 -22.12
CA ASP C 14 1.92 1.16 -20.71
C ASP C 14 2.19 2.58 -20.23
N CYS C 15 1.96 2.83 -18.95
CA CYS C 15 2.17 4.14 -18.37
C CYS C 15 2.16 4.05 -16.84
N ALA C 16 3.32 4.20 -16.23
CA ALA C 16 3.45 4.13 -14.78
C ALA C 16 2.91 5.39 -14.10
N ILE C 17 1.83 5.94 -14.66
CA ILE C 17 1.20 7.14 -14.13
C ILE C 17 -0.32 7.04 -14.24
N CYS C 18 -0.80 6.88 -15.48
CA CYS C 18 -2.23 6.77 -15.74
C CYS C 18 -2.62 5.37 -16.19
N TRP C 19 -1.62 4.52 -16.38
CA TRP C 19 -1.83 3.15 -16.85
C TRP C 19 -2.32 3.19 -18.31
N ASP C 20 -2.67 2.02 -18.85
CA ASP C 20 -3.16 1.91 -20.22
C ASP C 20 -2.12 2.44 -21.21
N SER C 21 -2.56 2.80 -22.41
CA SER C 21 -1.69 3.31 -23.44
C SER C 21 -2.29 4.54 -24.12
N MET C 22 -1.41 5.39 -24.66
CA MET C 22 -1.83 6.60 -25.35
C MET C 22 -0.80 6.93 -26.43
N GLN C 23 -1.27 7.39 -27.58
CA GLN C 23 -0.38 7.72 -28.71
C GLN C 23 0.25 9.10 -28.53
N ALA C 24 0.96 9.28 -27.42
CA ALA C 24 1.62 10.54 -27.11
C ALA C 24 2.60 10.35 -25.96
N ALA C 25 3.74 9.74 -26.27
CA ALA C 25 4.76 9.48 -25.25
C ALA C 25 6.00 10.34 -25.43
N ARG C 26 6.49 10.87 -24.32
CA ARG C 26 7.69 11.69 -24.33
C ARG C 26 8.76 11.03 -23.47
N LYS C 27 10.02 11.27 -23.81
CA LYS C 27 11.13 10.69 -23.09
C LYS C 27 11.66 11.64 -22.02
N LEU C 28 11.91 11.09 -20.84
CA LEU C 28 12.44 11.86 -19.71
C LEU C 28 13.96 11.70 -19.65
N PRO C 29 14.65 12.67 -19.03
CA PRO C 29 16.13 12.65 -18.91
C PRO C 29 16.66 11.43 -18.16
N CYS C 30 15.79 10.76 -17.41
CA CYS C 30 16.20 9.59 -16.65
C CYS C 30 15.96 8.30 -17.45
N GLY C 31 15.58 8.47 -18.72
CA GLY C 31 15.34 7.31 -19.56
C GLY C 31 13.97 6.69 -19.32
N HIS C 32 12.99 7.54 -19.03
CA HIS C 32 11.65 7.08 -18.77
C HIS C 32 10.70 7.54 -19.87
N LEU C 33 9.76 6.69 -20.24
CA LEU C 33 8.80 7.03 -21.28
C LEU C 33 7.42 7.27 -20.67
N PHE C 34 7.00 8.52 -20.68
CA PHE C 34 5.70 8.88 -20.11
C PHE C 34 4.89 9.70 -21.08
N HIS C 35 3.57 9.53 -21.04
CA HIS C 35 2.68 10.27 -21.92
C HIS C 35 2.71 11.74 -21.57
N ASN C 36 2.67 12.60 -22.59
CA ASN C 36 2.72 14.05 -22.41
C ASN C 36 1.68 14.54 -21.39
N SER C 37 0.43 14.15 -21.60
CA SER C 37 -0.66 14.56 -20.72
C SER C 37 -0.44 14.07 -19.28
N CYS C 38 0.04 12.85 -19.15
CA CYS C 38 0.29 12.26 -17.84
C CYS C 38 1.49 12.91 -17.15
N LEU C 39 2.54 13.15 -17.92
CA LEU C 39 3.75 13.77 -17.38
C LEU C 39 3.45 15.15 -16.84
N ARG C 40 2.65 15.91 -17.58
CA ARG C 40 2.27 17.25 -17.16
C ARG C 40 1.53 17.21 -15.82
N SER C 41 0.59 16.27 -15.70
CA SER C 41 -0.17 16.12 -14.48
C SER C 41 0.72 15.82 -13.28
N TRP C 42 1.72 14.98 -13.48
CA TRP C 42 2.63 14.64 -12.41
C TRP C 42 3.56 15.81 -12.10
N LEU C 43 4.03 16.50 -13.14
CA LEU C 43 4.91 17.64 -12.97
C LEU C 43 4.22 18.75 -12.19
N GLU C 44 2.89 18.78 -12.27
CA GLU C 44 2.11 19.78 -11.55
C GLU C 44 1.99 19.44 -10.07
N GLN C 45 2.42 18.23 -9.72
CA GLN C 45 2.40 17.78 -8.34
C GLN C 45 3.81 17.86 -7.75
N ASP C 46 4.78 17.32 -8.48
CA ASP C 46 6.17 17.35 -8.05
C ASP C 46 7.08 17.21 -9.27
N THR C 47 8.33 17.60 -9.13
CA THR C 47 9.29 17.52 -10.23
C THR C 47 10.25 16.35 -10.04
N SER C 48 9.70 15.22 -9.64
CA SER C 48 10.49 14.02 -9.43
C SER C 48 9.98 12.87 -10.29
N CYS C 49 10.87 12.00 -10.73
CA CYS C 49 10.47 10.86 -11.54
C CYS C 49 10.05 9.69 -10.64
N PRO C 50 8.84 9.16 -10.84
CA PRO C 50 8.26 8.06 -10.03
C PRO C 50 9.25 6.97 -9.60
N THR C 51 9.70 6.15 -10.54
CA THR C 51 10.61 5.04 -10.22
C THR C 51 12.08 5.47 -10.08
N CYS C 52 12.31 6.75 -9.84
CA CYS C 52 13.67 7.25 -9.67
C CYS C 52 13.78 8.06 -8.38
N ARG C 53 12.71 8.77 -8.05
CA ARG C 53 12.64 9.61 -6.85
C ARG C 53 13.71 10.69 -6.88
N MET C 54 14.07 11.07 -8.10
CA MET C 54 15.08 12.11 -8.31
C MET C 54 14.46 13.27 -9.06
N SER C 55 14.84 14.48 -8.68
CA SER C 55 14.33 15.68 -9.30
C SER C 55 14.97 15.90 -10.67
N LEU C 56 14.13 16.03 -11.70
CA LEU C 56 14.61 16.25 -13.05
C LEU C 56 14.69 17.74 -13.35
N ASN C 57 15.85 18.18 -13.80
CA ASN C 57 16.08 19.59 -14.09
C ASN C 57 15.97 19.87 -15.59
N ILE C 58 15.57 18.86 -16.35
CA ILE C 58 15.43 19.00 -17.79
C ILE C 58 14.44 17.97 -18.31
ZN ZN D . -0.42 7.89 -19.71
ZN ZN E . 12.74 7.49 -14.63
N ALA A 1 -15.22 4.11 -17.33
CA ALA A 1 -14.07 3.61 -16.55
C ALA A 1 -12.89 4.56 -16.69
N GLY A 2 -12.48 5.16 -15.58
CA GLY A 2 -11.36 6.08 -15.60
C GLY A 2 -10.06 5.42 -15.22
N THR A 3 -9.04 6.23 -15.03
CA THR A 3 -7.70 5.76 -14.66
C THR A 3 -7.72 4.96 -13.37
N ALA A 4 -8.47 5.44 -12.39
CA ALA A 4 -8.57 4.80 -11.09
C ALA A 4 -9.18 3.41 -11.18
N LEU A 5 -10.40 3.34 -11.72
CA LEU A 5 -11.12 2.08 -11.84
C LEU A 5 -10.33 1.02 -12.61
N LYS A 6 -9.82 1.38 -13.77
CA LYS A 6 -9.07 0.43 -14.60
C LYS A 6 -7.82 -0.06 -13.89
N ARG A 7 -7.04 0.87 -13.34
CA ARG A 7 -5.81 0.51 -12.65
C ARG A 7 -6.09 -0.29 -11.37
N LEU A 8 -7.11 0.13 -10.62
CA LEU A 8 -7.47 -0.54 -9.38
C LEU A 8 -7.91 -1.97 -9.63
N MET A 9 -8.74 -2.17 -10.66
CA MET A 9 -9.22 -3.51 -10.99
C MET A 9 -8.05 -4.41 -11.39
N ALA A 10 -7.07 -3.83 -12.06
CA ALA A 10 -5.89 -4.58 -12.48
C ALA A 10 -5.07 -5.00 -11.26
N GLU A 11 -5.03 -4.11 -10.26
CA GLU A 11 -4.29 -4.38 -9.04
C GLU A 11 -4.96 -5.50 -8.25
N TYR A 12 -6.28 -5.44 -8.12
CA TYR A 12 -7.03 -6.48 -7.39
C TYR A 12 -6.84 -7.81 -8.09
N LYS A 13 -6.81 -7.78 -9.42
CA LYS A 13 -6.60 -8.97 -10.23
C LYS A 13 -5.23 -9.57 -9.95
N GLN A 14 -4.24 -8.70 -9.85
CA GLN A 14 -2.88 -9.13 -9.57
C GLN A 14 -2.77 -9.68 -8.15
N LEU A 15 -3.52 -9.10 -7.24
CA LEU A 15 -3.52 -9.51 -5.83
C LEU A 15 -4.20 -10.87 -5.64
N THR A 16 -4.96 -11.31 -6.63
CA THR A 16 -5.63 -12.60 -6.55
C THR A 16 -4.87 -13.62 -7.38
N LEU A 17 -4.27 -13.16 -8.47
CA LEU A 17 -3.47 -14.01 -9.34
C LEU A 17 -2.21 -14.43 -8.61
N ASN A 18 -1.61 -13.46 -7.93
CA ASN A 18 -0.39 -13.68 -7.16
C ASN A 18 -0.56 -13.08 -5.76
N PRO A 19 -1.16 -13.86 -4.84
CA PRO A 19 -1.41 -13.42 -3.48
C PRO A 19 -0.26 -13.71 -2.53
N PRO A 20 0.38 -12.66 -2.00
CA PRO A 20 1.48 -12.80 -1.05
C PRO A 20 1.03 -13.52 0.22
N GLU A 21 1.80 -14.51 0.64
CA GLU A 21 1.47 -15.28 1.83
C GLU A 21 1.41 -14.39 3.07
N GLY A 22 0.21 -14.28 3.63
CA GLY A 22 0.03 -13.47 4.82
C GLY A 22 -0.58 -12.12 4.52
N ILE A 23 -0.85 -11.84 3.24
CA ILE A 23 -1.43 -10.56 2.86
C ILE A 23 -2.74 -10.73 2.10
N VAL A 24 -3.82 -10.22 2.68
CA VAL A 24 -5.13 -10.27 2.07
C VAL A 24 -5.59 -8.86 1.75
N ALA A 25 -6.03 -8.62 0.52
CA ALA A 25 -6.49 -7.31 0.12
C ALA A 25 -7.55 -7.40 -0.96
N GLY A 26 -8.56 -6.53 -0.87
CA GLY A 26 -9.63 -6.52 -1.84
C GLY A 26 -10.72 -5.54 -1.46
N PRO A 27 -11.55 -5.13 -2.43
CA PRO A 27 -12.65 -4.18 -2.16
C PRO A 27 -13.76 -4.79 -1.32
N MET A 28 -14.46 -3.94 -0.58
CA MET A 28 -15.57 -4.39 0.26
C MET A 28 -16.72 -4.92 -0.59
N ASN A 29 -16.79 -4.44 -1.82
CA ASN A 29 -17.83 -4.85 -2.75
C ASN A 29 -17.36 -4.67 -4.19
N GLU A 30 -17.82 -5.52 -5.09
CA GLU A 30 -17.43 -5.44 -6.49
C GLU A 30 -18.01 -4.21 -7.16
N GLU A 31 -19.09 -3.69 -6.59
CA GLU A 31 -19.74 -2.50 -7.11
C GLU A 31 -19.20 -1.26 -6.40
N ASN A 32 -18.16 -1.45 -5.60
CA ASN A 32 -17.53 -0.35 -4.87
C ASN A 32 -16.04 -0.62 -4.68
N PHE A 33 -15.24 -0.16 -5.63
CA PHE A 33 -13.80 -0.35 -5.57
C PHE A 33 -13.12 0.84 -4.90
N PHE A 34 -13.83 1.49 -3.99
CA PHE A 34 -13.30 2.65 -3.29
C PHE A 34 -12.76 2.26 -1.92
N GLU A 35 -13.54 1.49 -1.17
CA GLU A 35 -13.13 1.05 0.16
C GLU A 35 -12.63 -0.39 0.09
N TRP A 36 -11.35 -0.58 0.38
CA TRP A 36 -10.75 -1.90 0.35
C TRP A 36 -10.44 -2.39 1.76
N GLU A 37 -10.50 -3.70 1.95
CA GLU A 37 -10.18 -4.31 3.23
C GLU A 37 -8.89 -5.10 3.12
N ALA A 38 -8.00 -4.91 4.06
CA ALA A 38 -6.73 -5.60 4.04
C ALA A 38 -6.45 -6.31 5.35
N LEU A 39 -6.21 -7.61 5.26
CA LEU A 39 -5.88 -8.41 6.43
C LEU A 39 -4.42 -8.79 6.32
N ILE A 40 -3.56 -8.08 7.02
CA ILE A 40 -2.14 -8.34 6.99
C ILE A 40 -1.71 -9.09 8.23
N MET A 41 -1.13 -10.26 8.05
CA MET A 41 -0.65 -11.07 9.16
C MET A 41 0.81 -10.76 9.43
N GLY A 42 1.08 -10.32 10.65
CA GLY A 42 2.44 -10.00 11.05
C GLY A 42 3.42 -11.12 10.75
N PRO A 43 4.58 -10.79 10.14
CA PRO A 43 5.60 -11.78 9.78
C PRO A 43 6.12 -12.54 11.00
N GLU A 44 6.50 -13.80 10.77
CA GLU A 44 7.01 -14.65 11.85
C GLU A 44 8.33 -14.13 12.39
N ASP A 45 8.61 -14.45 13.65
CA ASP A 45 9.85 -14.05 14.32
C ASP A 45 9.92 -12.53 14.52
N THR A 46 8.79 -11.96 14.93
CA THR A 46 8.72 -10.53 15.19
C THR A 46 7.88 -10.28 16.44
N CYS A 47 7.63 -9.01 16.74
CA CYS A 47 6.84 -8.65 17.91
C CYS A 47 5.35 -8.66 17.58
N PHE A 48 5.02 -8.85 16.30
CA PHE A 48 3.64 -8.88 15.86
C PHE A 48 3.39 -10.11 14.97
N GLU A 49 4.14 -11.17 15.20
CA GLU A 49 4.00 -12.38 14.41
C GLU A 49 2.63 -13.02 14.60
N PHE A 50 2.02 -13.43 13.49
CA PHE A 50 0.71 -14.08 13.47
C PHE A 50 -0.41 -13.11 13.82
N GLY A 51 -0.14 -11.83 13.65
CA GLY A 51 -1.15 -10.84 13.94
C GLY A 51 -1.99 -10.49 12.73
N VAL A 52 -3.18 -11.09 12.66
CA VAL A 52 -4.11 -10.82 11.55
C VAL A 52 -4.76 -9.46 11.79
N PHE A 53 -4.11 -8.40 11.31
CA PHE A 53 -4.58 -7.04 11.50
C PHE A 53 -5.49 -6.56 10.38
N PRO A 54 -6.69 -6.08 10.75
CA PRO A 54 -7.65 -5.54 9.80
C PRO A 54 -7.43 -4.06 9.49
N ALA A 55 -7.17 -3.75 8.23
CA ALA A 55 -6.95 -2.38 7.81
C ALA A 55 -7.86 -2.01 6.66
N ILE A 56 -8.32 -0.77 6.66
CA ILE A 56 -9.20 -0.28 5.60
C ILE A 56 -8.46 0.72 4.74
N LEU A 57 -8.57 0.57 3.43
CA LEU A 57 -7.90 1.47 2.50
C LEU A 57 -8.91 2.20 1.63
N SER A 58 -9.05 3.50 1.89
CA SER A 58 -9.96 4.33 1.12
C SER A 58 -9.22 4.97 -0.04
N PHE A 59 -9.58 4.60 -1.25
CA PHE A 59 -8.93 5.12 -2.45
C PHE A 59 -9.61 6.38 -2.98
N PRO A 60 -8.80 7.36 -3.41
CA PRO A 60 -9.30 8.63 -3.96
C PRO A 60 -9.83 8.45 -5.39
N LEU A 61 -10.63 9.40 -5.83
CA LEU A 61 -11.21 9.33 -7.17
C LEU A 61 -10.21 9.73 -8.26
N ASP A 62 -9.06 10.26 -7.86
CA ASP A 62 -8.04 10.68 -8.80
C ASP A 62 -6.85 9.71 -8.80
N TYR A 63 -7.07 8.53 -8.24
CA TYR A 63 -6.05 7.49 -8.19
C TYR A 63 -5.49 7.19 -9.58
N PRO A 64 -4.19 6.88 -9.71
CA PRO A 64 -3.25 6.79 -8.59
C PRO A 64 -2.42 8.06 -8.37
N LEU A 65 -2.98 9.22 -8.68
CA LEU A 65 -2.27 10.47 -8.48
C LEU A 65 -2.20 10.81 -7.00
N SER A 66 -3.15 10.28 -6.24
CA SER A 66 -3.20 10.48 -4.81
C SER A 66 -3.12 9.12 -4.10
N PRO A 67 -2.56 9.08 -2.88
CA PRO A 67 -2.41 7.85 -2.11
C PRO A 67 -3.69 7.47 -1.37
N PRO A 68 -3.91 6.17 -1.13
CA PRO A 68 -5.09 5.69 -0.41
C PRO A 68 -4.97 5.93 1.08
N LYS A 69 -6.10 6.12 1.74
CA LYS A 69 -6.14 6.35 3.17
C LYS A 69 -6.19 5.02 3.91
N MET A 70 -5.05 4.60 4.43
CA MET A 70 -4.97 3.34 5.16
C MET A 70 -5.14 3.55 6.66
N ARG A 71 -6.13 2.89 7.23
CA ARG A 71 -6.42 3.00 8.65
C ARG A 71 -6.83 1.64 9.20
N PHE A 72 -6.29 1.28 10.36
CA PHE A 72 -6.61 0.01 11.00
C PHE A 72 -7.97 0.07 11.69
N THR A 73 -8.61 -1.09 11.81
CA THR A 73 -9.92 -1.18 12.45
C THR A 73 -9.84 -1.98 13.74
N CYS A 74 -8.71 -1.84 14.44
CA CYS A 74 -8.50 -2.54 15.69
C CYS A 74 -7.51 -1.77 16.56
N GLU A 75 -7.27 -2.26 17.76
CA GLU A 75 -6.33 -1.63 18.67
C GLU A 75 -4.90 -1.88 18.19
N MET A 76 -4.04 -0.88 18.32
CA MET A 76 -2.66 -1.01 17.88
C MET A 76 -1.73 -0.19 18.76
N PHE A 77 -0.45 -0.52 18.72
CA PHE A 77 0.56 0.16 19.50
C PHE A 77 1.82 0.34 18.68
N HIS A 78 1.74 1.20 17.68
CA HIS A 78 2.88 1.46 16.81
C HIS A 78 3.12 2.97 16.70
N PRO A 79 4.38 3.41 16.84
CA PRO A 79 4.74 4.84 16.77
C PRO A 79 4.30 5.53 15.48
N ASN A 80 4.28 4.79 14.37
CA ASN A 80 3.90 5.35 13.08
C ASN A 80 2.39 5.30 12.86
N ILE A 81 1.65 4.80 13.84
CA ILE A 81 0.21 4.70 13.72
C ILE A 81 -0.50 5.64 14.70
N TYR A 82 -1.44 6.42 14.17
CA TYR A 82 -2.22 7.35 14.98
C TYR A 82 -3.16 6.58 15.90
N PRO A 83 -3.62 7.20 16.99
CA PRO A 83 -4.53 6.57 17.95
C PRO A 83 -5.81 6.05 17.29
N ASP A 84 -6.20 6.65 16.17
CA ASP A 84 -7.41 6.22 15.46
C ASP A 84 -7.09 5.09 14.47
N GLY A 85 -5.82 4.71 14.39
CA GLY A 85 -5.42 3.63 13.51
C GLY A 85 -4.88 4.08 12.16
N ARG A 86 -4.80 5.39 11.95
CA ARG A 86 -4.30 5.91 10.68
C ARG A 86 -2.79 5.71 10.54
N VAL A 87 -2.40 5.18 9.39
CA VAL A 87 -0.99 4.95 9.09
C VAL A 87 -0.49 6.05 8.16
N CYS A 88 0.45 6.85 8.61
CA CYS A 88 0.97 7.93 7.78
C CYS A 88 2.49 7.89 7.70
N ILE A 89 3.00 7.07 6.79
CA ILE A 89 4.43 6.94 6.58
C ILE A 89 4.83 7.61 5.27
N SER A 90 6.13 7.81 5.07
CA SER A 90 6.66 8.46 3.87
C SER A 90 6.07 7.91 2.55
N ILE A 91 5.93 6.59 2.45
CA ILE A 91 5.40 5.97 1.22
C ILE A 91 3.93 6.35 0.99
N LEU A 92 3.27 6.84 2.03
CA LEU A 92 1.87 7.23 1.94
C LEU A 92 1.74 8.74 2.01
N HIS A 93 2.85 9.44 1.88
CA HIS A 93 2.87 10.89 1.91
C HIS A 93 3.04 11.45 0.50
N ALA A 94 2.08 12.24 0.06
CA ALA A 94 2.14 12.82 -1.27
C ALA A 94 2.68 14.24 -1.22
N PRO A 95 3.57 14.61 -2.15
CA PRO A 95 4.13 15.96 -2.22
C PRO A 95 3.09 16.96 -2.70
N GLY A 96 3.04 18.11 -2.04
CA GLY A 96 2.08 19.14 -2.42
C GLY A 96 0.66 18.76 -2.03
N SER A 105 14.57 14.17 1.54
CA SER A 105 13.77 13.27 2.34
C SER A 105 13.73 11.88 1.72
N ALA A 106 13.05 10.95 2.37
CA ALA A 106 12.93 9.59 1.86
C ALA A 106 11.95 9.55 0.69
N GLU A 107 11.65 8.35 0.21
CA GLU A 107 10.73 8.20 -0.92
C GLU A 107 9.30 8.55 -0.49
N ARG A 108 8.59 9.22 -1.39
CA ARG A 108 7.22 9.63 -1.13
C ARG A 108 6.29 8.92 -2.11
N TRP A 109 5.03 9.35 -2.14
CA TRP A 109 4.06 8.75 -3.03
C TRP A 109 4.43 9.04 -4.49
N SER A 110 4.24 8.03 -5.32
CA SER A 110 4.51 8.13 -6.74
C SER A 110 3.51 7.26 -7.49
N PRO A 111 3.11 7.66 -8.72
CA PRO A 111 2.14 6.90 -9.52
C PRO A 111 2.57 5.45 -9.78
N VAL A 112 3.88 5.20 -9.67
CA VAL A 112 4.42 3.86 -9.90
C VAL A 112 4.22 2.98 -8.67
N GLN A 113 3.89 3.59 -7.54
CA GLN A 113 3.66 2.85 -6.31
C GLN A 113 2.28 2.23 -6.33
N SER A 114 2.24 0.91 -6.21
CA SER A 114 0.98 0.19 -6.24
C SER A 114 0.58 -0.27 -4.82
N VAL A 115 -0.62 -0.81 -4.72
CA VAL A 115 -1.17 -1.27 -3.44
C VAL A 115 -0.28 -2.30 -2.74
N GLU A 116 0.20 -3.30 -3.47
CA GLU A 116 1.04 -4.34 -2.87
C GLU A 116 2.32 -3.74 -2.29
N LYS A 117 2.84 -2.72 -2.96
CA LYS A 117 4.07 -2.05 -2.50
C LYS A 117 3.80 -1.27 -1.22
N ILE A 118 2.60 -0.73 -1.11
CA ILE A 118 2.22 0.01 0.10
C ILE A 118 2.11 -0.95 1.26
N LEU A 119 1.45 -2.08 1.02
CA LEU A 119 1.27 -3.10 2.04
C LEU A 119 2.61 -3.64 2.51
N LEU A 120 3.53 -3.84 1.56
CA LEU A 120 4.86 -4.33 1.87
C LEU A 120 5.59 -3.37 2.80
N SER A 121 5.37 -2.08 2.60
CA SER A 121 5.98 -1.06 3.43
C SER A 121 5.48 -1.16 4.85
N VAL A 122 4.16 -1.34 4.99
CA VAL A 122 3.54 -1.46 6.31
C VAL A 122 4.07 -2.70 7.02
N VAL A 123 4.17 -3.80 6.29
CA VAL A 123 4.69 -5.05 6.83
C VAL A 123 6.12 -4.85 7.33
N SER A 124 6.91 -4.12 6.56
CA SER A 124 8.29 -3.84 6.92
C SER A 124 8.36 -2.98 8.17
N MET A 125 7.46 -2.00 8.27
CA MET A 125 7.44 -1.10 9.43
C MET A 125 6.95 -1.84 10.67
N LEU A 126 6.22 -2.94 10.47
CA LEU A 126 5.71 -3.73 11.59
C LEU A 126 6.85 -4.57 12.16
N ALA A 127 7.71 -5.06 11.28
CA ALA A 127 8.85 -5.87 11.70
C ALA A 127 9.94 -4.96 12.27
N GLU A 128 10.09 -3.80 11.67
CA GLU A 128 11.07 -2.81 12.09
C GLU A 128 10.39 -1.47 12.34
N PRO A 129 9.88 -1.25 13.55
CA PRO A 129 9.20 0.00 13.93
C PRO A 129 10.14 1.20 13.85
N ASN A 130 10.10 1.88 12.72
CA ASN A 130 10.93 3.06 12.50
C ASN A 130 10.09 4.32 12.59
N ASP A 131 9.99 4.85 13.81
CA ASP A 131 9.20 6.06 14.03
C ASP A 131 9.74 7.23 13.22
N GLU A 132 8.91 7.76 12.36
CA GLU A 132 9.28 8.88 11.51
C GLU A 132 8.15 9.92 11.49
N SER A 133 6.97 9.49 11.91
CA SER A 133 5.80 10.34 11.94
C SER A 133 5.51 10.87 13.34
N GLY A 134 5.81 10.08 14.36
CA GLY A 134 5.53 10.49 15.72
C GLY A 134 4.04 10.57 15.98
N ALA A 135 3.31 9.58 15.48
CA ALA A 135 1.87 9.53 15.65
C ALA A 135 1.51 9.07 17.05
N ASN A 136 2.13 7.97 17.47
CA ASN A 136 1.91 7.44 18.80
C ASN A 136 3.16 7.66 19.63
N VAL A 137 3.30 8.90 20.11
CA VAL A 137 4.45 9.31 20.90
C VAL A 137 4.66 8.43 22.13
N ASP A 138 3.57 7.91 22.70
CA ASP A 138 3.67 7.05 23.87
C ASP A 138 4.42 5.78 23.51
N ALA A 139 4.16 5.29 22.30
CA ALA A 139 4.83 4.09 21.81
C ALA A 139 6.26 4.41 21.42
N SER A 140 6.48 5.59 20.85
CA SER A 140 7.80 6.04 20.45
C SER A 140 8.74 6.08 21.65
N LYS A 141 8.26 6.68 22.72
CA LYS A 141 9.05 6.80 23.95
C LYS A 141 9.35 5.43 24.52
N MET A 142 8.35 4.56 24.53
CA MET A 142 8.51 3.22 25.06
C MET A 142 9.51 2.42 24.24
N TRP A 143 9.37 2.48 22.91
CA TRP A 143 10.26 1.75 22.00
C TRP A 143 11.72 2.12 22.24
N ARG A 144 11.97 3.41 22.44
CA ARG A 144 13.33 3.89 22.65
C ARG A 144 13.83 3.64 24.07
N ASP A 145 12.98 3.88 25.06
CA ASP A 145 13.38 3.72 26.46
C ASP A 145 13.34 2.28 26.94
N ASP A 146 12.17 1.65 26.88
CA ASP A 146 12.03 0.28 27.35
C ASP A 146 11.53 -0.64 26.25
N ARG A 147 12.46 -1.32 25.59
CA ARG A 147 12.13 -2.23 24.50
C ARG A 147 11.36 -3.44 25.03
N GLU A 148 11.67 -3.85 26.25
CA GLU A 148 11.02 -4.99 26.89
C GLU A 148 9.52 -4.74 27.04
N GLN A 149 9.17 -3.61 27.63
CA GLN A 149 7.78 -3.25 27.86
C GLN A 149 7.02 -3.15 26.54
N PHE A 150 7.68 -2.60 25.52
CA PHE A 150 7.07 -2.45 24.21
C PHE A 150 6.66 -3.80 23.66
N TYR A 151 7.55 -4.79 23.82
CA TYR A 151 7.29 -6.14 23.34
C TYR A 151 6.13 -6.79 24.07
N LYS A 152 5.97 -6.48 25.35
CA LYS A 152 4.89 -7.05 26.14
C LYS A 152 3.55 -6.57 25.59
N ILE A 153 3.46 -5.28 25.32
CA ILE A 153 2.25 -4.69 24.77
C ILE A 153 2.05 -5.16 23.34
N ALA A 154 3.14 -5.22 22.59
CA ALA A 154 3.11 -5.65 21.19
C ALA A 154 2.54 -7.06 21.07
N LYS A 155 3.06 -7.98 21.86
CA LYS A 155 2.59 -9.36 21.83
C LYS A 155 1.13 -9.43 22.28
N GLN A 156 0.76 -8.55 23.21
CA GLN A 156 -0.61 -8.51 23.71
C GLN A 156 -1.55 -8.06 22.59
N ILE A 157 -1.05 -7.20 21.72
CA ILE A 157 -1.83 -6.71 20.59
C ILE A 157 -2.20 -7.89 19.68
N VAL A 158 -1.27 -8.84 19.55
CA VAL A 158 -1.49 -10.02 18.73
C VAL A 158 -2.60 -10.87 19.35
N GLN A 159 -2.57 -11.00 20.68
CA GLN A 159 -3.58 -11.76 21.40
C GLN A 159 -4.95 -11.12 21.19
N LYS A 160 -4.96 -9.80 21.17
CA LYS A 160 -6.17 -9.02 20.99
C LYS A 160 -6.69 -9.12 19.56
N SER A 161 -5.80 -9.02 18.59
CA SER A 161 -6.19 -9.08 17.18
C SER A 161 -6.63 -10.49 16.78
N LEU A 162 -5.92 -11.50 17.26
CA LEU A 162 -6.28 -12.88 16.94
C LEU A 162 -7.53 -13.31 17.70
N GLY A 163 -7.89 -12.56 18.73
CA GLY A 163 -9.06 -12.88 19.51
C GLY A 163 -8.85 -14.10 20.38
N LEU A 164 -7.77 -14.08 21.14
CA LEU A 164 -7.45 -15.19 22.03
C LEU A 164 -7.29 -14.71 23.46
N SER B 1 -16.25 -15.15 -11.33
CA SER B 1 -16.91 -13.96 -11.82
C SER B 1 -17.01 -12.89 -10.72
N ALA B 2 -17.83 -11.88 -10.99
CA ALA B 2 -18.09 -10.76 -10.08
C ALA B 2 -18.29 -11.17 -8.63
N ASP B 3 -19.08 -12.18 -8.36
CA ASP B 3 -19.34 -12.49 -6.96
C ASP B 3 -18.68 -13.81 -6.56
N GLU B 4 -18.09 -14.48 -7.54
CA GLU B 4 -17.31 -15.68 -7.26
C GLU B 4 -16.10 -15.26 -6.44
N ARG B 5 -15.55 -14.10 -6.82
CA ARG B 5 -14.37 -13.53 -6.18
C ARG B 5 -14.70 -13.01 -4.78
N GLN B 6 -15.87 -12.40 -4.65
CA GLN B 6 -16.31 -11.84 -3.37
C GLN B 6 -16.27 -12.88 -2.25
N ARG B 7 -16.78 -14.07 -2.53
CA ARG B 7 -16.77 -15.13 -1.55
C ARG B 7 -15.35 -15.64 -1.35
N MET B 8 -14.65 -15.86 -2.47
CA MET B 8 -13.25 -16.30 -2.46
C MET B 8 -12.43 -15.44 -1.50
N LEU B 9 -12.55 -14.13 -1.64
CA LEU B 9 -11.82 -13.16 -0.83
C LEU B 9 -12.07 -13.41 0.66
N VAL B 10 -13.34 -13.54 1.04
CA VAL B 10 -13.69 -13.80 2.44
C VAL B 10 -12.99 -15.07 2.94
N GLN B 11 -12.88 -16.06 2.06
CA GLN B 11 -12.23 -17.32 2.38
C GLN B 11 -10.77 -17.08 2.79
N ARG B 12 -10.08 -16.18 2.07
CA ARG B 12 -8.68 -15.88 2.38
C ARG B 12 -8.56 -15.28 3.77
N LYS B 13 -9.52 -14.43 4.12
CA LYS B 13 -9.53 -13.80 5.43
C LYS B 13 -9.81 -14.80 6.53
N ASP B 14 -10.64 -15.77 6.22
CA ASP B 14 -10.99 -16.80 7.18
C ASP B 14 -9.76 -17.65 7.43
N GLU B 15 -9.26 -18.25 6.35
CA GLU B 15 -8.04 -19.05 6.39
C GLU B 15 -6.93 -18.34 7.17
N LEU B 16 -6.42 -17.26 6.56
CA LEU B 16 -5.33 -16.45 7.13
C LEU B 16 -5.47 -16.25 8.64
N LEU B 17 -6.60 -15.72 9.05
CA LEU B 17 -6.84 -15.44 10.45
C LEU B 17 -6.75 -16.71 11.31
N GLN B 18 -7.59 -17.69 11.01
CA GLN B 18 -7.57 -18.96 11.74
C GLN B 18 -6.18 -19.63 11.71
N GLN B 19 -5.45 -19.41 10.61
CA GLN B 19 -4.12 -19.98 10.44
C GLN B 19 -3.17 -19.36 11.46
N ALA B 20 -3.16 -18.02 11.47
CA ALA B 20 -2.34 -17.28 12.43
C ALA B 20 -2.54 -17.79 13.84
N ARG B 21 -3.79 -18.11 14.13
CA ARG B 21 -4.18 -18.59 15.44
C ARG B 21 -3.56 -19.95 15.74
N LYS B 22 -3.73 -20.88 14.81
CA LYS B 22 -3.17 -22.23 14.91
C LYS B 22 -1.67 -22.19 15.15
N ARG B 23 -1.04 -21.25 14.48
CA ARG B 23 0.40 -21.04 14.58
C ARG B 23 0.77 -20.38 15.91
N PHE B 24 0.36 -19.13 16.07
CA PHE B 24 0.60 -18.32 17.30
C PHE B 24 0.56 -19.11 18.60
N LEU B 25 -0.42 -20.00 18.73
CA LEU B 25 -0.59 -20.80 19.93
C LEU B 25 0.45 -21.92 19.99
N ASN B 26 0.64 -22.63 18.90
CA ASN B 26 1.64 -23.72 18.83
C ASN B 26 3.08 -23.23 19.15
N LYS B 27 3.28 -21.91 19.13
CA LYS B 27 4.59 -21.32 19.38
C LYS B 27 5.02 -21.48 20.83
N ALA C 1 4.31 18.85 -27.43
CA ALA C 1 5.73 18.49 -27.64
C ALA C 1 5.92 16.98 -27.73
N VAL C 2 5.58 16.41 -28.86
CA VAL C 2 5.72 14.97 -29.08
C VAL C 2 6.87 14.71 -30.05
N ALA C 3 8.09 14.76 -29.52
CA ALA C 3 9.28 14.55 -30.32
C ALA C 3 9.43 13.08 -30.71
N THR C 4 8.89 12.21 -29.88
CA THR C 4 8.95 10.78 -30.13
C THR C 4 7.80 10.35 -31.04
N PRO C 5 8.08 9.47 -32.02
CA PRO C 5 7.07 8.98 -32.96
C PRO C 5 5.98 8.19 -32.26
N GLU C 6 4.80 8.15 -32.88
CA GLU C 6 3.65 7.44 -32.31
C GLU C 6 3.93 5.94 -32.23
N GLU C 7 4.91 5.48 -33.01
CA GLU C 7 5.28 4.06 -33.02
C GLU C 7 5.74 3.63 -31.63
N LEU C 8 6.34 4.56 -30.90
CA LEU C 8 6.82 4.30 -29.55
C LEU C 8 5.65 3.98 -28.63
N ALA C 9 4.54 4.69 -28.83
CA ALA C 9 3.35 4.49 -28.03
C ALA C 9 2.67 3.18 -28.39
N VAL C 10 2.86 2.75 -29.63
CA VAL C 10 2.29 1.50 -30.11
C VAL C 10 3.06 0.32 -29.52
N ASN C 11 4.37 0.46 -29.43
CA ASN C 11 5.20 -0.60 -28.87
C ASN C 11 5.05 -0.62 -27.36
N ASN C 12 5.19 0.55 -26.75
CA ASN C 12 5.06 0.68 -25.31
C ASN C 12 3.66 1.19 -24.95
N ASP C 13 2.69 0.29 -25.02
CA ASP C 13 1.30 0.63 -24.74
C ASP C 13 1.02 0.62 -23.23
N ASP C 14 1.95 1.18 -22.47
CA ASP C 14 1.81 1.23 -21.02
C ASP C 14 2.00 2.65 -20.51
N CYS C 15 1.80 2.83 -19.21
CA CYS C 15 1.94 4.12 -18.56
C CYS C 15 1.92 3.94 -17.05
N ALA C 16 3.09 4.07 -16.42
CA ALA C 16 3.21 3.92 -14.97
C ALA C 16 2.66 5.13 -14.22
N ILE C 17 1.63 5.76 -14.78
CA ILE C 17 1.01 6.93 -14.17
C ILE C 17 -0.51 6.86 -14.30
N CYS C 18 -0.99 6.77 -15.53
CA CYS C 18 -2.43 6.73 -15.79
C CYS C 18 -2.88 5.37 -16.31
N TRP C 19 -1.92 4.48 -16.55
CA TRP C 19 -2.22 3.16 -17.10
C TRP C 19 -2.77 3.32 -18.52
N ASP C 20 -3.40 2.26 -19.04
CA ASP C 20 -3.98 2.28 -20.38
C ASP C 20 -2.93 2.63 -21.44
N SER C 21 -3.38 3.12 -22.59
CA SER C 21 -2.46 3.50 -23.66
C SER C 21 -2.91 4.81 -24.30
N MET C 22 -1.96 5.67 -24.61
CA MET C 22 -2.25 6.96 -25.23
C MET C 22 -1.23 7.23 -26.33
N GLN C 23 -1.69 7.79 -27.44
CA GLN C 23 -0.80 8.09 -28.57
C GLN C 23 -0.06 9.42 -28.36
N ALA C 24 0.69 9.50 -27.27
CA ALA C 24 1.46 10.70 -26.94
C ALA C 24 2.36 10.42 -25.75
N ALA C 25 3.64 10.21 -26.02
CA ALA C 25 4.60 9.92 -24.96
C ALA C 25 5.93 10.61 -25.19
N ARG C 26 6.65 10.85 -24.10
CA ARG C 26 7.95 11.50 -24.15
C ARG C 26 8.96 10.69 -23.33
N LYS C 27 10.17 10.60 -23.84
CA LYS C 27 11.23 9.86 -23.16
C LYS C 27 11.95 10.77 -22.16
N LEU C 28 11.89 10.40 -20.90
CA LEU C 28 12.55 11.18 -19.85
C LEU C 28 14.03 10.85 -19.81
N PRO C 29 14.87 11.81 -19.39
CA PRO C 29 16.34 11.63 -19.32
C PRO C 29 16.77 10.53 -18.35
N CYS C 30 15.81 10.01 -17.59
CA CYS C 30 16.09 8.97 -16.62
C CYS C 30 15.68 7.59 -17.17
N GLY C 31 15.58 7.50 -18.49
CA GLY C 31 15.21 6.25 -19.13
C GLY C 31 13.80 5.80 -18.79
N HIS C 32 12.82 6.64 -19.08
CA HIS C 32 11.43 6.31 -18.79
C HIS C 32 10.51 6.90 -19.85
N LEU C 33 9.51 6.11 -20.25
CA LEU C 33 8.56 6.54 -21.25
C LEU C 33 7.22 6.85 -20.60
N PHE C 34 6.89 8.13 -20.51
CA PHE C 34 5.63 8.55 -19.91
C PHE C 34 4.82 9.34 -20.92
N HIS C 35 3.50 9.24 -20.82
CA HIS C 35 2.60 9.95 -21.71
C HIS C 35 2.76 11.45 -21.52
N ASN C 36 2.61 12.20 -22.60
CA ASN C 36 2.76 13.66 -22.58
C ASN C 36 1.85 14.30 -21.54
N SER C 37 0.56 14.03 -21.65
CA SER C 37 -0.43 14.58 -20.74
C SER C 37 -0.17 14.17 -19.29
N CYS C 38 0.29 12.94 -19.10
CA CYS C 38 0.55 12.40 -17.76
C CYS C 38 1.82 13.00 -17.16
N LEU C 39 2.80 13.31 -18.00
CA LEU C 39 4.04 13.88 -17.54
C LEU C 39 3.82 15.30 -17.01
N ARG C 40 2.96 16.03 -17.71
CA ARG C 40 2.65 17.41 -17.32
C ARG C 40 1.95 17.45 -15.96
N SER C 41 1.14 16.45 -15.68
CA SER C 41 0.43 16.39 -14.41
C SER C 41 1.41 16.16 -13.25
N TRP C 42 2.27 15.15 -13.41
CA TRP C 42 3.24 14.83 -12.37
C TRP C 42 4.22 15.97 -12.18
N LEU C 43 4.66 16.59 -13.28
CA LEU C 43 5.61 17.69 -13.22
C LEU C 43 4.98 18.91 -12.53
N GLU C 44 3.66 18.91 -12.43
CA GLU C 44 2.94 20.00 -11.80
C GLU C 44 2.86 19.76 -10.29
N GLN C 45 3.06 18.51 -9.88
CA GLN C 45 3.00 18.14 -8.48
C GLN C 45 4.40 18.01 -7.89
N ASP C 46 5.27 17.29 -8.60
CA ASP C 46 6.64 17.06 -8.16
C ASP C 46 7.60 17.33 -9.32
N THR C 47 8.85 16.91 -9.18
CA THR C 47 9.84 17.12 -10.24
C THR C 47 10.81 15.93 -10.33
N SER C 48 10.52 14.88 -9.59
CA SER C 48 11.37 13.69 -9.61
C SER C 48 10.68 12.54 -10.32
N CYS C 49 11.45 11.69 -10.97
CA CYS C 49 10.90 10.54 -11.68
C CYS C 49 10.30 9.55 -10.68
N PRO C 50 9.03 9.16 -10.89
CA PRO C 50 8.31 8.23 -10.01
C PRO C 50 9.12 6.99 -9.60
N THR C 51 9.73 6.32 -10.56
CA THR C 51 10.48 5.10 -10.28
C THR C 51 11.94 5.37 -9.88
N CYS C 52 12.58 6.32 -10.53
CA CYS C 52 13.98 6.62 -10.23
C CYS C 52 14.12 7.37 -8.91
N ARG C 53 13.07 8.10 -8.52
CA ARG C 53 13.07 8.89 -7.29
C ARG C 53 14.18 9.92 -7.30
N MET C 54 14.43 10.48 -8.48
CA MET C 54 15.47 11.49 -8.65
C MET C 54 14.94 12.67 -9.46
N SER C 55 15.32 13.88 -9.05
CA SER C 55 14.89 15.09 -9.72
C SER C 55 15.57 15.25 -11.08
N LEU C 56 14.77 15.56 -12.10
CA LEU C 56 15.30 15.74 -13.44
C LEU C 56 15.52 17.23 -13.72
N ASN C 57 16.60 17.53 -14.42
CA ASN C 57 16.95 18.91 -14.76
C ASN C 57 16.36 19.31 -16.12
N ILE C 58 15.72 18.36 -16.78
CA ILE C 58 15.12 18.61 -18.08
C ILE C 58 14.10 17.52 -18.40
ZN ZN D . -0.70 8.04 -19.67
ZN ZN E . 13.11 7.22 -14.70
N ALA A 1 -15.60 3.96 -16.85
CA ALA A 1 -14.17 3.60 -16.77
C ALA A 1 -13.33 4.83 -16.49
N GLY A 2 -12.13 4.61 -15.97
CA GLY A 2 -11.24 5.71 -15.66
C GLY A 2 -9.88 5.21 -15.23
N THR A 3 -8.94 6.12 -15.05
CA THR A 3 -7.59 5.75 -14.64
C THR A 3 -7.60 5.01 -13.31
N ALA A 4 -8.32 5.56 -12.35
CA ALA A 4 -8.42 4.97 -11.02
C ALA A 4 -9.05 3.59 -11.07
N LEU A 5 -10.26 3.52 -11.60
CA LEU A 5 -11.01 2.26 -11.68
C LEU A 5 -10.22 1.17 -12.43
N LYS A 6 -9.68 1.51 -13.60
CA LYS A 6 -8.93 0.53 -14.39
C LYS A 6 -7.67 0.08 -13.66
N ARG A 7 -6.96 1.02 -13.04
CA ARG A 7 -5.75 0.69 -12.30
C ARG A 7 -6.10 -0.19 -11.11
N LEU A 8 -7.12 0.19 -10.38
CA LEU A 8 -7.57 -0.56 -9.21
C LEU A 8 -8.01 -1.97 -9.58
N MET A 9 -8.65 -2.10 -10.73
CA MET A 9 -9.12 -3.42 -11.20
C MET A 9 -7.94 -4.36 -11.42
N ALA A 10 -6.87 -3.81 -11.97
CA ALA A 10 -5.67 -4.58 -12.24
C ALA A 10 -4.97 -4.99 -10.95
N GLU A 11 -4.94 -4.06 -9.99
CA GLU A 11 -4.32 -4.30 -8.69
C GLU A 11 -4.95 -5.52 -8.00
N TYR A 12 -6.28 -5.51 -7.90
CA TYR A 12 -7.00 -6.62 -7.26
C TYR A 12 -6.75 -7.93 -8.00
N LYS A 13 -6.67 -7.85 -9.32
CA LYS A 13 -6.44 -9.05 -10.13
C LYS A 13 -5.07 -9.64 -9.84
N GLN A 14 -4.09 -8.78 -9.64
CA GLN A 14 -2.73 -9.22 -9.35
C GLN A 14 -2.66 -9.80 -7.93
N LEU A 15 -3.40 -9.18 -7.01
CA LEU A 15 -3.43 -9.62 -5.62
C LEU A 15 -4.14 -10.97 -5.45
N THR A 16 -4.83 -11.41 -6.49
CA THR A 16 -5.51 -12.69 -6.45
C THR A 16 -4.77 -13.71 -7.30
N LEU A 17 -4.08 -13.22 -8.33
CA LEU A 17 -3.30 -14.08 -9.21
C LEU A 17 -2.02 -14.51 -8.51
N ASN A 18 -1.42 -13.59 -7.77
CA ASN A 18 -0.21 -13.85 -7.01
C ASN A 18 -0.38 -13.31 -5.59
N PRO A 19 -1.16 -14.01 -4.76
CA PRO A 19 -1.45 -13.60 -3.39
C PRO A 19 -0.29 -13.83 -2.43
N PRO A 20 0.21 -12.76 -1.80
CA PRO A 20 1.30 -12.87 -0.82
C PRO A 20 0.80 -13.48 0.49
N GLU A 21 1.60 -14.36 1.07
CA GLU A 21 1.25 -15.03 2.31
C GLU A 21 1.05 -14.02 3.44
N GLY A 22 -0.16 -13.99 3.98
CA GLY A 22 -0.47 -13.07 5.07
C GLY A 22 -1.00 -11.75 4.58
N ILE A 23 -1.26 -11.65 3.29
CA ILE A 23 -1.78 -10.43 2.72
C ILE A 23 -3.07 -10.69 1.94
N VAL A 24 -4.19 -10.53 2.61
CA VAL A 24 -5.49 -10.72 1.98
C VAL A 24 -6.18 -9.37 1.82
N ALA A 25 -5.99 -8.76 0.66
CA ALA A 25 -6.58 -7.46 0.38
C ALA A 25 -7.52 -7.52 -0.81
N GLY A 26 -8.54 -6.66 -0.79
CA GLY A 26 -9.50 -6.59 -1.86
C GLY A 26 -10.59 -5.58 -1.56
N PRO A 27 -11.48 -5.28 -2.53
CA PRO A 27 -12.56 -4.32 -2.32
C PRO A 27 -13.66 -4.89 -1.44
N MET A 28 -14.41 -4.00 -0.78
CA MET A 28 -15.51 -4.41 0.09
C MET A 28 -16.62 -5.04 -0.73
N ASN A 29 -16.70 -4.65 -2.00
CA ASN A 29 -17.70 -5.19 -2.91
C ASN A 29 -17.29 -4.87 -4.34
N GLU A 30 -17.85 -5.61 -5.29
CA GLU A 30 -17.55 -5.40 -6.70
C GLU A 30 -18.00 -4.02 -7.15
N GLU A 31 -19.07 -3.55 -6.53
CA GLU A 31 -19.63 -2.25 -6.84
C GLU A 31 -18.93 -1.15 -6.05
N ASN A 32 -17.91 -1.52 -5.28
CA ASN A 32 -17.17 -0.57 -4.49
C ASN A 32 -15.68 -0.87 -4.54
N PHE A 33 -15.02 -0.35 -5.57
CA PHE A 33 -13.59 -0.56 -5.75
C PHE A 33 -12.80 0.60 -5.17
N PHE A 34 -13.46 1.41 -4.35
CA PHE A 34 -12.80 2.55 -3.73
C PHE A 34 -12.51 2.28 -2.26
N GLU A 35 -13.28 1.38 -1.67
CA GLU A 35 -13.10 0.99 -0.28
C GLU A 35 -12.55 -0.42 -0.23
N TRP A 36 -11.28 -0.54 0.12
CA TRP A 36 -10.63 -1.84 0.18
C TRP A 36 -10.36 -2.29 1.61
N GLU A 37 -10.27 -3.59 1.78
CA GLU A 37 -9.98 -4.19 3.07
C GLU A 37 -8.68 -4.96 2.96
N ALA A 38 -7.77 -4.72 3.88
CA ALA A 38 -6.49 -5.39 3.85
C ALA A 38 -6.24 -6.17 5.12
N LEU A 39 -6.31 -7.49 5.01
CA LEU A 39 -6.05 -8.36 6.14
C LEU A 39 -4.56 -8.71 6.14
N ILE A 40 -3.78 -7.94 6.87
CA ILE A 40 -2.35 -8.14 6.94
C ILE A 40 -1.98 -8.91 8.22
N MET A 41 -1.32 -10.04 8.04
CA MET A 41 -0.90 -10.86 9.16
C MET A 41 0.58 -10.64 9.44
N GLY A 42 0.88 -10.24 10.68
CA GLY A 42 2.26 -10.02 11.07
C GLY A 42 3.11 -11.27 10.89
N PRO A 43 4.23 -11.16 10.17
CA PRO A 43 5.12 -12.30 9.91
C PRO A 43 5.76 -12.83 11.18
N GLU A 44 6.11 -14.11 11.15
CA GLU A 44 6.74 -14.78 12.29
C GLU A 44 8.13 -14.20 12.53
N ASP A 45 8.65 -14.39 13.76
CA ASP A 45 9.98 -13.92 14.12
C ASP A 45 10.02 -12.38 14.21
N THR A 46 8.91 -11.81 14.64
CA THR A 46 8.80 -10.36 14.79
C THR A 46 8.14 -10.02 16.12
N CYS A 47 7.71 -8.77 16.27
CA CYS A 47 7.06 -8.33 17.49
C CYS A 47 5.55 -8.56 17.41
N PHE A 48 5.04 -8.69 16.19
CA PHE A 48 3.61 -8.89 15.98
C PHE A 48 3.37 -10.12 15.10
N GLU A 49 4.02 -11.22 15.43
CA GLU A 49 3.88 -12.44 14.67
C GLU A 49 2.49 -13.06 14.87
N PHE A 50 1.89 -13.49 13.75
CA PHE A 50 0.57 -14.13 13.75
C PHE A 50 -0.54 -13.13 14.03
N GLY A 51 -0.27 -11.86 13.80
CA GLY A 51 -1.26 -10.84 14.04
C GLY A 51 -2.08 -10.52 12.80
N VAL A 52 -3.28 -11.09 12.72
CA VAL A 52 -4.19 -10.83 11.60
C VAL A 52 -4.85 -9.47 11.84
N PHE A 53 -4.23 -8.41 11.33
CA PHE A 53 -4.73 -7.06 11.53
C PHE A 53 -5.60 -6.59 10.36
N PRO A 54 -6.84 -6.17 10.68
CA PRO A 54 -7.77 -5.66 9.67
C PRO A 54 -7.55 -4.16 9.40
N ALA A 55 -7.20 -3.83 8.17
CA ALA A 55 -6.98 -2.45 7.79
C ALA A 55 -7.89 -2.05 6.64
N ILE A 56 -8.31 -0.80 6.63
CA ILE A 56 -9.19 -0.29 5.59
C ILE A 56 -8.43 0.71 4.72
N LEU A 57 -8.60 0.61 3.41
CA LEU A 57 -7.92 1.50 2.48
C LEU A 57 -8.92 2.22 1.58
N SER A 58 -9.00 3.53 1.74
CA SER A 58 -9.89 4.35 0.93
C SER A 58 -9.11 4.97 -0.22
N PHE A 59 -9.37 4.51 -1.43
CA PHE A 59 -8.68 5.01 -2.61
C PHE A 59 -9.39 6.22 -3.20
N PRO A 60 -8.62 7.21 -3.68
CA PRO A 60 -9.17 8.43 -4.27
C PRO A 60 -9.67 8.22 -5.69
N LEU A 61 -10.42 9.18 -6.20
CA LEU A 61 -10.97 9.12 -7.54
C LEU A 61 -9.91 9.45 -8.58
N ASP A 62 -8.88 10.16 -8.15
CA ASP A 62 -7.79 10.56 -9.04
C ASP A 62 -6.59 9.63 -8.89
N TYR A 63 -6.87 8.39 -8.55
CA TYR A 63 -5.82 7.38 -8.40
C TYR A 63 -5.22 7.07 -9.78
N PRO A 64 -3.92 6.78 -9.88
CA PRO A 64 -2.99 6.72 -8.75
C PRO A 64 -2.16 8.00 -8.58
N LEU A 65 -2.73 9.15 -8.90
CA LEU A 65 -2.02 10.41 -8.75
C LEU A 65 -1.95 10.80 -7.29
N SER A 66 -2.91 10.30 -6.52
CA SER A 66 -2.96 10.55 -5.09
C SER A 66 -2.91 9.22 -4.34
N PRO A 67 -2.37 9.21 -3.11
CA PRO A 67 -2.27 7.99 -2.31
C PRO A 67 -3.56 7.65 -1.57
N PRO A 68 -3.78 6.36 -1.28
CA PRO A 68 -4.97 5.90 -0.57
C PRO A 68 -4.86 6.13 0.94
N LYS A 69 -6.01 6.28 1.58
CA LYS A 69 -6.06 6.51 3.01
C LYS A 69 -6.17 5.17 3.73
N MET A 70 -5.12 4.81 4.46
CA MET A 70 -5.09 3.54 5.18
C MET A 70 -5.31 3.74 6.67
N ARG A 71 -6.31 3.05 7.21
CA ARG A 71 -6.63 3.14 8.63
C ARG A 71 -6.87 1.75 9.20
N PHE A 72 -6.30 1.48 10.36
CA PHE A 72 -6.45 0.18 11.01
C PHE A 72 -7.68 0.15 11.90
N THR A 73 -8.48 -0.90 11.77
CA THR A 73 -9.68 -1.06 12.57
C THR A 73 -9.43 -2.04 13.71
N CYS A 74 -8.33 -1.83 14.42
CA CYS A 74 -7.96 -2.70 15.52
C CYS A 74 -7.14 -1.93 16.55
N GLU A 75 -7.02 -2.50 17.73
CA GLU A 75 -6.23 -1.89 18.80
C GLU A 75 -4.75 -2.08 18.53
N MET A 76 -4.10 -1.01 18.08
CA MET A 76 -2.68 -1.06 17.76
C MET A 76 -1.89 -0.10 18.64
N PHE A 77 -0.60 -0.37 18.79
CA PHE A 77 0.27 0.47 19.60
C PHE A 77 1.59 0.70 18.87
N HIS A 78 1.49 0.99 17.58
CA HIS A 78 2.66 1.23 16.77
C HIS A 78 2.95 2.73 16.68
N PRO A 79 4.22 3.13 16.85
CA PRO A 79 4.64 4.54 16.81
C PRO A 79 4.23 5.25 15.52
N ASN A 80 4.23 4.54 14.41
CA ASN A 80 3.88 5.11 13.10
C ASN A 80 2.37 5.13 12.88
N ILE A 81 1.61 4.61 13.83
CA ILE A 81 0.16 4.57 13.69
C ILE A 81 -0.52 5.45 14.74
N TYR A 82 -1.38 6.34 14.28
CA TYR A 82 -2.12 7.22 15.15
C TYR A 82 -3.14 6.41 15.94
N PRO A 83 -3.46 6.80 17.18
CA PRO A 83 -4.45 6.11 18.01
C PRO A 83 -5.79 5.95 17.31
N ASP A 84 -6.07 6.82 16.35
CA ASP A 84 -7.31 6.77 15.58
C ASP A 84 -7.26 5.71 14.49
N GLY A 85 -6.06 5.17 14.24
CA GLY A 85 -5.93 4.13 13.24
C GLY A 85 -5.15 4.53 12.00
N ARG A 86 -4.98 5.83 11.79
CA ARG A 86 -4.25 6.32 10.61
C ARG A 86 -2.78 5.93 10.64
N VAL A 87 -2.30 5.39 9.54
CA VAL A 87 -0.91 4.97 9.42
C VAL A 87 -0.08 6.08 8.77
N CYS A 88 0.98 6.48 9.45
CA CYS A 88 1.84 7.54 8.95
C CYS A 88 3.15 6.96 8.42
N ILE A 89 3.27 6.94 7.10
CA ILE A 89 4.46 6.42 6.44
C ILE A 89 4.82 7.30 5.25
N SER A 90 6.12 7.58 5.11
CA SER A 90 6.62 8.42 4.03
C SER A 90 6.17 7.95 2.63
N ILE A 91 5.99 6.65 2.45
CA ILE A 91 5.57 6.11 1.16
C ILE A 91 4.16 6.57 0.78
N LEU A 92 3.35 6.92 1.78
CA LEU A 92 1.99 7.36 1.51
C LEU A 92 1.89 8.88 1.63
N HIS A 93 3.04 9.54 1.65
CA HIS A 93 3.08 10.99 1.75
C HIS A 93 3.14 11.62 0.36
N ALA A 94 2.18 12.48 0.07
CA ALA A 94 2.13 13.14 -1.23
C ALA A 94 2.67 14.56 -1.12
N PRO A 95 3.60 14.94 -2.00
CA PRO A 95 4.19 16.28 -2.00
C PRO A 95 3.25 17.33 -2.63
N GLY A 96 2.06 17.44 -2.07
CA GLY A 96 1.09 18.38 -2.57
C GLY A 96 0.24 17.78 -3.69
N SER A 105 13.40 13.63 2.84
CA SER A 105 12.37 13.37 1.86
C SER A 105 12.89 12.47 0.74
N ALA A 106 13.11 11.20 1.08
CA ALA A 106 13.61 10.23 0.11
C ALA A 106 12.46 9.41 -0.46
N GLU A 107 11.79 8.68 0.41
CA GLU A 107 10.66 7.85 0.02
C GLU A 107 9.37 8.65 0.10
N ARG A 108 8.59 8.63 -0.97
CA ARG A 108 7.32 9.35 -1.01
C ARG A 108 6.39 8.72 -2.04
N TRP A 109 5.16 9.22 -2.10
CA TRP A 109 4.17 8.69 -3.02
C TRP A 109 4.63 8.80 -4.48
N SER A 110 4.44 7.71 -5.21
CA SER A 110 4.78 7.65 -6.62
C SER A 110 3.70 6.87 -7.34
N PRO A 111 3.18 7.40 -8.46
CA PRO A 111 2.10 6.75 -9.25
C PRO A 111 2.42 5.31 -9.67
N VAL A 112 3.70 4.97 -9.67
CA VAL A 112 4.14 3.63 -10.05
C VAL A 112 3.95 2.64 -8.90
N GLN A 113 3.79 3.15 -7.68
CA GLN A 113 3.62 2.31 -6.51
C GLN A 113 2.25 1.64 -6.53
N SER A 114 2.26 0.31 -6.51
CA SER A 114 1.05 -0.47 -6.50
C SER A 114 0.58 -0.69 -5.06
N VAL A 115 -0.62 -1.22 -4.91
CA VAL A 115 -1.18 -1.48 -3.57
C VAL A 115 -0.35 -2.51 -2.83
N GLU A 116 0.15 -3.49 -3.58
CA GLU A 116 0.97 -4.55 -3.01
C GLU A 116 2.23 -3.96 -2.39
N LYS A 117 2.81 -2.96 -3.05
CA LYS A 117 4.01 -2.30 -2.57
C LYS A 117 3.73 -1.52 -1.30
N ILE A 118 2.54 -0.92 -1.24
CA ILE A 118 2.14 -0.16 -0.07
C ILE A 118 2.01 -1.08 1.14
N LEU A 119 1.32 -2.20 0.93
CA LEU A 119 1.10 -3.19 1.98
C LEU A 119 2.42 -3.81 2.42
N LEU A 120 3.28 -4.11 1.47
CA LEU A 120 4.59 -4.71 1.77
C LEU A 120 5.42 -3.77 2.64
N SER A 121 5.32 -2.47 2.37
CA SER A 121 6.05 -1.48 3.15
C SER A 121 5.55 -1.48 4.60
N VAL A 122 4.24 -1.72 4.76
CA VAL A 122 3.64 -1.76 6.08
C VAL A 122 4.16 -2.96 6.85
N VAL A 123 4.42 -4.06 6.14
CA VAL A 123 4.95 -5.27 6.75
C VAL A 123 6.30 -4.97 7.41
N SER A 124 7.16 -4.29 6.68
CA SER A 124 8.48 -3.92 7.19
C SER A 124 8.34 -2.94 8.36
N MET A 125 7.34 -2.07 8.26
CA MET A 125 7.08 -1.08 9.30
C MET A 125 6.69 -1.76 10.61
N LEU A 126 5.90 -2.83 10.49
CA LEU A 126 5.46 -3.58 11.66
C LEU A 126 6.62 -4.37 12.26
N ALA A 127 7.48 -4.88 11.40
CA ALA A 127 8.65 -5.64 11.85
C ALA A 127 9.69 -4.72 12.47
N GLU A 128 9.98 -3.63 11.79
CA GLU A 128 10.95 -2.65 12.27
C GLU A 128 10.28 -1.29 12.44
N PRO A 129 9.77 -0.99 13.66
CA PRO A 129 9.10 0.28 13.96
C PRO A 129 10.05 1.47 13.91
N ASN A 130 10.35 1.94 12.71
CA ASN A 130 11.24 3.08 12.52
C ASN A 130 10.41 4.35 12.39
N ASP A 131 9.94 4.85 13.52
CA ASP A 131 9.11 6.06 13.56
C ASP A 131 9.85 7.27 12.98
N GLU A 132 9.20 7.93 12.03
CA GLU A 132 9.79 9.10 11.40
C GLU A 132 8.79 10.26 11.42
N SER A 133 7.55 9.97 11.78
CA SER A 133 6.50 10.97 11.81
C SER A 133 6.09 11.34 13.23
N GLY A 134 6.09 10.37 14.13
CA GLY A 134 5.71 10.62 15.50
C GLY A 134 4.20 10.62 15.68
N ALA A 135 3.56 9.56 15.23
CA ALA A 135 2.12 9.44 15.34
C ALA A 135 1.71 9.09 16.77
N ASN A 136 2.22 7.97 17.26
CA ASN A 136 1.93 7.52 18.61
C ASN A 136 3.13 7.79 19.50
N VAL A 137 3.19 9.01 20.03
CA VAL A 137 4.29 9.43 20.90
C VAL A 137 4.45 8.53 22.12
N ASP A 138 3.35 7.97 22.59
CA ASP A 138 3.40 7.08 23.76
C ASP A 138 4.17 5.81 23.43
N ALA A 139 4.05 5.39 22.17
CA ALA A 139 4.73 4.20 21.70
C ALA A 139 6.16 4.51 21.29
N SER A 140 6.34 5.64 20.60
CA SER A 140 7.67 6.06 20.15
C SER A 140 8.64 6.18 21.32
N LYS A 141 8.20 6.84 22.39
CA LYS A 141 9.03 7.03 23.57
C LYS A 141 9.32 5.70 24.27
N MET A 142 8.37 4.78 24.18
CA MET A 142 8.53 3.47 24.82
C MET A 142 9.50 2.60 24.02
N TRP A 143 9.25 2.49 22.73
CA TRP A 143 10.09 1.68 21.84
C TRP A 143 11.55 2.13 21.88
N ARG A 144 11.76 3.45 21.89
CA ARG A 144 13.10 4.00 21.90
C ARG A 144 13.84 3.70 23.21
N ASP A 145 13.12 3.69 24.32
CA ASP A 145 13.77 3.45 25.61
C ASP A 145 13.48 2.05 26.16
N ASP A 146 12.27 1.85 26.66
CA ASP A 146 11.88 0.56 27.23
C ASP A 146 11.52 -0.42 26.11
N ARG A 147 12.55 -1.00 25.51
CA ARG A 147 12.37 -1.96 24.43
C ARG A 147 11.69 -3.23 24.92
N GLU A 148 11.90 -3.55 26.18
CA GLU A 148 11.29 -4.73 26.79
C GLU A 148 9.79 -4.54 26.94
N GLN A 149 9.39 -3.44 27.57
CA GLN A 149 7.97 -3.15 27.81
C GLN A 149 7.20 -3.12 26.50
N PHE A 150 7.76 -2.47 25.49
CA PHE A 150 7.11 -2.38 24.19
C PHE A 150 6.82 -3.77 23.63
N TYR A 151 7.77 -4.68 23.81
CA TYR A 151 7.62 -6.04 23.31
C TYR A 151 6.48 -6.76 24.04
N LYS A 152 6.29 -6.45 25.32
CA LYS A 152 5.23 -7.07 26.10
C LYS A 152 3.88 -6.58 25.60
N ILE A 153 3.81 -5.28 25.32
CA ILE A 153 2.59 -4.68 24.81
C ILE A 153 2.30 -5.19 23.40
N ALA A 154 3.36 -5.31 22.61
CA ALA A 154 3.25 -5.79 21.22
C ALA A 154 2.62 -7.18 21.18
N LYS A 155 3.04 -8.06 22.09
CA LYS A 155 2.51 -9.41 22.13
C LYS A 155 1.04 -9.37 22.50
N GLN A 156 0.68 -8.46 23.41
CA GLN A 156 -0.70 -8.31 23.85
C GLN A 156 -1.57 -7.90 22.66
N ILE A 157 -1.01 -7.08 21.78
CA ILE A 157 -1.72 -6.62 20.60
C ILE A 157 -2.08 -7.81 19.72
N VAL A 158 -1.15 -8.76 19.62
CA VAL A 158 -1.37 -9.97 18.83
C VAL A 158 -2.49 -10.79 19.45
N GLN A 159 -2.45 -10.92 20.78
CA GLN A 159 -3.47 -11.66 21.52
C GLN A 159 -4.84 -11.05 21.23
N LYS A 160 -4.87 -9.74 21.08
CA LYS A 160 -6.11 -9.02 20.81
C LYS A 160 -6.56 -9.19 19.37
N SER A 161 -5.62 -9.09 18.42
CA SER A 161 -5.95 -9.24 17.01
C SER A 161 -6.53 -10.62 16.70
N LEU A 162 -5.97 -11.65 17.33
CA LEU A 162 -6.45 -13.00 17.13
C LEU A 162 -7.63 -13.31 18.03
N GLY A 163 -7.82 -12.48 19.04
CA GLY A 163 -8.92 -12.69 19.97
C GLY A 163 -8.73 -13.93 20.81
N LEU A 164 -7.57 -14.07 21.42
CA LEU A 164 -7.29 -15.24 22.24
C LEU A 164 -6.98 -14.83 23.68
N SER B 1 -16.19 -14.54 -10.92
CA SER B 1 -16.61 -13.30 -11.56
C SER B 1 -17.21 -12.33 -10.52
N ALA B 2 -18.42 -11.84 -10.79
CA ALA B 2 -19.10 -10.89 -9.90
C ALA B 2 -19.11 -11.29 -8.42
N ASP B 3 -19.55 -12.49 -8.10
CA ASP B 3 -19.63 -12.86 -6.69
C ASP B 3 -18.77 -14.07 -6.37
N GLU B 4 -18.17 -14.62 -7.40
CA GLU B 4 -17.30 -15.75 -7.22
C GLU B 4 -16.08 -15.33 -6.41
N ARG B 5 -15.58 -14.15 -6.77
CA ARG B 5 -14.41 -13.58 -6.14
C ARG B 5 -14.74 -13.04 -4.76
N GLN B 6 -15.93 -12.45 -4.62
CA GLN B 6 -16.36 -11.85 -3.36
C GLN B 6 -16.31 -12.87 -2.22
N ARG B 7 -16.83 -14.06 -2.45
CA ARG B 7 -16.81 -15.10 -1.44
C ARG B 7 -15.40 -15.65 -1.27
N MET B 8 -14.76 -15.95 -2.40
CA MET B 8 -13.39 -16.46 -2.42
C MET B 8 -12.49 -15.62 -1.53
N LEU B 9 -12.54 -14.31 -1.71
CA LEU B 9 -11.74 -13.39 -0.92
C LEU B 9 -11.98 -13.57 0.58
N VAL B 10 -13.25 -13.60 0.98
CA VAL B 10 -13.60 -13.80 2.39
C VAL B 10 -12.95 -15.08 2.92
N GLN B 11 -12.90 -16.09 2.07
CA GLN B 11 -12.28 -17.36 2.44
C GLN B 11 -10.81 -17.17 2.77
N ARG B 12 -10.11 -16.36 1.97
CA ARG B 12 -8.69 -16.09 2.22
C ARG B 12 -8.51 -15.37 3.54
N LYS B 13 -9.41 -14.44 3.82
CA LYS B 13 -9.36 -13.66 5.05
C LYS B 13 -9.63 -14.54 6.26
N ASP B 14 -10.56 -15.48 6.10
CA ASP B 14 -10.92 -16.39 7.17
C ASP B 14 -9.77 -17.35 7.44
N GLU B 15 -9.41 -18.13 6.42
CA GLU B 15 -8.29 -19.06 6.50
C GLU B 15 -7.10 -18.40 7.17
N LEU B 16 -6.48 -17.44 6.48
CA LEU B 16 -5.35 -16.67 6.98
C LEU B 16 -5.45 -16.39 8.48
N LEU B 17 -6.59 -15.82 8.89
CA LEU B 17 -6.82 -15.51 10.30
C LEU B 17 -6.74 -16.78 11.16
N GLN B 18 -7.60 -17.76 10.85
CA GLN B 18 -7.62 -19.04 11.55
C GLN B 18 -6.23 -19.68 11.59
N GLN B 19 -5.45 -19.46 10.53
CA GLN B 19 -4.10 -20.01 10.43
C GLN B 19 -3.21 -19.35 11.47
N ALA B 20 -3.20 -18.01 11.48
CA ALA B 20 -2.42 -17.25 12.47
C ALA B 20 -2.68 -17.77 13.86
N ARG B 21 -3.94 -18.09 14.12
CA ARG B 21 -4.36 -18.59 15.42
C ARG B 21 -3.77 -19.96 15.69
N LYS B 22 -3.94 -20.85 14.72
CA LYS B 22 -3.42 -22.22 14.79
C LYS B 22 -1.92 -22.17 15.05
N ARG B 23 -1.27 -21.20 14.44
CA ARG B 23 0.15 -21.00 14.58
C ARG B 23 0.49 -20.44 15.97
N PHE B 24 0.12 -19.18 16.20
CA PHE B 24 0.31 -18.48 17.48
C PHE B 24 0.16 -19.40 18.70
N LEU B 25 -0.85 -20.26 18.65
CA LEU B 25 -1.14 -21.19 19.74
C LEU B 25 -0.15 -22.36 19.77
N ASN B 26 0.15 -22.93 18.61
CA ASN B 26 1.12 -24.05 18.51
C ASN B 26 2.47 -23.72 19.20
N LYS B 27 2.69 -22.45 19.52
CA LYS B 27 3.91 -22.03 20.19
C LYS B 27 3.95 -22.56 21.63
N ALA C 1 4.94 18.77 -26.51
CA ALA C 1 6.12 18.20 -25.83
C ALA C 1 6.33 16.74 -26.24
N VAL C 2 5.90 16.39 -27.46
CA VAL C 2 6.04 15.04 -27.95
C VAL C 2 6.76 15.03 -29.30
N ALA C 3 8.05 14.72 -29.27
CA ALA C 3 8.84 14.68 -30.48
C ALA C 3 9.04 13.23 -30.91
N THR C 4 8.63 12.32 -30.05
CA THR C 4 8.73 10.90 -30.30
C THR C 4 7.56 10.41 -31.14
N PRO C 5 7.84 9.52 -32.13
CA PRO C 5 6.80 8.97 -33.00
C PRO C 5 5.73 8.21 -32.22
N GLU C 6 4.49 8.32 -32.68
CA GLU C 6 3.37 7.66 -32.02
C GLU C 6 3.52 6.14 -32.08
N GLU C 7 4.30 5.66 -33.04
CA GLU C 7 4.53 4.23 -33.20
C GLU C 7 5.25 3.68 -31.97
N LEU C 8 6.07 4.52 -31.35
CA LEU C 8 6.81 4.12 -30.16
C LEU C 8 5.85 3.97 -29.00
N ALA C 9 4.75 4.71 -29.05
CA ALA C 9 3.73 4.65 -28.01
C ALA C 9 2.94 3.34 -28.14
N VAL C 10 2.85 2.84 -29.36
CA VAL C 10 2.17 1.60 -29.63
C VAL C 10 3.03 0.44 -29.13
N ASN C 11 4.34 0.59 -29.31
CA ASN C 11 5.29 -0.41 -28.88
C ASN C 11 5.41 -0.40 -27.35
N ASN C 12 5.39 0.80 -26.79
CA ASN C 12 5.46 0.99 -25.34
C ASN C 12 4.11 1.48 -24.83
N ASP C 13 3.16 0.57 -24.74
CA ASP C 13 1.80 0.91 -24.30
C ASP C 13 1.69 0.91 -22.78
N ASP C 14 2.79 1.14 -22.10
CA ASP C 14 2.79 1.15 -20.63
C ASP C 14 2.86 2.58 -20.12
N CYS C 15 2.34 2.79 -18.92
CA CYS C 15 2.34 4.12 -18.30
C CYS C 15 2.26 3.98 -16.78
N ALA C 16 3.40 4.11 -16.12
CA ALA C 16 3.46 4.01 -14.67
C ALA C 16 2.95 5.27 -13.98
N ILE C 17 1.90 5.87 -14.54
CA ILE C 17 1.31 7.08 -13.99
C ILE C 17 -0.21 7.03 -14.10
N CYS C 18 -0.71 6.68 -15.29
CA CYS C 18 -2.15 6.62 -15.52
C CYS C 18 -2.57 5.28 -16.08
N TRP C 19 -1.59 4.42 -16.36
CA TRP C 19 -1.85 3.11 -16.95
C TRP C 19 -2.42 3.29 -18.37
N ASP C 20 -2.97 2.22 -18.93
CA ASP C 20 -3.55 2.24 -20.27
C ASP C 20 -2.51 2.67 -21.32
N SER C 21 -2.99 3.15 -22.47
CA SER C 21 -2.11 3.57 -23.55
C SER C 21 -2.59 4.88 -24.16
N MET C 22 -1.64 5.70 -24.62
CA MET C 22 -1.94 6.98 -25.25
C MET C 22 -0.96 7.24 -26.38
N GLN C 23 -1.42 7.85 -27.47
CA GLN C 23 -0.56 8.13 -28.61
C GLN C 23 0.25 9.42 -28.43
N ALA C 24 0.77 9.62 -27.22
CA ALA C 24 1.55 10.81 -26.90
C ALA C 24 2.47 10.54 -25.71
N ALA C 25 3.69 10.08 -25.99
CA ALA C 25 4.65 9.77 -24.94
C ALA C 25 5.99 10.45 -25.19
N ARG C 26 6.62 10.89 -24.11
CA ARG C 26 7.92 11.54 -24.17
C ARG C 26 8.92 10.77 -23.33
N LYS C 27 10.14 10.65 -23.83
CA LYS C 27 11.19 9.93 -23.11
C LYS C 27 11.93 10.86 -22.16
N LEU C 28 11.89 10.54 -20.88
CA LEU C 28 12.56 11.34 -19.86
C LEU C 28 14.06 11.04 -19.84
N PRO C 29 14.87 11.97 -19.29
CA PRO C 29 16.34 11.82 -19.21
C PRO C 29 16.77 10.61 -18.38
N CYS C 30 15.83 10.05 -17.63
CA CYS C 30 16.14 8.89 -16.80
C CYS C 30 15.82 7.60 -17.54
N GLY C 31 15.47 7.72 -18.81
CA GLY C 31 15.16 6.55 -19.63
C GLY C 31 13.78 5.99 -19.34
N HIS C 32 12.80 6.86 -19.23
CA HIS C 32 11.43 6.44 -18.96
C HIS C 32 10.45 7.14 -19.90
N LEU C 33 9.57 6.38 -20.53
CA LEU C 33 8.59 6.92 -21.45
C LEU C 33 7.26 7.19 -20.74
N PHE C 34 6.87 8.45 -20.68
CA PHE C 34 5.62 8.83 -20.04
C PHE C 34 4.78 9.69 -20.97
N HIS C 35 3.47 9.54 -20.87
CA HIS C 35 2.53 10.29 -21.71
C HIS C 35 2.57 11.78 -21.37
N ASN C 36 2.34 12.60 -22.39
CA ASN C 36 2.35 14.07 -22.25
C ASN C 36 1.48 14.55 -21.10
N SER C 37 0.20 14.26 -21.17
CA SER C 37 -0.76 14.68 -20.15
C SER C 37 -0.37 14.15 -18.77
N CYS C 38 0.04 12.89 -18.71
CA CYS C 38 0.44 12.26 -17.45
C CYS C 38 1.68 12.94 -16.87
N LEU C 39 2.67 13.16 -17.71
CA LEU C 39 3.91 13.79 -17.30
C LEU C 39 3.67 15.21 -16.81
N ARG C 40 2.90 15.98 -17.59
CA ARG C 40 2.60 17.36 -17.22
C ARG C 40 1.86 17.42 -15.88
N SER C 41 0.93 16.50 -15.68
CA SER C 41 0.16 16.45 -14.44
C SER C 41 1.10 16.17 -13.27
N TRP C 42 2.05 15.27 -13.48
CA TRP C 42 3.00 14.92 -12.43
C TRP C 42 4.00 16.06 -12.20
N LEU C 43 4.38 16.73 -13.28
CA LEU C 43 5.31 17.85 -13.20
C LEU C 43 4.66 19.04 -12.48
N GLU C 44 3.34 19.02 -12.42
CA GLU C 44 2.59 20.06 -11.75
C GLU C 44 2.50 19.75 -10.25
N GLN C 45 2.92 18.55 -9.90
CA GLN C 45 2.91 18.10 -8.51
C GLN C 45 4.32 18.08 -7.95
N ASP C 46 5.21 17.41 -8.67
CA ASP C 46 6.60 17.31 -8.26
C ASP C 46 7.50 17.43 -9.49
N THR C 47 8.76 17.04 -9.35
CA THR C 47 9.71 17.10 -10.44
C THR C 47 10.65 15.90 -10.41
N SER C 48 10.22 14.83 -9.75
CA SER C 48 11.02 13.63 -9.64
C SER C 48 10.35 12.46 -10.34
N CYS C 49 11.14 11.66 -11.04
CA CYS C 49 10.61 10.49 -11.75
C CYS C 49 10.14 9.45 -10.73
N PRO C 50 8.91 8.95 -10.89
CA PRO C 50 8.32 7.96 -9.97
C PRO C 50 9.23 6.76 -9.67
N THR C 51 9.65 6.07 -10.72
CA THR C 51 10.49 4.87 -10.58
C THR C 51 11.94 5.19 -10.21
N CYS C 52 12.34 6.44 -10.33
CA CYS C 52 13.73 6.80 -10.03
C CYS C 52 13.85 7.52 -8.69
N ARG C 53 12.77 8.19 -8.29
CA ARG C 53 12.74 8.94 -7.04
C ARG C 53 13.82 10.02 -7.03
N MET C 54 14.11 10.54 -8.22
CA MET C 54 15.11 11.57 -8.39
C MET C 54 14.58 12.69 -9.26
N SER C 55 14.93 13.92 -8.91
CA SER C 55 14.48 15.09 -9.64
C SER C 55 15.22 15.22 -10.96
N LEU C 56 14.51 15.71 -11.97
CA LEU C 56 15.10 15.91 -13.29
C LEU C 56 15.26 17.40 -13.55
N ASN C 57 16.23 17.76 -14.38
CA ASN C 57 16.48 19.16 -14.71
C ASN C 57 16.19 19.43 -16.18
N ILE C 58 15.59 18.45 -16.85
CA ILE C 58 15.27 18.57 -18.26
C ILE C 58 14.15 17.61 -18.62
ZN ZN D . -0.55 7.88 -19.52
ZN ZN E . 12.73 7.41 -14.61
N ALA A 1 -15.24 4.97 -17.25
CA ALA A 1 -14.12 4.24 -16.63
C ALA A 1 -12.95 5.19 -16.37
N GLY A 2 -12.95 5.80 -15.21
CA GLY A 2 -11.89 6.72 -14.85
C GLY A 2 -10.57 6.02 -14.64
N THR A 3 -9.51 6.81 -14.56
CA THR A 3 -8.17 6.30 -14.36
C THR A 3 -8.09 5.48 -13.07
N ALA A 4 -8.75 5.97 -12.03
CA ALA A 4 -8.76 5.30 -10.74
C ALA A 4 -9.40 3.93 -10.84
N LEU A 5 -10.58 3.87 -11.46
CA LEU A 5 -11.32 2.63 -11.62
C LEU A 5 -10.49 1.59 -12.36
N LYS A 6 -9.95 1.96 -13.52
CA LYS A 6 -9.15 1.05 -14.33
C LYS A 6 -7.93 0.56 -13.56
N ARG A 7 -7.24 1.48 -12.90
CA ARG A 7 -6.05 1.15 -12.13
C ARG A 7 -6.41 0.21 -10.97
N LEU A 8 -7.46 0.56 -10.22
CA LEU A 8 -7.90 -0.23 -9.09
C LEU A 8 -8.28 -1.65 -9.50
N MET A 9 -8.96 -1.77 -10.63
CA MET A 9 -9.39 -3.08 -11.14
C MET A 9 -8.19 -3.96 -11.46
N ALA A 10 -7.15 -3.35 -12.01
CA ALA A 10 -5.94 -4.08 -12.36
C ALA A 10 -5.16 -4.52 -11.13
N GLU A 11 -5.09 -3.64 -10.14
CA GLU A 11 -4.37 -3.93 -8.90
C GLU A 11 -4.98 -5.12 -8.18
N TYR A 12 -6.31 -5.14 -8.05
CA TYR A 12 -6.98 -6.24 -7.38
C TYR A 12 -6.78 -7.54 -8.16
N LYS A 13 -6.79 -7.43 -9.48
CA LYS A 13 -6.60 -8.59 -10.35
C LYS A 13 -5.24 -9.23 -10.09
N GLN A 14 -4.22 -8.38 -9.98
CA GLN A 14 -2.87 -8.86 -9.72
C GLN A 14 -2.76 -9.43 -8.31
N LEU A 15 -3.51 -8.84 -7.37
CA LEU A 15 -3.50 -9.28 -5.99
C LEU A 15 -4.22 -10.61 -5.82
N THR A 16 -4.89 -11.07 -6.86
CA THR A 16 -5.57 -12.35 -6.82
C THR A 16 -4.89 -13.34 -7.75
N LEU A 17 -4.13 -12.80 -8.70
CA LEU A 17 -3.38 -13.62 -9.65
C LEU A 17 -2.07 -14.06 -9.02
N ASN A 18 -1.47 -13.15 -8.27
CA ASN A 18 -0.23 -13.43 -7.56
C ASN A 18 -0.29 -12.79 -6.18
N PRO A 19 -0.99 -13.44 -5.23
CA PRO A 19 -1.15 -12.92 -3.89
C PRO A 19 -0.02 -13.31 -2.95
N PRO A 20 0.65 -12.30 -2.35
CA PRO A 20 1.74 -12.53 -1.41
C PRO A 20 1.22 -13.20 -0.13
N GLU A 21 1.99 -14.16 0.38
CA GLU A 21 1.58 -14.88 1.58
C GLU A 21 1.51 -13.95 2.79
N GLY A 22 0.36 -13.94 3.44
CA GLY A 22 0.18 -13.11 4.62
C GLY A 22 -0.55 -11.82 4.32
N ILE A 23 -0.86 -11.59 3.04
CA ILE A 23 -1.55 -10.36 2.66
C ILE A 23 -2.84 -10.65 1.89
N VAL A 24 -3.96 -10.32 2.50
CA VAL A 24 -5.26 -10.51 1.88
C VAL A 24 -5.94 -9.15 1.68
N ALA A 25 -5.79 -8.57 0.51
CA ALA A 25 -6.38 -7.27 0.23
C ALA A 25 -7.37 -7.36 -0.93
N GLY A 26 -8.42 -6.55 -0.84
CA GLY A 26 -9.44 -6.52 -1.87
C GLY A 26 -10.54 -5.53 -1.52
N PRO A 27 -11.33 -5.09 -2.50
CA PRO A 27 -12.43 -4.16 -2.27
C PRO A 27 -13.54 -4.77 -1.42
N MET A 28 -14.23 -3.93 -0.65
CA MET A 28 -15.33 -4.40 0.19
C MET A 28 -16.37 -5.12 -0.65
N ASN A 29 -16.59 -4.59 -1.84
CA ASN A 29 -17.54 -5.16 -2.77
C ASN A 29 -17.11 -4.84 -4.19
N GLU A 30 -17.59 -5.63 -5.15
CA GLU A 30 -17.24 -5.42 -6.56
C GLU A 30 -17.85 -4.12 -7.09
N GLU A 31 -18.92 -3.69 -6.43
CA GLU A 31 -19.60 -2.46 -6.82
C GLU A 31 -18.95 -1.24 -6.15
N ASN A 32 -18.04 -1.51 -5.21
CA ASN A 32 -17.35 -0.44 -4.49
C ASN A 32 -15.86 -0.73 -4.44
N PHE A 33 -15.13 -0.22 -5.43
CA PHE A 33 -13.69 -0.42 -5.50
C PHE A 33 -12.96 0.73 -4.84
N PHE A 34 -13.65 1.49 -4.01
CA PHE A 34 -13.05 2.61 -3.32
C PHE A 34 -12.63 2.23 -1.91
N GLU A 35 -13.50 1.52 -1.20
CA GLU A 35 -13.20 1.07 0.15
C GLU A 35 -12.69 -0.36 0.12
N TRP A 36 -11.43 -0.55 0.45
CA TRP A 36 -10.81 -1.87 0.44
C TRP A 36 -10.62 -2.41 1.84
N GLU A 37 -10.70 -3.73 1.96
CA GLU A 37 -10.49 -4.42 3.22
C GLU A 37 -9.21 -5.21 3.14
N ALA A 38 -8.26 -4.95 4.02
CA ALA A 38 -7.00 -5.64 3.99
C ALA A 38 -6.72 -6.39 5.28
N LEU A 39 -6.34 -7.64 5.13
CA LEU A 39 -5.97 -8.50 6.25
C LEU A 39 -4.50 -8.84 6.12
N ILE A 40 -3.67 -8.24 6.96
CA ILE A 40 -2.24 -8.49 6.91
C ILE A 40 -1.77 -9.23 8.15
N MET A 41 -1.04 -10.32 7.95
CA MET A 41 -0.52 -11.11 9.06
C MET A 41 0.94 -10.75 9.33
N GLY A 42 1.22 -10.37 10.57
CA GLY A 42 2.57 -10.01 10.95
C GLY A 42 3.56 -11.15 10.74
N PRO A 43 4.72 -10.86 10.11
CA PRO A 43 5.76 -11.87 9.83
C PRO A 43 6.27 -12.54 11.11
N GLU A 44 6.73 -13.78 10.99
CA GLU A 44 7.22 -14.53 12.12
C GLU A 44 8.57 -13.98 12.61
N ASP A 45 8.90 -14.31 13.86
CA ASP A 45 10.15 -13.89 14.50
C ASP A 45 10.14 -12.40 14.85
N THR A 46 8.96 -11.82 14.81
CA THR A 46 8.80 -10.41 15.14
C THR A 46 7.97 -10.26 16.40
N CYS A 47 7.70 -9.03 16.79
CA CYS A 47 6.90 -8.76 17.97
C CYS A 47 5.42 -8.70 17.61
N PHE A 48 5.13 -8.84 16.32
CA PHE A 48 3.76 -8.80 15.83
C PHE A 48 3.46 -10.02 14.95
N GLU A 49 4.20 -11.10 15.19
CA GLU A 49 4.03 -12.33 14.42
C GLU A 49 2.67 -12.96 14.68
N PHE A 50 2.07 -13.48 13.60
CA PHE A 50 0.76 -14.15 13.65
C PHE A 50 -0.37 -13.16 13.89
N GLY A 51 -0.10 -11.89 13.72
CA GLY A 51 -1.11 -10.89 13.93
C GLY A 51 -1.92 -10.59 12.68
N VAL A 52 -3.11 -11.18 12.57
CA VAL A 52 -4.00 -10.91 11.44
C VAL A 52 -4.66 -9.55 11.69
N PHE A 53 -3.97 -8.50 11.27
CA PHE A 53 -4.44 -7.14 11.49
C PHE A 53 -5.40 -6.67 10.41
N PRO A 54 -6.63 -6.31 10.81
CA PRO A 54 -7.64 -5.80 9.89
C PRO A 54 -7.47 -4.29 9.65
N ALA A 55 -7.49 -3.89 8.40
CA ALA A 55 -7.34 -2.48 8.06
C ALA A 55 -8.20 -2.11 6.86
N ILE A 56 -8.65 -0.86 6.84
CA ILE A 56 -9.47 -0.36 5.75
C ILE A 56 -8.67 0.63 4.92
N LEU A 57 -8.73 0.48 3.61
CA LEU A 57 -8.00 1.35 2.71
C LEU A 57 -8.98 2.13 1.83
N SER A 58 -9.14 3.41 2.11
CA SER A 58 -10.04 4.26 1.35
C SER A 58 -9.28 4.92 0.20
N PHE A 59 -9.62 4.53 -1.02
CA PHE A 59 -8.96 5.08 -2.20
C PHE A 59 -9.69 6.32 -2.71
N PRO A 60 -8.93 7.29 -3.24
CA PRO A 60 -9.49 8.53 -3.77
C PRO A 60 -9.98 8.39 -5.21
N LEU A 61 -10.65 9.43 -5.70
CA LEU A 61 -11.18 9.43 -7.06
C LEU A 61 -10.09 9.79 -8.07
N ASP A 62 -9.07 10.51 -7.62
CA ASP A 62 -7.98 10.91 -8.51
C ASP A 62 -6.78 9.96 -8.37
N TYR A 63 -7.08 8.71 -8.07
CA TYR A 63 -6.06 7.67 -7.94
C TYR A 63 -5.49 7.35 -9.34
N PRO A 64 -4.18 7.07 -9.45
CA PRO A 64 -3.23 7.03 -8.35
C PRO A 64 -2.40 8.31 -8.20
N LEU A 65 -3.01 9.46 -8.48
CA LEU A 65 -2.31 10.73 -8.36
C LEU A 65 -2.30 11.20 -6.91
N SER A 66 -3.02 10.48 -6.06
CA SER A 66 -3.11 10.79 -4.65
C SER A 66 -3.08 9.50 -3.83
N PRO A 67 -2.43 9.54 -2.66
CA PRO A 67 -2.31 8.37 -1.77
C PRO A 67 -3.63 8.02 -1.09
N PRO A 68 -3.91 6.72 -0.93
CA PRO A 68 -5.13 6.26 -0.26
C PRO A 68 -5.03 6.37 1.25
N LYS A 69 -6.17 6.45 1.92
CA LYS A 69 -6.19 6.56 3.37
C LYS A 69 -6.33 5.18 4.01
N MET A 70 -5.27 4.75 4.68
CA MET A 70 -5.27 3.45 5.33
C MET A 70 -5.47 3.61 6.83
N ARG A 71 -6.55 3.04 7.34
CA ARG A 71 -6.86 3.10 8.75
C ARG A 71 -7.10 1.70 9.30
N PHE A 72 -6.35 1.33 10.33
CA PHE A 72 -6.48 0.03 10.95
C PHE A 72 -7.79 -0.10 11.72
N THR A 73 -8.44 -1.23 11.58
CA THR A 73 -9.69 -1.51 12.27
C THR A 73 -9.42 -2.26 13.57
N CYS A 74 -8.35 -1.86 14.23
CA CYS A 74 -7.94 -2.49 15.48
C CYS A 74 -7.11 -1.52 16.32
N GLU A 75 -7.10 -1.73 17.62
CA GLU A 75 -6.33 -0.87 18.52
C GLU A 75 -4.85 -1.18 18.38
N MET A 76 -4.16 -0.35 17.63
CA MET A 76 -2.72 -0.54 17.39
C MET A 76 -1.90 0.40 18.29
N PHE A 77 -0.75 -0.09 18.73
CA PHE A 77 0.14 0.70 19.57
C PHE A 77 1.49 0.85 18.88
N HIS A 78 1.44 1.10 17.58
CA HIS A 78 2.64 1.27 16.78
C HIS A 78 2.97 2.75 16.66
N PRO A 79 4.26 3.12 16.78
CA PRO A 79 4.72 4.52 16.68
C PRO A 79 4.28 5.20 15.38
N ASN A 80 4.14 4.43 14.31
CA ASN A 80 3.75 4.99 13.02
C ASN A 80 2.23 4.97 12.84
N ILE A 81 1.50 4.67 13.90
CA ILE A 81 0.04 4.62 13.82
C ILE A 81 -0.59 5.50 14.89
N TYR A 82 -1.52 6.35 14.47
CA TYR A 82 -2.23 7.22 15.39
C TYR A 82 -3.21 6.42 16.24
N PRO A 83 -3.59 6.93 17.43
CA PRO A 83 -4.53 6.23 18.34
C PRO A 83 -5.91 5.98 17.70
N ASP A 84 -6.13 6.56 16.53
CA ASP A 84 -7.40 6.40 15.82
C ASP A 84 -7.28 5.33 14.73
N GLY A 85 -6.06 4.86 14.49
CA GLY A 85 -5.86 3.82 13.50
C GLY A 85 -5.22 4.32 12.22
N ARG A 86 -5.06 5.63 12.08
CA ARG A 86 -4.45 6.19 10.87
C ARG A 86 -2.97 5.83 10.77
N VAL A 87 -2.59 5.25 9.65
CA VAL A 87 -1.21 4.87 9.41
C VAL A 87 -0.41 6.06 8.88
N CYS A 88 0.67 6.40 9.56
CA CYS A 88 1.50 7.52 9.15
C CYS A 88 2.86 7.04 8.68
N ILE A 89 3.02 6.92 7.38
CA ILE A 89 4.28 6.48 6.78
C ILE A 89 4.62 7.33 5.57
N SER A 90 5.92 7.50 5.35
CA SER A 90 6.44 8.31 4.24
C SER A 90 5.80 7.99 2.88
N ILE A 91 5.52 6.71 2.62
CA ILE A 91 4.93 6.31 1.34
C ILE A 91 3.53 6.89 1.15
N LEU A 92 2.86 7.21 2.25
CA LEU A 92 1.51 7.77 2.18
C LEU A 92 1.54 9.27 2.44
N HIS A 93 2.74 9.84 2.40
CA HIS A 93 2.91 11.26 2.63
C HIS A 93 2.68 12.02 1.33
N ALA A 94 1.80 13.00 1.38
CA ALA A 94 1.50 13.82 0.21
C ALA A 94 2.72 14.64 -0.19
N PRO A 95 2.96 14.76 -1.51
CA PRO A 95 4.09 15.53 -2.05
C PRO A 95 3.98 17.03 -1.79
N GLY A 96 4.13 17.42 -0.53
CA GLY A 96 4.06 18.81 -0.16
C GLY A 96 5.19 19.22 0.76
N SER A 105 15.98 12.87 1.25
CA SER A 105 14.89 13.82 1.47
C SER A 105 13.59 13.10 1.80
N ALA A 106 13.72 11.81 2.11
CA ALA A 106 12.57 10.96 2.44
C ALA A 106 11.70 10.69 1.22
N GLU A 107 10.98 9.58 1.24
CA GLU A 107 10.13 9.22 0.12
C GLU A 107 8.70 9.70 0.36
N ARG A 108 7.94 9.77 -0.72
CA ARG A 108 6.55 10.19 -0.66
C ARG A 108 5.73 9.39 -1.66
N TRP A 109 4.49 9.79 -1.88
CA TRP A 109 3.62 9.10 -2.81
C TRP A 109 4.02 9.36 -4.26
N SER A 110 4.03 8.30 -5.04
CA SER A 110 4.36 8.36 -6.45
C SER A 110 3.37 7.48 -7.23
N PRO A 111 2.96 7.89 -8.44
CA PRO A 111 1.99 7.13 -9.26
C PRO A 111 2.43 5.69 -9.56
N VAL A 112 3.69 5.39 -9.30
CA VAL A 112 4.22 4.05 -9.54
C VAL A 112 3.99 3.14 -8.33
N GLN A 113 3.63 3.74 -7.20
CA GLN A 113 3.38 2.98 -5.99
C GLN A 113 2.02 2.30 -6.07
N SER A 114 2.05 0.98 -6.09
CA SER A 114 0.83 0.20 -6.16
C SER A 114 0.35 -0.15 -4.76
N VAL A 115 -0.84 -0.75 -4.67
CA VAL A 115 -1.40 -1.15 -3.39
C VAL A 115 -0.48 -2.13 -2.70
N GLU A 116 0.07 -3.05 -3.48
CA GLU A 116 0.99 -4.05 -2.96
C GLU A 116 2.24 -3.39 -2.39
N LYS A 117 2.64 -2.28 -3.01
CA LYS A 117 3.81 -1.53 -2.58
C LYS A 117 3.55 -0.92 -1.21
N ILE A 118 2.33 -0.43 -1.00
CA ILE A 118 1.96 0.18 0.26
C ILE A 118 1.94 -0.87 1.35
N LEU A 119 1.27 -1.99 1.07
CA LEU A 119 1.16 -3.09 2.02
C LEU A 119 2.54 -3.60 2.43
N LEU A 120 3.44 -3.72 1.45
CA LEU A 120 4.80 -4.20 1.73
C LEU A 120 5.51 -3.23 2.66
N SER A 121 5.32 -1.92 2.41
CA SER A 121 5.94 -0.89 3.23
C SER A 121 5.42 -0.95 4.66
N VAL A 122 4.16 -1.33 4.81
CA VAL A 122 3.54 -1.46 6.13
C VAL A 122 4.13 -2.67 6.85
N VAL A 123 4.30 -3.76 6.10
CA VAL A 123 4.88 -4.99 6.65
C VAL A 123 6.28 -4.71 7.21
N SER A 124 7.07 -3.97 6.45
CA SER A 124 8.42 -3.62 6.86
C SER A 124 8.40 -2.82 8.16
N MET A 125 7.41 -1.95 8.31
CA MET A 125 7.27 -1.12 9.49
C MET A 125 6.81 -1.96 10.69
N LEU A 126 6.07 -3.02 10.42
CA LEU A 126 5.58 -3.90 11.47
C LEU A 126 6.73 -4.71 12.06
N ALA A 127 7.66 -5.10 11.19
CA ALA A 127 8.82 -5.85 11.62
C ALA A 127 9.79 -4.94 12.37
N GLU A 128 10.01 -3.76 11.81
CA GLU A 128 10.90 -2.78 12.42
C GLU A 128 10.23 -1.41 12.45
N PRO A 129 9.71 -1.00 13.61
CA PRO A 129 9.04 0.30 13.78
C PRO A 129 9.98 1.46 13.46
N ASN A 130 9.83 2.03 12.27
CA ASN A 130 10.65 3.15 11.85
C ASN A 130 9.96 4.46 12.17
N ASP A 131 10.16 4.94 13.38
CA ASP A 131 9.55 6.18 13.83
C ASP A 131 10.09 7.37 13.04
N GLU A 132 9.26 7.91 12.15
CA GLU A 132 9.64 9.06 11.35
C GLU A 132 8.61 10.18 11.55
N SER A 133 7.36 9.79 11.76
CA SER A 133 6.29 10.75 11.95
C SER A 133 6.05 11.01 13.45
N GLY A 134 6.12 9.95 14.25
CA GLY A 134 5.90 10.09 15.67
C GLY A 134 4.42 10.26 15.97
N ALA A 135 3.61 9.40 15.36
CA ALA A 135 2.17 9.43 15.56
C ALA A 135 1.82 9.03 16.98
N ASN A 136 2.22 7.83 17.35
CA ASN A 136 1.97 7.32 18.69
C ASN A 136 3.17 7.63 19.57
N VAL A 137 3.19 8.85 20.10
CA VAL A 137 4.29 9.31 20.95
C VAL A 137 4.57 8.37 22.11
N ASP A 138 3.52 7.78 22.67
CA ASP A 138 3.66 6.86 23.78
C ASP A 138 4.46 5.64 23.35
N ALA A 139 4.15 5.14 22.15
CA ALA A 139 4.83 3.97 21.61
C ALA A 139 6.25 4.32 21.19
N SER A 140 6.43 5.48 20.57
CA SER A 140 7.74 5.93 20.12
C SER A 140 8.71 5.98 21.31
N LYS A 141 8.25 6.56 22.41
CA LYS A 141 9.07 6.67 23.61
C LYS A 141 9.38 5.29 24.18
N MET A 142 8.35 4.46 24.24
CA MET A 142 8.49 3.10 24.75
C MET A 142 9.47 2.29 23.92
N TRP A 143 9.29 2.29 22.61
CA TRP A 143 10.14 1.55 21.69
C TRP A 143 11.60 1.98 21.80
N ARG A 144 11.83 3.28 21.90
CA ARG A 144 13.19 3.80 21.98
C ARG A 144 13.78 3.72 23.39
N ASP A 145 12.92 3.74 24.41
CA ASP A 145 13.41 3.68 25.79
C ASP A 145 13.33 2.28 26.37
N ASP A 146 12.11 1.82 26.66
CA ASP A 146 11.91 0.49 27.25
C ASP A 146 11.52 -0.51 26.17
N ARG A 147 12.54 -1.16 25.61
CA ARG A 147 12.35 -2.15 24.56
C ARG A 147 11.62 -3.39 25.09
N GLU A 148 11.86 -3.70 26.36
CA GLU A 148 11.25 -4.86 26.99
C GLU A 148 9.73 -4.68 27.09
N GLN A 149 9.31 -3.50 27.52
CA GLN A 149 7.89 -3.20 27.66
C GLN A 149 7.17 -3.29 26.32
N PHE A 150 7.77 -2.72 25.29
CA PHE A 150 7.20 -2.73 23.95
C PHE A 150 6.92 -4.15 23.47
N TYR A 151 7.87 -5.05 23.73
CA TYR A 151 7.74 -6.45 23.32
C TYR A 151 6.51 -7.09 23.94
N LYS A 152 6.26 -6.76 25.20
CA LYS A 152 5.11 -7.31 25.91
C LYS A 152 3.82 -6.75 25.34
N ILE A 153 3.78 -5.42 25.16
CA ILE A 153 2.60 -4.74 24.63
C ILE A 153 2.31 -5.25 23.22
N ALA A 154 3.35 -5.42 22.42
CA ALA A 154 3.22 -5.90 21.05
C ALA A 154 2.54 -7.26 21.00
N LYS A 155 3.01 -8.19 21.83
CA LYS A 155 2.43 -9.52 21.85
C LYS A 155 0.99 -9.48 22.33
N GLN A 156 0.70 -8.56 23.24
CA GLN A 156 -0.65 -8.38 23.77
C GLN A 156 -1.59 -8.00 22.63
N ILE A 157 -1.11 -7.12 21.76
CA ILE A 157 -1.88 -6.67 20.60
C ILE A 157 -2.19 -7.87 19.71
N VAL A 158 -1.20 -8.73 19.51
CA VAL A 158 -1.35 -9.93 18.70
C VAL A 158 -2.46 -10.81 19.28
N GLN A 159 -2.43 -11.00 20.59
CA GLN A 159 -3.44 -11.79 21.29
C GLN A 159 -4.84 -11.24 21.01
N LYS A 160 -4.95 -9.92 21.06
CA LYS A 160 -6.21 -9.24 20.84
C LYS A 160 -6.63 -9.29 19.37
N SER A 161 -5.65 -9.24 18.47
CA SER A 161 -5.93 -9.29 17.04
C SER A 161 -6.47 -10.65 16.62
N LEU A 162 -5.90 -11.70 17.18
CA LEU A 162 -6.35 -13.06 16.87
C LEU A 162 -7.56 -13.42 17.72
N GLY A 163 -7.79 -12.66 18.78
CA GLY A 163 -8.92 -12.95 19.66
C GLY A 163 -8.70 -14.20 20.49
N LEU A 164 -7.50 -14.35 21.01
CA LEU A 164 -7.18 -15.52 21.83
C LEU A 164 -6.81 -15.10 23.25
N SER B 1 -16.31 -14.74 -11.41
CA SER B 1 -16.52 -13.39 -11.90
C SER B 1 -16.88 -12.45 -10.73
N ALA B 2 -17.96 -11.68 -10.91
CA ALA B 2 -18.42 -10.69 -9.92
C ALA B 2 -18.41 -11.17 -8.48
N ASP B 3 -18.99 -12.31 -8.20
CA ASP B 3 -19.04 -12.73 -6.82
C ASP B 3 -18.25 -13.99 -6.58
N GLU B 4 -17.70 -14.55 -7.64
CA GLU B 4 -16.84 -15.70 -7.48
C GLU B 4 -15.62 -15.29 -6.68
N ARG B 5 -15.14 -14.11 -7.00
CA ARG B 5 -13.99 -13.52 -6.35
C ARG B 5 -14.37 -13.06 -4.94
N GLN B 6 -15.58 -12.50 -4.82
CA GLN B 6 -16.06 -11.99 -3.54
C GLN B 6 -16.05 -13.08 -2.48
N ARG B 7 -16.55 -14.26 -2.82
CA ARG B 7 -16.56 -15.37 -1.87
C ARG B 7 -15.14 -15.87 -1.64
N MET B 8 -14.42 -16.09 -2.74
CA MET B 8 -13.03 -16.52 -2.70
C MET B 8 -12.20 -15.67 -1.74
N LEU B 9 -12.31 -14.35 -1.92
CA LEU B 9 -11.60 -13.40 -1.09
C LEU B 9 -11.92 -13.56 0.39
N VAL B 10 -13.21 -13.63 0.72
CA VAL B 10 -13.60 -13.82 2.12
C VAL B 10 -12.95 -15.09 2.67
N GLN B 11 -12.86 -16.09 1.82
CA GLN B 11 -12.23 -17.36 2.18
C GLN B 11 -10.75 -17.13 2.51
N ARG B 12 -10.06 -16.31 1.71
CA ARG B 12 -8.64 -16.03 1.94
C ARG B 12 -8.46 -15.32 3.28
N LYS B 13 -9.38 -14.42 3.58
CA LYS B 13 -9.33 -13.67 4.82
C LYS B 13 -9.57 -14.56 6.01
N ASP B 14 -10.45 -15.55 5.84
CA ASP B 14 -10.76 -16.49 6.91
C ASP B 14 -9.55 -17.37 7.15
N GLU B 15 -9.16 -18.09 6.09
CA GLU B 15 -7.99 -18.98 6.13
C GLU B 15 -6.80 -18.31 6.81
N LEU B 16 -6.23 -17.28 6.16
CA LEU B 16 -5.10 -16.51 6.71
C LEU B 16 -5.23 -16.33 8.22
N LEU B 17 -6.38 -15.79 8.62
CA LEU B 17 -6.66 -15.56 10.04
C LEU B 17 -6.58 -16.87 10.84
N GLN B 18 -7.39 -17.85 10.46
CA GLN B 18 -7.41 -19.17 11.12
C GLN B 18 -6.00 -19.78 11.20
N GLN B 19 -5.20 -19.51 10.17
CA GLN B 19 -3.84 -20.02 10.10
C GLN B 19 -2.98 -19.39 11.18
N ALA B 20 -2.99 -18.06 11.21
CA ALA B 20 -2.23 -17.30 12.22
C ALA B 20 -2.52 -17.81 13.61
N ARG B 21 -3.79 -18.16 13.82
CA ARG B 21 -4.25 -18.63 15.11
C ARG B 21 -3.64 -19.98 15.45
N LYS B 22 -3.77 -20.94 14.53
CA LYS B 22 -3.22 -22.27 14.73
C LYS B 22 -1.71 -22.19 15.02
N ARG B 23 -1.07 -21.26 14.34
CA ARG B 23 0.36 -21.05 14.47
C ARG B 23 0.67 -20.44 15.83
N PHE B 24 0.25 -19.19 16.04
CA PHE B 24 0.39 -18.48 17.31
C PHE B 24 0.20 -19.40 18.53
N LEU B 25 -0.77 -20.29 18.42
CA LEU B 25 -1.10 -21.24 19.48
C LEU B 25 -0.06 -22.36 19.56
N ASN B 26 0.35 -22.89 18.41
CA ASN B 26 1.37 -23.96 18.33
C ASN B 26 2.63 -23.58 19.14
N LYS B 27 2.76 -22.31 19.50
CA LYS B 27 3.88 -21.83 20.29
C LYS B 27 3.47 -21.74 21.76
N ALA C 1 4.41 18.50 -28.42
CA ALA C 1 5.81 18.46 -27.97
C ALA C 1 6.26 17.01 -27.75
N VAL C 2 6.06 16.17 -28.75
CA VAL C 2 6.45 14.77 -28.68
C VAL C 2 7.30 14.39 -29.88
N ALA C 3 8.60 14.25 -29.67
CA ALA C 3 9.51 13.89 -30.74
C ALA C 3 9.44 12.38 -31.03
N THR C 4 9.10 11.62 -30.01
CA THR C 4 8.99 10.18 -30.13
C THR C 4 7.78 9.79 -30.99
N PRO C 5 8.02 8.99 -32.05
CA PRO C 5 6.95 8.56 -32.96
C PRO C 5 5.98 7.58 -32.28
N GLU C 6 4.81 7.41 -32.88
CA GLU C 6 3.79 6.53 -32.33
C GLU C 6 4.22 5.06 -32.44
N GLU C 7 5.29 4.81 -33.19
CA GLU C 7 5.80 3.46 -33.35
C GLU C 7 6.22 2.90 -32.00
N LEU C 8 6.79 3.78 -31.18
CA LEU C 8 7.25 3.40 -29.86
C LEU C 8 6.06 3.28 -28.91
N ALA C 9 4.98 3.99 -29.23
CA ALA C 9 3.76 3.94 -28.43
C ALA C 9 3.11 2.57 -28.57
N VAL C 10 3.21 2.01 -29.77
CA VAL C 10 2.66 0.68 -30.03
C VAL C 10 3.48 -0.36 -29.28
N ASN C 11 4.80 -0.18 -29.30
CA ASN C 11 5.72 -1.08 -28.63
C ASN C 11 5.54 -1.00 -27.11
N ASN C 12 5.60 0.21 -26.59
CA ASN C 12 5.44 0.44 -25.15
C ASN C 12 4.13 1.14 -24.88
N ASP C 13 3.07 0.34 -24.76
CA ASP C 13 1.74 0.87 -24.50
C ASP C 13 1.44 0.83 -23.00
N ASP C 14 2.51 0.87 -22.21
CA ASP C 14 2.41 0.85 -20.76
C ASP C 14 2.59 2.25 -20.19
N CYS C 15 2.03 2.48 -19.01
CA CYS C 15 2.11 3.77 -18.35
C CYS C 15 1.99 3.60 -16.84
N ALA C 16 3.12 3.60 -16.15
CA ALA C 16 3.15 3.45 -14.70
C ALA C 16 2.69 4.71 -13.98
N ILE C 17 1.64 5.34 -14.51
CA ILE C 17 1.09 6.55 -13.94
C ILE C 17 -0.43 6.55 -14.08
N CYS C 18 -0.91 6.47 -15.31
CA CYS C 18 -2.34 6.46 -15.60
C CYS C 18 -2.81 5.10 -16.09
N TRP C 19 -1.84 4.24 -16.43
CA TRP C 19 -2.13 2.92 -16.96
C TRP C 19 -2.78 3.06 -18.35
N ASP C 20 -3.31 1.96 -18.89
CA ASP C 20 -3.96 1.94 -20.20
C ASP C 20 -2.97 2.34 -21.31
N SER C 21 -3.47 2.74 -22.46
CA SER C 21 -2.62 3.11 -23.59
C SER C 21 -2.99 4.49 -24.14
N MET C 22 -2.01 5.15 -24.75
CA MET C 22 -2.21 6.47 -25.35
C MET C 22 -1.34 6.61 -26.59
N GLN C 23 -1.51 7.72 -27.33
CA GLN C 23 -0.76 7.94 -28.56
C GLN C 23 0.31 9.02 -28.39
N ALA C 24 0.58 9.42 -27.16
CA ALA C 24 1.58 10.44 -26.90
C ALA C 24 2.47 10.04 -25.73
N ALA C 25 3.73 9.75 -26.02
CA ALA C 25 4.68 9.36 -24.98
C ALA C 25 5.96 10.17 -25.08
N ARG C 26 6.48 10.58 -23.94
CA ARG C 26 7.70 11.37 -23.88
C ARG C 26 8.80 10.57 -23.17
N LYS C 27 9.99 10.61 -23.72
CA LYS C 27 11.13 9.89 -23.14
C LYS C 27 11.75 10.71 -22.01
N LEU C 28 11.73 10.16 -20.81
CA LEU C 28 12.31 10.84 -19.66
C LEU C 28 13.81 10.55 -19.58
N PRO C 29 14.60 11.50 -19.05
CA PRO C 29 16.06 11.37 -18.92
C PRO C 29 16.48 10.42 -17.81
N CYS C 30 15.64 9.43 -17.53
CA CYS C 30 15.92 8.45 -16.51
C CYS C 30 15.55 7.05 -17.00
N GLY C 31 15.57 6.89 -18.31
CA GLY C 31 15.24 5.61 -18.92
C GLY C 31 13.81 5.19 -18.65
N HIS C 32 12.87 6.11 -18.84
CA HIS C 32 11.47 5.81 -18.59
C HIS C 32 10.59 6.45 -19.67
N LEU C 33 9.55 5.74 -20.07
CA LEU C 33 8.63 6.21 -21.10
C LEU C 33 7.24 6.40 -20.51
N PHE C 34 6.82 7.65 -20.42
CA PHE C 34 5.50 7.97 -19.88
C PHE C 34 4.72 8.82 -20.86
N HIS C 35 3.40 8.68 -20.83
CA HIS C 35 2.53 9.44 -21.73
C HIS C 35 2.67 10.93 -21.44
N ASN C 36 2.75 11.72 -22.50
CA ASN C 36 2.90 13.17 -22.39
C ASN C 36 1.80 13.79 -21.54
N SER C 37 0.56 13.37 -21.77
CA SER C 37 -0.58 13.87 -21.03
C SER C 37 -0.42 13.64 -19.53
N CYS C 38 0.03 12.44 -19.17
CA CYS C 38 0.23 12.09 -17.78
C CYS C 38 1.43 12.81 -17.19
N LEU C 39 2.49 12.92 -17.99
CA LEU C 39 3.71 13.59 -17.57
C LEU C 39 3.46 15.06 -17.28
N ARG C 40 2.62 15.69 -18.10
CA ARG C 40 2.29 17.10 -17.91
C ARG C 40 1.67 17.33 -16.54
N SER C 41 0.76 16.43 -16.15
CA SER C 41 0.10 16.54 -14.86
C SER C 41 1.09 16.35 -13.72
N TRP C 42 2.01 15.41 -13.88
CA TRP C 42 3.00 15.13 -12.86
C TRP C 42 4.04 16.26 -12.77
N LEU C 43 4.47 16.75 -13.92
CA LEU C 43 5.46 17.82 -13.97
C LEU C 43 4.87 19.12 -13.45
N GLU C 44 3.54 19.19 -13.37
CA GLU C 44 2.87 20.37 -12.86
C GLU C 44 2.64 20.22 -11.37
N GLN C 45 3.02 19.06 -10.84
CA GLN C 45 2.88 18.77 -9.43
C GLN C 45 4.25 18.71 -8.77
N ASP C 46 5.13 17.91 -9.35
CA ASP C 46 6.49 17.76 -8.83
C ASP C 46 7.48 17.82 -9.99
N THR C 47 8.71 17.36 -9.74
CA THR C 47 9.74 17.37 -10.78
C THR C 47 10.65 16.14 -10.65
N SER C 48 10.16 15.13 -9.95
CA SER C 48 10.92 13.92 -9.74
C SER C 48 10.26 12.74 -10.45
N CYS C 49 11.08 11.79 -10.90
CA CYS C 49 10.56 10.61 -11.57
C CYS C 49 9.93 9.67 -10.55
N PRO C 50 8.69 9.21 -10.79
CA PRO C 50 7.98 8.31 -9.87
C PRO C 50 8.79 7.08 -9.44
N THR C 51 9.37 6.38 -10.41
CA THR C 51 10.13 5.16 -10.14
C THR C 51 11.54 5.45 -9.61
N CYS C 52 12.23 6.39 -10.22
CA CYS C 52 13.59 6.72 -9.82
C CYS C 52 13.62 7.53 -8.52
N ARG C 53 12.53 8.25 -8.25
CA ARG C 53 12.39 9.08 -7.07
C ARG C 53 13.53 10.10 -7.00
N MET C 54 13.89 10.63 -8.16
CA MET C 54 14.96 11.61 -8.28
C MET C 54 14.50 12.76 -9.16
N SER C 55 14.90 13.97 -8.81
CA SER C 55 14.54 15.16 -9.56
C SER C 55 15.28 15.22 -10.90
N LEU C 56 14.56 15.51 -11.95
CA LEU C 56 15.15 15.60 -13.29
C LEU C 56 15.40 17.06 -13.64
N ASN C 57 16.29 17.31 -14.59
CA ASN C 57 16.61 18.68 -14.98
C ASN C 57 16.19 18.96 -16.43
N ILE C 58 15.72 17.93 -17.13
CA ILE C 58 15.30 18.09 -18.51
C ILE C 58 14.05 17.26 -18.78
ZN ZN D . -0.61 7.49 -19.63
ZN ZN E . 12.89 7.18 -14.33
N ALA A 1 -15.26 3.98 -16.87
CA ALA A 1 -14.01 3.35 -16.41
C ALA A 1 -12.82 4.23 -16.75
N GLY A 2 -12.37 5.01 -15.78
CA GLY A 2 -11.25 5.88 -16.01
C GLY A 2 -9.94 5.28 -15.52
N THR A 3 -8.98 6.14 -15.23
CA THR A 3 -7.67 5.72 -14.76
C THR A 3 -7.75 4.95 -13.44
N ALA A 4 -8.47 5.50 -12.47
CA ALA A 4 -8.60 4.88 -11.15
C ALA A 4 -9.23 3.49 -11.23
N LEU A 5 -10.43 3.41 -11.83
CA LEU A 5 -11.15 2.14 -11.93
C LEU A 5 -10.32 1.07 -12.67
N LYS A 6 -9.74 1.43 -13.80
CA LYS A 6 -8.94 0.49 -14.57
C LYS A 6 -7.75 -0.01 -13.75
N ARG A 7 -7.00 0.92 -13.18
CA ARG A 7 -5.84 0.59 -12.37
C ARG A 7 -6.25 -0.22 -11.14
N LEU A 8 -7.32 0.22 -10.48
CA LEU A 8 -7.82 -0.45 -9.28
C LEU A 8 -8.18 -1.91 -9.57
N MET A 9 -8.92 -2.13 -10.67
CA MET A 9 -9.33 -3.47 -11.05
C MET A 9 -8.11 -4.34 -11.37
N ALA A 10 -7.13 -3.74 -12.03
CA ALA A 10 -5.91 -4.46 -12.39
C ALA A 10 -5.14 -4.90 -11.15
N GLU A 11 -5.14 -4.04 -10.13
CA GLU A 11 -4.44 -4.34 -8.89
C GLU A 11 -5.12 -5.47 -8.14
N TYR A 12 -6.45 -5.40 -8.00
CA TYR A 12 -7.20 -6.44 -7.31
C TYR A 12 -7.04 -7.76 -8.04
N LYS A 13 -6.99 -7.69 -9.37
CA LYS A 13 -6.83 -8.87 -10.21
C LYS A 13 -5.45 -9.49 -9.97
N GLN A 14 -4.45 -8.64 -9.81
CA GLN A 14 -3.09 -9.10 -9.57
C GLN A 14 -2.96 -9.67 -8.16
N LEU A 15 -3.68 -9.06 -7.21
CA LEU A 15 -3.64 -9.48 -5.82
C LEU A 15 -4.41 -10.78 -5.60
N THR A 16 -5.12 -11.25 -6.62
CA THR A 16 -5.85 -12.48 -6.51
C THR A 16 -5.17 -13.57 -7.33
N LEU A 17 -4.58 -13.19 -8.45
CA LEU A 17 -3.85 -14.11 -9.31
C LEU A 17 -2.63 -14.65 -8.57
N ASN A 18 -1.95 -13.75 -7.88
CA ASN A 18 -0.77 -14.12 -7.11
C ASN A 18 -0.78 -13.39 -5.77
N PRO A 19 -1.57 -13.90 -4.81
CA PRO A 19 -1.67 -13.29 -3.49
C PRO A 19 -0.45 -13.60 -2.62
N PRO A 20 0.17 -12.54 -2.05
CA PRO A 20 1.34 -12.71 -1.19
C PRO A 20 0.97 -13.44 0.09
N GLU A 21 1.85 -14.31 0.55
CA GLU A 21 1.62 -15.07 1.76
C GLU A 21 1.43 -14.16 2.97
N GLY A 22 0.25 -14.22 3.56
CA GLY A 22 -0.04 -13.41 4.74
C GLY A 22 -0.62 -12.05 4.40
N ILE A 23 -0.90 -11.82 3.12
CA ILE A 23 -1.47 -10.54 2.71
C ILE A 23 -2.82 -10.70 2.02
N VAL A 24 -3.85 -10.22 2.67
CA VAL A 24 -5.20 -10.26 2.14
C VAL A 24 -5.64 -8.83 1.79
N ALA A 25 -6.08 -8.62 0.56
CA ALA A 25 -6.51 -7.29 0.14
C ALA A 25 -7.61 -7.40 -0.91
N GLY A 26 -8.56 -6.47 -0.85
CA GLY A 26 -9.65 -6.46 -1.81
C GLY A 26 -10.75 -5.49 -1.40
N PRO A 27 -11.60 -5.07 -2.35
CA PRO A 27 -12.69 -4.13 -2.07
C PRO A 27 -13.78 -4.77 -1.21
N MET A 28 -14.51 -3.94 -0.47
CA MET A 28 -15.59 -4.42 0.39
C MET A 28 -16.66 -5.11 -0.45
N ASN A 29 -16.85 -4.60 -1.66
CA ASN A 29 -17.83 -5.14 -2.57
C ASN A 29 -17.41 -4.80 -4.00
N GLU A 30 -17.88 -5.58 -4.96
CA GLU A 30 -17.54 -5.35 -6.36
C GLU A 30 -18.09 -4.00 -6.83
N GLU A 31 -19.16 -3.54 -6.18
CA GLU A 31 -19.77 -2.27 -6.52
C GLU A 31 -19.01 -1.09 -5.90
N ASN A 32 -18.20 -1.39 -4.89
CA ASN A 32 -17.42 -0.35 -4.20
C ASN A 32 -15.94 -0.67 -4.29
N PHE A 33 -15.28 -0.09 -5.28
CA PHE A 33 -13.85 -0.31 -5.47
C PHE A 33 -13.03 0.82 -4.84
N PHE A 34 -13.68 1.64 -4.03
CA PHE A 34 -13.00 2.75 -3.37
C PHE A 34 -12.67 2.42 -1.93
N GLU A 35 -13.46 1.53 -1.33
CA GLU A 35 -13.25 1.10 0.05
C GLU A 35 -12.74 -0.33 0.07
N TRP A 36 -11.46 -0.49 0.38
CA TRP A 36 -10.84 -1.81 0.41
C TRP A 36 -10.59 -2.27 1.84
N GLU A 37 -10.64 -3.58 2.04
CA GLU A 37 -10.38 -4.18 3.35
C GLU A 37 -9.09 -4.98 3.28
N ALA A 38 -8.15 -4.67 4.13
CA ALA A 38 -6.88 -5.37 4.15
C ALA A 38 -6.72 -6.21 5.41
N LEU A 39 -6.34 -7.45 5.21
CA LEU A 39 -6.10 -8.38 6.30
C LEU A 39 -4.66 -8.87 6.18
N ILE A 40 -3.77 -8.27 6.94
CA ILE A 40 -2.36 -8.64 6.89
C ILE A 40 -1.95 -9.36 8.15
N MET A 41 -1.13 -10.39 8.00
CA MET A 41 -0.64 -11.17 9.13
C MET A 41 0.83 -10.87 9.36
N GLY A 42 1.17 -10.52 10.60
CA GLY A 42 2.55 -10.22 10.95
C GLY A 42 3.46 -11.43 10.78
N PRO A 43 4.65 -11.25 10.17
CA PRO A 43 5.62 -12.33 9.95
C PRO A 43 6.05 -13.00 11.26
N GLU A 44 6.47 -14.26 11.16
CA GLU A 44 6.91 -15.01 12.32
C GLU A 44 8.22 -14.46 12.87
N ASP A 45 8.42 -14.62 14.19
CA ASP A 45 9.65 -14.18 14.87
C ASP A 45 9.74 -12.67 14.96
N THR A 46 8.61 -12.00 14.99
CA THR A 46 8.57 -10.54 15.09
C THR A 46 7.76 -10.11 16.30
N CYS A 47 7.62 -8.80 16.47
CA CYS A 47 6.86 -8.25 17.57
C CYS A 47 5.35 -8.39 17.35
N PHE A 48 4.97 -8.69 16.11
CA PHE A 48 3.57 -8.85 15.76
C PHE A 48 3.35 -10.12 14.96
N GLU A 49 4.04 -11.18 15.33
CA GLU A 49 3.93 -12.46 14.63
C GLU A 49 2.53 -13.05 14.77
N PHE A 50 2.00 -13.53 13.63
CA PHE A 50 0.67 -14.15 13.56
C PHE A 50 -0.43 -13.16 13.87
N GLY A 51 -0.18 -11.88 13.63
CA GLY A 51 -1.18 -10.87 13.91
C GLY A 51 -2.02 -10.54 12.69
N VAL A 52 -3.26 -11.04 12.68
CA VAL A 52 -4.20 -10.77 11.60
C VAL A 52 -4.82 -9.39 11.84
N PHE A 53 -4.19 -8.37 11.27
CA PHE A 53 -4.63 -6.99 11.46
C PHE A 53 -5.51 -6.50 10.33
N PRO A 54 -6.72 -6.02 10.67
CA PRO A 54 -7.66 -5.45 9.70
C PRO A 54 -7.43 -3.97 9.48
N ALA A 55 -7.40 -3.56 8.22
CA ALA A 55 -7.19 -2.17 7.86
C ALA A 55 -8.10 -1.77 6.71
N ILE A 56 -8.47 -0.50 6.66
CA ILE A 56 -9.33 0.02 5.60
C ILE A 56 -8.52 0.93 4.68
N LEU A 57 -8.64 0.71 3.39
CA LEU A 57 -7.93 1.50 2.41
C LEU A 57 -8.90 2.30 1.54
N SER A 58 -8.96 3.60 1.78
CA SER A 58 -9.82 4.48 1.01
C SER A 58 -9.05 5.08 -0.16
N PHE A 59 -9.45 4.74 -1.38
CA PHE A 59 -8.78 5.23 -2.57
C PHE A 59 -9.35 6.56 -3.04
N PRO A 60 -8.49 7.43 -3.60
CA PRO A 60 -8.90 8.73 -4.11
C PRO A 60 -9.48 8.66 -5.53
N LEU A 61 -10.12 9.73 -5.97
CA LEU A 61 -10.72 9.79 -7.29
C LEU A 61 -9.67 9.99 -8.39
N ASP A 62 -8.55 10.62 -8.05
CA ASP A 62 -7.50 10.87 -9.02
C ASP A 62 -6.41 9.81 -8.93
N TYR A 63 -6.75 8.66 -8.37
CA TYR A 63 -5.80 7.55 -8.23
C TYR A 63 -5.27 7.15 -9.62
N PRO A 64 -3.97 6.81 -9.74
CA PRO A 64 -3.02 6.78 -8.65
C PRO A 64 -2.18 8.04 -8.51
N LEU A 65 -2.73 9.19 -8.88
CA LEU A 65 -2.00 10.45 -8.77
C LEU A 65 -1.88 10.86 -7.30
N SER A 66 -2.82 10.37 -6.50
CA SER A 66 -2.84 10.64 -5.07
C SER A 66 -2.83 9.31 -4.30
N PRO A 67 -2.26 9.31 -3.08
CA PRO A 67 -2.17 8.11 -2.26
C PRO A 67 -3.47 7.79 -1.53
N PRO A 68 -3.76 6.49 -1.32
CA PRO A 68 -4.95 6.05 -0.61
C PRO A 68 -4.80 6.22 0.90
N LYS A 69 -5.92 6.38 1.58
CA LYS A 69 -5.93 6.55 3.02
C LYS A 69 -6.06 5.20 3.71
N MET A 70 -5.02 4.79 4.41
CA MET A 70 -5.02 3.50 5.10
C MET A 70 -5.18 3.70 6.60
N ARG A 71 -6.27 3.18 7.15
CA ARG A 71 -6.52 3.29 8.57
C ARG A 71 -6.82 1.91 9.17
N PHE A 72 -6.08 1.56 10.20
CA PHE A 72 -6.27 0.27 10.86
C PHE A 72 -7.58 0.25 11.63
N THR A 73 -8.29 -0.86 11.53
CA THR A 73 -9.57 -1.02 12.21
C THR A 73 -9.39 -1.94 13.42
N CYS A 74 -8.37 -1.64 14.23
CA CYS A 74 -8.07 -2.43 15.40
C CYS A 74 -7.13 -1.65 16.31
N GLU A 75 -6.88 -2.19 17.49
CA GLU A 75 -5.98 -1.57 18.45
C GLU A 75 -4.54 -1.72 17.97
N MET A 76 -3.78 -0.63 17.99
CA MET A 76 -2.40 -0.67 17.54
C MET A 76 -1.49 0.05 18.53
N PHE A 77 -0.20 -0.27 18.48
CA PHE A 77 0.78 0.35 19.35
C PHE A 77 2.07 0.59 18.57
N HIS A 78 1.93 1.13 17.38
CA HIS A 78 3.06 1.42 16.53
C HIS A 78 3.36 2.92 16.53
N PRO A 79 4.65 3.30 16.68
CA PRO A 79 5.06 4.71 16.71
C PRO A 79 4.63 5.51 15.48
N ASN A 80 4.50 4.83 14.35
CA ASN A 80 4.12 5.49 13.10
C ASN A 80 2.63 5.36 12.81
N ILE A 81 1.86 5.03 13.82
CA ILE A 81 0.42 4.89 13.65
C ILE A 81 -0.33 5.73 14.67
N TYR A 82 -1.24 6.57 14.18
CA TYR A 82 -2.05 7.42 15.04
C TYR A 82 -3.03 6.56 15.85
N PRO A 83 -3.49 7.04 17.01
CA PRO A 83 -4.43 6.29 17.87
C PRO A 83 -5.71 5.92 17.14
N ASP A 84 -6.05 6.68 16.11
CA ASP A 84 -7.25 6.44 15.32
C ASP A 84 -7.02 5.32 14.30
N GLY A 85 -5.76 4.94 14.11
CA GLY A 85 -5.45 3.88 13.18
C GLY A 85 -4.77 4.35 11.91
N ARG A 86 -4.66 5.66 11.71
CA ARG A 86 -4.02 6.21 10.52
C ARG A 86 -2.57 5.79 10.40
N VAL A 87 -2.25 5.09 9.33
CA VAL A 87 -0.89 4.64 9.08
C VAL A 87 -0.07 5.77 8.48
N CYS A 88 0.98 6.16 9.18
CA CYS A 88 1.83 7.24 8.71
C CYS A 88 3.13 6.70 8.14
N ILE A 89 3.23 6.73 6.83
CA ILE A 89 4.42 6.27 6.14
C ILE A 89 4.73 7.16 4.96
N SER A 90 6.01 7.37 4.69
CA SER A 90 6.48 8.24 3.62
C SER A 90 5.89 7.86 2.25
N ILE A 91 5.70 6.56 2.01
CA ILE A 91 5.16 6.09 0.74
C ILE A 91 3.71 6.58 0.52
N LEU A 92 3.02 6.90 1.61
CA LEU A 92 1.65 7.39 1.51
C LEU A 92 1.60 8.89 1.71
N HIS A 93 2.75 9.53 1.68
CA HIS A 93 2.84 10.97 1.86
C HIS A 93 2.82 11.67 0.50
N ALA A 94 1.87 12.56 0.31
CA ALA A 94 1.74 13.31 -0.92
C ALA A 94 2.46 14.63 -0.81
N PRO A 95 3.25 15.00 -1.83
CA PRO A 95 3.99 16.27 -1.85
C PRO A 95 3.07 17.49 -1.93
N GLY A 96 1.90 17.28 -2.50
CA GLY A 96 0.94 18.36 -2.64
C GLY A 96 -0.13 18.02 -3.66
N SER A 105 13.25 13.17 2.05
CA SER A 105 12.15 12.95 1.13
C SER A 105 12.50 11.87 0.11
N ALA A 106 13.35 10.94 0.52
CA ALA A 106 13.79 9.85 -0.33
C ALA A 106 12.63 8.94 -0.71
N GLU A 107 11.66 8.83 0.18
CA GLU A 107 10.49 7.99 -0.07
C GLU A 107 9.23 8.83 0.02
N ARG A 108 8.36 8.69 -0.97
CA ARG A 108 7.10 9.41 -1.03
C ARG A 108 6.16 8.75 -2.02
N TRP A 109 4.95 9.29 -2.16
CA TRP A 109 3.98 8.73 -3.07
C TRP A 109 4.42 8.90 -4.52
N SER A 110 4.18 7.87 -5.30
CA SER A 110 4.50 7.87 -6.70
C SER A 110 3.50 6.97 -7.41
N PRO A 111 2.97 7.40 -8.58
CA PRO A 111 1.98 6.61 -9.34
C PRO A 111 2.46 5.19 -9.66
N VAL A 112 3.77 4.99 -9.62
CA VAL A 112 4.35 3.68 -9.90
C VAL A 112 4.17 2.73 -8.71
N GLN A 113 3.97 3.28 -7.52
CA GLN A 113 3.81 2.47 -6.32
C GLN A 113 2.40 1.88 -6.29
N SER A 114 2.31 0.58 -6.44
CA SER A 114 1.04 -0.13 -6.43
C SER A 114 0.63 -0.47 -5.01
N VAL A 115 -0.60 -0.97 -4.87
CA VAL A 115 -1.14 -1.35 -3.56
C VAL A 115 -0.25 -2.40 -2.91
N GLU A 116 0.33 -3.26 -3.74
CA GLU A 116 1.22 -4.31 -3.28
C GLU A 116 2.43 -3.69 -2.54
N LYS A 117 3.02 -2.67 -3.15
CA LYS A 117 4.17 -1.99 -2.56
C LYS A 117 3.78 -1.28 -1.28
N ILE A 118 2.57 -0.74 -1.25
CA ILE A 118 2.07 -0.04 -0.08
C ILE A 118 1.96 -1.00 1.09
N LEU A 119 1.27 -2.12 0.88
CA LEU A 119 1.09 -3.12 1.91
C LEU A 119 2.42 -3.70 2.36
N LEU A 120 3.33 -3.92 1.40
CA LEU A 120 4.65 -4.46 1.70
C LEU A 120 5.39 -3.51 2.63
N SER A 121 5.30 -2.21 2.37
CA SER A 121 5.95 -1.20 3.18
C SER A 121 5.40 -1.25 4.61
N VAL A 122 4.10 -1.47 4.74
CA VAL A 122 3.46 -1.57 6.05
C VAL A 122 3.99 -2.79 6.80
N VAL A 123 4.04 -3.92 6.09
CA VAL A 123 4.53 -5.16 6.68
C VAL A 123 5.97 -5.00 7.16
N SER A 124 6.80 -4.36 6.33
CA SER A 124 8.20 -4.14 6.67
C SER A 124 8.33 -3.27 7.92
N MET A 125 7.50 -2.23 8.03
CA MET A 125 7.56 -1.34 9.19
C MET A 125 6.98 -2.01 10.43
N LEU A 126 6.19 -3.06 10.24
CA LEU A 126 5.60 -3.78 11.37
C LEU A 126 6.65 -4.67 12.00
N ALA A 127 7.49 -5.27 11.17
CA ALA A 127 8.56 -6.14 11.63
C ALA A 127 9.73 -5.29 12.14
N GLU A 128 9.89 -4.12 11.54
CA GLU A 128 10.94 -3.19 11.92
C GLU A 128 10.34 -1.82 12.21
N PRO A 129 9.85 -1.61 13.44
CA PRO A 129 9.23 -0.34 13.85
C PRO A 129 10.14 0.87 13.58
N ASN A 130 9.79 1.62 12.55
CA ASN A 130 10.54 2.79 12.15
C ASN A 130 9.84 4.05 12.63
N ASP A 131 10.38 4.67 13.68
CA ASP A 131 9.80 5.90 14.21
C ASP A 131 10.19 7.06 13.31
N GLU A 132 9.31 7.41 12.40
CA GLU A 132 9.56 8.48 11.46
C GLU A 132 8.70 9.70 11.76
N SER A 133 7.40 9.53 11.67
CA SER A 133 6.47 10.63 11.91
C SER A 133 6.25 10.84 13.40
N GLY A 134 6.30 9.74 14.16
CA GLY A 134 6.07 9.82 15.60
C GLY A 134 4.63 10.14 15.91
N ALA A 135 3.73 9.43 15.26
CA ALA A 135 2.30 9.62 15.45
C ALA A 135 1.90 9.19 16.84
N ASN A 136 2.48 8.08 17.29
CA ASN A 136 2.21 7.56 18.62
C ASN A 136 3.43 7.80 19.50
N VAL A 137 3.48 9.00 20.08
CA VAL A 137 4.59 9.40 20.94
C VAL A 137 4.83 8.41 22.07
N ASP A 138 3.76 7.84 22.61
CA ASP A 138 3.88 6.88 23.70
C ASP A 138 4.68 5.66 23.25
N ALA A 139 4.39 5.19 22.06
CA ALA A 139 5.07 4.03 21.49
C ALA A 139 6.50 4.40 21.09
N SER A 140 6.65 5.57 20.48
CA SER A 140 7.97 6.05 20.04
C SER A 140 8.95 6.10 21.20
N LYS A 141 8.51 6.62 22.34
CA LYS A 141 9.35 6.71 23.52
C LYS A 141 9.74 5.33 24.02
N MET A 142 8.75 4.45 24.11
CA MET A 142 8.98 3.09 24.60
C MET A 142 9.93 2.32 23.70
N TRP A 143 9.73 2.42 22.39
CA TRP A 143 10.58 1.72 21.43
C TRP A 143 12.02 2.21 21.51
N ARG A 144 12.20 3.50 21.77
CA ARG A 144 13.53 4.09 21.86
C ARG A 144 14.06 4.04 23.29
N ASP A 145 13.33 3.39 24.18
CA ASP A 145 13.74 3.29 25.58
C ASP A 145 13.57 1.86 26.08
N ASP A 146 12.39 1.56 26.61
CA ASP A 146 12.10 0.23 27.14
C ASP A 146 11.72 -0.72 26.00
N ARG A 147 12.74 -1.27 25.35
CA ARG A 147 12.56 -2.20 24.25
C ARG A 147 11.85 -3.48 24.70
N GLU A 148 12.06 -3.85 25.96
CA GLU A 148 11.46 -5.05 26.51
C GLU A 148 9.96 -4.89 26.71
N GLN A 149 9.55 -3.84 27.42
CA GLN A 149 8.13 -3.59 27.69
C GLN A 149 7.37 -3.45 26.37
N PHE A 150 8.00 -2.81 25.38
CA PHE A 150 7.38 -2.62 24.08
C PHE A 150 6.97 -3.95 23.46
N TYR A 151 7.89 -4.91 23.48
CA TYR A 151 7.63 -6.24 22.93
C TYR A 151 6.49 -6.92 23.66
N LYS A 152 6.41 -6.72 24.97
CA LYS A 152 5.36 -7.33 25.78
C LYS A 152 4.00 -6.80 25.37
N ILE A 153 3.92 -5.49 25.11
CA ILE A 153 2.67 -4.87 24.69
C ILE A 153 2.37 -5.20 23.24
N ALA A 154 3.41 -5.23 22.41
CA ALA A 154 3.27 -5.53 20.99
C ALA A 154 2.69 -6.93 20.78
N LYS A 155 3.23 -7.90 21.50
CA LYS A 155 2.74 -9.27 21.39
C LYS A 155 1.30 -9.37 21.89
N GLN A 156 0.97 -8.53 22.86
CA GLN A 156 -0.38 -8.51 23.42
C GLN A 156 -1.37 -7.96 22.40
N ILE A 157 -0.85 -7.17 21.46
CA ILE A 157 -1.68 -6.61 20.40
C ILE A 157 -2.15 -7.76 19.50
N VAL A 158 -1.31 -8.78 19.41
CA VAL A 158 -1.63 -9.96 18.62
C VAL A 158 -2.76 -10.72 19.29
N GLN A 159 -2.73 -10.71 20.62
CA GLN A 159 -3.77 -11.35 21.42
C GLN A 159 -5.11 -10.68 21.16
N LYS A 160 -5.06 -9.37 20.96
CA LYS A 160 -6.26 -8.58 20.71
C LYS A 160 -6.79 -8.80 19.30
N SER A 161 -5.89 -8.87 18.32
CA SER A 161 -6.29 -9.06 16.93
C SER A 161 -6.82 -10.47 16.70
N LEU A 162 -6.04 -11.47 17.09
CA LEU A 162 -6.45 -12.86 16.92
C LEU A 162 -7.68 -13.19 17.75
N GLY A 163 -7.71 -12.71 18.99
CA GLY A 163 -8.85 -12.98 19.85
C GLY A 163 -8.50 -13.97 20.95
N LEU A 164 -7.23 -14.35 21.02
CA LEU A 164 -6.74 -15.29 22.02
C LEU A 164 -5.27 -15.02 22.29
N SER B 1 -18.49 -14.47 -12.15
CA SER B 1 -17.32 -14.31 -11.31
C SER B 1 -17.54 -13.12 -10.37
N ALA B 2 -18.61 -12.39 -10.66
CA ALA B 2 -19.01 -11.20 -9.92
C ALA B 2 -18.99 -11.39 -8.41
N ASP B 3 -19.60 -12.48 -7.94
CA ASP B 3 -19.67 -12.71 -6.51
C ASP B 3 -18.87 -13.95 -6.14
N GLU B 4 -18.32 -14.59 -7.15
CA GLU B 4 -17.47 -15.74 -6.94
C GLU B 4 -16.24 -15.26 -6.17
N ARG B 5 -15.78 -14.07 -6.55
CA ARG B 5 -14.62 -13.44 -5.93
C ARG B 5 -14.98 -12.91 -4.54
N GLN B 6 -16.18 -12.36 -4.42
CA GLN B 6 -16.66 -11.80 -3.16
C GLN B 6 -16.59 -12.83 -2.02
N ARG B 7 -17.05 -14.05 -2.27
CA ARG B 7 -16.98 -15.10 -1.26
C ARG B 7 -15.53 -15.55 -1.09
N MET B 8 -14.84 -15.74 -2.22
CA MET B 8 -13.43 -16.13 -2.26
C MET B 8 -12.60 -15.28 -1.31
N LEU B 9 -12.76 -13.96 -1.44
CA LEU B 9 -12.05 -13.00 -0.62
C LEU B 9 -12.29 -13.26 0.86
N VAL B 10 -13.55 -13.45 1.23
CA VAL B 10 -13.92 -13.74 2.61
C VAL B 10 -13.18 -14.99 3.10
N GLN B 11 -13.03 -15.95 2.20
CA GLN B 11 -12.32 -17.19 2.53
C GLN B 11 -10.88 -16.90 2.94
N ARG B 12 -10.20 -16.00 2.22
CA ARG B 12 -8.81 -15.67 2.55
C ARG B 12 -8.72 -15.08 3.94
N LYS B 13 -9.69 -14.25 4.28
CA LYS B 13 -9.73 -13.61 5.59
C LYS B 13 -10.04 -14.62 6.68
N ASP B 14 -10.85 -15.61 6.34
CA ASP B 14 -11.19 -16.65 7.29
C ASP B 14 -9.93 -17.48 7.54
N GLU B 15 -9.44 -18.10 6.46
CA GLU B 15 -8.22 -18.88 6.47
C GLU B 15 -7.11 -18.17 7.24
N LEU B 16 -6.59 -17.08 6.64
CA LEU B 16 -5.52 -16.26 7.23
C LEU B 16 -5.64 -16.10 8.74
N LEU B 17 -6.79 -15.60 9.19
CA LEU B 17 -7.01 -15.38 10.60
C LEU B 17 -6.92 -16.69 11.39
N GLN B 18 -7.76 -17.66 11.04
CA GLN B 18 -7.75 -18.97 11.71
C GLN B 18 -6.36 -19.60 11.71
N GLN B 19 -5.60 -19.35 10.64
CA GLN B 19 -4.24 -19.88 10.52
C GLN B 19 -3.35 -19.23 11.56
N ALA B 20 -3.34 -17.90 11.56
CA ALA B 20 -2.56 -17.14 12.53
C ALA B 20 -2.86 -17.60 13.94
N ARG B 21 -4.13 -17.90 14.16
CA ARG B 21 -4.61 -18.34 15.46
C ARG B 21 -4.04 -19.71 15.81
N LYS B 22 -4.18 -20.66 14.89
CA LYS B 22 -3.67 -22.01 15.08
C LYS B 22 -2.17 -22.00 15.38
N ARG B 23 -1.47 -21.10 14.69
CA ARG B 23 -0.04 -20.94 14.81
C ARG B 23 0.30 -20.33 16.16
N PHE B 24 -0.08 -19.07 16.34
CA PHE B 24 0.13 -18.33 17.60
C PHE B 24 -0.02 -19.23 18.83
N LEU B 25 -1.03 -20.10 18.83
CA LEU B 25 -1.29 -21.00 19.95
C LEU B 25 -0.32 -22.19 19.95
N ASN B 26 -0.14 -22.85 18.80
CA ASN B 26 0.79 -23.99 18.66
C ASN B 26 2.22 -23.61 19.05
N LYS B 27 2.49 -22.30 19.15
CA LYS B 27 3.80 -21.79 19.52
C LYS B 27 4.22 -22.30 20.89
N ALA C 1 4.47 18.96 -27.23
CA ALA C 1 5.75 18.43 -26.71
C ALA C 1 5.80 16.91 -26.82
N VAL C 2 5.85 16.41 -28.05
CA VAL C 2 5.93 14.99 -28.32
C VAL C 2 6.86 14.75 -29.51
N ALA C 3 8.16 14.85 -29.25
CA ALA C 3 9.17 14.66 -30.29
C ALA C 3 9.34 13.17 -30.63
N THR C 4 8.85 12.32 -29.74
CA THR C 4 8.95 10.88 -29.94
C THR C 4 7.81 10.36 -30.82
N PRO C 5 8.12 9.54 -31.83
CA PRO C 5 7.12 8.98 -32.73
C PRO C 5 6.20 7.97 -32.04
N GLU C 6 4.98 7.88 -32.54
CA GLU C 6 3.96 6.97 -32.00
C GLU C 6 4.43 5.51 -32.06
N GLU C 7 5.40 5.25 -32.94
CA GLU C 7 5.94 3.91 -33.10
C GLU C 7 6.49 3.38 -31.78
N LEU C 8 7.16 4.26 -31.04
CA LEU C 8 7.74 3.90 -29.76
C LEU C 8 6.65 3.70 -28.71
N ALA C 9 5.54 4.39 -28.89
CA ALA C 9 4.42 4.30 -27.97
C ALA C 9 3.75 2.94 -28.08
N VAL C 10 3.78 2.38 -29.29
CA VAL C 10 3.21 1.06 -29.55
C VAL C 10 4.05 0.00 -28.83
N ASN C 11 5.36 0.18 -28.90
CA ASN C 11 6.30 -0.73 -28.26
C ASN C 11 6.18 -0.65 -26.74
N ASN C 12 6.15 0.57 -26.22
CA ASN C 12 6.02 0.79 -24.79
C ASN C 12 4.57 1.08 -24.43
N ASP C 13 3.76 0.04 -24.45
CA ASP C 13 2.32 0.15 -24.15
C ASP C 13 2.08 0.17 -22.64
N ASP C 14 3.03 0.72 -21.90
CA ASP C 14 2.93 0.80 -20.46
C ASP C 14 3.02 2.25 -20.00
N CYS C 15 2.53 2.52 -18.80
CA CYS C 15 2.54 3.86 -18.26
C CYS C 15 2.43 3.80 -16.73
N ALA C 16 3.53 4.06 -16.05
CA ALA C 16 3.56 4.02 -14.59
C ALA C 16 2.91 5.27 -13.98
N ILE C 17 1.85 5.76 -14.61
CA ILE C 17 1.13 6.93 -14.14
C ILE C 17 -0.38 6.76 -14.37
N CYS C 18 -0.75 6.49 -15.62
CA CYS C 18 -2.16 6.32 -15.97
C CYS C 18 -2.45 4.92 -16.47
N TRP C 19 -1.39 4.13 -16.66
CA TRP C 19 -1.52 2.76 -17.18
C TRP C 19 -2.05 2.81 -18.62
N ASP C 20 -2.48 1.67 -19.14
CA ASP C 20 -3.00 1.56 -20.50
C ASP C 20 -1.95 2.01 -21.52
N SER C 21 -2.39 2.29 -22.74
CA SER C 21 -1.47 2.72 -23.78
C SER C 21 -1.99 3.97 -24.48
N MET C 22 -1.09 4.90 -24.76
CA MET C 22 -1.45 6.15 -25.43
C MET C 22 -0.48 6.40 -26.57
N GLN C 23 -0.72 7.45 -27.35
CA GLN C 23 0.15 7.75 -28.50
C GLN C 23 1.20 8.80 -28.14
N ALA C 24 0.82 9.79 -27.35
CA ALA C 24 1.72 10.86 -26.97
C ALA C 24 2.66 10.42 -25.86
N ALA C 25 3.89 10.07 -26.23
CA ALA C 25 4.88 9.63 -25.26
C ALA C 25 6.11 10.53 -25.31
N ARG C 26 6.72 10.74 -24.15
CA ARG C 26 7.92 11.56 -24.04
C ARG C 26 8.95 10.85 -23.18
N LYS C 27 10.21 10.96 -23.55
CA LYS C 27 11.28 10.33 -22.80
C LYS C 27 11.90 11.31 -21.81
N LEU C 28 11.88 10.95 -20.54
CA LEU C 28 12.43 11.78 -19.49
C LEU C 28 13.95 11.60 -19.45
N PRO C 29 14.69 12.63 -18.97
CA PRO C 29 16.16 12.59 -18.89
C PRO C 29 16.69 11.47 -17.99
N CYS C 30 15.83 10.92 -17.15
CA CYS C 30 16.24 9.85 -16.25
C CYS C 30 16.07 8.47 -16.91
N GLY C 31 15.70 8.47 -18.18
CA GLY C 31 15.52 7.22 -18.90
C GLY C 31 14.18 6.57 -18.64
N HIS C 32 13.11 7.36 -18.76
CA HIS C 32 11.77 6.85 -18.53
C HIS C 32 10.83 7.33 -19.63
N LEU C 33 9.93 6.46 -20.06
CA LEU C 33 8.97 6.79 -21.10
C LEU C 33 7.58 6.97 -20.51
N PHE C 34 7.12 8.20 -20.47
CA PHE C 34 5.80 8.51 -19.93
C PHE C 34 4.99 9.26 -20.98
N HIS C 35 3.68 9.21 -20.85
CA HIS C 35 2.79 9.89 -21.79
C HIS C 35 2.74 11.38 -21.49
N ASN C 36 2.55 12.18 -22.53
CA ASN C 36 2.50 13.63 -22.43
C ASN C 36 1.52 14.11 -21.37
N SER C 37 0.26 13.73 -21.53
CA SER C 37 -0.80 14.12 -20.60
C SER C 37 -0.47 13.68 -19.17
N CYS C 38 0.11 12.49 -19.06
CA CYS C 38 0.48 11.94 -17.76
C CYS C 38 1.63 12.74 -17.15
N LEU C 39 2.58 13.11 -17.99
CA LEU C 39 3.74 13.88 -17.57
C LEU C 39 3.29 15.24 -17.02
N ARG C 40 2.43 15.91 -17.76
CA ARG C 40 1.91 17.22 -17.35
C ARG C 40 1.18 17.11 -16.02
N SER C 41 0.45 16.02 -15.84
CA SER C 41 -0.31 15.78 -14.62
C SER C 41 0.62 15.59 -13.44
N TRP C 42 1.69 14.82 -13.62
CA TRP C 42 2.64 14.59 -12.54
C TRP C 42 3.48 15.83 -12.27
N LEU C 43 3.76 16.59 -13.32
CA LEU C 43 4.54 17.83 -13.19
C LEU C 43 3.74 18.86 -12.39
N GLU C 44 2.44 18.59 -12.26
CA GLU C 44 1.55 19.47 -11.51
C GLU C 44 1.45 18.97 -10.06
N GLN C 45 1.91 17.75 -9.84
CA GLN C 45 1.88 17.13 -8.52
C GLN C 45 3.24 17.30 -7.84
N ASP C 46 4.31 17.11 -8.62
CA ASP C 46 5.67 17.24 -8.11
C ASP C 46 6.63 17.53 -9.27
N THR C 47 7.92 17.32 -9.05
CA THR C 47 8.93 17.56 -10.06
C THR C 47 10.01 16.47 -10.02
N SER C 48 9.65 15.30 -9.48
CA SER C 48 10.58 14.19 -9.40
C SER C 48 10.03 12.99 -10.16
N CYS C 49 10.91 12.15 -10.67
CA CYS C 49 10.49 10.97 -11.42
C CYS C 49 10.10 9.85 -10.45
N PRO C 50 8.86 9.33 -10.59
CA PRO C 50 8.32 8.26 -9.74
C PRO C 50 9.31 7.11 -9.44
N THR C 51 9.71 6.41 -10.48
CA THR C 51 10.61 5.26 -10.33
C THR C 51 12.09 5.67 -10.21
N CYS C 52 12.35 6.87 -9.72
CA CYS C 52 13.73 7.34 -9.55
C CYS C 52 13.88 8.10 -8.25
N ARG C 53 12.82 8.82 -7.84
CA ARG C 53 12.83 9.62 -6.61
C ARG C 53 13.85 10.75 -6.73
N MET C 54 14.11 11.15 -7.96
CA MET C 54 15.06 12.21 -8.25
C MET C 54 14.36 13.35 -8.97
N SER C 55 14.69 14.57 -8.57
CA SER C 55 14.11 15.76 -9.18
C SER C 55 14.74 16.01 -10.55
N LEU C 56 13.92 16.26 -11.55
CA LEU C 56 14.40 16.51 -12.89
C LEU C 56 14.50 18.00 -13.16
N ASN C 57 15.52 18.39 -13.89
CA ASN C 57 15.73 19.81 -14.23
C ASN C 57 15.21 20.12 -15.63
N ILE C 58 14.71 19.09 -16.31
CA ILE C 58 14.20 19.24 -17.66
C ILE C 58 13.30 18.06 -17.98
ZN ZN D . -0.24 7.42 -19.91
ZN ZN E . 12.98 7.90 -14.22
#